data_8OFR
#
_entry.id   8OFR
#
_cell.length_a   127.562
_cell.length_b   179.321
_cell.length_c   207.897
_cell.angle_alpha   90.00
_cell.angle_beta   90.00
_cell.angle_gamma   90.00
#
_symmetry.space_group_name_H-M   'P 21 21 21'
#
loop_
_entity.id
_entity.type
_entity.pdbx_description
1 polymer Fiber
2 non-polymer 'N-acetyl-beta-neuraminic acid'
3 water water
#
_entity_poly.entity_id   1
_entity_poly.type   'polypeptide(L)'
_entity_poly.pdbx_seq_one_letter_code
;KLTLWTTLDPSPNCRIDVDKDSKLTLVLTKCGSQILANVSLLVVKGRFQNLNYKTNPNLPKTFTIKLLFDENGILKDSSN
LDKNYWNYRNGNSILAEQYKNAVGFMPNLAAYPKSTTTQSKLYARNTIFGNIYLDSQAYNPVVIKITFNQEADSAYSITL
NYSWGKDYENIPFDSTSFTFSYIAQE
;
_entity_poly.pdbx_strand_id   A,B,C,D,E,F,G,H,I,J,K,L,M,N,O,P,Q,R,S,T,U,V,W,X
#
loop_
_chem_comp.id
_chem_comp.type
_chem_comp.name
_chem_comp.formula
SLB D-saccharide, beta linking 'N-acetyl-beta-neuraminic acid' 'C11 H19 N O9'
#
# COMPACT_ATOMS: atom_id res chain seq x y z
N LYS A 1 17.57 14.76 3.49
CA LYS A 1 18.84 14.80 2.70
C LYS A 1 18.62 15.75 1.51
N LEU A 2 18.08 16.93 1.83
CA LEU A 2 17.76 17.99 0.83
C LEU A 2 19.05 18.48 0.10
N THR A 3 18.91 18.69 -1.19
CA THR A 3 19.99 19.00 -2.14
C THR A 3 19.72 20.39 -2.75
N LEU A 4 20.73 21.23 -2.76
CA LEU A 4 20.73 22.59 -3.35
C LEU A 4 21.67 22.56 -4.56
N TRP A 5 21.21 22.91 -5.75
CA TRP A 5 22.02 22.71 -6.99
C TRP A 5 21.66 23.70 -8.09
N THR A 6 22.51 23.76 -9.10
CA THR A 6 22.24 24.31 -10.45
C THR A 6 21.43 23.26 -11.20
N THR A 7 20.33 23.61 -11.82
CA THR A 7 19.57 22.60 -12.60
C THR A 7 20.54 21.96 -13.57
N LEU A 8 20.21 20.80 -14.13
CA LEU A 8 21.06 20.07 -15.11
C LEU A 8 20.73 20.56 -16.55
N ASP A 9 19.76 21.47 -16.66
CA ASP A 9 19.40 22.19 -17.91
C ASP A 9 20.68 22.50 -18.69
N PRO A 10 20.74 22.18 -20.01
CA PRO A 10 21.97 22.34 -20.80
C PRO A 10 22.42 23.79 -21.03
N SER A 11 21.54 24.77 -20.79
CA SER A 11 21.78 26.20 -21.10
C SER A 11 22.81 26.82 -20.16
N PRO A 12 23.64 27.75 -20.67
CA PRO A 12 24.61 28.46 -19.86
C PRO A 12 23.93 29.18 -18.69
N ASN A 13 24.65 29.36 -17.58
CA ASN A 13 24.07 29.81 -16.29
C ASN A 13 25.06 30.66 -15.50
N CYS A 14 26.22 31.03 -16.05
CA CYS A 14 27.34 31.60 -15.26
C CYS A 14 28.12 32.64 -16.08
N ARG A 15 28.66 33.65 -15.40
CA ARG A 15 29.51 34.72 -15.97
C ARG A 15 30.94 34.59 -15.42
N ILE A 16 31.92 34.40 -16.31
CA ILE A 16 33.35 34.57 -15.98
C ILE A 16 33.75 36.01 -16.32
N ASP A 17 33.64 36.39 -17.60
CA ASP A 17 33.87 37.78 -18.08
C ASP A 17 32.54 38.40 -18.54
N VAL A 18 31.67 37.58 -19.09
CA VAL A 18 30.49 38.01 -19.91
C VAL A 18 29.30 37.11 -19.58
N ASP A 19 28.10 37.67 -19.56
N ASP A 19 28.10 37.67 -19.56
CA ASP A 19 26.84 36.95 -19.22
CA ASP A 19 26.86 36.95 -19.18
C ASP A 19 26.76 35.68 -20.06
C ASP A 19 26.76 35.68 -20.05
N LYS A 20 26.59 34.54 -19.39
CA LYS A 20 26.31 33.23 -20.02
C LYS A 20 27.47 32.78 -20.91
N ASP A 21 28.72 32.90 -20.44
CA ASP A 21 29.92 32.41 -21.18
C ASP A 21 30.30 31.03 -20.63
N SER A 22 29.64 30.57 -19.57
CA SER A 22 30.00 29.33 -18.84
C SER A 22 28.76 28.64 -18.30
N LYS A 23 28.86 27.32 -18.10
CA LYS A 23 27.84 26.48 -17.42
C LYS A 23 28.50 25.78 -16.23
N LEU A 24 28.19 26.25 -15.03
CA LEU A 24 28.61 25.65 -13.75
C LEU A 24 27.58 24.60 -13.37
N THR A 25 28.02 23.38 -13.08
CA THR A 25 27.20 22.32 -12.45
C THR A 25 27.71 22.13 -11.03
N LEU A 26 26.96 22.62 -10.05
CA LEU A 26 27.31 22.54 -8.61
C LEU A 26 26.14 21.88 -7.89
N VAL A 27 26.42 20.79 -7.18
CA VAL A 27 25.41 20.07 -6.35
C VAL A 27 25.92 20.07 -4.91
N LEU A 28 25.15 20.67 -4.01
CA LEU A 28 25.41 20.65 -2.55
C LEU A 28 24.35 19.76 -1.91
N THR A 29 24.76 18.60 -1.41
CA THR A 29 23.88 17.65 -0.70
C THR A 29 24.21 17.69 0.79
N LYS A 30 23.23 17.98 1.62
CA LYS A 30 23.38 18.05 3.08
C LYS A 30 23.32 16.64 3.65
N CYS A 31 24.43 16.16 4.22
N CYS A 31 24.43 16.16 4.22
CA CYS A 31 24.50 14.91 5.04
CA CYS A 31 24.50 14.93 5.05
C CYS A 31 24.87 15.31 6.48
C CYS A 31 24.87 15.31 6.48
N GLY A 32 23.86 15.67 7.28
CA GLY A 32 24.06 16.16 8.65
C GLY A 32 24.86 17.45 8.65
N SER A 33 25.98 17.45 9.36
CA SER A 33 26.81 18.65 9.66
C SER A 33 27.85 18.88 8.55
N GLN A 34 27.87 18.04 7.52
CA GLN A 34 28.74 18.25 6.34
C GLN A 34 27.89 18.41 5.09
N ILE A 35 28.34 19.26 4.16
CA ILE A 35 27.80 19.38 2.79
C ILE A 35 28.71 18.59 1.86
N LEU A 36 28.16 17.59 1.18
CA LEU A 36 28.84 16.84 0.09
C LEU A 36 28.63 17.62 -1.21
N ALA A 37 29.71 18.12 -1.79
CA ALA A 37 29.71 19.03 -2.96
C ALA A 37 30.29 18.29 -4.18
N ASN A 38 29.74 18.56 -5.35
CA ASN A 38 30.18 18.01 -6.64
C ASN A 38 30.13 19.12 -7.66
N VAL A 39 31.22 19.37 -8.37
CA VAL A 39 31.35 20.54 -9.29
C VAL A 39 32.03 20.12 -10.60
N SER A 40 31.51 20.65 -11.70
CA SER A 40 32.13 20.64 -13.04
C SER A 40 31.86 22.00 -13.70
N LEU A 41 32.67 22.36 -14.67
CA LEU A 41 32.55 23.67 -15.36
C LEU A 41 32.87 23.49 -16.83
N LEU A 42 31.98 23.99 -17.68
CA LEU A 42 32.16 24.11 -19.14
C LEU A 42 32.10 25.58 -19.52
N VAL A 43 33.08 26.07 -20.29
CA VAL A 43 33.04 27.43 -20.90
C VAL A 43 32.50 27.28 -22.33
N VAL A 44 31.43 28.00 -22.67
CA VAL A 44 30.65 27.78 -23.92
C VAL A 44 31.01 28.84 -24.96
N LYS A 45 31.52 30.00 -24.54
CA LYS A 45 32.00 31.08 -25.45
C LYS A 45 33.00 31.97 -24.71
N GLY A 46 33.59 32.93 -25.44
CA GLY A 46 34.56 33.89 -24.92
C GLY A 46 35.97 33.33 -24.95
N ARG A 47 36.91 34.08 -24.37
CA ARG A 47 38.36 33.87 -24.56
C ARG A 47 38.82 32.56 -23.92
N PHE A 48 38.07 32.01 -22.96
CA PHE A 48 38.45 30.78 -22.20
C PHE A 48 37.80 29.53 -22.78
N GLN A 49 36.96 29.67 -23.80
CA GLN A 49 36.25 28.51 -24.38
C GLN A 49 37.29 27.54 -24.96
N ASN A 50 38.21 28.08 -25.73
CA ASN A 50 39.28 27.35 -26.41
C ASN A 50 40.63 27.99 -26.07
N LEU A 51 41.42 27.32 -25.23
CA LEU A 51 42.71 27.85 -24.73
C LEU A 51 43.77 27.61 -25.80
N ASN A 52 44.42 28.67 -26.27
CA ASN A 52 45.59 28.57 -27.16
C ASN A 52 46.60 29.66 -26.81
N TYR A 53 47.64 29.29 -26.07
CA TYR A 53 48.68 30.20 -25.55
C TYR A 53 49.77 30.38 -26.60
N LYS A 54 49.73 29.62 -27.69
CA LYS A 54 50.66 29.81 -28.83
C LYS A 54 50.16 30.98 -29.68
N THR A 55 48.85 31.12 -29.82
CA THR A 55 48.22 32.09 -30.75
C THR A 55 47.77 33.35 -30.00
N ASN A 56 47.38 33.24 -28.73
N ASN A 56 47.38 33.24 -28.73
CA ASN A 56 46.94 34.41 -27.91
CA ASN A 56 46.94 34.41 -27.91
C ASN A 56 47.89 34.59 -26.72
C ASN A 56 47.89 34.59 -26.72
N PRO A 57 48.82 35.54 -26.81
CA PRO A 57 49.82 35.72 -25.75
C PRO A 57 49.30 36.50 -24.53
N ASN A 58 48.16 37.17 -24.68
CA ASN A 58 47.56 38.03 -23.64
C ASN A 58 46.57 37.23 -22.76
N LEU A 59 46.40 35.94 -23.01
CA LEU A 59 45.35 35.15 -22.33
C LEU A 59 45.81 34.82 -20.91
N PRO A 60 45.03 35.20 -19.87
CA PRO A 60 45.31 34.75 -18.51
C PRO A 60 45.26 33.23 -18.40
N LYS A 61 45.80 32.70 -17.32
CA LYS A 61 45.72 31.26 -16.96
C LYS A 61 45.00 31.13 -15.63
N THR A 62 44.01 31.98 -15.39
CA THR A 62 43.15 31.92 -14.20
C THR A 62 41.85 32.67 -14.46
N PHE A 63 40.79 32.24 -13.81
CA PHE A 63 39.55 33.03 -13.58
C PHE A 63 38.93 32.56 -12.28
N THR A 64 38.04 33.36 -11.72
CA THR A 64 37.37 33.10 -10.42
C THR A 64 35.86 33.24 -10.59
N ILE A 65 35.12 32.23 -10.18
CA ILE A 65 33.64 32.22 -10.06
C ILE A 65 33.29 32.31 -8.57
N LYS A 66 32.51 33.31 -8.16
CA LYS A 66 32.10 33.54 -6.76
C LYS A 66 30.60 33.28 -6.60
N LEU A 67 30.22 32.50 -5.59
CA LEU A 67 28.84 32.41 -5.06
C LEU A 67 28.79 33.19 -3.75
N LEU A 68 28.03 34.29 -3.74
CA LEU A 68 27.86 35.17 -2.57
C LEU A 68 26.47 34.94 -1.97
N PHE A 69 26.39 34.78 -0.65
CA PHE A 69 25.13 34.48 0.09
C PHE A 69 24.89 35.52 1.19
N ASP A 70 23.62 35.87 1.42
CA ASP A 70 23.18 36.78 2.51
C ASP A 70 22.97 35.95 3.79
N GLU A 71 22.54 36.59 4.89
CA GLU A 71 22.48 35.99 6.25
C GLU A 71 21.55 34.77 6.25
N ASN A 72 20.67 34.64 5.23
CA ASN A 72 19.66 33.55 5.11
C ASN A 72 20.13 32.49 4.09
N GLY A 73 21.33 32.62 3.54
CA GLY A 73 21.87 31.66 2.57
C GLY A 73 21.24 31.79 1.19
N ILE A 74 20.63 32.95 0.90
CA ILE A 74 20.10 33.29 -0.45
C ILE A 74 21.28 33.75 -1.32
N LEU A 75 21.39 33.20 -2.53
CA LEU A 75 22.41 33.60 -3.53
C LEU A 75 22.11 35.02 -3.98
N LYS A 76 23.12 35.88 -4.03
CA LYS A 76 23.00 37.32 -4.36
C LYS A 76 23.28 37.53 -5.85
N ASP A 77 22.63 38.54 -6.46
CA ASP A 77 22.73 38.89 -7.91
C ASP A 77 24.19 39.12 -8.30
N SER A 78 24.99 39.66 -7.37
CA SER A 78 26.42 40.01 -7.59
C SER A 78 27.26 38.74 -7.79
N SER A 79 26.71 37.56 -7.48
CA SER A 79 27.34 36.25 -7.74
C SER A 79 27.61 36.11 -9.24
N ASN A 80 28.60 35.30 -9.60
CA ASN A 80 28.92 34.96 -11.01
C ASN A 80 27.85 34.01 -11.54
N LEU A 81 27.31 33.14 -10.68
CA LEU A 81 26.22 32.19 -11.04
C LEU A 81 24.89 32.94 -11.11
N ASP A 82 24.15 32.77 -12.18
CA ASP A 82 22.80 33.35 -12.40
C ASP A 82 21.84 32.79 -11.33
N LYS A 83 21.16 33.67 -10.61
CA LYS A 83 20.26 33.35 -9.49
C LYS A 83 19.16 32.38 -9.94
N ASN A 84 18.77 32.42 -11.23
CA ASN A 84 17.62 31.70 -11.82
C ASN A 84 17.93 30.20 -11.99
N TYR A 85 19.18 29.80 -11.85
CA TYR A 85 19.65 28.42 -12.12
C TYR A 85 20.10 27.78 -10.82
N TRP A 86 19.57 28.23 -9.68
CA TRP A 86 20.02 27.83 -8.33
C TRP A 86 18.82 27.66 -7.42
N ASN A 87 18.51 26.43 -7.02
CA ASN A 87 17.31 26.12 -6.21
C ASN A 87 17.43 24.69 -5.68
N TYR A 88 16.51 24.29 -4.79
CA TYR A 88 16.39 22.90 -4.28
C TYR A 88 15.99 21.99 -5.45
N ARG A 89 16.31 20.69 -5.36
CA ARG A 89 16.06 19.71 -6.46
C ARG A 89 14.61 19.15 -6.41
N ALA A 96 10.70 28.99 -11.45
CA ALA A 96 11.08 28.29 -10.20
C ALA A 96 11.07 29.31 -9.07
N GLU A 97 10.07 29.25 -8.15
CA GLU A 97 9.96 30.15 -6.97
C GLU A 97 11.20 29.99 -6.09
N GLN A 98 12.06 31.03 -6.05
CA GLN A 98 13.35 31.06 -5.30
C GLN A 98 13.06 30.70 -3.84
N TYR A 99 13.99 29.99 -3.20
CA TYR A 99 13.91 29.48 -1.81
C TYR A 99 13.97 30.65 -0.82
N LYS A 100 13.79 30.33 0.47
CA LYS A 100 13.64 31.33 1.57
C LYS A 100 14.76 31.21 2.60
N ASN A 101 15.18 29.97 2.97
CA ASN A 101 16.29 29.74 3.93
C ASN A 101 17.16 28.56 3.45
N ALA A 102 18.49 28.72 3.49
CA ALA A 102 19.47 27.70 3.08
C ALA A 102 20.72 27.78 3.95
N VAL A 103 20.57 28.25 5.19
CA VAL A 103 21.70 28.43 6.15
C VAL A 103 22.32 27.07 6.48
N GLY A 104 21.56 25.98 6.33
CA GLY A 104 22.03 24.60 6.56
C GLY A 104 23.03 24.16 5.49
N PHE A 105 23.14 24.92 4.40
CA PHE A 105 24.06 24.63 3.27
C PHE A 105 25.25 25.57 3.27
N MET A 106 25.26 26.56 4.16
CA MET A 106 26.32 27.60 4.18
C MET A 106 27.55 27.07 4.89
N PRO A 107 28.75 27.51 4.45
CA PRO A 107 29.98 27.13 5.12
C PRO A 107 30.08 27.77 6.51
N ASN A 108 30.21 26.92 7.52
CA ASN A 108 30.26 27.25 8.96
C ASN A 108 31.23 28.42 9.21
N LEU A 109 30.76 29.47 9.87
CA LEU A 109 31.55 30.71 10.15
C LEU A 109 32.59 30.47 11.25
N ALA A 110 32.37 29.51 12.14
CA ALA A 110 33.32 29.14 13.22
C ALA A 110 34.50 28.38 12.60
N ALA A 111 34.19 27.42 11.73
CA ALA A 111 35.17 26.59 11.00
C ALA A 111 35.94 27.45 10.00
N TYR A 112 35.23 28.35 9.31
CA TYR A 112 35.76 29.18 8.19
C TYR A 112 35.47 30.64 8.48
N PRO A 113 36.19 31.28 9.43
CA PRO A 113 35.95 32.67 9.76
C PRO A 113 36.21 33.60 8.59
N LYS A 114 35.46 34.71 8.51
CA LYS A 114 35.73 35.83 7.60
C LYS A 114 36.97 36.55 8.10
N SER A 115 37.70 37.20 7.19
CA SER A 115 38.92 37.96 7.50
C SER A 115 38.55 39.19 8.35
N THR A 116 39.11 39.27 9.55
CA THR A 116 39.03 40.45 10.45
C THR A 116 39.44 41.69 9.63
N THR A 117 38.89 42.85 9.96
CA THR A 117 39.24 44.14 9.29
C THR A 117 40.78 44.18 9.14
N THR A 118 41.50 43.95 10.23
CA THR A 118 42.98 44.07 10.36
C THR A 118 43.67 43.34 9.18
N GLN A 119 43.17 42.17 8.77
CA GLN A 119 43.87 41.28 7.82
C GLN A 119 42.92 40.64 6.82
N SER A 120 43.35 40.54 5.55
CA SER A 120 42.67 39.81 4.45
C SER A 120 43.16 38.35 4.41
N LYS A 121 43.96 37.91 5.41
CA LYS A 121 44.64 36.58 5.46
C LYS A 121 43.79 35.58 6.26
N LEU A 122 43.08 34.67 5.58
CA LEU A 122 42.25 33.59 6.18
C LEU A 122 43.16 32.48 6.72
N TYR A 123 42.65 31.64 7.61
CA TYR A 123 43.22 30.31 7.93
C TYR A 123 43.23 29.46 6.65
N ALA A 124 44.11 28.48 6.61
CA ALA A 124 44.26 27.55 5.49
C ALA A 124 43.03 26.64 5.38
N ARG A 125 42.36 26.34 6.47
CA ARG A 125 41.25 25.33 6.49
C ARG A 125 40.03 25.88 5.73
N ASN A 126 39.98 27.21 5.51
CA ASN A 126 38.95 27.88 4.68
C ASN A 126 39.07 27.41 3.22
N THR A 127 40.18 26.76 2.87
CA THR A 127 40.55 26.46 1.45
C THR A 127 40.64 24.95 1.20
N ILE A 128 40.14 24.50 0.04
CA ILE A 128 40.31 23.14 -0.51
C ILE A 128 40.99 23.25 -1.85
N PHE A 129 42.01 22.46 -2.11
CA PHE A 129 42.67 22.34 -3.44
C PHE A 129 42.28 21.01 -4.04
N GLY A 130 42.03 21.01 -5.35
CA GLY A 130 41.79 19.81 -6.14
C GLY A 130 42.47 19.92 -7.49
N ASN A 131 42.83 18.78 -8.05
CA ASN A 131 43.27 18.66 -9.45
C ASN A 131 42.11 18.17 -10.29
N ILE A 132 41.74 18.94 -11.30
CA ILE A 132 40.75 18.57 -12.32
C ILE A 132 41.42 18.65 -13.69
N TYR A 133 40.73 18.20 -14.72
CA TYR A 133 41.33 17.94 -16.04
C TYR A 133 40.38 18.42 -17.13
N LEU A 134 40.94 19.00 -18.19
CA LEU A 134 40.19 19.48 -19.36
C LEU A 134 40.08 18.35 -20.39
N ASP A 135 38.89 18.16 -20.92
CA ASP A 135 38.64 17.32 -22.12
C ASP A 135 38.94 15.86 -21.80
N SER A 136 38.77 15.48 -20.55
CA SER A 136 38.82 14.07 -20.06
C SER A 136 40.23 13.49 -20.24
N GLN A 137 41.27 14.30 -20.21
CA GLN A 137 42.67 13.85 -20.40
C GLN A 137 43.49 14.16 -19.15
N ALA A 138 44.20 13.14 -18.64
CA ALA A 138 45.05 13.24 -17.45
C ALA A 138 46.16 14.27 -17.68
N TYR A 139 46.47 14.61 -18.92
CA TYR A 139 47.62 15.50 -19.24
C TYR A 139 47.19 16.95 -19.45
N ASN A 140 45.95 17.30 -19.10
CA ASN A 140 45.45 18.69 -19.10
C ASN A 140 45.03 19.09 -17.69
N PRO A 141 45.96 19.14 -16.72
CA PRO A 141 45.60 19.51 -15.35
C PRO A 141 45.21 20.97 -15.20
N VAL A 142 44.28 21.20 -14.30
CA VAL A 142 43.85 22.54 -13.81
C VAL A 142 43.72 22.43 -12.29
N VAL A 143 44.20 23.43 -11.55
CA VAL A 143 44.03 23.50 -10.08
C VAL A 143 42.73 24.23 -9.77
N ILE A 144 41.82 23.60 -9.05
CA ILE A 144 40.63 24.28 -8.48
C ILE A 144 40.91 24.59 -7.01
N LYS A 145 40.80 25.86 -6.67
CA LYS A 145 41.00 26.36 -5.30
C LYS A 145 39.65 26.88 -4.79
N ILE A 146 39.03 26.13 -3.89
CA ILE A 146 37.73 26.47 -3.26
C ILE A 146 38.02 27.14 -1.92
N THR A 147 37.55 28.36 -1.74
CA THR A 147 37.74 29.13 -0.49
C THR A 147 36.38 29.57 0.04
N PHE A 148 36.15 29.40 1.33
CA PHE A 148 34.89 29.74 2.04
C PHE A 148 35.05 31.06 2.80
N ASN A 149 34.08 31.97 2.60
CA ASN A 149 33.84 33.16 3.45
C ASN A 149 35.01 34.14 3.33
N GLN A 150 35.52 34.28 2.13
CA GLN A 150 36.66 35.17 1.80
C GLN A 150 36.14 36.55 1.42
N GLU A 151 34.92 36.62 0.87
CA GLU A 151 34.32 37.87 0.31
C GLU A 151 33.68 38.64 1.45
N ALA A 152 34.03 39.93 1.57
CA ALA A 152 33.80 40.78 2.76
C ALA A 152 32.37 41.31 2.77
N ASP A 153 31.76 41.59 1.60
CA ASP A 153 30.38 42.16 1.49
C ASP A 153 29.37 41.04 1.26
N SER A 154 29.45 39.97 2.05
CA SER A 154 28.53 38.81 2.03
C SER A 154 28.68 38.05 3.35
N ALA A 155 27.57 37.57 3.91
CA ALA A 155 27.55 36.81 5.19
C ALA A 155 28.32 35.51 4.99
N TYR A 156 28.16 34.91 3.81
CA TYR A 156 28.75 33.62 3.40
C TYR A 156 29.24 33.74 1.95
N SER A 157 30.27 32.97 1.57
CA SER A 157 30.74 32.90 0.16
C SER A 157 31.44 31.56 -0.12
N ILE A 158 31.25 31.04 -1.33
CA ILE A 158 32.04 29.95 -1.94
C ILE A 158 32.75 30.54 -3.16
N THR A 159 34.07 30.63 -3.11
CA THR A 159 34.92 31.15 -4.20
C THR A 159 35.59 29.96 -4.92
N LEU A 160 35.38 29.83 -6.22
CA LEU A 160 35.99 28.79 -7.09
C LEU A 160 37.05 29.45 -7.95
N ASN A 161 38.33 29.34 -7.57
CA ASN A 161 39.46 29.84 -8.37
C ASN A 161 40.02 28.70 -9.22
N TYR A 162 40.06 28.90 -10.53
CA TYR A 162 40.67 27.97 -11.50
C TYR A 162 41.97 28.59 -12.01
N SER A 163 43.05 27.82 -12.03
CA SER A 163 44.37 28.25 -12.58
C SER A 163 45.10 27.04 -13.16
N TRP A 164 46.05 27.28 -14.05
CA TRP A 164 46.85 26.23 -14.73
C TRP A 164 48.19 26.81 -15.16
N GLY A 165 49.16 25.94 -15.46
CA GLY A 165 50.51 26.32 -15.87
C GLY A 165 50.78 26.07 -17.34
N LYS A 166 50.16 25.06 -17.94
CA LYS A 166 50.55 24.57 -19.29
C LYS A 166 50.16 25.59 -20.36
N ASP A 167 50.98 25.71 -21.38
CA ASP A 167 50.70 26.49 -22.60
C ASP A 167 49.80 25.64 -23.49
N TYR A 168 48.56 25.43 -23.05
CA TYR A 168 47.55 24.64 -23.78
C TYR A 168 47.43 25.17 -25.21
N GLU A 169 47.29 24.26 -26.17
CA GLU A 169 47.10 24.57 -27.62
C GLU A 169 45.77 23.97 -28.11
N ASN A 170 44.72 24.80 -28.21
N ASN A 170 44.72 24.80 -28.21
CA ASN A 170 43.36 24.44 -28.69
CA ASN A 170 43.35 24.44 -28.70
C ASN A 170 42.77 23.37 -27.77
C ASN A 170 42.77 23.37 -27.77
N ILE A 171 42.77 23.62 -26.47
CA ILE A 171 42.13 22.76 -25.47
C ILE A 171 40.88 23.45 -24.98
N PRO A 172 39.71 22.80 -25.06
CA PRO A 172 38.48 23.40 -24.57
C PRO A 172 38.47 23.39 -23.03
N PHE A 173 38.06 24.48 -22.39
CA PHE A 173 37.81 24.48 -20.93
C PHE A 173 36.51 23.73 -20.69
N ASP A 174 36.62 22.42 -20.68
CA ASP A 174 35.53 21.48 -20.38
C ASP A 174 36.06 20.55 -19.30
N SER A 175 35.75 20.83 -18.02
CA SER A 175 36.42 20.23 -16.85
C SER A 175 35.79 18.90 -16.46
N THR A 176 36.59 18.01 -15.90
CA THR A 176 36.12 16.79 -15.21
C THR A 176 35.48 17.18 -13.88
N SER A 177 34.83 16.22 -13.24
CA SER A 177 34.03 16.41 -12.01
C SER A 177 34.93 16.21 -10.79
N PHE A 178 34.71 16.99 -9.75
CA PHE A 178 35.46 16.97 -8.48
C PHE A 178 34.46 16.98 -7.32
N THR A 179 34.69 16.13 -6.32
CA THR A 179 33.91 16.01 -5.08
C THR A 179 34.72 16.57 -3.90
N PHE A 180 34.07 17.30 -3.03
CA PHE A 180 34.64 17.80 -1.75
C PHE A 180 33.51 17.89 -0.74
N SER A 181 33.84 18.15 0.51
CA SER A 181 32.88 18.43 1.58
C SER A 181 33.34 19.65 2.38
N TYR A 182 32.42 20.27 3.10
CA TYR A 182 32.71 21.34 4.06
C TYR A 182 31.72 21.27 5.22
N ILE A 183 32.08 21.85 6.35
CA ILE A 183 31.30 21.88 7.60
C ILE A 183 30.16 22.88 7.43
N ALA A 184 28.94 22.47 7.72
CA ALA A 184 27.70 23.27 7.54
C ALA A 184 27.51 24.20 8.74
N GLN A 185 26.94 25.38 8.51
CA GLN A 185 26.70 26.41 9.53
C GLN A 185 25.73 25.87 10.59
N GLU A 186 24.75 25.07 10.18
CA GLU A 186 23.81 24.38 11.11
C GLU A 186 23.24 23.13 10.43
N LYS B 1 19.18 5.06 3.76
CA LYS B 1 20.63 5.31 3.52
C LYS B 1 21.24 4.05 2.86
N LEU B 2 20.50 3.42 1.95
CA LEU B 2 20.83 2.07 1.41
C LEU B 2 22.17 2.10 0.63
N THR B 3 22.95 1.05 0.81
CA THR B 3 24.31 0.88 0.28
C THR B 3 24.32 -0.32 -0.68
N LEU B 4 24.92 -0.14 -1.85
CA LEU B 4 25.13 -1.17 -2.89
C LEU B 4 26.63 -1.43 -2.98
N TRP B 5 27.09 -2.66 -2.80
CA TRP B 5 28.55 -2.95 -2.69
C TRP B 5 28.92 -4.36 -3.14
N THR B 6 30.22 -4.57 -3.33
CA THR B 6 30.89 -5.87 -3.39
C THR B 6 31.03 -6.36 -1.95
N THR B 7 30.64 -7.57 -1.62
CA THR B 7 30.83 -8.08 -0.23
C THR B 7 32.30 -7.88 0.11
N LEU B 8 32.65 -7.91 1.40
CA LEU B 8 34.04 -7.74 1.88
C LEU B 8 34.74 -9.10 1.94
N ASP B 9 34.02 -10.17 1.58
CA ASP B 9 34.54 -11.54 1.39
C ASP B 9 35.93 -11.46 0.74
N PRO B 10 36.96 -12.17 1.29
CA PRO B 10 38.33 -12.06 0.78
C PRO B 10 38.56 -12.63 -0.62
N SER B 11 37.62 -13.44 -1.14
CA SER B 11 37.77 -14.20 -2.41
C SER B 11 37.71 -13.27 -3.62
N PRO B 12 38.49 -13.58 -4.68
CA PRO B 12 38.48 -12.78 -5.91
C PRO B 12 37.07 -12.72 -6.49
N ASN B 13 36.76 -11.64 -7.22
CA ASN B 13 35.38 -11.32 -7.65
C ASN B 13 35.35 -10.62 -9.00
N CYS B 14 36.48 -10.51 -9.70
CA CYS B 14 36.62 -9.60 -10.87
C CYS B 14 37.55 -10.21 -11.93
N ARG B 15 37.27 -9.92 -13.20
CA ARG B 15 38.08 -10.32 -14.38
C ARG B 15 38.69 -9.07 -15.02
N ILE B 16 40.01 -9.00 -15.08
CA ILE B 16 40.74 -8.03 -15.94
C ILE B 16 41.02 -8.70 -17.28
N ASP B 17 41.76 -9.80 -17.27
CA ASP B 17 42.05 -10.64 -18.47
C ASP B 17 41.35 -12.00 -18.32
N VAL B 18 41.28 -12.50 -17.09
CA VAL B 18 40.99 -13.92 -16.76
C VAL B 18 40.09 -13.98 -15.53
N ASP B 19 39.15 -14.92 -15.49
CA ASP B 19 38.19 -15.12 -14.38
C ASP B 19 38.94 -15.08 -13.05
N LYS B 20 38.53 -14.19 -12.15
CA LYS B 20 38.98 -14.15 -10.74
C LYS B 20 40.48 -13.86 -10.66
N ASP B 21 40.99 -12.89 -11.42
CA ASP B 21 42.41 -12.46 -11.35
C ASP B 21 42.53 -11.22 -10.46
N SER B 22 41.41 -10.67 -10.01
CA SER B 22 41.34 -9.40 -9.26
C SER B 22 40.22 -9.42 -8.24
N LYS B 23 40.35 -8.61 -7.18
CA LYS B 23 39.31 -8.36 -6.16
C LYS B 23 39.04 -6.86 -6.09
N LEU B 24 37.90 -6.43 -6.65
CA LEU B 24 37.40 -5.04 -6.58
C LEU B 24 36.59 -4.91 -5.29
N THR B 25 36.89 -3.89 -4.49
CA THR B 25 36.04 -3.43 -3.37
C THR B 25 35.41 -2.10 -3.79
N LEU B 26 34.13 -2.12 -4.11
CA LEU B 26 33.35 -0.92 -4.50
C LEU B 26 32.15 -0.77 -3.59
N VAL B 27 32.02 0.35 -2.93
CA VAL B 27 30.87 0.67 -2.04
C VAL B 27 30.20 1.93 -2.59
N LEU B 28 28.94 1.82 -2.98
CA LEU B 28 28.08 2.96 -3.41
C LEU B 28 27.05 3.20 -2.32
N THR B 29 27.18 4.30 -1.60
CA THR B 29 26.23 4.72 -0.55
C THR B 29 25.40 5.90 -1.07
N LYS B 30 24.08 5.76 -1.07
CA LYS B 30 23.14 6.80 -1.52
C LYS B 30 22.94 7.81 -0.40
N CYS B 31 23.38 9.05 -0.59
N CYS B 31 23.38 9.05 -0.59
CA CYS B 31 23.07 10.22 0.26
CA CYS B 31 23.07 10.22 0.25
C CYS B 31 22.23 11.21 -0.57
C CYS B 31 22.24 11.21 -0.56
N GLY B 32 20.92 11.01 -0.61
CA GLY B 32 20.00 11.81 -1.42
C GLY B 32 20.34 11.68 -2.90
N SER B 33 20.61 12.80 -3.55
CA SER B 33 20.77 12.91 -5.02
C SER B 33 22.22 12.65 -5.44
N GLN B 34 23.11 12.36 -4.49
CA GLN B 34 24.52 11.97 -4.78
C GLN B 34 24.79 10.56 -4.25
N ILE B 35 25.61 9.82 -4.98
CA ILE B 35 26.20 8.52 -4.56
C ILE B 35 27.60 8.80 -4.06
N LEU B 36 27.86 8.49 -2.79
CA LEU B 36 29.23 8.49 -2.20
C LEU B 36 29.86 7.14 -2.50
N ALA B 37 30.94 7.13 -3.29
CA ALA B 37 31.60 5.91 -3.80
C ALA B 37 32.98 5.77 -3.15
N ASN B 38 33.38 4.55 -2.87
CA ASN B 38 34.69 4.19 -2.26
C ASN B 38 35.19 2.95 -3.01
N VAL B 39 36.40 3.00 -3.52
CA VAL B 39 36.95 1.91 -4.38
C VAL B 39 38.42 1.62 -4.01
N SER B 40 38.75 0.33 -3.99
CA SER B 40 40.13 -0.23 -3.92
C SER B 40 40.18 -1.45 -4.83
N LEU B 41 41.36 -1.83 -5.28
CA LEU B 41 41.56 -2.95 -6.22
C LEU B 41 42.85 -3.67 -5.88
N LEU B 42 42.76 -4.99 -5.74
CA LEU B 42 43.90 -5.92 -5.58
C LEU B 42 43.88 -6.90 -6.76
N VAL B 43 45.02 -7.07 -7.45
CA VAL B 43 45.21 -8.13 -8.47
C VAL B 43 45.86 -9.33 -7.78
N VAL B 44 45.25 -10.51 -7.85
CA VAL B 44 45.65 -11.71 -7.05
C VAL B 44 46.45 -12.69 -7.90
N LYS B 45 46.31 -12.64 -9.23
CA LYS B 45 47.10 -13.48 -10.17
C LYS B 45 47.13 -12.83 -11.55
N GLY B 46 47.88 -13.42 -12.47
CA GLY B 46 48.03 -12.96 -13.85
C GLY B 46 49.12 -11.92 -13.99
N ARG B 47 49.25 -11.35 -15.19
CA ARG B 47 50.39 -10.51 -15.61
C ARG B 47 50.45 -9.20 -14.82
N PHE B 48 49.33 -8.75 -14.21
CA PHE B 48 49.27 -7.44 -13.49
C PHE B 48 49.45 -7.62 -12.00
N GLN B 49 49.58 -8.84 -11.51
CA GLN B 49 49.69 -9.10 -10.05
C GLN B 49 50.97 -8.44 -9.53
N ASN B 50 52.07 -8.67 -10.24
CA ASN B 50 53.40 -8.13 -9.93
C ASN B 50 53.94 -7.42 -11.17
N LEU B 51 54.01 -6.10 -11.13
CA LEU B 51 54.44 -5.25 -12.26
C LEU B 51 55.95 -5.23 -12.32
N ASN B 52 56.54 -5.66 -13.44
CA ASN B 52 57.99 -5.53 -13.67
C ASN B 52 58.26 -5.22 -15.14
N TYR B 53 58.51 -3.96 -15.44
CA TYR B 53 58.70 -3.43 -16.81
C TYR B 53 60.16 -3.58 -17.21
N LYS B 54 61.04 -3.98 -16.29
CA LYS B 54 62.45 -4.30 -16.61
C LYS B 54 62.52 -5.70 -17.21
N THR B 55 61.68 -6.62 -16.72
CA THR B 55 61.75 -8.05 -17.06
C THR B 55 60.71 -8.41 -18.13
N ASN B 56 59.56 -7.72 -18.16
N ASN B 56 59.56 -7.72 -18.16
CA ASN B 56 58.49 -7.98 -19.16
CA ASN B 56 58.49 -7.98 -19.16
C ASN B 56 58.28 -6.73 -20.01
C ASN B 56 58.28 -6.73 -20.01
N PRO B 57 58.82 -6.70 -21.23
CA PRO B 57 58.74 -5.52 -22.08
C PRO B 57 57.38 -5.38 -22.80
N ASN B 58 56.60 -6.44 -22.82
CA ASN B 58 55.30 -6.51 -23.53
C ASN B 58 54.15 -6.10 -22.60
N LEU B 59 54.42 -5.77 -21.34
CA LEU B 59 53.35 -5.55 -20.33
C LEU B 59 52.71 -4.18 -20.56
N PRO B 60 51.39 -4.11 -20.78
CA PRO B 60 50.68 -2.84 -20.81
C PRO B 60 50.81 -2.08 -19.50
N LYS B 61 50.53 -0.78 -19.52
CA LYS B 61 50.46 0.07 -18.31
C LYS B 61 49.03 0.60 -18.16
N THR B 62 48.05 -0.21 -18.52
CA THR B 62 46.63 0.10 -18.36
C THR B 62 45.82 -1.18 -18.38
N PHE B 63 44.70 -1.16 -17.68
CA PHE B 63 43.57 -2.10 -17.86
C PHE B 63 42.29 -1.36 -17.47
N THR B 64 41.16 -1.86 -17.92
CA THR B 64 39.83 -1.26 -17.69
C THR B 64 38.89 -2.31 -17.11
N ILE B 65 38.27 -1.97 -15.98
CA ILE B 65 37.18 -2.74 -15.35
C ILE B 65 35.87 -1.99 -15.59
N LYS B 66 34.89 -2.65 -16.22
CA LYS B 66 33.58 -2.06 -16.57
C LYS B 66 32.48 -2.70 -15.71
N LEU B 67 31.65 -1.85 -15.09
CA LEU B 67 30.33 -2.24 -14.54
C LEU B 67 29.25 -1.76 -15.51
N LEU B 68 28.55 -2.70 -16.13
CA LEU B 68 27.47 -2.43 -17.10
C LEU B 68 26.13 -2.72 -16.42
N PHE B 69 25.18 -1.79 -16.55
CA PHE B 69 23.85 -1.89 -15.90
C PHE B 69 22.76 -1.78 -16.97
N ASP B 70 21.66 -2.52 -16.76
CA ASP B 70 20.45 -2.48 -17.63
C ASP B 70 19.54 -1.35 -17.13
N GLU B 71 18.36 -1.18 -17.76
CA GLU B 71 17.45 -0.01 -17.53
C GLU B 71 17.02 0.05 -16.07
N ASN B 72 17.15 -1.07 -15.33
CA ASN B 72 16.70 -1.23 -13.91
C ASN B 72 17.89 -1.13 -12.95
N GLY B 73 19.10 -0.88 -13.46
CA GLY B 73 20.31 -0.74 -12.62
C GLY B 73 20.81 -2.10 -12.13
N ILE B 74 20.41 -3.20 -12.80
CA ILE B 74 20.94 -4.57 -12.53
C ILE B 74 22.30 -4.68 -13.25
N LEU B 75 23.31 -5.19 -12.55
CA LEU B 75 24.64 -5.47 -13.11
C LEU B 75 24.52 -6.62 -14.12
N LYS B 76 25.12 -6.47 -15.30
CA LYS B 76 25.03 -7.44 -16.41
C LYS B 76 26.23 -8.39 -16.37
N ASP B 77 26.04 -9.64 -16.82
CA ASP B 77 27.08 -10.71 -16.87
C ASP B 77 28.32 -10.24 -17.62
N SER B 78 28.14 -9.41 -18.64
CA SER B 78 29.24 -8.90 -19.52
C SER B 78 30.15 -7.95 -18.73
N SER B 79 29.74 -7.51 -17.56
CA SER B 79 30.57 -6.70 -16.63
C SER B 79 31.82 -7.49 -16.26
N ASN B 80 32.89 -6.80 -15.90
CA ASN B 80 34.15 -7.40 -15.42
C ASN B 80 33.94 -7.93 -14.01
N LEU B 81 33.10 -7.27 -13.22
CA LEU B 81 32.75 -7.66 -11.84
C LEU B 81 31.75 -8.82 -11.90
N ASP B 82 32.03 -9.89 -11.16
CA ASP B 82 31.15 -11.09 -11.03
C ASP B 82 29.84 -10.65 -10.37
N LYS B 83 28.71 -10.96 -11.00
CA LYS B 83 27.35 -10.57 -10.57
C LYS B 83 27.08 -11.06 -9.13
N ASN B 84 27.71 -12.16 -8.73
CA ASN B 84 27.44 -12.90 -7.46
C ASN B 84 28.03 -12.18 -6.25
N TYR B 85 28.87 -11.17 -6.48
CA TYR B 85 29.61 -10.46 -5.41
C TYR B 85 29.10 -9.01 -5.33
N TRP B 86 27.85 -8.77 -5.74
CA TRP B 86 27.28 -7.41 -5.93
C TRP B 86 25.83 -7.41 -5.46
N ASN B 87 25.53 -6.72 -4.36
CA ASN B 87 24.17 -6.69 -3.78
C ASN B 87 24.11 -5.58 -2.72
N TYR B 88 22.91 -5.31 -2.18
CA TYR B 88 22.69 -4.41 -1.03
C TYR B 88 23.40 -4.98 0.20
N ARG B 89 23.78 -4.11 1.15
CA ARG B 89 24.54 -4.49 2.37
C ARG B 89 23.59 -4.98 3.47
N ASN B 90 24.05 -5.95 4.26
CA ASN B 90 23.32 -6.66 5.33
C ASN B 90 24.38 -7.34 6.23
N GLY B 91 25.41 -6.57 6.57
CA GLY B 91 26.55 -7.01 7.41
C GLY B 91 27.87 -6.71 6.74
N ASN B 92 28.78 -7.70 6.68
CA ASN B 92 30.07 -7.63 5.92
C ASN B 92 29.92 -8.46 4.63
N SER B 93 28.68 -8.95 4.36
CA SER B 93 28.25 -9.64 3.10
C SER B 93 26.96 -8.98 2.56
N ILE B 94 26.34 -9.58 1.54
CA ILE B 94 25.20 -8.98 0.77
C ILE B 94 23.87 -9.62 1.21
N LEU B 95 22.75 -8.95 0.90
CA LEU B 95 21.35 -9.43 1.14
C LEU B 95 21.14 -10.76 0.40
N ALA B 96 20.10 -11.51 0.79
CA ALA B 96 19.75 -12.84 0.23
C ALA B 96 19.23 -12.68 -1.20
N GLU B 97 18.04 -12.08 -1.33
CA GLU B 97 17.35 -11.79 -2.61
C GLU B 97 18.26 -10.91 -3.46
N GLN B 98 18.81 -11.45 -4.59
CA GLN B 98 19.49 -10.64 -5.65
C GLN B 98 18.50 -9.55 -6.09
N TYR B 99 18.98 -8.31 -6.29
CA TYR B 99 18.10 -7.11 -6.21
C TYR B 99 17.26 -6.99 -7.48
N LYS B 100 16.28 -6.09 -7.44
CA LYS B 100 15.26 -5.94 -8.53
C LYS B 100 15.36 -4.56 -9.18
N ASN B 101 15.55 -3.48 -8.38
CA ASN B 101 15.76 -2.10 -8.87
C ASN B 101 16.88 -1.41 -8.10
N ALA B 102 17.76 -0.71 -8.83
CA ALA B 102 18.90 0.04 -8.26
C ALA B 102 19.16 1.31 -9.08
N VAL B 103 18.13 1.85 -9.71
CA VAL B 103 18.19 3.07 -10.56
C VAL B 103 18.57 4.27 -9.70
N GLY B 104 18.34 4.22 -8.40
CA GLY B 104 18.72 5.28 -7.43
C GLY B 104 20.23 5.34 -7.23
N PHE B 105 20.96 4.33 -7.70
CA PHE B 105 22.44 4.23 -7.59
C PHE B 105 23.10 4.50 -8.94
N MET B 106 22.32 4.62 -10.01
CA MET B 106 22.87 4.78 -11.37
C MET B 106 23.31 6.22 -11.60
N PRO B 107 24.37 6.42 -12.42
CA PRO B 107 24.81 7.76 -12.77
C PRO B 107 23.78 8.45 -13.69
N ASN B 108 23.31 9.60 -13.23
CA ASN B 108 22.27 10.44 -13.88
C ASN B 108 22.57 10.62 -15.37
N LEU B 109 21.61 10.30 -16.22
CA LEU B 109 21.75 10.36 -17.71
C LEU B 109 21.74 11.82 -18.21
N ALA B 110 21.11 12.74 -17.48
CA ALA B 110 21.07 14.18 -17.82
C ALA B 110 22.45 14.80 -17.53
N ALA B 111 23.01 14.49 -16.38
CA ALA B 111 24.33 14.95 -15.91
C ALA B 111 25.44 14.32 -16.77
N TYR B 112 25.28 13.04 -17.09
CA TYR B 112 26.28 12.19 -17.78
C TYR B 112 25.64 11.53 -18.99
N PRO B 113 25.37 12.29 -20.08
CA PRO B 113 24.73 11.72 -21.24
C PRO B 113 25.58 10.64 -21.92
N LYS B 114 24.95 9.65 -22.51
CA LYS B 114 25.60 8.68 -23.43
C LYS B 114 25.92 9.42 -24.74
N SER B 115 26.96 8.99 -25.44
CA SER B 115 27.42 9.64 -26.69
C SER B 115 26.36 9.47 -27.80
N THR B 116 25.80 10.57 -28.29
CA THR B 116 24.85 10.57 -29.43
C THR B 116 25.56 9.88 -30.59
N THR B 117 24.79 9.26 -31.48
CA THR B 117 25.29 8.68 -32.76
C THR B 117 26.38 9.59 -33.34
N THR B 118 26.05 10.89 -33.51
CA THR B 118 26.89 11.91 -34.19
C THR B 118 28.34 11.86 -33.65
N GLN B 119 28.53 11.65 -32.34
CA GLN B 119 29.87 11.74 -31.69
C GLN B 119 30.06 10.65 -30.64
N SER B 120 31.25 10.03 -30.63
CA SER B 120 31.70 9.07 -29.57
C SER B 120 32.40 9.83 -28.43
N LYS B 121 32.40 11.17 -28.48
CA LYS B 121 33.12 12.09 -27.54
C LYS B 121 32.13 12.59 -26.47
N LEU B 122 32.25 12.08 -25.24
CA LEU B 122 31.46 12.51 -24.04
C LEU B 122 31.92 13.89 -23.56
N TYR B 123 31.08 14.57 -22.81
CA TYR B 123 31.45 15.75 -21.98
C TYR B 123 32.48 15.30 -20.96
N ALA B 124 33.28 16.25 -20.48
CA ALA B 124 34.34 16.01 -19.49
C ALA B 124 33.71 15.64 -18.15
N ARG B 125 32.53 16.13 -17.83
CA ARG B 125 31.91 15.98 -16.48
C ARG B 125 31.51 14.53 -16.24
N ASN B 126 31.42 13.73 -17.31
CA ASN B 126 31.18 12.26 -17.26
C ASN B 126 32.36 11.57 -16.57
N THR B 127 33.49 12.26 -16.40
CA THR B 127 34.78 11.67 -15.97
C THR B 127 35.25 12.26 -14.63
N ILE B 128 35.78 11.40 -13.76
CA ILE B 128 36.52 11.79 -12.53
C ILE B 128 37.92 11.20 -12.62
N PHE B 129 38.93 11.99 -12.34
CA PHE B 129 40.33 11.55 -12.21
C PHE B 129 40.72 11.53 -10.75
N GLY B 130 41.47 10.50 -10.36
CA GLY B 130 42.07 10.40 -9.02
C GLY B 130 43.46 9.81 -9.12
N ASN B 131 44.30 10.16 -8.15
CA ASN B 131 45.59 9.50 -7.91
C ASN B 131 45.43 8.50 -6.79
N ILE B 132 45.75 7.25 -7.08
CA ILE B 132 45.85 6.16 -6.08
C ILE B 132 47.27 5.60 -6.13
N TYR B 133 47.60 4.72 -5.20
CA TYR B 133 48.99 4.30 -4.95
C TYR B 133 49.03 2.80 -4.69
N LEU B 134 50.07 2.15 -5.21
CA LEU B 134 50.31 0.71 -5.05
C LEU B 134 51.17 0.48 -3.79
N ASP B 135 50.76 -0.49 -2.98
CA ASP B 135 51.57 -1.05 -1.88
C ASP B 135 51.78 0.02 -0.81
N SER B 136 50.82 0.94 -0.69
CA SER B 136 50.75 1.96 0.40
C SER B 136 51.95 2.90 0.33
N GLN B 137 52.50 3.15 -0.85
CA GLN B 137 53.67 4.06 -1.01
C GLN B 137 53.29 5.23 -1.92
N ALA B 138 53.58 6.44 -1.45
CA ALA B 138 53.33 7.70 -2.15
C ALA B 138 54.05 7.72 -3.50
N TYR B 139 55.09 6.92 -3.68
CA TYR B 139 55.97 6.98 -4.88
C TYR B 139 55.58 5.92 -5.91
N ASN B 140 54.41 5.28 -5.75
CA ASN B 140 53.85 4.33 -6.74
C ASN B 140 52.50 4.82 -7.21
N PRO B 141 52.43 6.00 -7.87
CA PRO B 141 51.15 6.53 -8.34
C PRO B 141 50.54 5.72 -9.48
N VAL B 142 49.23 5.63 -9.47
CA VAL B 142 48.38 5.12 -10.56
C VAL B 142 47.23 6.11 -10.75
N VAL B 143 46.90 6.43 -12.00
CA VAL B 143 45.76 7.31 -12.33
C VAL B 143 44.52 6.45 -12.50
N ILE B 144 43.49 6.69 -11.70
CA ILE B 144 42.16 6.07 -11.88
C ILE B 144 41.27 7.06 -12.60
N LYS B 145 40.73 6.64 -13.74
CA LYS B 145 39.82 7.45 -14.57
C LYS B 145 38.45 6.77 -14.54
N ILE B 146 37.52 7.37 -13.82
CA ILE B 146 36.13 6.88 -13.69
C ILE B 146 35.27 7.63 -14.68
N THR B 147 34.62 6.91 -15.58
CA THR B 147 33.76 7.50 -16.63
C THR B 147 32.37 6.87 -16.54
N PHE B 148 31.33 7.69 -16.59
CA PHE B 148 29.92 7.28 -16.48
C PHE B 148 29.27 7.27 -17.87
N ASN B 149 28.61 6.15 -18.20
CA ASN B 149 27.64 6.03 -19.32
C ASN B 149 28.38 6.17 -20.66
N GLN B 150 29.58 5.60 -20.73
CA GLN B 150 30.45 5.62 -21.93
C GLN B 150 30.14 4.42 -22.81
N GLU B 151 29.67 3.31 -22.21
CA GLU B 151 29.44 2.02 -22.91
C GLU B 151 28.08 2.03 -23.58
N ALA B 152 28.05 1.71 -24.88
CA ALA B 152 26.92 1.98 -25.80
C ALA B 152 25.82 0.92 -25.64
N ASP B 153 26.18 -0.34 -25.35
CA ASP B 153 25.21 -1.48 -25.22
C ASP B 153 24.89 -1.69 -23.74
N SER B 154 24.55 -0.62 -23.04
CA SER B 154 24.14 -0.60 -21.62
C SER B 154 23.43 0.71 -21.30
N ALA B 155 22.34 0.66 -20.54
CA ALA B 155 21.54 1.85 -20.17
C ALA B 155 22.41 2.77 -19.32
N TYR B 156 23.23 2.16 -18.46
CA TYR B 156 24.13 2.84 -17.50
C TYR B 156 25.48 2.10 -17.48
N SER B 157 26.56 2.79 -17.16
CA SER B 157 27.88 2.16 -16.98
C SER B 157 28.77 2.99 -16.04
N ILE B 158 29.57 2.30 -15.24
CA ILE B 158 30.73 2.86 -14.51
C ILE B 158 31.98 2.17 -15.07
N THR B 159 32.83 2.91 -15.74
CA THR B 159 34.11 2.44 -16.32
C THR B 159 35.26 2.90 -15.40
N LEU B 160 36.04 1.95 -14.90
CA LEU B 160 37.24 2.22 -14.07
C LEU B 160 38.48 1.93 -14.92
N ASN B 161 39.11 2.98 -15.46
CA ASN B 161 40.35 2.86 -16.24
C ASN B 161 41.52 3.16 -15.31
N TYR B 162 42.44 2.20 -15.19
CA TYR B 162 43.70 2.34 -14.43
C TYR B 162 44.85 2.45 -15.44
N SER B 163 45.73 3.43 -15.24
CA SER B 163 46.95 3.62 -16.07
C SER B 163 48.06 4.21 -15.21
N TRP B 164 49.31 4.05 -15.64
CA TRP B 164 50.49 4.57 -14.92
C TRP B 164 51.62 4.80 -15.91
N GLY B 165 52.63 5.57 -15.52
CA GLY B 165 53.76 5.93 -16.37
C GLY B 165 55.06 5.24 -15.96
N LYS B 166 55.25 4.96 -14.66
CA LYS B 166 56.53 4.49 -14.10
C LYS B 166 56.84 3.08 -14.59
N ASP B 167 58.11 2.81 -14.82
CA ASP B 167 58.64 1.46 -15.12
C ASP B 167 58.79 0.73 -13.79
N TYR B 168 57.67 0.40 -13.16
CA TYR B 168 57.62 -0.30 -11.86
C TYR B 168 58.47 -1.57 -11.96
N GLU B 169 59.21 -1.88 -10.88
CA GLU B 169 60.05 -3.10 -10.77
C GLU B 169 59.58 -3.91 -9.55
N ASN B 170 58.80 -4.97 -9.77
CA ASN B 170 58.27 -5.91 -8.75
C ASN B 170 57.41 -5.14 -7.76
N ILE B 171 56.44 -4.39 -8.26
CA ILE B 171 55.43 -3.69 -7.44
C ILE B 171 54.11 -4.43 -7.59
N PRO B 172 53.49 -4.87 -6.48
CA PRO B 172 52.20 -5.56 -6.57
C PRO B 172 51.09 -4.53 -6.86
N PHE B 173 50.18 -4.85 -7.78
CA PHE B 173 48.97 -4.02 -8.00
C PHE B 173 48.02 -4.25 -6.83
N ASP B 174 48.31 -3.58 -5.74
CA ASP B 174 47.52 -3.59 -4.50
C ASP B 174 47.26 -2.13 -4.15
N SER B 175 46.10 -1.58 -4.55
CA SER B 175 45.83 -0.12 -4.59
C SER B 175 45.34 0.39 -3.23
N THR B 176 45.64 1.63 -2.93
CA THR B 176 45.03 2.40 -1.82
C THR B 176 43.57 2.71 -2.17
N SER B 177 42.83 3.23 -1.20
CA SER B 177 41.38 3.54 -1.31
C SER B 177 41.20 4.97 -1.83
N PHE B 178 40.19 5.17 -2.64
CA PHE B 178 39.80 6.48 -3.23
C PHE B 178 38.30 6.68 -3.06
N THR B 179 37.92 7.88 -2.66
CA THR B 179 36.50 8.32 -2.51
C THR B 179 36.15 9.31 -3.63
N PHE B 180 34.96 9.18 -4.18
CA PHE B 180 34.39 10.13 -5.15
C PHE B 180 32.87 10.14 -4.99
N SER B 181 32.19 11.05 -5.63
CA SER B 181 30.71 11.11 -5.68
C SER B 181 30.26 11.36 -7.12
N TYR B 182 29.02 11.03 -7.42
CA TYR B 182 28.36 11.34 -8.70
C TYR B 182 26.88 11.58 -8.45
N ILE B 183 26.24 12.26 -9.38
CA ILE B 183 24.80 12.63 -9.34
C ILE B 183 23.98 11.39 -9.69
N ALA B 184 23.00 11.05 -8.85
CA ALA B 184 22.15 9.85 -8.97
C ALA B 184 21.02 10.11 -9.98
N GLN B 185 20.62 9.07 -10.71
CA GLN B 185 19.55 9.12 -11.75
C GLN B 185 18.22 9.51 -11.10
N GLU B 186 17.96 9.05 -9.87
CA GLU B 186 16.78 9.45 -9.06
C GLU B 186 17.08 9.26 -7.58
N LYS C 1 23.74 13.30 16.98
CA LYS C 1 23.90 11.79 16.99
C LYS C 1 24.66 11.37 15.71
N LEU C 2 24.45 12.10 14.59
CA LEU C 2 24.96 11.72 13.27
C LEU C 2 26.46 11.96 13.24
N THR C 3 27.02 13.01 13.83
CA THR C 3 28.38 13.51 13.55
C THR C 3 29.24 13.44 14.80
N LEU C 4 30.43 12.88 14.66
CA LEU C 4 31.48 12.78 15.72
C LEU C 4 32.62 13.69 15.32
N TRP C 5 33.06 14.63 16.16
CA TRP C 5 34.06 15.66 15.74
C TRP C 5 34.85 16.23 16.93
N THR C 6 35.92 16.93 16.60
CA THR C 6 36.63 17.88 17.47
C THR C 6 35.81 19.16 17.50
N THR C 7 35.50 19.71 18.65
CA THR C 7 34.73 20.98 18.71
C THR C 7 35.48 21.97 17.84
N LEU C 8 34.82 23.06 17.42
CA LEU C 8 35.43 24.10 16.56
C LEU C 8 36.10 25.17 17.43
N ASP C 9 36.02 25.01 18.75
CA ASP C 9 36.74 25.81 19.77
C ASP C 9 38.16 26.12 19.24
N PRO C 10 38.60 27.40 19.29
CA PRO C 10 39.88 27.80 18.71
C PRO C 10 41.13 27.23 19.41
N SER C 11 40.98 26.72 20.64
CA SER C 11 42.11 26.32 21.53
C SER C 11 42.78 25.03 21.01
N PRO C 12 44.11 24.91 21.19
CA PRO C 12 44.83 23.69 20.80
C PRO C 12 44.26 22.46 21.50
N ASN C 13 44.36 21.30 20.87
CA ASN C 13 43.65 20.08 21.29
C ASN C 13 44.45 18.80 21.00
N CYS C 14 45.71 18.92 20.57
CA CYS C 14 46.48 17.78 19.99
C CYS C 14 47.96 17.86 20.34
N ARG C 15 48.61 16.70 20.50
CA ARG C 15 50.05 16.55 20.77
C ARG C 15 50.73 15.88 19.57
N ILE C 16 51.69 16.56 18.95
CA ILE C 16 52.64 15.96 17.98
C ILE C 16 53.88 15.51 18.75
N ASP C 17 54.58 16.44 19.39
CA ASP C 17 55.74 16.16 20.28
C ASP C 17 55.37 16.50 21.72
N VAL C 18 54.56 17.53 21.91
CA VAL C 18 54.36 18.23 23.21
C VAL C 18 52.87 18.58 23.36
N ASP C 19 52.35 18.51 24.58
CA ASP C 19 50.92 18.80 24.90
C ASP C 19 50.52 20.13 24.25
N LYS C 20 49.46 20.10 23.44
CA LYS C 20 48.79 21.30 22.89
C LYS C 20 49.73 22.08 21.99
N ASP C 21 50.46 21.40 21.10
CA ASP C 21 51.34 22.06 20.10
C ASP C 21 50.59 22.17 18.76
N SER C 22 49.40 21.59 18.67
CA SER C 22 48.63 21.48 17.41
C SER C 22 47.12 21.56 17.68
N LYS C 23 46.36 21.98 16.68
CA LYS C 23 44.88 21.96 16.67
C LYS C 23 44.40 21.13 15.45
N LEU C 24 43.93 19.93 15.70
CA LEU C 24 43.31 19.04 14.71
C LEU C 24 41.83 19.36 14.63
N THR C 25 41.31 19.59 13.43
CA THR C 25 39.87 19.68 13.14
C THR C 25 39.49 18.44 12.33
N LEU C 26 38.81 17.50 12.97
CA LEU C 26 38.36 16.24 12.34
C LEU C 26 36.86 16.11 12.53
N VAL C 27 36.13 15.95 11.44
CA VAL C 27 34.65 15.75 11.44
C VAL C 27 34.35 14.42 10.76
N LEU C 28 33.76 13.49 11.50
CA LEU C 28 33.29 12.19 10.97
C LEU C 28 31.76 12.23 10.94
N THR C 29 31.18 12.27 9.75
CA THR C 29 29.72 12.25 9.54
C THR C 29 29.32 10.88 8.99
N LYS C 30 28.41 10.19 9.67
CA LYS C 30 27.91 8.87 9.27
C LYS C 30 26.82 9.04 8.21
N CYS C 31 27.09 8.59 6.99
N CYS C 31 27.09 8.59 6.99
CA CYS C 31 26.11 8.47 5.88
CA CYS C 31 26.11 8.47 5.88
C CYS C 31 25.94 6.98 5.54
C CYS C 31 25.94 6.98 5.55
N GLY C 32 25.06 6.30 6.27
CA GLY C 32 24.86 4.84 6.15
C GLY C 32 26.14 4.10 6.50
N SER C 33 26.61 3.28 5.56
CA SER C 33 27.73 2.33 5.76
C SER C 33 29.08 2.98 5.48
N GLN C 34 29.10 4.26 5.12
CA GLN C 34 30.36 5.04 4.93
C GLN C 34 30.40 6.20 5.91
N ILE C 35 31.59 6.54 6.39
CA ILE C 35 31.89 7.75 7.17
C ILE C 35 32.49 8.77 6.23
N LEU C 36 31.85 9.92 6.09
CA LEU C 36 32.37 11.09 5.37
C LEU C 36 33.26 11.89 6.35
N ALA C 37 34.55 11.98 6.07
CA ALA C 37 35.57 12.57 6.96
C ALA C 37 36.09 13.87 6.34
N ASN C 38 36.36 14.86 7.18
CA ASN C 38 36.94 16.16 6.81
C ASN C 38 38.00 16.50 7.84
N VAL C 39 39.22 16.80 7.40
CA VAL C 39 40.36 17.05 8.32
C VAL C 39 41.17 18.27 7.87
N SER C 40 41.59 19.08 8.83
CA SER C 40 42.60 20.16 8.71
C SER C 40 43.47 20.13 9.96
N LEU C 41 44.68 20.68 9.89
CA LEU C 41 45.63 20.69 11.00
C LEU C 41 46.39 22.01 11.01
N LEU C 42 46.45 22.66 12.15
CA LEU C 42 47.29 23.84 12.44
C LEU C 42 48.26 23.48 13.56
N VAL C 43 49.55 23.75 13.39
CA VAL C 43 50.57 23.64 14.46
C VAL C 43 50.74 25.04 15.08
N VAL C 44 50.57 25.18 16.39
CA VAL C 44 50.47 26.50 17.08
C VAL C 44 51.78 26.83 17.77
N LYS C 45 52.60 25.83 18.11
CA LYS C 45 53.94 26.05 18.70
C LYS C 45 54.83 24.82 18.45
N GLY C 46 56.10 24.91 18.85
CA GLY C 46 57.09 23.85 18.68
C GLY C 46 57.76 23.89 17.33
N ARG C 47 58.59 22.88 17.05
CA ARG C 47 59.55 22.86 15.93
C ARG C 47 58.83 22.84 14.58
N PHE C 48 57.56 22.42 14.52
CA PHE C 48 56.81 22.26 13.24
C PHE C 48 55.90 23.46 12.98
N GLN C 49 55.85 24.42 13.89
CA GLN C 49 54.97 25.60 13.73
C GLN C 49 55.40 26.38 12.49
N ASN C 50 56.69 26.63 12.38
CA ASN C 50 57.32 27.39 11.28
C ASN C 50 58.45 26.55 10.70
N LEU C 51 58.24 26.01 9.50
CA LEU C 51 59.20 25.10 8.84
C LEU C 51 60.28 25.95 8.18
N ASN C 52 61.54 25.73 8.55
CA ASN C 52 62.69 26.35 7.85
C ASN C 52 63.85 25.35 7.79
N TYR C 53 64.02 24.70 6.64
CA TYR C 53 65.01 23.65 6.40
C TYR C 53 66.32 24.28 5.97
N LYS C 54 66.35 25.58 5.72
CA LYS C 54 67.60 26.33 5.40
C LYS C 54 68.33 26.61 6.72
N THR C 55 67.57 26.90 7.78
CA THR C 55 68.13 27.33 9.08
C THR C 55 68.23 26.18 10.07
N ASN C 56 67.33 25.19 10.01
CA ASN C 56 67.33 24.02 10.94
C ASN C 56 67.52 22.74 10.14
N PRO C 57 68.74 22.18 10.11
CA PRO C 57 69.04 21.01 9.29
C PRO C 57 68.56 19.68 9.94
N ASN C 58 68.24 19.71 11.24
CA ASN C 58 67.86 18.50 12.00
C ASN C 58 66.35 18.31 12.01
N LEU C 59 65.59 19.16 11.33
CA LEU C 59 64.11 19.12 11.38
C LEU C 59 63.61 17.96 10.52
N PRO C 60 62.83 17.02 11.07
CA PRO C 60 62.16 16.01 10.27
C PRO C 60 61.21 16.63 9.26
N LYS C 61 60.80 15.86 8.26
CA LYS C 61 59.77 16.24 7.28
C LYS C 61 58.59 15.29 7.40
N THR C 62 58.30 14.85 8.61
CA THR C 62 57.13 14.00 8.90
C THR C 62 56.78 14.10 10.38
N PHE C 63 55.51 13.91 10.70
CA PHE C 63 55.00 13.57 12.03
C PHE C 63 53.72 12.77 11.85
N THR C 64 53.30 12.06 12.91
CA THR C 64 52.13 11.18 12.90
C THR C 64 51.22 11.52 14.09
N ILE C 65 49.95 11.75 13.81
CA ILE C 65 48.86 11.91 14.80
C ILE C 65 48.01 10.63 14.78
N LYS C 66 47.85 9.96 15.91
CA LYS C 66 47.07 8.70 16.04
C LYS C 66 45.80 8.95 16.87
N LEU C 67 44.65 8.51 16.36
CA LEU C 67 43.41 8.33 17.14
C LEU C 67 43.21 6.85 17.40
N LEU C 68 43.28 6.44 18.67
CA LEU C 68 43.14 5.05 19.12
C LEU C 68 41.78 4.88 19.80
N PHE C 69 41.04 3.83 19.43
CA PHE C 69 39.66 3.56 19.92
C PHE C 69 39.58 2.15 20.53
N ASP C 70 38.78 2.00 21.60
CA ASP C 70 38.49 0.71 22.27
C ASP C 70 37.32 0.03 21.53
N GLU C 71 36.91 -1.14 22.01
CA GLU C 71 35.93 -2.04 21.33
C GLU C 71 34.59 -1.32 21.14
N ASN C 72 34.35 -0.24 21.92
CA ASN C 72 33.10 0.58 21.91
C ASN C 72 33.27 1.87 21.09
N GLY C 73 34.42 2.07 20.46
CA GLY C 73 34.70 3.27 19.65
C GLY C 73 34.94 4.51 20.50
N ILE C 74 35.28 4.34 21.78
CA ILE C 74 35.70 5.44 22.69
C ILE C 74 37.17 5.77 22.40
N LEU C 75 37.49 7.04 22.23
CA LEU C 75 38.86 7.54 22.04
C LEU C 75 39.65 7.33 23.33
N LYS C 76 40.86 6.78 23.23
CA LYS C 76 41.73 6.41 24.38
C LYS C 76 42.71 7.56 24.66
N ASP C 77 43.11 7.70 25.93
CA ASP C 77 44.01 8.77 26.46
C ASP C 77 45.34 8.75 25.69
N SER C 78 45.78 7.57 25.27
CA SER C 78 47.07 7.33 24.56
C SER C 78 47.03 7.98 23.17
N SER C 79 45.85 8.36 22.68
CA SER C 79 45.70 9.10 21.40
C SER C 79 46.48 10.41 21.48
N ASN C 80 46.89 10.93 20.33
CA ASN C 80 47.55 12.25 20.19
C ASN C 80 46.51 13.35 20.42
N LEU C 81 45.26 13.11 20.02
CA LEU C 81 44.13 14.04 20.22
C LEU C 81 43.66 13.97 21.67
N ASP C 82 43.53 15.11 22.33
CA ASP C 82 43.02 15.26 23.71
C ASP C 82 41.55 14.77 23.74
N LYS C 83 41.26 13.84 24.64
CA LYS C 83 39.94 13.17 24.79
C LYS C 83 38.82 14.22 25.00
N ASN C 84 39.16 15.37 25.60
CA ASN C 84 38.20 16.42 26.06
C ASN C 84 37.66 17.23 24.86
N TYR C 85 38.25 17.09 23.68
CA TYR C 85 37.92 17.88 22.48
C TYR C 85 37.30 16.99 21.42
N TRP C 86 36.68 15.88 21.84
CA TRP C 86 36.16 14.82 20.94
C TRP C 86 34.83 14.32 21.46
N ASN C 87 33.74 14.59 20.76
CA ASN C 87 32.37 14.21 21.18
C ASN C 87 31.41 14.36 20.00
N TYR C 88 30.15 13.95 20.15
CA TYR C 88 29.07 14.17 19.17
C TYR C 88 28.82 15.69 19.07
N ARG C 89 28.28 16.15 17.93
CA ARG C 89 27.94 17.57 17.67
C ARG C 89 26.54 17.88 18.25
N ASN C 90 26.32 19.14 18.70
CA ASN C 90 24.95 19.75 18.87
C ASN C 90 24.85 21.10 18.09
N LYS C 100 30.03 7.85 24.90
CA LYS C 100 28.91 7.02 24.39
C LYS C 100 29.39 6.17 23.17
N ASN C 101 28.82 4.99 23.03
N ASN C 101 28.80 4.99 23.01
CA ASN C 101 29.16 4.00 21.95
CA ASN C 101 29.21 4.01 21.98
C ASN C 101 29.28 4.75 20.63
C ASN C 101 29.28 4.73 20.62
N ALA C 102 30.27 4.40 19.81
CA ALA C 102 30.58 5.05 18.52
C ALA C 102 31.11 4.03 17.52
N VAL C 103 30.71 2.76 17.64
CA VAL C 103 31.19 1.65 16.78
C VAL C 103 30.72 1.90 15.33
N GLY C 104 29.65 2.66 15.16
CA GLY C 104 29.11 3.03 13.83
C GLY C 104 30.02 4.00 13.09
N PHE C 105 31.02 4.57 13.78
CA PHE C 105 31.99 5.54 13.22
C PHE C 105 33.36 4.88 13.02
N MET C 106 33.53 3.65 13.50
CA MET C 106 34.86 2.97 13.46
C MET C 106 35.10 2.38 12.08
N PRO C 107 36.38 2.35 11.65
CA PRO C 107 36.75 1.74 10.38
C PRO C 107 36.56 0.22 10.44
N ASN C 108 35.75 -0.28 9.53
CA ASN C 108 35.33 -1.69 9.39
C ASN C 108 36.55 -2.62 9.44
N LEU C 109 36.53 -3.60 10.34
CA LEU C 109 37.65 -4.56 10.57
C LEU C 109 37.76 -5.58 9.42
N ALA C 110 36.67 -5.86 8.71
CA ALA C 110 36.66 -6.79 7.55
C ALA C 110 37.33 -6.09 6.37
N ALA C 111 36.96 -4.84 6.13
CA ALA C 111 37.50 -3.98 5.05
C ALA C 111 38.96 -3.64 5.33
N TYR C 112 39.28 -3.35 6.60
CA TYR C 112 40.60 -2.86 7.06
C TYR C 112 41.10 -3.75 8.20
N PRO C 113 41.54 -4.98 7.91
CA PRO C 113 42.01 -5.89 8.96
C PRO C 113 43.23 -5.35 9.69
N LYS C 114 43.35 -5.68 10.98
CA LYS C 114 44.58 -5.45 11.77
C LYS C 114 45.66 -6.39 11.26
N SER C 115 46.93 -5.99 11.39
CA SER C 115 48.08 -6.85 11.03
C SER C 115 48.16 -7.92 12.12
N THR C 116 48.11 -9.20 11.78
CA THR C 116 48.59 -10.32 12.67
C THR C 116 49.99 -9.95 13.23
N THR C 117 50.31 -10.35 14.45
CA THR C 117 51.53 -9.82 15.15
C THR C 117 52.73 -10.05 14.18
N THR C 118 52.83 -11.29 13.68
CA THR C 118 53.95 -11.78 12.84
C THR C 118 54.20 -10.81 11.66
N GLN C 119 53.17 -10.23 11.08
CA GLN C 119 53.20 -9.64 9.72
C GLN C 119 53.74 -8.22 9.83
N SER C 120 52.88 -7.28 10.20
CA SER C 120 53.10 -5.81 10.25
C SER C 120 52.69 -5.20 8.90
N LYS C 121 52.45 -6.00 7.85
CA LYS C 121 52.14 -5.54 6.47
C LYS C 121 50.62 -5.58 6.26
N LEU C 122 49.95 -4.41 6.29
CA LEU C 122 48.49 -4.26 5.99
C LEU C 122 48.24 -4.38 4.49
N TYR C 123 47.00 -4.66 4.08
CA TYR C 123 46.53 -4.44 2.70
C TYR C 123 46.64 -2.94 2.38
N ALA C 124 46.71 -2.61 1.11
CA ALA C 124 46.81 -1.22 0.64
C ALA C 124 45.50 -0.47 0.91
N ARG C 125 44.35 -1.17 0.92
CA ARG C 125 43.02 -0.53 1.01
C ARG C 125 42.80 0.07 2.41
N ASN C 126 43.61 -0.34 3.39
CA ASN C 126 43.65 0.24 4.76
C ASN C 126 44.11 1.70 4.69
N THR C 127 44.67 2.14 3.56
CA THR C 127 45.36 3.45 3.42
C THR C 127 44.66 4.35 2.39
N ILE C 128 44.58 5.65 2.69
CA ILE C 128 44.17 6.73 1.75
C ILE C 128 45.29 7.73 1.68
N PHE C 129 45.66 8.15 0.48
CA PHE C 129 46.63 9.25 0.26
C PHE C 129 45.87 10.48 -0.24
N GLY C 130 46.26 11.64 0.24
CA GLY C 130 45.79 12.92 -0.25
C GLY C 130 46.89 13.95 -0.32
N ASN C 131 46.73 14.92 -1.20
CA ASN C 131 47.58 16.12 -1.25
C ASN C 131 46.86 17.26 -0.54
N ILE C 132 47.49 17.83 0.47
CA ILE C 132 47.05 19.06 1.15
C ILE C 132 48.16 20.09 1.04
N TYR C 133 47.89 21.32 1.45
CA TYR C 133 48.75 22.47 1.17
C TYR C 133 48.84 23.35 2.41
N LEU C 134 50.03 23.90 2.64
CA LEU C 134 50.31 24.83 3.75
C LEU C 134 50.06 26.26 3.30
N ASP C 135 49.37 27.02 4.15
CA ASP C 135 49.25 28.50 4.03
C ASP C 135 48.49 28.85 2.75
N SER C 136 47.58 27.97 2.34
CA SER C 136 46.61 28.19 1.23
C SER C 136 47.33 28.38 -0.10
N GLN C 137 48.49 27.80 -0.30
CA GLN C 137 49.27 27.92 -1.56
C GLN C 137 49.48 26.56 -2.21
N ALA C 138 49.17 26.47 -3.48
CA ALA C 138 49.28 25.27 -4.32
C ALA C 138 50.73 24.78 -4.33
N TYR C 139 51.71 25.64 -4.04
CA TYR C 139 53.14 25.31 -4.20
C TYR C 139 53.75 24.89 -2.86
N ASN C 140 52.93 24.63 -1.84
CA ASN C 140 53.38 24.07 -0.53
C ASN C 140 52.68 22.74 -0.30
N PRO C 141 52.91 21.71 -1.14
CA PRO C 141 52.26 20.42 -0.96
C PRO C 141 52.76 19.66 0.27
N VAL C 142 51.85 18.95 0.90
CA VAL C 142 52.10 17.97 1.98
C VAL C 142 51.27 16.72 1.66
N VAL C 143 51.86 15.55 1.82
CA VAL C 143 51.14 14.26 1.63
C VAL C 143 50.52 13.85 2.97
N ILE C 144 49.22 13.68 3.00
CA ILE C 144 48.52 13.08 4.16
C ILE C 144 48.24 11.62 3.85
N LYS C 145 48.72 10.74 4.70
CA LYS C 145 48.55 9.28 4.59
C LYS C 145 47.69 8.82 5.76
N ILE C 146 46.45 8.48 5.48
CA ILE C 146 45.46 8.00 6.47
C ILE C 146 45.44 6.49 6.42
N THR C 147 45.71 5.83 7.53
CA THR C 147 45.76 4.36 7.65
C THR C 147 44.84 3.91 8.78
N PHE C 148 44.02 2.89 8.52
CA PHE C 148 43.01 2.35 9.46
C PHE C 148 43.51 1.06 10.09
N ASN C 149 43.44 0.98 11.43
CA ASN C 149 43.55 -0.27 12.22
C ASN C 149 44.98 -0.83 12.11
N GLN C 150 45.95 0.07 12.11
CA GLN C 150 47.40 -0.27 12.01
C GLN C 150 47.96 -0.48 13.41
N GLU C 151 47.39 0.18 14.43
CA GLU C 151 47.91 0.19 15.82
C GLU C 151 47.41 -1.05 16.56
N ALA C 152 48.34 -1.79 17.16
CA ALA C 152 48.14 -3.18 17.63
C ALA C 152 47.41 -3.21 18.99
N ASP C 153 47.64 -2.22 19.86
CA ASP C 153 47.06 -2.14 21.22
C ASP C 153 45.81 -1.24 21.21
N SER C 154 44.91 -1.47 20.25
CA SER C 154 43.63 -0.75 20.09
C SER C 154 42.72 -1.56 19.16
N ALA C 155 41.43 -1.64 19.47
CA ALA C 155 40.44 -2.39 18.66
C ALA C 155 40.33 -1.75 17.27
N TYR C 156 40.42 -0.42 17.25
CA TYR C 156 40.28 0.44 16.05
C TYR C 156 41.31 1.57 16.13
N SER C 157 41.76 2.09 14.98
CA SER C 157 42.67 3.25 14.93
C SER C 157 42.53 4.00 13.60
N ILE C 158 42.66 5.32 13.66
CA ILE C 158 42.88 6.20 12.49
C ILE C 158 44.23 6.87 12.70
N THR C 159 45.19 6.56 11.83
CA THR C 159 46.56 7.12 11.84
C THR C 159 46.66 8.18 10.72
N LEU C 160 47.01 9.41 11.08
CA LEU C 160 47.25 10.53 10.15
C LEU C 160 48.75 10.78 10.07
N ASN C 161 49.39 10.29 9.01
CA ASN C 161 50.81 10.56 8.74
C ASN C 161 50.93 11.73 7.77
N TYR C 162 51.66 12.76 8.17
CA TYR C 162 51.98 13.94 7.34
C TYR C 162 53.47 13.87 6.96
N SER C 163 53.78 14.06 5.68
CA SER C 163 55.17 14.11 5.18
C SER C 163 55.24 15.07 3.98
N TRP C 164 56.45 15.55 3.68
CA TRP C 164 56.69 16.50 2.57
C TRP C 164 58.14 16.37 2.11
N GLY C 165 58.45 16.87 0.91
CA GLY C 165 59.78 16.78 0.29
C GLY C 165 60.51 18.12 0.28
N LYS C 166 59.77 19.23 0.15
CA LYS C 166 60.36 20.56 -0.14
C LYS C 166 61.14 21.07 1.06
N ASP C 167 62.25 21.76 0.78
CA ASP C 167 63.02 22.50 1.80
C ASP C 167 62.31 23.83 2.08
N TYR C 168 61.13 23.76 2.70
CA TYR C 168 60.31 24.92 3.07
C TYR C 168 61.16 25.93 3.83
N GLU C 169 60.98 27.23 3.53
CA GLU C 169 61.66 28.37 4.19
C GLU C 169 60.61 29.30 4.83
N ASN C 170 60.41 29.18 6.15
N ASN C 170 60.41 29.18 6.15
CA ASN C 170 59.48 30.01 6.96
CA ASN C 170 59.48 30.02 6.97
C ASN C 170 58.05 29.82 6.46
C ASN C 170 58.05 29.82 6.46
N ILE C 171 57.62 28.57 6.33
CA ILE C 171 56.23 28.22 5.97
C ILE C 171 55.54 27.69 7.22
N PRO C 172 54.40 28.27 7.61
CA PRO C 172 53.67 27.78 8.79
C PRO C 172 52.97 26.46 8.44
N PHE C 173 53.02 25.47 9.32
CA PHE C 173 52.21 24.25 9.17
C PHE C 173 50.76 24.60 9.51
N ASP C 174 50.10 25.19 8.54
CA ASP C 174 48.68 25.58 8.59
C ASP C 174 48.02 24.99 7.35
N SER C 175 47.41 23.82 7.46
CA SER C 175 47.01 22.96 6.31
C SER C 175 45.64 23.35 5.77
N THR C 176 45.42 23.15 4.49
CA THR C 176 44.11 23.20 3.83
C THR C 176 43.30 21.97 4.26
N SER C 177 42.03 21.94 3.92
CA SER C 177 41.05 20.91 4.31
C SER C 177 41.05 19.80 3.25
N PHE C 178 40.89 18.56 3.69
CA PHE C 178 40.82 17.36 2.85
C PHE C 178 39.62 16.50 3.27
N THR C 179 38.88 16.01 2.29
CA THR C 179 37.72 15.12 2.47
C THR C 179 38.08 13.70 2.01
N PHE C 180 37.64 12.71 2.76
CA PHE C 180 37.77 11.28 2.39
C PHE C 180 36.59 10.54 3.01
N SER C 181 36.42 9.28 2.66
CA SER C 181 35.43 8.38 3.28
C SER C 181 36.11 7.05 3.60
N TYR C 182 35.50 6.29 4.50
CA TYR C 182 35.87 4.89 4.79
C TYR C 182 34.63 4.10 5.16
N ILE C 183 34.72 2.79 5.04
CA ILE C 183 33.61 1.82 5.32
C ILE C 183 33.48 1.69 6.83
N ALA C 184 32.26 1.85 7.34
CA ALA C 184 31.93 1.83 8.78
C ALA C 184 31.78 0.39 9.27
N GLN C 185 32.16 0.13 10.52
CA GLN C 185 32.12 -1.20 11.16
C GLN C 185 30.67 -1.69 11.22
N GLU C 186 29.70 -0.80 11.44
CA GLU C 186 28.25 -1.13 11.38
C GLU C 186 27.45 0.14 11.07
N LYS D 1 11.98 46.39 25.89
CA LYS D 1 11.88 47.68 26.71
C LYS D 1 11.25 48.76 25.78
N LEU D 2 10.48 49.71 26.33
CA LEU D 2 9.47 50.49 25.58
C LEU D 2 10.21 51.49 24.67
N THR D 3 11.29 52.13 25.16
CA THR D 3 11.86 53.35 24.58
C THR D 3 13.31 53.07 24.14
N LEU D 4 13.65 53.49 22.93
CA LEU D 4 14.99 53.39 22.32
C LEU D 4 15.53 54.80 22.18
N TRP D 5 16.71 55.12 22.72
CA TRP D 5 17.20 56.53 22.76
C TRP D 5 18.72 56.64 22.82
N THR D 6 19.22 57.84 22.58
CA THR D 6 20.58 58.32 22.93
C THR D 6 20.58 58.61 24.42
N THR D 7 21.51 58.12 25.19
CA THR D 7 21.54 58.43 26.65
C THR D 7 21.51 59.95 26.76
N LEU D 8 21.16 60.49 27.92
CA LEU D 8 21.09 61.96 28.16
C LEU D 8 22.46 62.45 28.66
N ASP D 9 23.43 61.54 28.79
CA ASP D 9 24.87 61.84 29.06
C ASP D 9 25.27 63.09 28.28
N PRO D 10 25.91 64.09 28.94
CA PRO D 10 26.22 65.38 28.29
C PRO D 10 27.26 65.31 27.17
N SER D 11 28.02 64.21 27.08
CA SER D 11 29.18 64.07 26.16
C SER D 11 28.71 63.94 24.72
N PRO D 12 29.49 64.50 23.75
CA PRO D 12 29.17 64.41 22.33
C PRO D 12 29.07 62.94 21.90
N ASN D 13 28.26 62.67 20.88
CA ASN D 13 27.87 61.29 20.50
C ASN D 13 27.68 61.14 18.99
N CYS D 14 28.01 62.15 18.19
CA CYS D 14 27.60 62.22 16.76
C CYS D 14 28.67 62.88 15.90
N ARG D 15 28.79 62.44 14.65
CA ARG D 15 29.70 63.00 13.62
C ARG D 15 28.88 63.66 12.51
N ILE D 16 29.08 64.97 12.30
CA ILE D 16 28.60 65.68 11.08
C ILE D 16 29.73 65.65 10.05
N ASP D 17 30.88 66.23 10.39
CA ASP D 17 32.12 66.21 9.55
C ASP D 17 33.19 65.38 10.25
N VAL D 18 33.22 65.44 11.58
CA VAL D 18 34.37 65.04 12.43
C VAL D 18 33.84 64.33 13.68
N ASP D 19 34.55 63.31 14.15
CA ASP D 19 34.17 62.49 15.34
C ASP D 19 33.82 63.42 16.49
N LYS D 20 32.62 63.29 17.04
CA LYS D 20 32.18 63.96 18.30
C LYS D 20 32.17 65.48 18.12
N ASP D 21 31.62 65.98 17.00
CA ASP D 21 31.46 67.44 16.77
C ASP D 21 30.03 67.85 17.15
N SER D 22 29.17 66.89 17.47
CA SER D 22 27.72 67.12 17.71
C SER D 22 27.19 66.18 18.79
N LYS D 23 26.11 66.59 19.46
CA LYS D 23 25.33 65.76 20.41
C LYS D 23 23.89 65.70 19.93
N LEU D 24 23.48 64.56 19.37
CA LEU D 24 22.09 64.26 18.99
C LEU D 24 21.36 63.69 20.21
N THR D 25 20.21 64.25 20.55
CA THR D 25 19.27 63.67 21.53
C THR D 25 18.04 63.18 20.75
N LEU D 26 17.92 61.87 20.59
CA LEU D 26 16.81 61.23 19.86
C LEU D 26 16.15 60.21 20.79
N VAL D 27 14.85 60.34 21.01
CA VAL D 27 14.05 59.39 21.82
C VAL D 27 12.95 58.81 20.94
N LEU D 28 12.97 57.50 20.74
CA LEU D 28 11.91 56.75 20.02
C LEU D 28 11.12 55.95 21.05
N THR D 29 9.88 56.33 21.30
CA THR D 29 8.96 55.62 22.21
C THR D 29 7.91 54.89 21.38
N LYS D 30 7.80 53.58 21.56
CA LYS D 30 6.84 52.72 20.84
C LYS D 30 5.48 52.82 21.54
N CYS D 31 4.49 53.40 20.86
N CYS D 31 4.49 53.41 20.86
CA CYS D 31 3.07 53.39 21.26
CA CYS D 31 3.07 53.39 21.26
C CYS D 31 2.28 52.59 20.22
C CYS D 31 2.28 52.59 20.22
N GLY D 32 2.22 51.27 20.38
CA GLY D 32 1.60 50.36 19.41
C GLY D 32 2.30 50.44 18.07
N SER D 33 1.52 50.76 17.02
CA SER D 33 1.96 50.69 15.60
C SER D 33 2.61 52.01 15.17
N GLN D 34 2.70 52.99 16.07
CA GLN D 34 3.43 54.27 15.80
C GLN D 34 4.60 54.42 16.77
N ILE D 35 5.69 55.00 16.29
CA ILE D 35 6.85 55.46 17.10
C ILE D 35 6.69 56.96 17.32
N LEU D 36 6.57 57.38 18.58
CA LEU D 36 6.61 58.79 19.00
C LEU D 36 8.07 59.20 19.15
N ALA D 37 8.52 60.14 18.33
CA ALA D 37 9.95 60.55 18.22
C ALA D 37 10.11 61.98 18.73
N ASN D 38 11.22 62.24 19.40
CA ASN D 38 11.58 63.57 19.95
C ASN D 38 13.07 63.78 19.68
N VAL D 39 13.43 64.89 19.06
CA VAL D 39 14.82 65.14 18.60
C VAL D 39 15.24 66.57 18.88
N SER D 40 16.49 66.73 19.33
CA SER D 40 17.23 68.01 19.44
C SER D 40 18.67 67.75 19.03
N LEU D 41 19.38 68.79 18.62
CA LEU D 41 20.78 68.68 18.15
C LEU D 41 21.56 69.90 18.62
N LEU D 42 22.71 69.65 19.24
CA LEU D 42 23.72 70.67 19.60
C LEU D 42 25.02 70.34 18.87
N VAL D 43 25.62 71.31 18.18
CA VAL D 43 26.99 71.19 17.61
C VAL D 43 27.98 71.79 18.62
N VAL D 44 28.99 71.01 19.03
CA VAL D 44 29.89 71.37 20.17
C VAL D 44 31.23 71.89 19.66
N LYS D 45 31.61 71.54 18.44
CA LYS D 45 32.85 72.07 17.79
C LYS D 45 32.74 71.96 16.27
N GLY D 46 33.74 72.48 15.56
CA GLY D 46 33.79 72.46 14.09
C GLY D 46 33.06 73.64 13.48
N ARG D 47 32.96 73.64 12.15
CA ARG D 47 32.55 74.81 11.34
C ARG D 47 31.10 75.19 11.61
N PHE D 48 30.26 74.27 12.11
CA PHE D 48 28.80 74.49 12.31
C PHE D 48 28.49 74.87 13.75
N GLN D 49 29.48 74.89 14.63
CA GLN D 49 29.23 75.20 16.06
C GLN D 49 28.68 76.61 16.18
N ASN D 50 29.33 77.55 15.50
CA ASN D 50 28.99 78.98 15.49
C ASN D 50 28.87 79.42 14.03
N LEU D 51 27.64 79.67 13.58
CA LEU D 51 27.34 80.03 12.17
C LEU D 51 27.63 81.51 11.99
N ASN D 52 28.51 81.87 11.06
CA ASN D 52 28.73 83.27 10.66
C ASN D 52 28.98 83.33 9.15
N TYR D 53 27.97 83.70 8.39
CA TYR D 53 27.98 83.75 6.91
C TYR D 53 28.51 85.10 6.44
N LYS D 54 28.73 86.04 7.36
CA LYS D 54 29.39 87.33 7.04
C LYS D 54 30.89 87.11 6.98
N THR D 55 31.42 86.26 7.84
CA THR D 55 32.88 86.06 8.03
C THR D 55 33.38 84.83 7.27
N ASN D 56 32.54 83.80 7.11
N ASN D 56 32.54 83.80 7.11
CA ASN D 56 32.92 82.55 6.39
CA ASN D 56 32.92 82.55 6.39
C ASN D 56 32.02 82.36 5.18
C ASN D 56 32.02 82.36 5.18
N PRO D 57 32.52 82.70 3.97
CA PRO D 57 31.72 82.63 2.76
C PRO D 57 31.59 81.20 2.19
N ASN D 58 32.43 80.29 2.65
CA ASN D 58 32.50 78.90 2.14
C ASN D 58 31.58 77.98 2.97
N LEU D 59 30.90 78.50 3.98
CA LEU D 59 30.14 77.65 4.92
C LEU D 59 28.84 77.18 4.26
N PRO D 60 28.60 75.85 4.17
CA PRO D 60 27.32 75.34 3.72
C PRO D 60 26.20 75.78 4.67
N LYS D 61 24.95 75.68 4.20
CA LYS D 61 23.74 75.90 5.01
C LYS D 61 22.95 74.61 5.08
N THR D 62 23.64 73.48 5.15
CA THR D 62 23.02 72.16 5.33
C THR D 62 24.05 71.18 5.85
N PHE D 63 23.59 70.20 6.59
CA PHE D 63 24.31 68.93 6.87
C PHE D 63 23.26 67.84 7.09
N THR D 64 23.67 66.60 6.97
CA THR D 64 22.80 65.41 7.09
C THR D 64 23.40 64.43 8.10
N ILE D 65 22.59 64.03 9.08
CA ILE D 65 22.89 62.98 10.06
C ILE D 65 22.04 61.75 9.69
N LYS D 66 22.68 60.61 9.46
CA LYS D 66 22.01 59.35 9.05
C LYS D 66 22.10 58.31 10.18
N LEU D 67 20.97 57.70 10.53
CA LEU D 67 20.89 56.46 11.32
C LEU D 67 20.58 55.31 10.36
N LEU D 68 21.53 54.39 10.20
CA LEU D 68 21.40 53.21 9.32
C LEU D 68 21.20 51.96 10.19
N PHE D 69 20.22 51.12 9.84
CA PHE D 69 19.84 49.92 10.61
C PHE D 69 19.88 48.67 9.71
N ASP D 70 20.29 47.54 10.28
CA ASP D 70 20.29 46.21 9.60
C ASP D 70 18.91 45.56 9.77
N GLU D 71 18.73 44.34 9.24
CA GLU D 71 17.40 43.66 9.14
C GLU D 71 16.81 43.44 10.54
N ASN D 72 17.64 43.54 11.60
CA ASN D 72 17.24 43.33 13.03
C ASN D 72 17.06 44.67 13.75
N GLY D 73 17.19 45.80 13.05
CA GLY D 73 17.03 47.14 13.64
C GLY D 73 18.22 47.53 14.52
N ILE D 74 19.38 46.88 14.32
CA ILE D 74 20.66 47.26 15.00
C ILE D 74 21.25 48.45 14.24
N LEU D 75 21.66 49.49 14.96
CA LEU D 75 22.35 50.67 14.41
C LEU D 75 23.73 50.25 13.90
N LYS D 76 24.09 50.66 12.69
CA LYS D 76 25.35 50.27 12.00
C LYS D 76 26.42 51.32 12.25
N ASP D 77 27.70 50.90 12.27
CA ASP D 77 28.89 51.75 12.54
C ASP D 77 28.94 52.93 11.55
N SER D 78 28.47 52.70 10.32
CA SER D 78 28.48 53.69 9.21
C SER D 78 27.53 54.84 9.53
N SER D 79 26.65 54.70 10.51
CA SER D 79 25.76 55.77 11.00
C SER D 79 26.60 56.95 11.48
N ASN D 80 26.03 58.15 11.45
CA ASN D 80 26.65 59.38 11.97
C ASN D 80 26.64 59.33 13.51
N LEU D 81 25.60 58.73 14.08
CA LEU D 81 25.45 58.56 15.55
C LEU D 81 26.36 57.41 16.01
N ASP D 82 27.15 57.66 17.05
CA ASP D 82 28.05 56.65 17.68
C ASP D 82 27.18 55.54 18.29
N LYS D 83 27.48 54.29 17.92
CA LYS D 83 26.71 53.08 18.30
C LYS D 83 26.63 52.97 19.84
N ASN D 84 27.62 53.51 20.56
CA ASN D 84 27.82 53.33 22.02
C ASN D 84 26.83 54.20 22.82
N TYR D 85 26.14 55.13 22.17
CA TYR D 85 25.25 56.12 22.82
C TYR D 85 23.81 55.85 22.40
N TRP D 86 23.49 54.60 22.05
CA TRP D 86 22.19 54.18 21.47
C TRP D 86 21.77 52.85 22.05
N ASN D 87 20.72 52.83 22.87
CA ASN D 87 20.28 51.62 23.58
C ASN D 87 18.89 51.85 24.17
N TYR D 88 18.25 50.83 24.71
CA TYR D 88 16.98 50.92 25.45
C TYR D 88 17.21 51.75 26.72
N ARG D 89 16.16 52.39 27.25
CA ARG D 89 16.22 53.23 28.49
C ARG D 89 16.05 52.33 29.73
N ASN D 90 16.68 52.68 30.84
CA ASN D 90 16.32 52.27 32.25
C ASN D 90 17.58 52.40 33.13
N GLU D 97 25.49 46.66 27.43
CA GLU D 97 25.61 45.77 26.24
C GLU D 97 24.53 46.14 25.19
N GLN D 98 24.99 46.40 23.95
CA GLN D 98 24.15 46.75 22.77
C GLN D 98 23.04 45.68 22.62
N TYR D 99 21.87 46.11 22.20
CA TYR D 99 20.61 45.34 22.09
C TYR D 99 20.70 44.31 20.96
N LYS D 100 19.65 43.49 20.81
CA LYS D 100 19.65 42.30 19.89
C LYS D 100 18.57 42.44 18.80
N ASN D 101 17.37 42.94 19.13
CA ASN D 101 16.27 43.18 18.15
C ASN D 101 15.55 44.49 18.47
N ALA D 102 15.27 45.30 17.44
CA ALA D 102 14.58 46.60 17.55
C ALA D 102 13.71 46.86 16.31
N VAL D 103 13.24 45.80 15.66
CA VAL D 103 12.44 45.89 14.40
C VAL D 103 11.11 46.59 14.69
N GLY D 104 10.65 46.56 15.94
CA GLY D 104 9.41 47.24 16.38
C GLY D 104 9.57 48.75 16.38
N PHE D 105 10.80 49.26 16.25
CA PHE D 105 11.12 50.71 16.23
C PHE D 105 11.46 51.17 14.82
N MET D 106 11.56 50.26 13.86
CA MET D 106 11.99 50.59 12.49
C MET D 106 10.84 51.17 11.70
N PRO D 107 11.12 52.10 10.77
CA PRO D 107 10.10 52.67 9.90
C PRO D 107 9.60 51.62 8.91
N ASN D 108 8.29 51.38 8.95
CA ASN D 108 7.55 50.37 8.16
C ASN D 108 7.94 50.45 6.68
N LEU D 109 8.36 49.33 6.09
CA LEU D 109 8.83 49.24 4.67
C LEU D 109 7.65 49.34 3.69
N ALA D 110 6.44 48.96 4.09
CA ALA D 110 5.23 49.06 3.26
C ALA D 110 4.80 50.52 3.17
N ALA D 111 4.81 51.23 4.30
CA ALA D 111 4.47 52.66 4.42
C ALA D 111 5.53 53.51 3.75
N TYR D 112 6.80 53.14 3.92
CA TYR D 112 8.00 53.90 3.49
C TYR D 112 8.89 52.99 2.65
N PRO D 113 8.52 52.65 1.41
CA PRO D 113 9.32 51.76 0.59
C PRO D 113 10.70 52.35 0.28
N LYS D 114 11.70 51.49 0.13
CA LYS D 114 13.03 51.85 -0.41
C LYS D 114 12.87 52.11 -1.90
N SER D 115 13.75 52.95 -2.45
CA SER D 115 13.77 53.34 -3.87
C SER D 115 14.12 52.11 -4.73
N THR D 116 13.23 51.71 -5.62
CA THR D 116 13.47 50.67 -6.66
C THR D 116 14.78 51.03 -7.40
N THR D 117 15.51 50.04 -7.87
CA THR D 117 16.78 50.26 -8.62
C THR D 117 16.56 51.40 -9.64
N THR D 118 15.48 51.29 -10.45
CA THR D 118 15.15 52.19 -11.58
C THR D 118 15.21 53.66 -11.12
N GLN D 119 14.77 53.98 -9.89
CA GLN D 119 14.57 55.38 -9.44
C GLN D 119 15.04 55.59 -8.01
N SER D 120 15.71 56.71 -7.76
CA SER D 120 16.13 57.21 -6.41
C SER D 120 15.02 58.06 -5.79
N LYS D 121 13.85 58.16 -6.46
CA LYS D 121 12.73 59.09 -6.11
C LYS D 121 11.69 58.36 -5.24
N LEU D 122 11.68 58.64 -3.93
CA LEU D 122 10.74 58.05 -2.93
C LEU D 122 9.36 58.71 -3.07
N TYR D 123 8.32 58.09 -2.53
CA TYR D 123 7.02 58.75 -2.22
C TYR D 123 7.28 59.87 -1.23
N ALA D 124 6.39 60.85 -1.20
CA ALA D 124 6.47 62.01 -0.30
C ALA D 124 6.24 61.58 1.15
N ARG D 125 5.46 60.52 1.38
CA ARG D 125 5.05 60.11 2.75
C ARG D 125 6.24 59.57 3.54
N ASN D 126 7.32 59.21 2.84
CA ASN D 126 8.62 58.80 3.44
C ASN D 126 9.23 59.97 4.21
N THR D 127 8.74 61.19 3.99
CA THR D 127 9.38 62.45 4.48
C THR D 127 8.46 63.20 5.46
N ILE D 128 9.06 63.76 6.52
CA ILE D 128 8.42 64.73 7.45
C ILE D 128 9.25 66.00 7.43
N PHE D 129 8.60 67.15 7.32
CA PHE D 129 9.23 68.47 7.45
C PHE D 129 8.82 69.08 8.78
N GLY D 130 9.75 69.74 9.44
CA GLY D 130 9.51 70.51 10.66
C GLY D 130 10.33 71.78 10.67
N ASN D 131 9.83 72.79 11.37
CA ASN D 131 10.57 74.01 11.67
C ASN D 131 11.11 73.92 13.09
N ILE D 132 12.42 74.03 13.24
CA ILE D 132 13.10 74.14 14.55
C ILE D 132 13.90 75.44 14.57
N TYR D 133 14.45 75.79 15.72
CA TYR D 133 15.01 77.13 15.97
C TYR D 133 16.31 77.01 16.75
N LEU D 134 17.27 77.86 16.41
CA LEU D 134 18.59 77.92 17.07
C LEU D 134 18.53 78.92 18.23
N ASP D 135 19.07 78.53 19.37
CA ASP D 135 19.36 79.43 20.50
C ASP D 135 18.06 79.96 21.09
N SER D 136 16.98 79.17 20.98
CA SER D 136 15.67 79.40 21.64
C SER D 136 15.03 80.69 21.13
N GLN D 137 15.29 81.08 19.88
CA GLN D 137 14.72 82.30 19.28
C GLN D 137 13.88 81.94 18.06
N ALA D 138 12.67 82.47 18.01
CA ALA D 138 11.69 82.26 16.91
C ALA D 138 12.28 82.78 15.60
N TYR D 139 13.27 83.67 15.64
CA TYR D 139 13.79 84.34 14.43
C TYR D 139 15.06 83.66 13.89
N ASN D 140 15.38 82.46 14.39
CA ASN D 140 16.48 81.63 13.87
C ASN D 140 15.94 80.30 13.36
N PRO D 141 15.07 80.29 12.34
CA PRO D 141 14.49 79.05 11.82
C PRO D 141 15.50 78.17 11.12
N VAL D 142 15.32 76.87 11.27
CA VAL D 142 16.03 75.79 10.52
C VAL D 142 14.98 74.77 10.09
N VAL D 143 15.06 74.28 8.86
CA VAL D 143 14.16 73.21 8.36
C VAL D 143 14.79 71.86 8.67
N ILE D 144 14.10 71.01 9.42
CA ILE D 144 14.50 69.58 9.60
C ILE D 144 13.67 68.74 8.63
N LYS D 145 14.34 67.97 7.79
CA LYS D 145 13.73 67.06 6.82
C LYS D 145 14.09 65.63 7.23
N ILE D 146 13.13 64.91 7.77
CA ILE D 146 13.27 63.50 8.21
C ILE D 146 12.76 62.62 7.10
N THR D 147 13.61 61.73 6.59
CA THR D 147 13.26 60.81 5.49
C THR D 147 13.56 59.37 5.95
N PHE D 148 12.63 58.45 5.70
CA PHE D 148 12.72 57.03 6.09
C PHE D 148 13.10 56.18 4.87
N ASN D 149 14.12 55.32 5.04
CA ASN D 149 14.43 54.18 4.16
C ASN D 149 14.90 54.69 2.79
N GLN D 150 15.67 55.77 2.80
CA GLN D 150 16.21 56.42 1.59
C GLN D 150 17.57 55.81 1.24
N GLU D 151 18.30 55.30 2.26
CA GLU D 151 19.70 54.82 2.10
C GLU D 151 19.65 53.36 1.63
N ALA D 152 20.38 53.07 0.55
CA ALA D 152 20.23 51.85 -0.28
C ALA D 152 20.95 50.65 0.38
N ASP D 153 22.08 50.89 1.08
CA ASP D 153 22.92 49.82 1.70
C ASP D 153 22.55 49.68 3.19
N SER D 154 21.25 49.60 3.48
CA SER D 154 20.68 49.41 4.84
C SER D 154 19.24 48.95 4.71
N ALA D 155 18.81 48.02 5.56
CA ALA D 155 17.43 47.47 5.55
C ALA D 155 16.45 48.59 5.90
N TYR D 156 16.87 49.46 6.82
CA TYR D 156 16.10 50.59 7.37
C TYR D 156 17.02 51.80 7.51
N SER D 157 16.48 53.01 7.44
CA SER D 157 17.24 54.26 7.71
C SER D 157 16.32 55.39 8.16
N ILE D 158 16.82 56.21 9.07
CA ILE D 158 16.27 57.53 9.44
C ILE D 158 17.31 58.58 9.06
N THR D 159 17.00 59.41 8.08
CA THR D 159 17.88 60.50 7.60
C THR D 159 17.36 61.83 8.15
N LEU D 160 18.20 62.57 8.88
CA LEU D 160 17.90 63.91 9.43
C LEU D 160 18.67 64.93 8.62
N ASN D 161 18.01 65.60 7.68
CA ASN D 161 18.60 66.71 6.90
C ASN D 161 18.23 68.04 7.54
N TYR D 162 19.24 68.83 7.89
CA TYR D 162 19.08 70.19 8.43
C TYR D 162 19.53 71.19 7.35
N SER D 163 18.73 72.21 7.10
CA SER D 163 19.06 73.30 6.14
C SER D 163 18.42 74.60 6.61
N TRP D 164 18.94 75.73 6.15
CA TRP D 164 18.46 77.07 6.52
C TRP D 164 18.80 78.05 5.40
N GLY D 165 18.14 79.22 5.39
CA GLY D 165 18.32 80.25 4.37
C GLY D 165 19.07 81.47 4.89
N LYS D 166 18.93 81.81 6.17
CA LYS D 166 19.37 83.11 6.72
C LYS D 166 20.89 83.16 6.75
N ASP D 167 21.47 84.34 6.50
CA ASP D 167 22.90 84.60 6.69
C ASP D 167 23.15 84.86 8.17
N TYR D 168 23.01 83.82 8.99
CA TYR D 168 23.21 83.87 10.45
C TYR D 168 24.58 84.50 10.74
N GLU D 169 24.62 85.35 11.77
CA GLU D 169 25.86 86.04 12.26
C GLU D 169 26.10 85.67 13.73
N ASN D 170 27.02 84.73 13.98
CA ASN D 170 27.42 84.23 15.32
C ASN D 170 26.22 83.64 16.04
N ILE D 171 25.53 82.72 15.39
CA ILE D 171 24.42 81.95 15.99
C ILE D 171 24.91 80.54 16.24
N PRO D 172 24.81 80.04 17.48
CA PRO D 172 25.22 78.66 17.77
C PRO D 172 24.20 77.68 17.20
N PHE D 173 24.63 76.60 16.57
CA PHE D 173 23.72 75.50 16.19
C PHE D 173 23.37 74.72 17.45
N ASP D 174 22.44 75.27 18.19
CA ASP D 174 21.86 74.69 19.42
C ASP D 174 20.34 74.70 19.24
N SER D 175 19.76 73.58 18.78
CA SER D 175 18.39 73.50 18.24
C SER D 175 17.36 73.31 19.36
N THR D 176 16.16 73.81 19.16
CA THR D 176 14.97 73.50 19.97
C THR D 176 14.52 72.06 19.66
N SER D 177 13.58 71.57 20.44
CA SER D 177 13.08 70.17 20.37
C SER D 177 11.90 70.10 19.40
N PHE D 178 11.81 69.01 18.66
CA PHE D 178 10.73 68.71 17.68
C PHE D 178 10.22 67.30 17.91
N THR D 179 8.90 67.14 17.88
CA THR D 179 8.19 65.85 18.02
C THR D 179 7.59 65.45 16.66
N PHE D 180 7.67 64.18 16.32
CA PHE D 180 7.02 63.59 15.13
C PHE D 180 6.68 62.13 15.46
N SER D 181 5.94 61.47 14.60
CA SER D 181 5.67 60.04 14.67
C SER D 181 5.86 59.40 13.30
N TYR D 182 6.05 58.09 13.27
CA TYR D 182 6.07 57.29 12.02
C TYR D 182 5.50 55.90 12.31
N ILE D 183 5.07 55.23 11.26
CA ILE D 183 4.45 53.88 11.31
C ILE D 183 5.56 52.86 11.52
N ALA D 184 5.39 51.98 12.51
CA ALA D 184 6.38 50.95 12.92
C ALA D 184 6.28 49.73 12.02
N GLN D 185 7.40 49.07 11.77
CA GLN D 185 7.50 47.87 10.90
C GLN D 185 6.67 46.73 11.50
N GLU D 186 6.63 46.62 12.83
CA GLU D 186 5.76 45.64 13.54
C GLU D 186 5.49 46.14 14.96
N LYS E 1 -0.43 54.75 31.01
CA LYS E 1 -1.76 55.07 30.40
C LYS E 1 -2.28 56.39 31.02
N LEU E 2 -1.95 56.67 32.28
CA LEU E 2 -2.61 57.71 33.10
C LEU E 2 -2.39 59.13 32.48
N THR E 3 -3.45 59.93 32.53
CA THR E 3 -3.55 61.26 31.92
C THR E 3 -3.75 62.30 33.02
N LEU E 4 -2.97 63.38 32.96
CA LEU E 4 -3.04 64.53 33.88
C LEU E 4 -3.52 65.73 33.04
N TRP E 5 -4.61 66.39 33.44
CA TRP E 5 -5.24 67.42 32.57
C TRP E 5 -6.01 68.47 33.36
N THR E 6 -6.34 69.55 32.69
CA THR E 6 -7.40 70.53 33.06
C THR E 6 -8.74 69.90 32.70
N THR E 7 -9.71 69.86 33.58
CA THR E 7 -11.04 69.30 33.22
C THR E 7 -11.49 70.00 31.95
N LEU E 8 -12.44 69.45 31.23
CA LEU E 8 -12.99 70.05 29.97
C LEU E 8 -14.16 70.99 30.32
N ASP E 9 -14.49 71.09 31.61
CA ASP E 9 -15.47 72.06 32.18
C ASP E 9 -15.32 73.39 31.45
N PRO E 10 -16.44 74.00 30.97
CA PRO E 10 -16.37 75.24 30.17
C PRO E 10 -15.88 76.48 30.92
N SER E 11 -15.88 76.45 32.26
CA SER E 11 -15.59 77.62 33.13
C SER E 11 -14.11 78.01 33.07
N PRO E 12 -13.82 79.32 33.15
CA PRO E 12 -12.44 79.81 33.17
C PRO E 12 -11.66 79.19 34.33
N ASN E 13 -10.34 79.04 34.15
CA ASN E 13 -9.48 78.25 35.06
C ASN E 13 -8.06 78.84 35.17
N CYS E 14 -7.80 80.02 34.61
CA CYS E 14 -6.42 80.52 34.40
C CYS E 14 -6.36 82.04 34.54
N ARG E 15 -5.23 82.55 35.05
CA ARG E 15 -4.91 83.99 35.19
C ARG E 15 -3.78 84.37 34.24
N ILE E 16 -4.03 85.29 33.31
CA ILE E 16 -2.97 85.98 32.54
C ILE E 16 -2.61 87.27 33.28
N ASP E 17 -3.56 88.17 33.46
CA ASP E 17 -3.41 89.42 34.26
C ASP E 17 -4.27 89.34 35.53
N VAL E 18 -5.43 88.70 35.42
CA VAL E 18 -6.55 88.80 36.38
C VAL E 18 -7.18 87.42 36.55
N ASP E 19 -7.62 87.08 37.77
CA ASP E 19 -8.25 85.78 38.10
C ASP E 19 -9.33 85.46 37.06
N LYS E 20 -9.22 84.29 36.43
CA LYS E 20 -10.26 83.69 35.56
C LYS E 20 -10.50 84.58 34.33
N ASP E 21 -9.44 85.06 33.68
CA ASP E 21 -9.56 85.84 32.41
C ASP E 21 -9.33 84.91 31.22
N SER E 22 -8.97 83.65 31.48
CA SER E 22 -8.58 82.69 30.43
C SER E 22 -9.00 81.27 30.82
N LYS E 23 -9.19 80.40 29.82
CA LYS E 23 -9.41 78.95 29.97
C LYS E 23 -8.31 78.19 29.20
N LEU E 24 -7.36 77.64 29.93
CA LEU E 24 -6.30 76.74 29.39
C LEU E 24 -6.85 75.32 29.35
N THR E 25 -6.74 74.66 28.21
CA THR E 25 -6.99 73.21 28.06
C THR E 25 -5.64 72.54 27.80
N LEU E 26 -5.10 71.85 28.80
CA LEU E 26 -3.81 71.14 28.73
C LEU E 26 -4.04 69.69 29.11
N VAL E 27 -3.66 68.77 28.24
CA VAL E 27 -3.74 67.31 28.47
C VAL E 27 -2.33 66.73 28.36
N LEU E 28 -1.83 66.15 29.45
CA LEU E 28 -0.55 65.43 29.49
C LEU E 28 -0.86 63.93 29.61
N THR E 29 -0.60 63.18 28.57
CA THR E 29 -0.77 61.70 28.55
C THR E 29 0.60 61.05 28.59
N LYS E 30 0.84 60.20 29.57
CA LYS E 30 2.11 59.46 29.74
C LYS E 30 2.12 58.24 28.82
N CYS E 31 3.00 58.24 27.83
N CYS E 31 3.00 58.23 27.83
CA CYS E 31 3.31 57.07 26.97
CA CYS E 31 3.31 57.07 26.96
C CYS E 31 4.76 56.66 27.22
C CYS E 31 4.76 56.67 27.21
N GLY E 32 4.99 55.83 28.23
CA GLY E 32 6.34 55.43 28.67
C GLY E 32 7.13 56.65 29.12
N SER E 33 8.29 56.86 28.51
CA SER E 33 9.31 57.86 28.92
C SER E 33 9.05 59.21 28.26
N GLN E 34 7.99 59.32 27.45
CA GLN E 34 7.57 60.62 26.85
C GLN E 34 6.16 60.99 27.33
N ILE E 35 5.93 62.28 27.52
CA ILE E 35 4.58 62.87 27.76
C ILE E 35 4.07 63.42 26.44
N LEU E 36 2.93 62.90 25.96
CA LEU E 36 2.20 63.45 24.81
C LEU E 36 1.29 64.57 25.32
N ALA E 37 1.54 65.80 24.88
CA ALA E 37 0.87 67.03 25.37
C ALA E 37 -0.02 67.61 24.28
N ASN E 38 -1.16 68.16 24.67
CA ASN E 38 -2.14 68.82 23.77
C ASN E 38 -2.61 70.08 24.49
N VAL E 39 -2.53 71.23 23.85
CA VAL E 39 -2.84 72.53 24.48
C VAL E 39 -3.66 73.43 23.53
N SER E 40 -4.65 74.10 24.10
CA SER E 40 -5.43 75.20 23.49
C SER E 40 -5.70 76.25 24.57
N LEU E 41 -5.95 77.48 24.17
CA LEU E 41 -6.17 78.61 25.09
C LEU E 41 -7.26 79.53 24.53
N LEU E 42 -8.24 79.85 25.37
CA LEU E 42 -9.29 80.85 25.12
C LEU E 42 -9.17 81.94 26.19
N VAL E 43 -9.14 83.22 25.79
CA VAL E 43 -9.23 84.38 26.72
C VAL E 43 -10.70 84.82 26.75
N VAL E 44 -11.30 84.87 27.94
CA VAL E 44 -12.78 85.06 28.10
C VAL E 44 -13.09 86.51 28.48
N LYS E 45 -12.13 87.23 29.07
CA LYS E 45 -12.30 88.67 29.40
C LYS E 45 -10.91 89.32 29.53
N GLY E 46 -10.89 90.64 29.75
CA GLY E 46 -9.67 91.44 29.89
C GLY E 46 -9.14 91.90 28.55
N ARG E 47 -7.98 92.53 28.56
CA ARG E 47 -7.41 93.30 27.43
C ARG E 47 -7.07 92.38 26.25
N PHE E 48 -6.87 91.07 26.50
CA PHE E 48 -6.43 90.10 25.45
C PHE E 48 -7.61 89.33 24.87
N GLN E 49 -8.82 89.56 25.36
CA GLN E 49 -10.00 88.81 24.88
C GLN E 49 -10.22 89.11 23.40
N ASN E 50 -10.19 90.38 23.06
CA ASN E 50 -10.42 90.91 21.70
C ASN E 50 -9.24 91.83 21.35
N LEU E 51 -8.36 91.37 20.46
CA LEU E 51 -7.13 92.08 20.08
C LEU E 51 -7.48 93.14 19.05
N ASN E 52 -7.19 94.40 19.33
CA ASN E 52 -7.32 95.49 18.36
C ASN E 52 -6.19 96.50 18.56
N TYR E 53 -5.17 96.41 17.71
CA TYR E 53 -3.94 97.23 17.78
C TYR E 53 -4.15 98.53 17.03
N LYS E 54 -5.28 98.69 16.33
CA LYS E 54 -5.66 99.98 15.69
C LYS E 54 -6.25 100.90 16.75
N THR E 55 -6.99 100.35 17.70
CA THR E 55 -7.77 101.11 18.70
C THR E 55 -7.02 101.21 20.03
N ASN E 56 -6.22 100.20 20.40
N ASN E 56 -6.22 100.20 20.40
CA ASN E 56 -5.45 100.19 21.66
CA ASN E 56 -5.45 100.19 21.67
C ASN E 56 -3.96 100.13 21.35
C ASN E 56 -3.96 100.13 21.35
N PRO E 57 -3.25 101.28 21.43
CA PRO E 57 -1.84 101.34 21.07
C PRO E 57 -0.91 100.81 22.18
N ASN E 58 -1.43 100.68 23.39
CA ASN E 58 -0.66 100.27 24.59
C ASN E 58 -0.69 98.74 24.77
N LEU E 59 -1.37 98.00 23.89
CA LEU E 59 -1.60 96.56 24.10
C LEU E 59 -0.33 95.77 23.77
N PRO E 60 0.20 94.98 24.73
CA PRO E 60 1.30 94.07 24.42
C PRO E 60 0.89 93.05 23.36
N LYS E 61 1.88 92.39 22.76
CA LYS E 61 1.68 91.28 21.81
C LYS E 61 2.32 90.03 22.39
N THR E 62 2.26 89.87 23.70
CA THR E 62 2.75 88.67 24.41
C THR E 62 2.09 88.59 25.78
N PHE E 63 1.94 87.37 26.27
CA PHE E 63 1.69 87.05 27.68
C PHE E 63 2.28 85.65 27.95
N THR E 64 2.51 85.33 29.22
CA THR E 64 3.12 84.06 29.65
C THR E 64 2.25 83.41 30.72
N ILE E 65 1.89 82.16 30.51
CA ILE E 65 1.21 81.28 31.49
C ILE E 65 2.23 80.27 32.00
N LYS E 66 2.44 80.21 33.32
CA LYS E 66 3.41 79.31 33.98
C LYS E 66 2.69 78.25 34.80
N LEU E 67 3.06 76.98 34.60
CA LEU E 67 2.74 75.86 35.52
C LEU E 67 4.00 75.54 36.33
N LEU E 68 3.95 75.77 37.64
CA LEU E 68 5.06 75.54 38.59
C LEU E 68 4.75 74.29 39.42
N PHE E 69 5.71 73.37 39.54
CA PHE E 69 5.56 72.08 40.24
C PHE E 69 6.63 71.93 41.34
N ASP E 70 6.26 71.31 42.47
CA ASP E 70 7.18 70.99 43.60
C ASP E 70 7.84 69.62 43.30
N GLU E 71 8.69 69.15 44.22
CA GLU E 71 9.57 67.96 44.03
C GLU E 71 8.71 66.71 43.74
N ASN E 72 7.41 66.74 44.08
CA ASN E 72 6.44 65.62 43.91
C ASN E 72 5.57 65.81 42.66
N GLY E 73 5.80 66.87 41.88
CA GLY E 73 5.02 67.15 40.66
C GLY E 73 3.62 67.69 40.98
N ILE E 74 3.43 68.21 42.19
CA ILE E 74 2.17 68.93 42.59
C ILE E 74 2.22 70.34 42.02
N LEU E 75 1.14 70.78 41.38
CA LEU E 75 0.99 72.17 40.86
C LEU E 75 0.90 73.12 42.04
N LYS E 76 1.65 74.21 42.00
CA LYS E 76 1.75 75.21 43.11
C LYS E 76 0.77 76.36 42.86
N ASP E 77 0.28 76.97 43.94
CA ASP E 77 -0.72 78.08 43.92
C ASP E 77 -0.21 79.25 43.07
N SER E 78 1.11 79.47 43.06
CA SER E 78 1.79 80.58 42.35
C SER E 78 1.67 80.39 40.83
N SER E 79 1.27 79.20 40.38
CA SER E 79 0.98 78.92 38.94
C SER E 79 -0.12 79.86 38.45
N ASN E 80 -0.14 80.12 37.16
CA ASN E 80 -1.20 80.91 36.48
C ASN E 80 -2.47 80.06 36.41
N LEU E 81 -2.32 78.75 36.25
CA LEU E 81 -3.45 77.79 36.21
C LEU E 81 -3.97 77.56 37.64
N ASP E 82 -5.27 77.67 37.84
CA ASP E 82 -5.97 77.42 39.12
C ASP E 82 -5.79 75.94 39.49
N LYS E 83 -5.31 75.67 40.69
CA LYS E 83 -4.97 74.32 41.21
C LYS E 83 -6.21 73.40 41.13
N ASN E 84 -7.42 73.97 41.23
CA ASN E 84 -8.71 73.24 41.37
C ASN E 84 -9.14 72.62 40.05
N TYR E 85 -8.51 72.99 38.94
CA TYR E 85 -8.90 72.57 37.57
C TYR E 85 -7.81 71.67 36.99
N TRP E 86 -7.05 70.98 37.84
CA TRP E 86 -5.84 70.21 37.46
C TRP E 86 -5.80 68.93 38.26
N ASN E 87 -6.00 67.78 37.62
CA ASN E 87 -6.09 66.47 38.29
C ASN E 87 -6.01 65.36 37.24
N TYR E 88 -5.91 64.10 37.69
CA TYR E 88 -5.97 62.91 36.81
C TYR E 88 -7.38 62.83 36.19
N ARG E 89 -7.50 62.18 35.03
CA ARG E 89 -8.78 62.03 34.28
C ARG E 89 -9.59 60.83 34.82
N ASN E 90 -10.93 60.93 34.76
CA ASN E 90 -11.88 59.78 34.83
C ASN E 90 -13.31 60.33 34.65
N GLN E 98 -7.40 65.79 45.41
CA GLN E 98 -6.18 66.34 44.76
C GLN E 98 -5.08 65.30 44.85
N TYR E 99 -4.25 65.19 43.79
CA TYR E 99 -3.31 64.06 43.61
C TYR E 99 -2.11 64.21 44.57
N LYS E 100 -1.28 63.18 44.64
CA LYS E 100 -0.20 63.04 45.66
C LYS E 100 1.18 62.97 45.01
N ASN E 101 1.34 62.24 43.89
CA ASN E 101 2.61 62.16 43.12
C ASN E 101 2.33 62.20 41.62
N ALA E 102 3.10 63.00 40.87
CA ALA E 102 2.98 63.17 39.41
C ALA E 102 4.36 63.40 38.78
N VAL E 103 5.42 62.86 39.40
CA VAL E 103 6.83 63.05 38.95
C VAL E 103 7.00 62.37 37.58
N GLY E 104 6.16 61.39 37.26
CA GLY E 104 6.17 60.69 35.96
C GLY E 104 5.69 61.58 34.82
N PHE E 105 5.11 62.73 35.14
CA PHE E 105 4.60 63.72 34.15
C PHE E 105 5.51 64.94 34.07
N MET E 106 6.51 65.03 34.93
CA MET E 106 7.39 66.22 34.99
C MET E 106 8.45 66.16 33.89
N PRO E 107 8.86 67.33 33.36
CA PRO E 107 9.92 67.39 32.37
C PRO E 107 11.27 67.02 32.99
N ASN E 108 11.90 65.99 32.42
CA ASN E 108 13.18 65.39 32.86
C ASN E 108 14.23 66.47 33.13
N LEU E 109 14.82 66.47 34.32
CA LEU E 109 15.83 67.48 34.76
C LEU E 109 17.18 67.27 34.07
N ALA E 110 17.49 66.05 33.63
CA ALA E 110 18.74 65.73 32.90
C ALA E 110 18.63 66.25 31.48
N ALA E 111 17.49 66.02 30.83
CA ALA E 111 17.17 66.48 29.46
C ALA E 111 17.03 68.00 29.44
N TYR E 112 16.38 68.56 30.47
CA TYR E 112 16.01 69.99 30.58
C TYR E 112 16.52 70.55 31.90
N PRO E 113 17.84 70.78 32.05
CA PRO E 113 18.41 71.29 33.29
C PRO E 113 17.88 72.68 33.63
N LYS E 114 17.75 72.97 34.93
CA LYS E 114 17.51 74.32 35.45
C LYS E 114 18.76 75.16 35.24
N SER E 115 18.58 76.47 35.10
CA SER E 115 19.69 77.45 34.96
C SER E 115 20.43 77.53 36.28
N THR E 116 21.73 77.14 36.31
CA THR E 116 22.61 77.31 37.50
C THR E 116 23.45 78.50 37.12
N THR E 117 23.49 79.59 37.91
CA THR E 117 24.08 80.91 37.50
C THR E 117 24.00 81.08 35.99
N THR E 118 25.13 81.28 35.26
CA THR E 118 25.24 81.47 33.79
C THR E 118 24.05 82.29 33.24
N GLN E 119 23.75 83.38 33.93
CA GLN E 119 22.78 84.45 33.53
C GLN E 119 21.42 83.97 33.06
N SER E 120 20.89 82.83 33.53
CA SER E 120 19.48 82.40 33.32
C SER E 120 19.29 81.73 31.93
N LYS E 121 20.43 81.39 31.30
CA LYS E 121 20.51 80.91 29.87
C LYS E 121 20.48 79.36 29.82
N LEU E 122 19.33 78.81 29.44
CA LEU E 122 19.07 77.34 29.31
C LEU E 122 19.68 76.86 27.98
N TYR E 123 19.83 75.55 27.84
CA TYR E 123 20.01 74.88 26.51
C TYR E 123 18.77 75.13 25.68
N ALA E 124 18.91 75.04 24.38
CA ALA E 124 17.81 75.25 23.40
C ALA E 124 16.80 74.10 23.51
N ARG E 125 17.24 72.90 23.89
CA ARG E 125 16.35 71.69 23.86
C ARG E 125 15.29 71.78 24.96
N ASN E 126 15.48 72.68 25.94
CA ASN E 126 14.48 73.01 27.00
C ASN E 126 13.24 73.64 26.35
N THR E 127 13.33 74.07 25.08
CA THR E 127 12.29 74.88 24.40
C THR E 127 11.68 74.15 23.20
N ILE E 128 10.37 74.28 23.01
CA ILE E 128 9.63 73.86 21.79
C ILE E 128 8.91 75.08 21.24
N PHE E 129 9.00 75.32 19.95
CA PHE E 129 8.24 76.37 19.23
C PHE E 129 7.14 75.70 18.41
N GLY E 130 5.97 76.32 18.40
CA GLY E 130 4.86 75.93 17.55
C GLY E 130 4.12 77.12 17.00
N ASN E 131 3.51 76.96 15.85
CA ASN E 131 2.58 77.96 15.26
C ASN E 131 1.16 77.51 15.56
N ILE E 132 0.40 78.36 16.22
CA ILE E 132 -1.05 78.18 16.44
C ILE E 132 -1.78 79.39 15.85
N TYR E 133 -3.10 79.35 15.82
CA TYR E 133 -3.91 80.29 15.04
C TYR E 133 -5.15 80.69 15.84
N LEU E 134 -5.54 81.96 15.74
CA LEU E 134 -6.72 82.53 16.42
C LEU E 134 -7.93 82.40 15.50
N ASP E 135 -9.05 81.96 16.05
CA ASP E 135 -10.39 82.00 15.42
C ASP E 135 -10.41 81.10 14.19
N SER E 136 -9.60 80.04 14.22
CA SER E 136 -9.60 78.93 13.21
C SER E 136 -9.21 79.44 11.83
N GLN E 137 -8.39 80.49 11.76
CA GLN E 137 -7.93 81.06 10.46
C GLN E 137 -6.42 80.96 10.34
N ALA E 138 -5.95 80.42 9.21
CA ALA E 138 -4.53 80.24 8.89
C ALA E 138 -3.81 81.60 8.91
N TYR E 139 -4.53 82.71 8.75
CA TYR E 139 -3.91 84.06 8.59
C TYR E 139 -3.87 84.82 9.91
N ASN E 140 -4.13 84.15 11.03
CA ASN E 140 -3.99 84.73 12.40
C ASN E 140 -2.97 83.93 13.20
N PRO E 141 -1.69 83.88 12.77
CA PRO E 141 -0.66 83.13 13.48
C PRO E 141 -0.32 83.72 14.84
N VAL E 142 -0.02 82.84 15.78
CA VAL E 142 0.56 83.13 17.10
C VAL E 142 1.68 82.11 17.34
N VAL E 143 2.82 82.56 17.86
CA VAL E 143 3.95 81.67 18.21
C VAL E 143 3.77 81.23 19.66
N ILE E 144 3.68 79.92 19.91
CA ILE E 144 3.72 79.36 21.28
C ILE E 144 5.14 78.85 21.54
N LYS E 145 5.75 79.36 22.59
CA LYS E 145 7.10 78.96 23.03
C LYS E 145 6.97 78.26 24.37
N ILE E 146 7.14 76.94 24.36
CA ILE E 146 7.06 76.08 25.56
C ILE E 146 8.48 75.86 26.06
N THR E 147 8.74 76.22 27.31
CA THR E 147 10.08 76.09 27.94
C THR E 147 9.93 75.30 29.24
N PHE E 148 10.81 74.33 29.46
CA PHE E 148 10.80 73.42 30.64
C PHE E 148 11.88 73.86 31.63
N ASN E 149 11.49 74.00 32.91
CA ASN E 149 12.40 74.08 34.08
C ASN E 149 13.20 75.38 34.02
N GLN E 150 12.56 76.45 33.60
CA GLN E 150 13.16 77.79 33.47
C GLN E 150 12.99 78.56 34.78
N GLU E 151 11.93 78.25 35.55
CA GLU E 151 11.54 79.02 36.77
C GLU E 151 12.35 78.49 37.96
N ALA E 152 12.99 79.40 38.69
CA ALA E 152 14.08 79.11 39.65
C ALA E 152 13.51 78.62 40.99
N ASP E 153 12.35 79.14 41.43
CA ASP E 153 11.71 78.78 42.73
C ASP E 153 10.66 77.67 42.52
N SER E 154 11.03 76.62 41.82
CA SER E 154 10.19 75.43 41.54
C SER E 154 11.08 74.28 41.08
N ALA E 155 10.82 73.06 41.53
CA ALA E 155 11.60 71.85 41.16
C ALA E 155 11.46 71.61 39.66
N TYR E 156 10.25 71.86 39.15
CA TYR E 156 9.85 71.64 37.74
C TYR E 156 8.98 72.81 37.29
N SER E 157 8.96 73.11 35.99
CA SER E 157 8.07 74.14 35.41
C SER E 157 7.80 73.87 33.92
N ILE E 158 6.58 74.16 33.49
CA ILE E 158 6.19 74.30 32.07
C ILE E 158 5.75 75.74 31.86
N THR E 159 6.51 76.50 31.07
CA THR E 159 6.23 77.91 30.73
C THR E 159 5.66 77.97 29.30
N LEU E 160 4.46 78.54 29.15
CA LEU E 160 3.80 78.75 27.84
C LEU E 160 3.86 80.24 27.52
N ASN E 161 4.78 80.64 26.66
CA ASN E 161 4.89 82.02 26.17
C ASN E 161 4.17 82.14 24.83
N TYR E 162 3.19 83.04 24.75
CA TYR E 162 2.45 83.37 23.52
C TYR E 162 2.89 84.76 23.05
N SER E 163 3.20 84.89 21.76
CA SER E 163 3.57 86.18 21.12
C SER E 163 3.11 86.17 19.67
N TRP E 164 2.96 87.37 19.08
CA TRP E 164 2.51 87.54 17.69
C TRP E 164 3.02 88.86 17.13
N GLY E 165 3.01 89.02 15.81
CA GLY E 165 3.54 90.22 15.14
C GLY E 165 2.45 91.10 14.55
N LYS E 166 1.35 90.51 14.10
CA LYS E 166 0.32 91.20 13.30
C LYS E 166 -0.42 92.22 14.15
N ASP E 167 -0.78 93.35 13.53
CA ASP E 167 -1.65 94.37 14.14
C ASP E 167 -3.10 93.88 13.98
N TYR E 168 -3.46 92.82 14.70
CA TYR E 168 -4.80 92.21 14.66
C TYR E 168 -5.85 93.30 14.92
N GLU E 169 -6.97 93.24 14.19
CA GLU E 169 -8.11 94.17 14.34
C GLU E 169 -9.38 93.37 14.70
N ASN E 170 -9.75 93.36 15.99
CA ASN E 170 -10.95 92.67 16.54
C ASN E 170 -10.86 91.18 16.28
N ILE E 171 -9.74 90.57 16.66
CA ILE E 171 -9.53 89.11 16.59
C ILE E 171 -9.60 88.58 18.01
N PRO E 172 -10.49 87.60 18.30
CA PRO E 172 -10.56 87.02 19.63
C PRO E 172 -9.35 86.10 19.86
N PHE E 173 -8.72 86.17 21.03
CA PHE E 173 -7.68 85.18 21.41
C PHE E 173 -8.37 83.87 21.75
N ASP E 174 -8.71 83.13 20.72
CA ASP E 174 -9.35 81.81 20.78
C ASP E 174 -8.50 80.88 19.91
N SER E 175 -7.55 80.16 20.50
CA SER E 175 -6.43 79.47 19.79
C SER E 175 -6.85 78.09 19.30
N THR E 176 -6.27 77.66 18.20
CA THR E 176 -6.33 76.26 17.71
C THR E 176 -5.46 75.39 18.63
N SER E 177 -5.56 74.08 18.44
CA SER E 177 -4.89 73.07 19.29
C SER E 177 -3.51 72.76 18.72
N PHE E 178 -2.55 72.51 19.59
CA PHE E 178 -1.16 72.14 19.25
C PHE E 178 -0.75 70.92 20.09
N THR E 179 -0.10 69.97 19.44
CA THR E 179 0.44 68.73 20.07
C THR E 179 1.98 68.82 20.12
N PHE E 180 2.56 68.40 21.23
CA PHE E 180 4.02 68.27 21.39
C PHE E 180 4.29 67.11 22.36
N SER E 181 5.54 66.73 22.51
CA SER E 181 5.98 65.75 23.53
C SER E 181 7.21 66.28 24.24
N TYR E 182 7.51 65.74 25.41
CA TYR E 182 8.76 65.98 26.14
C TYR E 182 9.15 64.73 26.91
N ILE E 183 10.42 64.64 27.27
CA ILE E 183 11.01 63.48 27.99
C ILE E 183 10.60 63.58 29.46
N ALA E 184 10.06 62.49 30.01
CA ALA E 184 9.52 62.42 31.38
C ALA E 184 10.65 62.17 32.37
N GLN E 185 10.53 62.72 33.59
CA GLN E 185 11.53 62.61 34.67
C GLN E 185 11.70 61.14 35.07
N GLU E 186 10.63 60.36 35.06
CA GLU E 186 10.68 58.89 35.29
C GLU E 186 9.47 58.22 34.62
N LYS F 1 -3.67 50.39 23.19
CA LYS F 1 -2.59 49.99 22.24
C LYS F 1 -3.17 49.95 20.81
N LEU F 2 -4.48 49.64 20.69
CA LEU F 2 -5.13 49.30 19.41
C LEU F 2 -5.09 50.51 18.43
N THR F 3 -4.86 50.20 17.17
CA THR F 3 -4.65 51.16 16.08
C THR F 3 -5.76 50.98 15.03
N LEU F 4 -6.36 52.09 14.62
CA LEU F 4 -7.41 52.15 13.58
C LEU F 4 -6.80 52.89 12.38
N TRP F 5 -6.81 52.31 11.18
CA TRP F 5 -6.07 52.89 10.02
C TRP F 5 -6.66 52.49 8.68
N THR F 6 -6.23 53.18 7.64
CA THR F 6 -6.33 52.78 6.22
C THR F 6 -5.27 51.73 5.97
N THR F 7 -5.58 50.59 5.38
CA THR F 7 -4.55 49.57 5.10
C THR F 7 -3.45 50.29 4.30
N LEU F 8 -2.26 49.72 4.24
CA LEU F 8 -1.10 50.30 3.49
C LEU F 8 -1.12 49.81 2.05
N ASP F 9 -2.11 48.97 1.70
CA ASP F 9 -2.41 48.51 0.32
C ASP F 9 -2.20 49.68 -0.64
N PRO F 10 -1.44 49.48 -1.76
CA PRO F 10 -1.10 50.57 -2.67
C PRO F 10 -2.27 51.20 -3.44
N SER F 11 -3.43 50.53 -3.49
CA SER F 11 -4.60 50.91 -4.33
C SER F 11 -5.29 52.16 -3.77
N PRO F 12 -5.83 53.02 -4.66
CA PRO F 12 -6.59 54.20 -4.25
C PRO F 12 -7.76 53.82 -3.36
N ASN F 13 -8.18 54.71 -2.47
CA ASN F 13 -9.13 54.39 -1.37
C ASN F 13 -10.04 55.60 -1.03
N CYS F 14 -9.98 56.69 -1.80
CA CYS F 14 -10.57 57.98 -1.39
C CYS F 14 -11.12 58.75 -2.59
N ARG F 15 -12.21 59.51 -2.37
CA ARG F 15 -12.85 60.40 -3.37
C ARG F 15 -12.68 61.85 -2.95
N ILE F 16 -12.03 62.66 -3.79
CA ILE F 16 -12.04 64.14 -3.67
C ILE F 16 -13.18 64.67 -4.55
N ASP F 17 -13.12 64.40 -5.85
CA ASP F 17 -14.20 64.75 -6.82
C ASP F 17 -14.85 63.46 -7.34
N VAL F 18 -14.05 62.41 -7.50
CA VAL F 18 -14.37 61.21 -8.31
C VAL F 18 -13.86 59.96 -7.57
N ASP F 19 -14.61 58.86 -7.64
CA ASP F 19 -14.27 57.58 -6.98
C ASP F 19 -12.81 57.23 -7.27
N LYS F 20 -12.02 57.01 -6.21
CA LYS F 20 -10.64 56.46 -6.28
C LYS F 20 -9.72 57.41 -7.07
N ASP F 21 -9.78 58.71 -6.79
CA ASP F 21 -8.86 59.71 -7.41
C ASP F 21 -7.71 60.00 -6.45
N SER F 22 -7.75 59.46 -5.23
CA SER F 22 -6.80 59.76 -4.15
C SER F 22 -6.55 58.52 -3.27
N LYS F 23 -5.40 58.48 -2.61
CA LYS F 23 -5.05 57.50 -1.56
C LYS F 23 -4.70 58.24 -0.27
N LEU F 24 -5.61 58.20 0.70
CA LEU F 24 -5.38 58.70 2.07
C LEU F 24 -4.71 57.61 2.90
N THR F 25 -3.61 57.93 3.55
CA THR F 25 -2.98 57.09 4.60
C THR F 25 -3.21 57.78 5.94
N LEU F 26 -4.12 57.25 6.74
CA LEU F 26 -4.47 57.80 8.08
C LEU F 26 -4.30 56.69 9.10
N VAL F 27 -3.50 56.92 10.13
CA VAL F 27 -3.27 55.98 11.24
C VAL F 27 -3.66 56.68 12.54
N LEU F 28 -4.65 56.15 13.24
CA LEU F 28 -5.09 56.62 14.58
C LEU F 28 -4.65 55.57 15.60
N THR F 29 -3.68 55.91 16.43
CA THR F 29 -3.20 55.03 17.52
C THR F 29 -3.69 55.58 18.85
N LYS F 30 -4.40 54.77 19.63
CA LYS F 30 -4.93 55.16 20.95
C LYS F 30 -3.83 55.02 22.00
N CYS F 31 -3.39 56.14 22.58
N CYS F 31 -3.39 56.14 22.57
CA CYS F 31 -2.50 56.19 23.76
CA CYS F 31 -2.50 56.19 23.76
C CYS F 31 -3.27 56.82 24.92
C CYS F 31 -3.27 56.82 24.92
N GLY F 32 -4.03 56.00 25.65
CA GLY F 32 -4.90 56.46 26.73
C GLY F 32 -5.97 57.40 26.21
N SER F 33 -6.02 58.61 26.75
CA SER F 33 -7.09 59.61 26.53
C SER F 33 -6.79 60.48 25.29
N GLN F 34 -5.66 60.25 24.63
CA GLN F 34 -5.31 60.96 23.37
C GLN F 34 -5.17 59.96 22.23
N ILE F 35 -5.56 60.35 21.03
CA ILE F 35 -5.31 59.64 19.76
C ILE F 35 -4.10 60.27 19.09
N LEU F 36 -3.04 59.51 18.88
CA LEU F 36 -1.87 59.91 18.07
C LEU F 36 -2.19 59.60 16.61
N ALA F 37 -2.26 60.65 15.78
CA ALA F 37 -2.70 60.58 14.36
C ALA F 37 -1.52 60.86 13.44
N ASN F 38 -1.47 60.18 12.31
CA ASN F 38 -0.43 60.33 11.26
C ASN F 38 -1.15 60.27 9.92
N VAL F 39 -0.94 61.27 9.06
CA VAL F 39 -1.68 61.40 7.78
C VAL F 39 -0.73 61.81 6.64
N SER F 40 -0.93 61.19 5.47
CA SER F 40 -0.35 61.57 4.17
C SER F 40 -1.44 61.40 3.11
N LEU F 41 -1.32 62.09 1.99
CA LEU F 41 -2.30 62.06 0.90
C LEU F 41 -1.59 62.11 -0.45
N LEU F 42 -1.93 61.18 -1.33
CA LEU F 42 -1.49 61.14 -2.74
C LEU F 42 -2.75 61.22 -3.62
N VAL F 43 -2.77 62.14 -4.60
CA VAL F 43 -3.81 62.18 -5.66
C VAL F 43 -3.28 61.42 -6.88
N VAL F 44 -4.02 60.42 -7.36
CA VAL F 44 -3.53 59.46 -8.39
C VAL F 44 -4.09 59.80 -9.77
N LYS F 45 -5.22 60.51 -9.82
CA LYS F 45 -5.82 60.98 -11.11
C LYS F 45 -6.73 62.18 -10.84
N GLY F 46 -7.27 62.76 -11.92
CA GLY F 46 -8.15 63.94 -11.85
C GLY F 46 -7.36 65.23 -11.83
N ARG F 47 -8.06 66.34 -11.68
CA ARG F 47 -7.57 67.72 -11.87
C ARG F 47 -6.51 68.08 -10.83
N PHE F 48 -6.46 67.40 -9.67
CA PHE F 48 -5.53 67.75 -8.57
C PHE F 48 -4.29 66.85 -8.59
N GLN F 49 -4.22 65.90 -9.50
CA GLN F 49 -3.06 64.98 -9.56
C GLN F 49 -1.80 65.78 -9.85
N ASN F 50 -1.89 66.65 -10.86
CA ASN F 50 -0.78 67.51 -11.32
C ASN F 50 -1.27 68.95 -11.33
N LEU F 51 -0.80 69.76 -10.39
CA LEU F 51 -1.23 71.17 -10.23
C LEU F 51 -0.47 72.02 -11.23
N ASN F 52 -1.18 72.73 -12.10
CA ASN F 52 -0.58 73.73 -13.01
C ASN F 52 -1.54 74.91 -13.16
N TYR F 53 -1.27 76.00 -12.44
CA TYR F 53 -2.10 77.21 -12.38
C TYR F 53 -1.72 78.15 -13.52
N LYS F 54 -0.65 77.85 -14.26
CA LYS F 54 -0.29 78.60 -15.49
C LYS F 54 -1.16 78.15 -16.64
N THR F 55 -1.48 76.86 -16.69
CA THR F 55 -2.17 76.22 -17.85
C THR F 55 -3.66 76.05 -17.56
N ASN F 56 -4.06 75.85 -16.29
CA ASN F 56 -5.49 75.70 -15.91
C ASN F 56 -5.89 76.83 -14.95
N PRO F 57 -6.57 77.86 -15.46
CA PRO F 57 -6.92 79.01 -14.64
C PRO F 57 -8.15 78.77 -13.72
N ASN F 58 -8.92 77.71 -14.02
CA ASN F 58 -10.17 77.38 -13.32
C ASN F 58 -9.89 76.41 -12.15
N LEU F 59 -8.66 76.05 -11.89
CA LEU F 59 -8.34 75.04 -10.86
C LEU F 59 -8.44 75.67 -9.47
N PRO F 60 -9.27 75.11 -8.57
CA PRO F 60 -9.28 75.53 -7.18
C PRO F 60 -7.92 75.29 -6.51
N LYS F 61 -7.69 75.92 -5.38
CA LYS F 61 -6.50 75.72 -4.52
C LYS F 61 -6.95 75.18 -3.18
N THR F 62 -7.98 74.35 -3.17
CA THR F 62 -8.48 73.67 -1.95
C THR F 62 -9.30 72.46 -2.35
N PHE F 63 -9.31 71.46 -1.50
CA PHE F 63 -10.32 70.38 -1.47
C PHE F 63 -10.44 69.91 -0.01
N THR F 64 -11.55 69.23 0.29
CA THR F 64 -11.86 68.74 1.65
C THR F 64 -12.19 67.25 1.59
N ILE F 65 -11.52 66.47 2.42
CA ILE F 65 -11.80 65.04 2.67
C ILE F 65 -12.45 64.92 4.05
N LYS F 66 -13.65 64.34 4.13
CA LYS F 66 -14.42 64.17 5.39
C LYS F 66 -14.48 62.68 5.79
N LEU F 67 -14.15 62.37 7.04
CA LEU F 67 -14.49 61.09 7.70
C LEU F 67 -15.67 61.35 8.64
N LEU F 68 -16.81 60.75 8.34
CA LEU F 68 -18.07 60.87 9.13
C LEU F 68 -18.30 59.57 9.91
N PHE F 69 -18.60 59.67 11.19
CA PHE F 69 -18.78 58.51 12.11
C PHE F 69 -20.17 58.58 12.78
N ASP F 70 -20.78 57.41 13.01
CA ASP F 70 -22.07 57.25 13.74
C ASP F 70 -21.76 57.14 15.24
N GLU F 71 -22.79 56.98 16.08
CA GLU F 71 -22.70 57.04 17.56
C GLU F 71 -21.73 55.97 18.09
N ASN F 72 -21.44 54.94 17.27
CA ASN F 72 -20.55 53.80 17.62
C ASN F 72 -19.14 53.96 17.03
N GLY F 73 -18.87 55.08 16.35
CA GLY F 73 -17.56 55.35 15.74
C GLY F 73 -17.34 54.54 14.47
N ILE F 74 -18.41 54.04 13.85
CA ILE F 74 -18.37 53.36 12.52
C ILE F 74 -18.29 54.44 11.45
N LEU F 75 -17.37 54.28 10.50
CA LEU F 75 -17.22 55.18 9.32
C LEU F 75 -18.44 54.99 8.42
N LYS F 76 -19.05 56.10 7.98
CA LYS F 76 -20.29 56.10 7.16
C LYS F 76 -19.92 56.17 5.68
N ASP F 77 -20.75 55.57 4.82
CA ASP F 77 -20.56 55.50 3.34
C ASP F 77 -20.41 56.90 2.74
N SER F 78 -21.07 57.90 3.33
CA SER F 78 -21.08 59.31 2.87
C SER F 78 -19.69 59.93 3.04
N SER F 79 -18.80 59.29 3.81
CA SER F 79 -17.39 59.71 3.97
C SER F 79 -16.70 59.73 2.60
N ASN F 80 -15.67 60.54 2.45
CA ASN F 80 -14.81 60.60 1.25
C ASN F 80 -13.95 59.34 1.17
N LEU F 81 -13.53 58.82 2.33
CA LEU F 81 -12.74 57.58 2.45
C LEU F 81 -13.66 56.38 2.25
N ASP F 82 -13.26 55.45 1.37
CA ASP F 82 -13.96 54.18 1.09
C ASP F 82 -13.97 53.34 2.38
N LYS F 83 -15.14 52.90 2.81
CA LYS F 83 -15.38 52.15 4.07
C LYS F 83 -14.52 50.87 4.10
N ASN F 84 -14.21 50.30 2.92
CA ASN F 84 -13.54 48.98 2.75
C ASN F 84 -12.04 49.06 3.08
N TYR F 85 -11.49 50.26 3.22
CA TYR F 85 -10.03 50.49 3.41
C TYR F 85 -9.79 51.07 4.80
N TRP F 86 -10.68 50.78 5.75
CA TRP F 86 -10.69 51.38 7.11
C TRP F 86 -11.04 50.32 8.14
N ASN F 87 -10.09 49.92 8.97
CA ASN F 87 -10.27 48.81 9.93
C ASN F 87 -9.14 48.84 10.96
N TYR F 88 -9.22 48.01 12.00
CA TYR F 88 -8.13 47.81 12.98
C TYR F 88 -6.95 47.15 12.26
N ARG F 89 -5.72 47.31 12.78
CA ARG F 89 -4.48 46.73 12.21
C ARG F 89 -4.28 45.28 12.70
N LYS F 100 -19.62 46.46 15.53
CA LYS F 100 -18.27 47.08 15.69
C LYS F 100 -18.37 48.32 16.60
N ASN F 101 -17.30 48.64 17.32
CA ASN F 101 -17.21 49.84 18.22
C ASN F 101 -15.82 50.46 18.10
N ALA F 102 -15.75 51.79 17.98
CA ALA F 102 -14.50 52.57 17.86
C ALA F 102 -14.66 53.93 18.53
N VAL F 103 -15.54 54.02 19.54
CA VAL F 103 -15.85 55.29 20.25
C VAL F 103 -14.60 55.79 20.99
N GLY F 104 -13.66 54.88 21.30
CA GLY F 104 -12.38 55.23 21.96
C GLY F 104 -11.45 55.98 21.03
N PHE F 105 -11.75 56.01 19.73
CA PHE F 105 -10.95 56.70 18.69
C PHE F 105 -11.62 57.99 18.25
N MET F 106 -12.84 58.26 18.70
CA MET F 106 -13.62 59.43 18.25
C MET F 106 -13.15 60.68 18.98
N PRO F 107 -13.21 61.84 18.31
CA PRO F 107 -12.88 63.11 18.94
C PRO F 107 -13.92 63.49 20.00
N ASN F 108 -13.45 63.68 21.22
CA ASN F 108 -14.25 63.99 22.43
C ASN F 108 -15.24 65.13 22.16
N LEU F 109 -16.52 64.90 22.43
CA LEU F 109 -17.62 65.87 22.16
C LEU F 109 -17.59 67.03 23.17
N ALA F 110 -17.04 66.83 24.36
CA ALA F 110 -16.89 67.89 25.40
C ALA F 110 -15.78 68.84 24.99
N ALA F 111 -14.66 68.29 24.55
CA ALA F 111 -13.46 69.04 24.07
C ALA F 111 -13.78 69.74 22.75
N TYR F 112 -14.51 69.06 21.87
CA TYR F 112 -14.82 69.50 20.49
C TYR F 112 -16.33 69.45 20.26
N PRO F 113 -17.09 70.39 20.84
CA PRO F 113 -18.54 70.40 20.71
C PRO F 113 -19.00 70.56 19.25
N LYS F 114 -20.15 69.98 18.94
CA LYS F 114 -20.69 69.92 17.59
C LYS F 114 -21.17 71.25 17.05
N SER F 115 -22.11 71.96 17.67
CA SER F 115 -22.50 73.31 17.24
C SER F 115 -23.31 73.22 15.91
N THR F 116 -24.06 72.17 15.78
CA THR F 116 -25.17 72.05 14.75
C THR F 116 -26.00 73.34 14.63
N THR F 117 -26.83 73.75 15.63
CA THR F 117 -27.75 74.89 15.52
C THR F 117 -27.06 76.12 16.14
N THR F 118 -26.62 76.01 17.40
CA THR F 118 -26.39 77.16 18.34
C THR F 118 -25.52 78.24 17.67
N GLN F 119 -24.50 77.82 16.94
CA GLN F 119 -23.60 78.66 16.10
C GLN F 119 -22.88 77.70 15.16
N SER F 120 -22.78 78.07 13.87
CA SER F 120 -21.96 77.32 12.86
C SER F 120 -20.50 77.83 12.85
N LYS F 121 -20.15 78.75 13.79
CA LYS F 121 -18.78 79.06 14.27
C LYS F 121 -18.46 78.18 15.50
N LEU F 122 -17.60 77.16 15.31
CA LEU F 122 -17.03 76.29 16.37
C LEU F 122 -16.00 77.06 17.19
N TYR F 123 -15.64 76.56 18.38
CA TYR F 123 -14.44 76.96 19.12
C TYR F 123 -13.21 76.65 18.27
N ALA F 124 -12.12 77.38 18.51
CA ALA F 124 -10.87 77.22 17.75
C ALA F 124 -10.23 75.87 18.08
N ARG F 125 -10.43 75.34 19.29
CA ARG F 125 -9.72 74.13 19.76
C ARG F 125 -10.18 72.89 18.98
N ASN F 126 -11.33 72.98 18.30
CA ASN F 126 -11.87 71.94 17.39
C ASN F 126 -10.91 71.76 16.19
N THR F 127 -9.97 72.70 15.98
CA THR F 127 -9.15 72.80 14.76
C THR F 127 -7.65 72.65 15.07
N ILE F 128 -6.94 71.92 14.20
CA ILE F 128 -5.45 71.86 14.18
C ILE F 128 -4.98 72.31 12.81
N PHE F 129 -3.98 73.18 12.78
CA PHE F 129 -3.31 73.60 11.53
C PHE F 129 -1.93 72.96 11.47
N GLY F 130 -1.55 72.52 10.28
CA GLY F 130 -0.21 72.02 10.00
C GLY F 130 0.27 72.47 8.63
N ASN F 131 1.59 72.57 8.47
CA ASN F 131 2.23 72.75 7.17
C ASN F 131 2.73 71.40 6.68
N ILE F 132 2.29 70.99 5.51
CA ILE F 132 2.80 69.81 4.78
C ILE F 132 3.31 70.26 3.42
N TYR F 133 3.96 69.38 2.69
CA TYR F 133 4.75 69.73 1.49
C TYR F 133 4.52 68.71 0.40
N LEU F 134 4.44 69.17 -0.84
CA LEU F 134 4.25 68.34 -2.05
C LEU F 134 5.60 67.95 -2.61
N ASP F 135 5.75 66.68 -2.95
CA ASP F 135 6.89 66.14 -3.74
C ASP F 135 8.18 66.28 -2.93
N SER F 136 8.07 66.24 -1.61
CA SER F 136 9.21 66.18 -0.66
C SER F 136 10.06 67.45 -0.73
N GLN F 137 9.48 68.59 -1.10
CA GLN F 137 10.22 69.88 -1.21
C GLN F 137 9.66 70.90 -0.24
N ALA F 138 10.53 71.51 0.54
CA ALA F 138 10.23 72.54 1.54
C ALA F 138 9.54 73.74 0.86
N TYR F 139 9.70 73.92 -0.45
CA TYR F 139 9.20 75.13 -1.16
C TYR F 139 7.85 74.86 -1.83
N ASN F 140 7.20 73.75 -1.51
CA ASN F 140 5.82 73.44 -1.98
C ASN F 140 4.90 73.28 -0.77
N PRO F 141 4.70 74.34 0.04
CA PRO F 141 3.84 74.24 1.21
C PRO F 141 2.36 74.08 0.86
N VAL F 142 1.67 73.32 1.69
CA VAL F 142 0.20 73.15 1.70
C VAL F 142 -0.24 73.24 3.17
N VAL F 143 -1.32 73.96 3.44
CA VAL F 143 -1.91 74.06 4.78
C VAL F 143 -2.92 72.93 4.94
N ILE F 144 -2.74 72.08 5.93
CA ILE F 144 -3.75 71.08 6.32
C ILE F 144 -4.48 71.61 7.54
N LYS F 145 -5.80 71.71 7.42
CA LYS F 145 -6.69 72.18 8.50
C LYS F 145 -7.57 71.01 8.91
N ILE F 146 -7.30 70.46 10.07
CA ILE F 146 -8.05 69.32 10.66
C ILE F 146 -9.08 69.89 11.63
N THR F 147 -10.34 69.62 11.40
CA THR F 147 -11.45 70.10 12.26
C THR F 147 -12.29 68.92 12.73
N PHE F 148 -12.62 68.88 14.02
CA PHE F 148 -13.38 67.78 14.66
C PHE F 148 -14.83 68.21 14.88
N ASN F 149 -15.77 67.36 14.46
CA ASN F 149 -17.21 67.40 14.85
C ASN F 149 -17.87 68.65 14.26
N GLN F 150 -17.50 69.01 13.04
CA GLN F 150 -18.01 70.18 12.31
C GLN F 150 -19.26 69.78 11.51
N GLU F 151 -19.34 68.51 11.09
CA GLU F 151 -20.40 67.99 10.18
C GLU F 151 -21.63 67.61 11.04
N ALA F 152 -22.78 68.14 10.66
CA ALA F 152 -23.99 68.23 11.50
C ALA F 152 -24.76 66.89 11.51
N ASP F 153 -24.76 66.15 10.39
CA ASP F 153 -25.50 64.87 10.22
C ASP F 153 -24.53 63.69 10.46
N SER F 154 -23.81 63.75 11.59
CA SER F 154 -22.88 62.69 12.05
C SER F 154 -22.59 62.91 13.53
N ALA F 155 -22.53 61.85 14.33
CA ALA F 155 -22.26 61.94 15.78
C ALA F 155 -20.85 62.51 15.99
N TYR F 156 -19.93 62.11 15.12
CA TYR F 156 -18.50 62.47 15.14
C TYR F 156 -18.03 62.76 13.71
N SER F 157 -17.01 63.58 13.52
CA SER F 157 -16.38 63.82 12.20
C SER F 157 -14.93 64.28 12.35
N ILE F 158 -14.08 63.85 11.43
CA ILE F 158 -12.73 64.41 11.18
C ILE F 158 -12.74 64.99 9.77
N THR F 159 -12.62 66.30 9.65
CA THR F 159 -12.57 67.04 8.37
C THR F 159 -11.11 67.42 8.08
N LEU F 160 -10.58 66.99 6.93
CA LEU F 160 -9.23 67.33 6.44
C LEU F 160 -9.36 68.32 5.29
N ASN F 161 -9.14 69.60 5.57
CA ASN F 161 -9.15 70.67 4.54
C ASN F 161 -7.71 70.95 4.11
N TYR F 162 -7.45 70.82 2.82
CA TYR F 162 -6.16 71.15 2.18
C TYR F 162 -6.32 72.43 1.37
N SER F 163 -5.42 73.39 1.52
CA SER F 163 -5.41 74.65 0.75
C SER F 163 -3.97 75.13 0.57
N TRP F 164 -3.73 75.96 -0.44
CA TRP F 164 -2.40 76.52 -0.75
C TRP F 164 -2.58 77.86 -1.49
N GLY F 165 -1.52 78.66 -1.55
CA GLY F 165 -1.50 79.99 -2.17
C GLY F 165 -0.71 80.00 -3.48
N LYS F 166 0.31 79.18 -3.61
CA LYS F 166 1.31 79.27 -4.71
C LYS F 166 0.66 78.87 -6.03
N ASP F 167 1.04 79.54 -7.11
CA ASP F 167 0.67 79.18 -8.49
C ASP F 167 1.59 78.04 -8.94
N TYR F 168 1.44 76.88 -8.33
CA TYR F 168 2.23 75.67 -8.62
C TYR F 168 2.20 75.39 -10.13
N GLU F 169 3.35 74.99 -10.69
CA GLU F 169 3.51 74.65 -12.13
C GLU F 169 4.02 73.19 -12.24
N ASN F 170 3.11 72.25 -12.54
CA ASN F 170 3.38 70.81 -12.72
C ASN F 170 3.95 70.22 -11.43
N ILE F 171 3.27 70.44 -10.32
CA ILE F 171 3.62 69.84 -9.01
C ILE F 171 2.60 68.76 -8.71
N PRO F 172 3.02 67.52 -8.46
CA PRO F 172 2.09 66.45 -8.11
C PRO F 172 1.58 66.65 -6.67
N PHE F 173 0.29 66.47 -6.43
CA PHE F 173 -0.25 66.45 -5.06
C PHE F 173 0.13 65.12 -4.43
N ASP F 174 1.36 65.05 -3.98
CA ASP F 174 1.94 63.89 -3.28
C ASP F 174 2.55 64.43 -1.98
N SER F 175 1.81 64.35 -0.88
CA SER F 175 2.08 65.11 0.37
C SER F 175 3.07 64.37 1.26
N THR F 176 3.85 65.11 2.03
CA THR F 176 4.66 64.60 3.15
C THR F 176 3.72 64.20 4.30
N SER F 177 4.27 63.56 5.32
CA SER F 177 3.54 63.04 6.49
C SER F 177 3.46 64.12 7.58
N PHE F 178 2.34 64.16 8.28
CA PHE F 178 2.08 65.06 9.41
C PHE F 178 1.52 64.27 10.59
N THR F 179 2.01 64.56 11.79
CA THR F 179 1.54 63.96 13.06
C THR F 179 0.77 65.00 13.87
N PHE F 180 -0.31 64.60 14.50
CA PHE F 180 -1.08 65.43 15.45
C PHE F 180 -1.72 64.50 16.48
N SER F 181 -2.32 65.05 17.52
CA SER F 181 -3.13 64.30 18.49
C SER F 181 -4.44 65.04 18.75
N TYR F 182 -5.42 64.33 19.29
CA TYR F 182 -6.69 64.90 19.77
C TYR F 182 -7.18 64.09 20.97
N ILE F 183 -8.04 64.70 21.76
CA ILE F 183 -8.61 64.12 23.00
C ILE F 183 -9.70 63.12 22.60
N ALA F 184 -9.63 61.90 23.13
CA ALA F 184 -10.52 60.77 22.79
C ALA F 184 -11.82 60.88 23.59
N GLN F 185 -12.93 60.44 23.00
CA GLN F 185 -14.28 60.48 23.61
C GLN F 185 -14.30 59.63 24.88
N GLU F 186 -13.58 58.49 24.88
CA GLU F 186 -13.40 57.64 26.10
C GLU F 186 -12.11 56.85 25.97
N LYS G 1 3.95 13.33 -43.90
CA LYS G 1 3.56 14.41 -42.96
C LYS G 1 2.73 13.79 -41.81
N LEU G 2 2.85 14.35 -40.60
CA LEU G 2 2.31 13.76 -39.37
C LEU G 2 0.77 13.84 -39.39
N THR G 3 0.15 14.92 -39.89
CA THR G 3 -1.27 15.24 -39.62
C THR G 3 -2.05 15.24 -40.94
N LEU G 4 -3.20 14.58 -40.93
CA LEU G 4 -4.15 14.49 -42.07
C LEU G 4 -5.41 15.25 -41.65
N TRP G 5 -5.88 16.24 -42.43
CA TRP G 5 -6.98 17.14 -41.97
C TRP G 5 -7.77 17.75 -43.14
N THR G 6 -8.91 18.31 -42.80
CA THR G 6 -9.67 19.29 -43.61
C THR G 6 -8.97 20.63 -43.46
N THR G 7 -8.66 21.34 -44.52
CA THR G 7 -8.03 22.68 -44.38
C THR G 7 -8.90 23.49 -43.42
N LEU G 8 -8.38 24.56 -42.84
CA LEU G 8 -9.14 25.45 -41.90
C LEU G 8 -9.87 26.54 -42.70
N ASP G 9 -9.67 26.55 -44.01
CA ASP G 9 -10.39 27.42 -45.00
C ASP G 9 -11.86 27.52 -44.57
N PRO G 10 -12.43 28.75 -44.51
CA PRO G 10 -13.79 28.96 -43.98
C PRO G 10 -14.92 28.38 -44.83
N SER G 11 -14.65 28.02 -46.10
CA SER G 11 -15.68 27.61 -47.08
C SER G 11 -16.24 26.23 -46.76
N PRO G 12 -17.54 26.00 -47.03
CA PRO G 12 -18.16 24.69 -46.82
C PRO G 12 -17.44 23.60 -47.61
N ASN G 13 -17.48 22.37 -47.09
CA ASN G 13 -16.62 21.26 -47.59
C ASN G 13 -17.33 19.90 -47.47
N CYS G 14 -18.62 19.86 -47.11
CA CYS G 14 -19.29 18.61 -46.69
C CYS G 14 -20.77 18.61 -47.13
N ARG G 15 -21.29 17.42 -47.44
CA ARG G 15 -22.71 17.17 -47.82
C ARG G 15 -23.38 16.33 -46.72
N ILE G 16 -24.42 16.86 -46.10
CA ILE G 16 -25.36 16.08 -45.25
C ILE G 16 -26.52 15.61 -46.13
N ASP G 17 -27.26 16.55 -46.72
CA ASP G 17 -28.37 16.27 -47.70
C ASP G 17 -27.95 16.79 -49.08
N VAL G 18 -27.22 17.90 -49.10
CA VAL G 18 -27.02 18.75 -50.30
C VAL G 18 -25.56 19.25 -50.33
N ASP G 19 -24.98 19.34 -51.53
CA ASP G 19 -23.58 19.79 -51.73
C ASP G 19 -23.31 21.06 -50.93
N LYS G 20 -22.31 21.04 -50.07
CA LYS G 20 -21.77 22.23 -49.35
C LYS G 20 -22.83 22.82 -48.43
N ASP G 21 -23.53 21.99 -47.65
CA ASP G 21 -24.52 22.46 -46.65
C ASP G 21 -23.86 22.49 -45.26
N SER G 22 -22.63 22.00 -45.16
CA SER G 22 -21.91 21.83 -43.87
C SER G 22 -20.41 22.05 -44.06
N LYS G 23 -19.73 22.43 -42.97
CA LYS G 23 -18.25 22.53 -42.88
C LYS G 23 -17.78 21.63 -41.73
N LEU G 24 -17.20 20.48 -42.08
CA LEU G 24 -16.54 19.56 -41.13
C LEU G 24 -15.10 20.00 -40.93
N THR G 25 -14.67 20.16 -39.69
CA THR G 25 -13.25 20.37 -39.31
C THR G 25 -12.79 19.11 -38.59
N LEU G 26 -11.99 18.30 -39.27
CA LEU G 26 -11.48 17.01 -38.74
C LEU G 26 -9.96 17.03 -38.88
N VAL G 27 -9.27 16.82 -37.77
CA VAL G 27 -7.79 16.75 -37.72
C VAL G 27 -7.42 15.38 -37.15
N LEU G 28 -6.72 14.57 -37.94
CA LEU G 28 -6.16 13.27 -37.51
C LEU G 28 -4.64 13.44 -37.39
N THR G 29 -4.12 13.40 -36.18
CA THR G 29 -2.67 13.49 -35.89
C THR G 29 -2.18 12.11 -35.46
N LYS G 30 -1.19 11.57 -36.15
CA LYS G 30 -0.59 10.25 -35.85
C LYS G 30 0.42 10.42 -34.72
N CYS G 31 0.15 9.83 -33.56
N CYS G 31 0.15 9.83 -33.56
CA CYS G 31 1.09 9.67 -32.42
CA CYS G 31 1.09 9.67 -32.42
C CYS G 31 1.36 8.18 -32.23
C CYS G 31 1.36 8.18 -32.23
N GLY G 32 2.34 7.65 -32.97
CA GLY G 32 2.65 6.21 -32.99
C GLY G 32 1.46 5.41 -33.47
N SER G 33 1.02 4.46 -32.66
CA SER G 33 0.00 3.43 -33.00
C SER G 33 -1.42 3.95 -32.70
N GLN G 34 -1.55 5.17 -32.23
CA GLN G 34 -2.89 5.82 -32.04
C GLN G 34 -2.98 7.07 -32.92
N ILE G 35 -4.17 7.33 -33.43
CA ILE G 35 -4.56 8.60 -34.10
C ILE G 35 -5.29 9.49 -33.08
N LEU G 36 -4.74 10.66 -32.80
CA LEU G 36 -5.40 11.71 -32.00
C LEU G 36 -6.30 12.52 -32.94
N ALA G 37 -7.62 12.47 -32.73
CA ALA G 37 -8.65 13.05 -33.61
C ALA G 37 -9.32 14.23 -32.91
N ASN G 38 -9.63 15.28 -33.66
CA ASN G 38 -10.30 16.50 -33.17
C ASN G 38 -11.33 16.88 -34.22
N VAL G 39 -12.59 17.05 -33.81
CA VAL G 39 -13.71 17.27 -34.77
C VAL G 39 -14.65 18.36 -34.26
N SER G 40 -15.10 19.22 -35.17
CA SER G 40 -16.21 20.18 -35.00
C SER G 40 -17.01 20.20 -36.30
N LEU G 41 -18.27 20.61 -36.25
CA LEU G 41 -19.17 20.65 -37.41
C LEU G 41 -20.05 21.89 -37.32
N LEU G 42 -20.10 22.65 -38.41
CA LEU G 42 -21.03 23.78 -38.63
C LEU G 42 -21.91 23.45 -39.85
N VAL G 43 -23.23 23.57 -39.70
CA VAL G 43 -24.19 23.50 -40.85
C VAL G 43 -24.46 24.94 -41.32
N VAL G 44 -24.22 25.22 -42.60
CA VAL G 44 -24.22 26.61 -43.13
C VAL G 44 -25.52 26.92 -43.88
N LYS G 45 -26.23 25.88 -44.35
CA LYS G 45 -27.56 26.03 -45.01
C LYS G 45 -28.33 24.72 -44.93
N GLY G 46 -29.57 24.71 -45.41
CA GLY G 46 -30.46 23.54 -45.42
C GLY G 46 -31.21 23.38 -44.11
N ARG G 47 -31.94 22.29 -43.99
CA ARG G 47 -32.97 22.09 -42.94
C ARG G 47 -32.32 21.98 -41.54
N PHE G 48 -31.03 21.66 -41.45
CA PHE G 48 -30.33 21.43 -40.17
C PHE G 48 -29.54 22.68 -39.73
N GLN G 49 -29.54 23.73 -40.53
CA GLN G 49 -28.77 24.96 -40.18
C GLN G 49 -29.33 25.56 -38.90
N ASN G 50 -30.66 25.67 -38.84
CA ASN G 50 -31.40 26.25 -37.70
C ASN G 50 -32.47 25.25 -37.26
N LEU G 51 -32.27 24.60 -36.13
CA LEU G 51 -33.17 23.55 -35.62
C LEU G 51 -34.36 24.21 -34.94
N ASN G 52 -35.58 23.92 -35.40
CA ASN G 52 -36.81 24.36 -34.71
C ASN G 52 -37.87 23.27 -34.85
N TYR G 53 -38.04 22.49 -33.77
CA TYR G 53 -38.96 21.33 -33.72
C TYR G 53 -40.35 21.79 -33.32
N LYS G 54 -40.51 23.07 -32.94
CA LYS G 54 -41.84 23.66 -32.67
C LYS G 54 -42.50 24.03 -33.99
N THR G 55 -41.71 24.48 -34.97
CA THR G 55 -42.22 25.03 -36.25
C THR G 55 -42.15 23.97 -37.36
N ASN G 56 -41.17 23.06 -37.31
N ASN G 56 -41.17 23.06 -37.31
CA ASN G 56 -41.02 21.99 -38.34
CA ASN G 56 -41.02 21.99 -38.34
C ASN G 56 -41.16 20.62 -37.69
C ASN G 56 -41.16 20.62 -37.69
N PRO G 57 -42.35 19.98 -37.81
CA PRO G 57 -42.58 18.71 -37.15
C PRO G 57 -41.98 17.50 -37.90
N ASN G 58 -41.59 17.70 -39.14
CA ASN G 58 -41.05 16.63 -40.03
C ASN G 58 -39.52 16.54 -39.94
N LEU G 59 -38.88 17.38 -39.11
CA LEU G 59 -37.41 17.48 -39.08
C LEU G 59 -36.83 16.29 -38.31
N PRO G 60 -35.94 15.49 -38.92
CA PRO G 60 -35.22 14.45 -38.20
C PRO G 60 -34.38 15.04 -37.07
N LYS G 61 -33.96 14.20 -36.13
CA LYS G 61 -33.02 14.57 -35.05
C LYS G 61 -31.74 13.74 -35.18
N THR G 62 -31.35 13.47 -36.41
CA THR G 62 -30.09 12.78 -36.73
C THR G 62 -29.68 13.07 -38.16
N PHE G 63 -28.38 13.05 -38.40
CA PHE G 63 -27.78 12.89 -39.74
C PHE G 63 -26.44 12.18 -39.57
N THR G 64 -25.93 11.61 -40.66
CA THR G 64 -24.67 10.84 -40.68
C THR G 64 -23.75 11.37 -41.76
N ILE G 65 -22.52 11.68 -41.38
CA ILE G 65 -21.40 12.04 -42.29
C ILE G 65 -20.43 10.85 -42.33
N LYS G 66 -20.17 10.31 -43.52
CA LYS G 66 -19.28 9.14 -43.73
C LYS G 66 -17.99 9.57 -44.45
N LEU G 67 -16.85 9.17 -43.92
CA LEU G 67 -15.55 9.17 -44.63
C LEU G 67 -15.23 7.73 -45.04
N LEU G 68 -15.21 7.46 -46.34
CA LEU G 68 -14.93 6.12 -46.92
C LEU G 68 -13.52 6.14 -47.52
N PHE G 69 -12.71 5.12 -47.22
CA PHE G 69 -11.29 5.01 -47.65
C PHE G 69 -11.07 3.69 -48.40
N ASP G 70 -10.21 3.72 -49.42
CA ASP G 70 -9.78 2.53 -50.20
C ASP G 70 -8.57 1.87 -49.49
N GLU G 71 -8.02 0.79 -50.06
CA GLU G 71 -7.00 -0.08 -49.40
C GLU G 71 -5.75 0.75 -49.06
N ASN G 72 -5.57 1.93 -49.70
CA ASN G 72 -4.40 2.82 -49.54
C ASN G 72 -4.73 4.01 -48.60
N GLY G 73 -5.93 4.05 -48.03
CA GLY G 73 -6.35 5.14 -47.13
C GLY G 73 -6.66 6.43 -47.87
N ILE G 74 -6.92 6.36 -49.18
CA ILE G 74 -7.40 7.50 -50.01
C ILE G 74 -8.90 7.67 -49.75
N LEU G 75 -9.33 8.91 -49.48
CA LEU G 75 -10.76 9.27 -49.33
C LEU G 75 -11.46 9.11 -50.67
N LYS G 76 -12.62 8.47 -50.68
CA LYS G 76 -13.39 8.14 -51.92
C LYS G 76 -14.46 9.23 -52.14
N ASP G 77 -14.80 9.48 -53.41
CA ASP G 77 -15.77 10.51 -53.87
C ASP G 77 -17.13 10.31 -53.19
N SER G 78 -17.49 9.06 -52.92
CA SER G 78 -18.79 8.67 -52.29
C SER G 78 -18.86 9.17 -50.85
N SER G 79 -17.75 9.58 -50.27
CA SER G 79 -17.69 10.21 -48.92
C SER G 79 -18.57 11.46 -48.91
N ASN G 80 -19.07 11.83 -47.73
CA ASN G 80 -19.85 13.06 -47.50
C ASN G 80 -18.91 14.27 -47.56
N LEU G 81 -17.67 14.08 -47.12
CA LEU G 81 -16.62 15.12 -47.15
C LEU G 81 -16.07 15.24 -48.58
N ASP G 82 -16.01 16.46 -49.11
CA ASP G 82 -15.46 16.78 -50.43
C ASP G 82 -13.96 16.42 -50.44
N LYS G 83 -13.53 15.63 -51.41
CA LYS G 83 -12.15 15.08 -51.54
C LYS G 83 -11.12 16.24 -51.59
N ASN G 84 -11.53 17.41 -52.08
CA ASN G 84 -10.65 18.57 -52.37
C ASN G 84 -10.25 19.30 -51.07
N TYR G 85 -10.88 18.99 -49.95
CA TYR G 85 -10.68 19.69 -48.65
C TYR G 85 -10.03 18.73 -47.66
N TRP G 86 -9.30 17.73 -48.15
CA TRP G 86 -8.74 16.63 -47.33
C TRP G 86 -7.33 16.29 -47.82
N ASN G 87 -6.32 16.59 -47.02
CA ASN G 87 -4.90 16.38 -47.41
C ASN G 87 -4.02 16.51 -46.17
N TYR G 88 -2.72 16.23 -46.29
CA TYR G 88 -1.72 16.44 -45.22
C TYR G 88 -1.60 17.95 -44.96
N ARG G 89 -1.16 18.35 -43.76
CA ARG G 89 -0.99 19.78 -43.37
C ARG G 89 0.36 20.33 -43.86
N TYR G 99 -2.87 13.09 -51.94
CA TYR G 99 -1.88 12.19 -51.33
C TYR G 99 -1.93 10.81 -51.99
N LYS G 100 -0.99 9.92 -51.63
CA LYS G 100 -0.79 8.60 -52.27
C LYS G 100 -1.03 7.45 -51.27
N ASN G 101 -0.55 7.55 -50.02
CA ASN G 101 -0.74 6.51 -48.97
C ASN G 101 -1.03 7.17 -47.62
N ALA G 102 -2.03 6.66 -46.89
CA ALA G 102 -2.46 7.17 -45.57
C ALA G 102 -2.95 6.01 -44.70
N VAL G 103 -2.43 4.80 -44.93
CA VAL G 103 -2.86 3.56 -44.20
C VAL G 103 -2.48 3.71 -42.72
N GLY G 104 -1.49 4.54 -42.40
CA GLY G 104 -1.05 4.82 -41.03
C GLY G 104 -2.08 5.62 -40.25
N PHE G 105 -3.09 6.18 -40.93
CA PHE G 105 -4.18 6.99 -40.33
C PHE G 105 -5.48 6.21 -40.29
N MET G 106 -5.51 5.02 -40.89
CA MET G 106 -6.76 4.22 -40.98
C MET G 106 -7.04 3.50 -39.68
N PRO G 107 -8.32 3.31 -39.34
CA PRO G 107 -8.69 2.54 -38.16
C PRO G 107 -8.37 1.06 -38.33
N ASN G 108 -7.55 0.54 -37.44
CA ASN G 108 -7.01 -0.84 -37.43
C ASN G 108 -8.15 -1.85 -37.65
N LEU G 109 -7.99 -2.74 -38.63
CA LEU G 109 -9.00 -3.75 -39.02
C LEU G 109 -9.08 -4.89 -37.98
N ALA G 110 -8.01 -5.15 -37.25
CA ALA G 110 -7.97 -6.19 -36.19
C ALA G 110 -8.75 -5.69 -34.97
N ALA G 111 -8.50 -4.44 -34.59
CA ALA G 111 -9.18 -3.74 -33.46
C ALA G 111 -10.64 -3.51 -33.79
N TYR G 112 -10.93 -3.11 -35.04
CA TYR G 112 -12.26 -2.70 -35.53
C TYR G 112 -12.62 -3.50 -36.78
N PRO G 113 -12.95 -4.80 -36.64
CA PRO G 113 -13.27 -5.62 -37.80
C PRO G 113 -14.52 -5.12 -38.54
N LYS G 114 -14.56 -5.33 -39.85
CA LYS G 114 -15.75 -5.15 -40.69
C LYS G 114 -16.74 -6.26 -40.36
N SER G 115 -18.03 -5.98 -40.54
CA SER G 115 -19.12 -6.94 -40.30
C SER G 115 -19.04 -8.08 -41.32
N THR G 116 -18.86 -9.31 -40.84
CA THR G 116 -18.96 -10.55 -41.66
C THR G 116 -20.27 -10.48 -42.47
N THR G 117 -20.30 -11.10 -43.64
CA THR G 117 -21.54 -11.26 -44.45
C THR G 117 -22.71 -11.61 -43.51
N THR G 118 -22.50 -12.65 -42.68
CA THR G 118 -23.47 -13.26 -41.75
C THR G 118 -24.23 -12.16 -40.97
N GLN G 119 -23.55 -11.10 -40.53
CA GLN G 119 -24.11 -10.12 -39.57
C GLN G 119 -23.63 -8.71 -39.88
N SER G 120 -24.52 -7.72 -39.79
CA SER G 120 -24.22 -6.26 -39.89
C SER G 120 -23.90 -5.69 -38.49
N LYS G 121 -23.79 -6.57 -37.46
CA LYS G 121 -23.59 -6.20 -36.02
C LYS G 121 -22.10 -6.24 -35.67
N LEU G 122 -21.47 -5.07 -35.53
CA LEU G 122 -20.04 -4.88 -35.14
C LEU G 122 -19.87 -5.13 -33.65
N TYR G 123 -18.64 -5.33 -33.19
CA TYR G 123 -18.25 -5.19 -31.76
C TYR G 123 -18.51 -3.76 -31.32
N ALA G 124 -18.69 -3.56 -30.03
CA ALA G 124 -18.93 -2.25 -29.42
C ALA G 124 -17.67 -1.38 -29.52
N ARG G 125 -16.49 -1.98 -29.51
N ARG G 125 -16.49 -1.98 -29.51
CA ARG G 125 -15.21 -1.22 -29.46
CA ARG G 125 -15.20 -1.21 -29.45
C ARG G 125 -14.97 -0.45 -30.77
C ARG G 125 -14.97 -0.45 -30.77
N ASN G 126 -15.68 -0.83 -31.83
CA ASN G 126 -15.70 -0.11 -33.14
C ASN G 126 -16.29 1.29 -32.96
N THR G 127 -16.94 1.55 -31.82
CA THR G 127 -17.75 2.78 -31.60
C THR G 127 -17.19 3.63 -30.45
N ILE G 128 -17.19 4.95 -30.63
CA ILE G 128 -16.91 5.95 -29.57
C ILE G 128 -18.13 6.86 -29.46
N PHE G 129 -18.59 7.10 -28.24
CA PHE G 129 -19.67 8.07 -27.95
C PHE G 129 -19.05 9.29 -27.29
N GLY G 130 -19.55 10.46 -27.68
CA GLY G 130 -19.20 11.74 -27.05
C GLY G 130 -20.41 12.63 -26.94
N ASN G 131 -20.40 13.51 -25.94
CA ASN G 131 -21.35 14.62 -25.83
C ASN G 131 -20.69 15.88 -26.35
N ILE G 132 -21.31 16.51 -27.34
CA ILE G 132 -20.93 17.84 -27.86
C ILE G 132 -22.14 18.77 -27.72
N TYR G 133 -21.95 20.05 -28.00
CA TYR G 133 -22.92 21.09 -27.64
C TYR G 133 -23.05 22.10 -28.78
N LEU G 134 -24.26 22.56 -29.03
CA LEU G 134 -24.56 23.57 -30.07
C LEU G 134 -24.48 24.96 -29.45
N ASP G 135 -23.81 25.87 -30.16
CA ASP G 135 -23.84 27.33 -29.87
C ASP G 135 -23.18 27.60 -28.53
N SER G 136 -22.23 26.76 -28.13
CA SER G 136 -21.34 26.95 -26.96
C SER G 136 -22.15 26.96 -25.65
N GLN G 137 -23.28 26.25 -25.60
CA GLN G 137 -24.13 26.19 -24.40
C GLN G 137 -24.22 24.76 -23.89
N ALA G 138 -23.99 24.59 -22.59
CA ALA G 138 -24.01 23.27 -21.91
C ALA G 138 -25.40 22.64 -22.05
N TYR G 139 -26.44 23.43 -22.33
CA TYR G 139 -27.84 22.93 -22.29
C TYR G 139 -28.33 22.60 -23.71
N ASN G 140 -27.43 22.53 -24.69
CA ASN G 140 -27.76 22.07 -26.07
C ASN G 140 -26.94 20.84 -26.42
N PRO G 141 -27.11 19.71 -25.70
CA PRO G 141 -26.35 18.50 -25.97
C PRO G 141 -26.72 17.84 -27.30
N VAL G 142 -25.71 17.29 -27.95
CA VAL G 142 -25.81 16.40 -29.13
C VAL G 142 -24.89 15.21 -28.90
N VAL G 143 -25.35 14.01 -29.22
CA VAL G 143 -24.55 12.77 -29.11
C VAL G 143 -23.84 12.56 -30.43
N ILE G 144 -22.51 12.50 -30.40
CA ILE G 144 -21.69 12.10 -31.58
C ILE G 144 -21.32 10.64 -31.38
N LYS G 145 -21.67 9.82 -32.36
CA LYS G 145 -21.38 8.38 -32.39
C LYS G 145 -20.42 8.13 -33.55
N ILE G 146 -19.17 7.88 -33.22
CA ILE G 146 -18.08 7.59 -34.20
C ILE G 146 -17.94 6.08 -34.29
N THR G 147 -18.10 5.54 -35.49
CA THR G 147 -18.02 4.08 -35.74
C THR G 147 -17.00 3.83 -36.85
N PHE G 148 -16.11 2.86 -36.64
CA PHE G 148 -15.00 2.51 -37.57
C PHE G 148 -15.37 1.24 -38.34
N ASN G 149 -15.23 1.29 -39.67
CA ASN G 149 -15.19 0.12 -40.58
C ASN G 149 -16.56 -0.56 -40.60
N GLN G 150 -17.62 0.26 -40.58
CA GLN G 150 -19.02 -0.21 -40.59
C GLN G 150 -19.50 -0.34 -42.04
N GLU G 151 -18.93 0.46 -42.96
CA GLU G 151 -19.39 0.56 -44.37
C GLU G 151 -18.73 -0.56 -45.18
N ALA G 152 -19.55 -1.33 -45.90
CA ALA G 152 -19.19 -2.65 -46.48
C ALA G 152 -18.40 -2.48 -47.79
N ASP G 153 -18.69 -1.43 -48.58
CA ASP G 153 -18.04 -1.17 -49.90
C ASP G 153 -16.90 -0.17 -49.73
N SER G 154 -16.04 -0.39 -48.75
CA SER G 154 -14.84 0.42 -48.45
C SER G 154 -13.89 -0.39 -47.57
N ALA G 155 -12.59 -0.33 -47.79
CA ALA G 155 -11.58 -1.07 -47.02
C ALA G 155 -11.60 -0.57 -45.57
N TYR G 156 -11.80 0.75 -45.43
CA TYR G 156 -11.81 1.48 -44.14
C TYR G 156 -12.95 2.51 -44.17
N SER G 157 -13.49 2.87 -43.02
CA SER G 157 -14.49 3.96 -42.90
C SER G 157 -14.48 4.58 -41.50
N ILE G 158 -14.71 5.88 -41.45
CA ILE G 158 -15.07 6.63 -40.22
C ILE G 158 -16.48 7.19 -40.43
N THR G 159 -17.45 6.72 -39.66
CA THR G 159 -18.85 7.17 -39.69
C THR G 159 -19.09 8.09 -38.48
N LEU G 160 -19.52 9.32 -38.74
CA LEU G 160 -19.89 10.31 -37.71
C LEU G 160 -21.41 10.45 -37.69
N ASN G 161 -22.06 9.81 -36.72
CA ASN G 161 -23.51 9.91 -36.51
C ASN G 161 -23.79 10.95 -35.44
N TYR G 162 -24.58 11.97 -35.79
CA TYR G 162 -25.06 13.02 -34.86
C TYR G 162 -26.54 12.78 -34.59
N SER G 163 -26.94 12.80 -33.32
CA SER G 163 -28.35 12.66 -32.90
C SER G 163 -28.58 13.46 -31.62
N TRP G 164 -29.84 13.81 -31.35
CA TRP G 164 -30.21 14.60 -30.15
C TRP G 164 -31.66 14.29 -29.79
N GLY G 165 -32.06 14.62 -28.57
CA GLY G 165 -33.41 14.35 -28.05
C GLY G 165 -34.26 15.60 -27.90
N LYS G 166 -33.65 16.75 -27.61
CA LYS G 166 -34.36 17.98 -27.24
C LYS G 166 -35.11 18.54 -28.43
N ASP G 167 -36.29 19.10 -28.16
CA ASP G 167 -37.09 19.86 -29.15
C ASP G 167 -36.49 21.27 -29.24
N TYR G 168 -35.30 21.37 -29.78
CA TYR G 168 -34.57 22.65 -29.96
C TYR G 168 -35.46 23.65 -30.66
N GLU G 169 -35.41 24.91 -30.22
CA GLU G 169 -36.17 26.05 -30.80
C GLU G 169 -35.18 27.13 -31.28
N ASN G 170 -34.91 27.17 -32.59
CA ASN G 170 -34.00 28.15 -33.26
C ASN G 170 -32.60 28.04 -32.67
N ILE G 171 -32.06 26.84 -32.66
CA ILE G 171 -30.65 26.58 -32.25
C ILE G 171 -29.86 26.26 -33.51
N PRO G 172 -28.77 26.99 -33.78
CA PRO G 172 -27.96 26.71 -34.97
C PRO G 172 -27.13 25.45 -34.73
N PHE G 173 -27.03 24.55 -35.72
CA PHE G 173 -26.12 23.39 -35.62
C PHE G 173 -24.70 23.91 -35.83
N ASP G 174 -24.14 24.45 -34.77
CA ASP G 174 -22.77 24.97 -34.71
C ASP G 174 -22.13 24.32 -33.49
N SER G 175 -21.40 23.22 -33.68
CA SER G 175 -20.99 22.29 -32.61
C SER G 175 -19.69 22.74 -31.95
N THR G 176 -19.53 22.42 -30.67
CA THR G 176 -18.26 22.53 -29.95
C THR G 176 -17.30 21.44 -30.44
N SER G 177 -16.05 21.52 -30.02
CA SER G 177 -14.95 20.61 -30.44
C SER G 177 -14.91 19.41 -29.50
N PHE G 178 -14.61 18.24 -30.06
CA PHE G 178 -14.48 16.96 -29.34
C PHE G 178 -13.19 16.27 -29.76
N THR G 179 -12.46 15.73 -28.79
CA THR G 179 -11.21 14.95 -29.01
C THR G 179 -11.48 13.47 -28.73
N PHE G 180 -10.93 12.59 -29.54
CA PHE G 180 -10.95 11.13 -29.32
C PHE G 180 -9.66 10.55 -29.93
N SER G 181 -9.41 9.27 -29.70
CA SER G 181 -8.31 8.53 -30.36
C SER G 181 -8.84 7.20 -30.85
N TYR G 182 -8.11 6.57 -31.78
CA TYR G 182 -8.36 5.18 -32.23
C TYR G 182 -7.04 4.54 -32.60
N ILE G 183 -7.03 3.21 -32.62
CA ILE G 183 -5.82 2.39 -32.91
C ILE G 183 -5.61 2.41 -34.43
N ALA G 184 -4.37 2.73 -34.85
CA ALA G 184 -3.97 2.88 -36.27
C ALA G 184 -3.68 1.51 -36.88
N GLN G 185 -3.97 1.36 -38.16
CA GLN G 185 -3.78 0.11 -38.94
C GLN G 185 -2.29 -0.26 -38.95
N GLU G 186 -1.39 0.73 -39.04
CA GLU G 186 0.08 0.52 -38.93
C GLU G 186 0.74 1.81 -38.45
N LYS H 1 6.84 14.90 -27.81
CA LYS H 1 7.81 16.04 -28.02
C LYS H 1 7.73 16.96 -26.78
N LEU H 2 8.11 18.23 -26.95
CA LEU H 2 8.28 19.19 -25.82
C LEU H 2 6.93 19.45 -25.11
N THR H 3 6.97 19.52 -23.80
CA THR H 3 5.81 19.65 -22.91
C THR H 3 5.91 20.97 -22.13
N LEU H 4 4.83 21.72 -22.10
CA LEU H 4 4.69 22.99 -21.37
C LEU H 4 3.68 22.76 -20.24
N TRP H 5 4.04 23.04 -18.98
CA TRP H 5 3.17 22.66 -17.82
C TRP H 5 3.39 23.56 -16.61
N THR H 6 2.47 23.44 -15.66
CA THR H 6 2.60 23.88 -14.25
C THR H 6 3.44 22.82 -13.55
N THR H 7 4.48 23.19 -12.82
CA THR H 7 5.27 22.18 -12.08
C THR H 7 4.29 21.36 -11.26
N LEU H 8 4.68 20.18 -10.79
CA LEU H 8 3.82 19.29 -9.94
C LEU H 8 4.03 19.64 -8.46
N ASP H 9 4.90 20.62 -8.19
CA ASP H 9 5.11 21.22 -6.85
C ASP H 9 3.76 21.35 -6.13
N PRO H 10 3.65 20.89 -4.87
CA PRO H 10 2.37 20.87 -4.15
C PRO H 10 1.81 22.26 -3.80
N SER H 11 2.61 23.31 -3.89
CA SER H 11 2.25 24.69 -3.43
C SER H 11 1.23 25.33 -4.38
N PRO H 12 0.31 26.15 -3.83
CA PRO H 12 -0.67 26.86 -4.65
C PRO H 12 0.02 27.75 -5.68
N ASN H 13 -0.64 27.98 -6.82
CA ASN H 13 -0.02 28.60 -8.01
C ASN H 13 -1.02 29.45 -8.79
N CYS H 14 -2.24 29.68 -8.28
CA CYS H 14 -3.35 30.23 -9.08
C CYS H 14 -4.26 31.11 -8.22
N ARG H 15 -4.84 32.15 -8.84
CA ARG H 15 -5.81 33.09 -8.22
C ARG H 15 -7.18 32.91 -8.88
N ILE H 16 -8.20 32.55 -8.10
CA ILE H 16 -9.62 32.62 -8.52
C ILE H 16 -10.17 33.98 -8.07
N ASP H 17 -10.15 34.24 -6.76
CA ASP H 17 -10.55 35.56 -6.16
C ASP H 17 -9.30 36.23 -5.56
N VAL H 18 -8.40 35.43 -5.01
CA VAL H 18 -7.34 35.86 -4.07
C VAL H 18 -6.04 35.10 -4.39
N ASP H 19 -4.90 35.77 -4.27
CA ASP H 19 -3.55 35.19 -4.57
C ASP H 19 -3.44 33.84 -3.87
N LYS H 20 -3.13 32.79 -4.65
CA LYS H 20 -2.78 31.43 -4.15
C LYS H 20 -3.94 30.81 -3.38
N ASP H 21 -5.15 30.88 -3.92
CA ASP H 21 -6.35 30.22 -3.32
C ASP H 21 -6.59 28.88 -4.01
N SER H 22 -5.83 28.59 -5.07
CA SER H 22 -6.04 27.40 -5.93
C SER H 22 -4.70 26.87 -6.45
N LYS H 23 -4.68 25.57 -6.78
CA LYS H 23 -3.56 24.91 -7.49
C LYS H 23 -4.08 24.28 -8.79
N LEU H 24 -3.77 24.91 -9.91
CA LEU H 24 -4.05 24.40 -11.27
C LEU H 24 -2.91 23.47 -11.69
N THR H 25 -3.24 22.26 -12.12
CA THR H 25 -2.29 21.35 -12.80
C THR H 25 -2.70 21.26 -14.27
N LEU H 26 -1.93 21.89 -15.14
CA LEU H 26 -2.17 21.91 -16.60
C LEU H 26 -0.92 21.41 -17.30
N VAL H 27 -1.05 20.40 -18.13
CA VAL H 27 0.05 19.84 -18.96
C VAL H 27 -0.36 19.95 -20.43
N LEU H 28 0.40 20.70 -21.21
CA LEU H 28 0.24 20.82 -22.68
C LEU H 28 1.41 20.06 -23.33
N THR H 29 1.12 18.95 -23.97
CA THR H 29 2.11 18.15 -24.72
C THR H 29 1.86 18.33 -26.22
N LYS H 30 2.86 18.77 -26.96
CA LYS H 30 2.79 18.97 -28.41
C LYS H 30 2.99 17.63 -29.11
N CYS H 31 1.96 17.13 -29.78
N CYS H 31 1.96 17.13 -29.78
CA CYS H 31 2.01 15.97 -30.70
CA CYS H 31 2.02 15.95 -30.69
C CYS H 31 1.70 16.45 -32.12
C CYS H 31 1.70 16.45 -32.12
N GLY H 32 2.72 16.93 -32.83
CA GLY H 32 2.57 17.55 -34.15
C GLY H 32 1.68 18.78 -34.08
N SER H 33 0.60 18.78 -34.87
CA SER H 33 -0.29 19.94 -35.10
C SER H 33 -1.40 20.01 -34.05
N GLN H 34 -1.43 19.06 -33.09
CA GLN H 34 -2.39 19.10 -31.96
C GLN H 34 -1.62 19.18 -30.65
N ILE H 35 -2.20 19.90 -29.69
CA ILE H 35 -1.75 19.93 -28.27
C ILE H 35 -2.63 18.97 -27.48
N LEU H 36 -2.04 17.95 -26.87
CA LEU H 36 -2.70 17.04 -25.91
C LEU H 36 -2.64 17.71 -24.54
N ALA H 37 -3.79 18.06 -23.97
CA ALA H 37 -3.93 18.83 -22.72
C ALA H 37 -4.52 17.94 -21.63
N ASN H 38 -4.07 18.13 -20.39
CA ASN H 38 -4.53 17.40 -19.19
C ASN H 38 -4.64 18.42 -18.06
N VAL H 39 -5.78 18.49 -17.40
CA VAL H 39 -6.05 19.56 -16.39
C VAL H 39 -6.78 18.95 -15.18
N SER H 40 -6.38 19.41 -14.00
CA SER H 40 -7.06 19.20 -12.69
C SER H 40 -6.95 20.49 -11.90
N LEU H 41 -7.83 20.69 -10.94
CA LEU H 41 -7.88 21.92 -10.12
C LEU H 41 -8.25 21.57 -8.69
N LEU H 42 -7.47 22.06 -7.74
CA LEU H 42 -7.74 22.01 -6.29
C LEU H 42 -7.84 23.45 -5.76
N VAL H 43 -8.91 23.78 -5.03
CA VAL H 43 -9.03 25.06 -4.29
C VAL H 43 -8.56 24.81 -2.84
N VAL H 44 -7.58 25.57 -2.36
CA VAL H 44 -6.89 25.30 -1.08
C VAL H 44 -7.40 26.22 0.03
N LYS H 45 -7.97 27.37 -0.33
CA LYS H 45 -8.59 28.32 0.64
C LYS H 45 -9.62 29.19 -0.06
N GLY H 46 -10.33 30.02 0.71
CA GLY H 46 -11.36 30.94 0.21
C GLY H 46 -12.71 30.27 0.10
N ARG H 47 -13.68 30.99 -0.44
CA ARG H 47 -15.12 30.66 -0.42
C ARG H 47 -15.42 29.39 -1.22
N PHE H 48 -14.56 28.99 -2.16
CA PHE H 48 -14.79 27.83 -3.06
C PHE H 48 -14.06 26.58 -2.57
N GLN H 49 -13.32 26.67 -1.48
CA GLN H 49 -12.55 25.51 -0.96
C GLN H 49 -13.53 24.43 -0.55
N ASN H 50 -14.56 24.82 0.20
CA ASN H 50 -15.62 23.92 0.73
C ASN H 50 -16.98 24.49 0.32
N LEU H 51 -17.65 23.86 -0.63
CA LEU H 51 -18.93 24.33 -1.18
C LEU H 51 -20.05 23.91 -0.23
N ASN H 52 -20.81 24.87 0.28
CA ASN H 52 -22.03 24.58 1.06
C ASN H 52 -23.12 25.62 0.73
N TYR H 53 -24.07 25.24 -0.11
CA TYR H 53 -25.15 26.11 -0.62
C TYR H 53 -26.33 26.09 0.35
N LYS H 54 -26.29 25.23 1.37
CA LYS H 54 -27.31 25.22 2.45
C LYS H 54 -26.98 26.32 3.44
N THR H 55 -25.69 26.58 3.69
CA THR H 55 -25.22 27.50 4.74
C THR H 55 -24.84 28.86 4.15
N ASN H 56 -24.37 28.92 2.90
N ASN H 56 -24.37 28.92 2.90
CA ASN H 56 -23.98 30.18 2.23
CA ASN H 56 -23.98 30.19 2.24
C ASN H 56 -24.85 30.40 1.00
C ASN H 56 -24.85 30.40 1.00
N PRO H 57 -25.88 31.26 1.09
CA PRO H 57 -26.80 31.49 -0.03
C PRO H 57 -26.23 32.44 -1.10
N ASN H 58 -25.16 33.16 -0.78
CA ASN H 58 -24.54 34.17 -1.66
C ASN H 58 -23.42 33.55 -2.51
N LEU H 59 -23.16 32.25 -2.38
CA LEU H 59 -22.02 31.60 -3.06
C LEU H 59 -22.35 31.39 -4.52
N PRO H 60 -21.53 31.92 -5.46
CA PRO H 60 -21.69 31.61 -6.87
C PRO H 60 -21.51 30.12 -7.13
N LYS H 61 -21.95 29.65 -8.29
CA LYS H 61 -21.73 28.27 -8.78
C LYS H 61 -20.91 28.33 -10.06
N THR H 62 -19.98 29.27 -10.14
CA THR H 62 -19.03 29.39 -11.26
C THR H 62 -17.83 30.21 -10.82
N PHE H 63 -16.69 29.93 -11.43
CA PHE H 63 -15.51 30.82 -11.48
C PHE H 63 -14.76 30.53 -12.78
N THR H 64 -13.92 31.47 -13.20
CA THR H 64 -13.17 31.40 -14.46
C THR H 64 -11.68 31.64 -14.18
N ILE H 65 -10.84 30.72 -14.64
CA ILE H 65 -9.37 30.85 -14.64
C ILE H 65 -8.93 31.11 -16.08
N LYS H 66 -8.21 32.21 -16.32
CA LYS H 66 -7.74 32.64 -17.66
C LYS H 66 -6.20 32.52 -17.76
N LEU H 67 -5.72 31.86 -18.81
CA LEU H 67 -4.31 31.94 -19.26
C LEU H 67 -4.24 32.86 -20.47
N LEU H 68 -3.58 34.00 -20.33
CA LEU H 68 -3.41 35.02 -21.41
C LEU H 68 -1.97 34.96 -21.92
N PHE H 69 -1.79 34.93 -23.24
CA PHE H 69 -0.48 34.80 -23.92
C PHE H 69 -0.26 35.96 -24.89
N ASP H 70 1.00 36.42 -25.01
CA ASP H 70 1.43 37.47 -25.97
C ASP H 70 1.79 36.78 -27.30
N GLU H 71 2.22 37.56 -28.31
CA GLU H 71 2.43 37.10 -29.71
C GLU H 71 3.46 35.97 -29.76
N ASN H 72 4.28 35.82 -28.70
CA ASN H 72 5.35 34.79 -28.60
C ASN H 72 4.91 33.60 -27.74
N GLY H 73 3.67 33.57 -27.27
CA GLY H 73 3.13 32.48 -26.44
C GLY H 73 3.66 32.53 -25.00
N ILE H 74 4.17 33.69 -24.57
CA ILE H 74 4.58 33.93 -23.15
C ILE H 74 3.31 34.21 -22.33
N LEU H 75 3.17 33.55 -21.19
CA LEU H 75 2.08 33.77 -20.23
C LEU H 75 2.23 35.16 -19.61
N LYS H 76 1.15 35.93 -19.56
CA LYS H 76 1.14 37.33 -19.08
C LYS H 76 0.75 37.37 -17.59
N ASP H 77 1.25 38.37 -16.87
CA ASP H 77 1.05 38.58 -15.40
C ASP H 77 -0.45 38.65 -15.08
N SER H 78 -1.25 39.20 -16.00
CA SER H 78 -2.71 39.41 -15.86
C SER H 78 -3.44 38.04 -15.82
N SER H 79 -2.76 36.96 -16.21
CA SER H 79 -3.30 35.58 -16.11
C SER H 79 -3.63 35.26 -14.65
N ASN H 80 -4.56 34.35 -14.44
CA ASN H 80 -4.95 33.84 -13.10
C ASN H 80 -3.83 32.94 -12.57
N LEU H 81 -3.17 32.21 -13.48
CA LEU H 81 -2.02 31.32 -13.15
C LEU H 81 -0.77 32.17 -12.93
N ASP H 82 -0.07 31.94 -11.82
CA ASP H 82 1.20 32.61 -11.46
C ASP H 82 2.26 32.24 -12.51
N LYS H 83 2.90 33.24 -13.09
CA LYS H 83 3.90 33.09 -14.19
C LYS H 83 5.05 32.16 -13.76
N ASN H 84 5.34 32.10 -12.46
CA ASN H 84 6.53 31.42 -11.87
C ASN H 84 6.33 29.90 -11.85
N TYR H 85 5.12 29.41 -12.09
CA TYR H 85 4.76 27.98 -11.99
C TYR H 85 4.42 27.44 -13.37
N TRP H 86 4.97 28.05 -14.43
CA TRP H 86 4.63 27.75 -15.85
C TRP H 86 5.89 27.78 -16.69
N ASN H 87 6.33 26.63 -17.20
CA ASN H 87 7.59 26.50 -17.95
C ASN H 87 7.64 25.13 -18.62
N TYR H 88 8.64 24.88 -19.47
CA TYR H 88 8.91 23.56 -20.08
C TYR H 88 9.29 22.57 -18.98
N ARG H 89 9.09 21.27 -19.22
CA ARG H 89 9.38 20.19 -18.23
C ARG H 89 10.88 19.80 -18.27
N LEU H 95 12.43 24.04 -16.89
CA LEU H 95 12.48 24.89 -15.66
C LEU H 95 13.65 25.87 -15.79
N ALA H 96 14.23 26.38 -14.69
CA ALA H 96 15.32 27.38 -14.68
C ALA H 96 14.77 28.74 -15.15
N GLU H 97 13.95 29.38 -14.31
CA GLU H 97 13.10 30.59 -14.61
C GLU H 97 13.64 31.38 -15.84
N GLN H 98 12.88 31.31 -16.94
CA GLN H 98 13.26 31.71 -18.32
C GLN H 98 12.34 30.95 -19.29
N TYR H 99 11.96 31.58 -20.40
CA TYR H 99 10.90 31.06 -21.31
C TYR H 99 10.78 32.03 -22.48
N LYS H 100 10.91 31.60 -23.74
CA LYS H 100 11.27 32.58 -24.84
C LYS H 100 10.24 32.53 -25.96
N ASN H 101 9.90 31.35 -26.45
CA ASN H 101 8.90 31.12 -27.55
C ASN H 101 8.11 29.84 -27.27
N ALA H 102 6.78 29.92 -27.40
CA ALA H 102 5.85 28.80 -27.16
C ALA H 102 4.66 28.90 -28.12
N VAL H 103 4.86 29.48 -29.29
CA VAL H 103 3.79 29.70 -30.30
C VAL H 103 3.29 28.33 -30.81
N GLY H 104 4.12 27.29 -30.72
CA GLY H 104 3.76 25.91 -31.12
C GLY H 104 2.76 25.28 -30.17
N PHE H 105 2.52 25.92 -29.02
CA PHE H 105 1.57 25.45 -27.98
C PHE H 105 0.31 26.29 -27.97
N MET H 106 0.27 27.36 -28.75
CA MET H 106 -0.87 28.31 -28.74
C MET H 106 -2.02 27.76 -29.57
N PRO H 107 -3.27 28.06 -29.18
CA PRO H 107 -4.43 27.66 -29.96
C PRO H 107 -4.49 28.44 -31.28
N ASN H 108 -4.51 27.70 -32.38
CA ASN H 108 -4.50 28.18 -33.78
C ASN H 108 -5.54 29.29 -33.98
N LEU H 109 -5.12 30.44 -34.49
CA LEU H 109 -5.99 31.64 -34.70
C LEU H 109 -6.95 31.43 -35.89
N ALA H 110 -6.59 30.59 -36.85
CA ALA H 110 -7.45 30.26 -38.02
C ALA H 110 -8.59 29.35 -37.56
N ALA H 111 -8.26 28.34 -36.76
CA ALA H 111 -9.20 27.36 -36.19
C ALA H 111 -10.10 28.05 -35.16
N TYR H 112 -9.52 28.93 -34.34
CA TYR H 112 -10.17 29.59 -33.19
C TYR H 112 -9.99 31.10 -33.31
N PRO H 113 -10.70 31.77 -34.23
CA PRO H 113 -10.56 33.22 -34.41
C PRO H 113 -10.96 34.00 -33.16
N LYS H 114 -10.31 35.14 -32.94
CA LYS H 114 -10.71 36.15 -31.94
C LYS H 114 -12.01 36.81 -32.41
N SER H 115 -12.83 37.27 -31.48
CA SER H 115 -14.10 37.97 -31.77
C SER H 115 -13.77 39.33 -32.38
N THR H 116 -14.21 39.60 -33.61
CA THR H 116 -14.13 40.96 -34.23
C THR H 116 -14.81 41.96 -33.26
N THR H 117 -14.40 43.19 -33.27
CA THR H 117 -15.03 44.30 -32.49
C THR H 117 -16.55 44.13 -32.56
N THR H 118 -17.09 44.01 -33.79
CA THR H 118 -18.54 43.95 -34.13
C THR H 118 -19.27 42.97 -33.20
N GLN H 119 -18.66 41.81 -32.88
CA GLN H 119 -19.35 40.74 -32.09
C GLN H 119 -18.40 40.12 -31.08
N SER H 120 -18.86 39.91 -29.85
CA SER H 120 -18.15 39.17 -28.76
C SER H 120 -18.50 37.66 -28.84
N LYS H 121 -19.25 37.25 -29.88
CA LYS H 121 -19.76 35.86 -30.07
C LYS H 121 -18.83 35.09 -31.01
N LEU H 122 -18.04 34.17 -30.44
CA LEU H 122 -17.10 33.26 -31.16
C LEU H 122 -17.89 32.15 -31.85
N TYR H 123 -17.26 31.45 -32.79
CA TYR H 123 -17.70 30.13 -33.30
C TYR H 123 -17.72 29.15 -32.14
N ALA H 124 -18.52 28.11 -32.26
CA ALA H 124 -18.68 27.07 -31.24
C ALA H 124 -17.39 26.24 -31.14
N ARG H 125 -16.63 26.10 -32.22
CA ARG H 125 -15.45 25.19 -32.26
C ARG H 125 -14.31 25.74 -31.38
N ASN H 126 -14.37 27.03 -31.02
CA ASN H 126 -13.45 27.69 -30.05
C ASN H 126 -13.61 27.06 -28.67
N THR H 127 -14.68 26.29 -28.45
CA THR H 127 -15.09 25.80 -27.10
C THR H 127 -15.05 24.26 -27.03
N ILE H 128 -14.58 23.75 -25.89
CA ILE H 128 -14.69 22.31 -25.51
C ILE H 128 -15.45 22.23 -24.20
N PHE H 129 -16.42 21.33 -24.10
CA PHE H 129 -17.12 21.03 -22.85
C PHE H 129 -16.68 19.67 -22.34
N GLY H 130 -16.49 19.57 -21.03
CA GLY H 130 -16.21 18.30 -20.34
C GLY H 130 -16.93 18.23 -19.02
N ASN H 131 -17.21 17.01 -18.58
CA ASN H 131 -17.71 16.72 -17.23
C ASN H 131 -16.54 16.27 -16.38
N ILE H 132 -16.30 16.94 -15.27
CA ILE H 132 -15.34 16.54 -14.22
C ILE H 132 -16.10 16.43 -12.90
N TYR H 133 -15.44 15.92 -11.87
CA TYR H 133 -16.11 15.50 -10.62
C TYR H 133 -15.29 15.92 -9.42
N LEU H 134 -15.96 16.34 -8.37
CA LEU H 134 -15.33 16.77 -7.09
C LEU H 134 -15.22 15.58 -6.16
N ASP H 135 -14.06 15.43 -5.53
CA ASP H 135 -13.83 14.50 -4.40
C ASP H 135 -13.99 13.06 -4.89
N SER H 136 -13.68 12.82 -6.15
CA SER H 136 -13.58 11.48 -6.78
C SER H 136 -14.94 10.76 -6.76
N GLN H 137 -16.04 11.49 -6.81
CA GLN H 137 -17.40 10.91 -6.78
C GLN H 137 -18.15 11.26 -8.06
N ALA H 138 -18.71 10.25 -8.71
CA ALA H 138 -19.48 10.37 -9.96
C ALA H 138 -20.69 11.29 -9.73
N TYR H 139 -21.13 11.49 -8.49
CA TYR H 139 -22.37 12.23 -8.18
C TYR H 139 -22.08 13.68 -7.79
N ASN H 140 -20.87 14.16 -8.02
CA ASN H 140 -20.49 15.58 -7.83
C ASN H 140 -20.00 16.15 -9.16
N PRO H 141 -20.86 16.22 -10.20
CA PRO H 141 -20.45 16.76 -11.49
C PRO H 141 -20.19 18.25 -11.48
N VAL H 142 -19.20 18.66 -12.25
CA VAL H 142 -18.87 20.07 -12.59
C VAL H 142 -18.63 20.13 -14.09
N VAL H 143 -19.15 21.15 -14.75
CA VAL H 143 -18.93 21.38 -16.20
C VAL H 143 -17.71 22.25 -16.37
N ILE H 144 -16.70 21.77 -17.09
CA ILE H 144 -15.54 22.60 -17.49
C ILE H 144 -15.76 23.03 -18.93
N LYS H 145 -15.73 24.33 -19.15
CA LYS H 145 -15.90 24.96 -20.47
C LYS H 145 -14.58 25.64 -20.83
N ILE H 146 -13.86 25.03 -21.75
CA ILE H 146 -12.55 25.53 -22.25
C ILE H 146 -12.80 26.31 -23.53
N THR H 147 -12.43 27.58 -23.56
CA THR H 147 -12.63 28.48 -24.71
C THR H 147 -11.28 29.09 -25.12
N PHE H 148 -10.98 29.08 -26.41
CA PHE H 148 -9.70 29.58 -26.98
C PHE H 148 -9.91 30.95 -27.61
N ASN H 149 -9.04 31.90 -27.25
CA ASN H 149 -8.82 33.20 -27.97
C ASN H 149 -10.08 34.07 -27.83
N GLN H 150 -10.68 34.04 -26.66
CA GLN H 150 -11.90 34.81 -26.33
C GLN H 150 -11.49 36.18 -25.77
N GLU H 151 -10.33 36.28 -25.12
CA GLU H 151 -9.87 37.49 -24.39
C GLU H 151 -9.21 38.45 -25.38
N ALA H 152 -9.66 39.71 -25.38
CA ALA H 152 -9.46 40.69 -26.46
C ALA H 152 -8.07 41.34 -26.34
N ASP H 153 -7.56 41.53 -25.12
CA ASP H 153 -6.24 42.17 -24.86
C ASP H 153 -5.16 41.10 -24.68
N SER H 154 -5.07 40.17 -25.61
CA SER H 154 -4.07 39.07 -25.65
C SER H 154 -4.07 38.45 -27.05
N ALA H 155 -2.90 38.10 -27.58
CA ALA H 155 -2.76 37.48 -28.92
C ALA H 155 -3.44 36.11 -28.90
N TYR H 156 -3.32 35.41 -27.78
CA TYR H 156 -3.83 34.04 -27.53
C TYR H 156 -4.41 33.96 -26.12
N SER H 157 -5.36 33.06 -25.88
CA SER H 157 -5.89 32.79 -24.52
C SER H 157 -6.49 31.39 -24.43
N ILE H 158 -6.35 30.78 -23.26
CA ILE H 158 -7.10 29.59 -22.83
C ILE H 158 -7.93 30.00 -21.61
N THR H 159 -9.24 29.99 -21.74
CA THR H 159 -10.20 30.30 -20.65
C THR H 159 -10.79 28.99 -20.11
N LEU H 160 -10.65 28.74 -18.82
CA LEU H 160 -11.22 27.58 -18.11
C LEU H 160 -12.40 28.06 -17.26
N ASN H 161 -13.61 27.87 -17.72
CA ASN H 161 -14.83 28.20 -16.97
C ASN H 161 -15.35 26.95 -16.28
N TYR H 162 -15.49 27.01 -14.97
CA TYR H 162 -16.08 25.94 -14.12
C TYR H 162 -17.46 26.41 -13.66
N SER H 163 -18.47 25.55 -13.79
CA SER H 163 -19.85 25.82 -13.30
C SER H 163 -20.52 24.51 -12.90
N TRP H 164 -21.55 24.58 -12.06
CA TRP H 164 -22.29 23.41 -11.56
C TRP H 164 -23.70 23.85 -11.16
N GLY H 165 -24.62 22.90 -11.03
CA GLY H 165 -26.03 23.13 -10.71
C GLY H 165 -26.38 22.69 -9.30
N LYS H 166 -25.74 21.66 -8.76
CA LYS H 166 -26.15 21.00 -7.50
C LYS H 166 -25.92 21.92 -6.32
N ASP H 167 -26.81 21.85 -5.34
CA ASP H 167 -26.66 22.55 -4.04
C ASP H 167 -25.73 21.70 -3.16
N TYR H 168 -24.47 21.62 -3.53
CA TYR H 168 -23.43 20.85 -2.81
C TYR H 168 -23.45 21.26 -1.34
N GLU H 169 -23.29 20.27 -0.45
CA GLU H 169 -23.23 20.46 1.02
C GLU H 169 -21.89 19.92 1.54
N ASN H 170 -20.93 20.82 1.82
CA ASN H 170 -19.57 20.50 2.36
C ASN H 170 -18.83 19.57 1.38
N ILE H 171 -18.77 19.96 0.12
CA ILE H 171 -17.99 19.25 -0.91
C ILE H 171 -16.75 20.09 -1.22
N PRO H 172 -15.54 19.51 -1.11
CA PRO H 172 -14.33 20.27 -1.43
C PRO H 172 -14.20 20.41 -2.94
N PHE H 173 -13.83 21.59 -3.45
CA PHE H 173 -13.50 21.75 -4.88
C PHE H 173 -12.13 21.13 -5.12
N ASP H 174 -12.13 19.82 -5.25
CA ASP H 174 -10.94 19.01 -5.54
C ASP H 174 -11.30 18.14 -6.73
N SER H 175 -10.95 18.57 -7.95
CA SER H 175 -11.51 18.04 -9.22
C SER H 175 -10.71 16.81 -9.69
N THR H 176 -11.40 15.91 -10.40
CA THR H 176 -10.78 14.81 -11.16
C THR H 176 -10.08 15.40 -12.40
N SER H 177 -9.34 14.58 -13.11
CA SER H 177 -8.52 14.96 -14.28
C SER H 177 -9.34 14.83 -15.56
N PHE H 178 -9.14 15.73 -16.50
CA PHE H 178 -9.79 15.76 -17.83
C PHE H 178 -8.73 15.97 -18.91
N THR H 179 -8.85 15.21 -20.00
CA THR H 179 -7.98 15.29 -21.19
C THR H 179 -8.76 15.91 -22.35
N PHE H 180 -8.12 16.77 -23.11
CA PHE H 180 -8.66 17.34 -24.37
C PHE H 180 -7.50 17.62 -25.30
N SER H 181 -7.79 17.97 -26.55
CA SER H 181 -6.79 18.44 -27.51
C SER H 181 -7.31 19.69 -28.22
N TYR H 182 -6.41 20.44 -28.82
CA TYR H 182 -6.73 21.59 -29.69
C TYR H 182 -5.68 21.72 -30.78
N ILE H 183 -6.03 22.40 -31.85
CA ILE H 183 -5.17 22.61 -33.04
C ILE H 183 -4.14 23.69 -32.70
N ALA H 184 -2.86 23.40 -32.94
CA ALA H 184 -1.72 24.27 -32.60
C ALA H 184 -1.53 25.34 -33.69
N GLN H 185 -1.08 26.53 -33.29
CA GLN H 185 -0.86 27.69 -34.19
C GLN H 185 0.21 27.33 -35.23
N GLU H 186 1.24 26.57 -34.84
CA GLU H 186 2.27 26.04 -35.78
C GLU H 186 2.88 24.76 -35.20
N LYS I 1 8.09 6.70 -30.04
CA LYS I 1 6.60 6.68 -29.87
C LYS I 1 6.17 5.25 -29.56
N LEU I 2 6.93 4.57 -28.69
CA LEU I 2 6.69 3.16 -28.29
C LEU I 2 5.31 3.02 -27.58
N THR I 3 4.62 1.94 -27.90
CA THR I 3 3.26 1.62 -27.47
C THR I 3 3.29 0.32 -26.64
N LEU I 4 2.63 0.34 -25.50
CA LEU I 4 2.45 -0.80 -24.59
C LEU I 4 0.96 -1.19 -24.63
N TRP I 5 0.62 -2.44 -24.96
CA TRP I 5 -0.80 -2.82 -25.18
C TRP I 5 -1.07 -4.30 -24.90
N THR I 6 -2.35 -4.63 -24.82
CA THR I 6 -2.90 -6.00 -24.95
C THR I 6 -2.91 -6.34 -26.44
N THR I 7 -2.40 -7.48 -26.85
CA THR I 7 -2.43 -7.84 -28.28
C THR I 7 -3.88 -7.73 -28.73
N LEU I 8 -4.13 -7.64 -30.04
CA LEU I 8 -5.50 -7.53 -30.60
C LEU I 8 -6.06 -8.93 -30.87
N ASP I 9 -5.29 -9.97 -30.57
CA ASP I 9 -5.70 -11.38 -30.56
C ASP I 9 -7.11 -11.49 -30.00
N PRO I 10 -8.02 -12.22 -30.69
CA PRO I 10 -9.44 -12.27 -30.32
C PRO I 10 -9.75 -12.93 -28.96
N SER I 11 -8.81 -13.74 -28.44
CA SER I 11 -9.01 -14.64 -27.27
C SER I 11 -9.09 -13.84 -25.98
N PRO I 12 -9.91 -14.28 -25.01
CA PRO I 12 -10.02 -13.64 -23.71
C PRO I 12 -8.64 -13.56 -23.02
N ASN I 13 -8.46 -12.56 -22.17
CA ASN I 13 -7.12 -12.20 -21.62
C ASN I 13 -7.22 -11.67 -20.19
N CYS I 14 -8.38 -11.73 -19.55
CA CYS I 14 -8.65 -10.97 -18.29
C CYS I 14 -9.59 -11.76 -17.37
N ARG I 15 -9.41 -11.59 -16.05
CA ARG I 15 -10.24 -12.19 -14.98
C ARG I 15 -10.97 -11.06 -14.25
N ILE I 16 -12.31 -11.09 -14.26
CA ILE I 16 -13.16 -10.27 -13.36
C ILE I 16 -13.46 -11.11 -12.12
N ASP I 17 -14.11 -12.25 -12.29
CA ASP I 17 -14.38 -13.24 -11.20
C ASP I 17 -13.59 -14.53 -11.46
N VAL I 18 -13.43 -14.88 -12.73
CA VAL I 18 -13.04 -16.23 -13.20
C VAL I 18 -12.06 -16.09 -14.37
N ASP I 19 -11.08 -16.98 -14.46
CA ASP I 19 -10.02 -16.99 -15.50
C ASP I 19 -10.67 -16.85 -16.87
N LYS I 20 -10.28 -15.82 -17.64
CA LYS I 20 -10.66 -15.65 -19.06
C LYS I 20 -12.17 -15.47 -19.21
N ASP I 21 -12.78 -14.63 -18.37
CA ASP I 21 -14.22 -14.31 -18.47
C ASP I 21 -14.39 -12.99 -19.24
N SER I 22 -13.29 -12.31 -19.55
CA SER I 22 -13.29 -10.97 -20.17
C SER I 22 -12.11 -10.80 -21.12
N LYS I 23 -12.27 -9.88 -22.09
CA LYS I 23 -11.20 -9.42 -23.02
C LYS I 23 -11.06 -7.90 -22.88
N LEU I 24 -10.01 -7.46 -22.20
CA LEU I 24 -9.62 -6.03 -22.08
C LEU I 24 -8.75 -5.68 -23.28
N THR I 25 -9.09 -4.62 -23.99
CA THR I 25 -8.23 -3.99 -25.03
C THR I 25 -7.76 -2.66 -24.48
N LEU I 26 -6.48 -2.59 -24.10
CA LEU I 26 -5.85 -1.38 -23.51
C LEU I 26 -4.63 -1.06 -24.33
N VAL I 27 -4.54 0.15 -24.86
CA VAL I 27 -3.38 0.66 -25.62
C VAL I 27 -2.85 1.90 -24.91
N LEU I 28 -1.62 1.85 -24.44
CA LEU I 28 -0.90 2.99 -23.86
C LEU I 28 0.16 3.43 -24.86
N THR I 29 -0.01 4.59 -25.46
CA THR I 29 0.97 5.20 -26.40
C THR I 29 1.65 6.37 -25.71
N LYS I 30 2.97 6.34 -25.64
CA LYS I 30 3.79 7.41 -25.02
C LYS I 30 3.96 8.54 -26.02
N CYS I 31 3.41 9.71 -25.72
N CYS I 31 3.40 9.71 -25.72
CA CYS I 31 3.66 11.00 -26.42
CA CYS I 31 3.66 11.00 -26.44
C CYS I 31 4.35 11.95 -25.46
C CYS I 31 4.35 11.95 -25.46
N GLY I 32 5.67 11.87 -25.35
CA GLY I 32 6.47 12.64 -24.40
C GLY I 32 6.08 12.30 -22.97
N SER I 33 5.68 13.32 -22.20
CA SER I 33 5.44 13.25 -20.75
C SER I 33 3.99 12.83 -20.45
N GLN I 34 3.18 12.58 -21.48
CA GLN I 34 1.80 12.07 -21.31
C GLN I 34 1.66 10.71 -22.00
N ILE I 35 0.87 9.82 -21.41
CA ILE I 35 0.44 8.54 -22.01
C ILE I 35 -0.96 8.75 -22.59
N LEU I 36 -1.12 8.56 -23.89
CA LEU I 36 -2.43 8.52 -24.57
C LEU I 36 -2.97 7.09 -24.45
N ALA I 37 -4.09 6.92 -23.75
CA ALA I 37 -4.68 5.61 -23.40
C ALA I 37 -6.00 5.41 -24.15
N ASN I 38 -6.28 4.19 -24.57
CA ASN I 38 -7.51 3.79 -25.29
C ASN I 38 -7.94 2.45 -24.73
N VAL I 39 -9.19 2.34 -24.29
CA VAL I 39 -9.68 1.13 -23.57
C VAL I 39 -11.09 0.75 -24.04
N SER I 40 -11.31 -0.56 -24.21
CA SER I 40 -12.62 -1.20 -24.40
C SER I 40 -12.62 -2.51 -23.61
N LEU I 41 -13.79 -3.04 -23.27
CA LEU I 41 -13.93 -4.26 -22.48
C LEU I 41 -15.13 -5.05 -22.99
N LEU I 42 -14.91 -6.33 -23.26
CA LEU I 42 -15.95 -7.33 -23.58
C LEU I 42 -15.91 -8.42 -22.52
N VAL I 43 -17.05 -8.76 -21.92
CA VAL I 43 -17.21 -9.95 -21.03
C VAL I 43 -17.73 -11.10 -21.88
N VAL I 44 -17.04 -12.23 -21.90
CA VAL I 44 -17.28 -13.37 -22.86
C VAL I 44 -18.03 -14.49 -22.16
N LYS I 45 -17.97 -14.58 -20.83
CA LYS I 45 -18.74 -15.58 -20.04
C LYS I 45 -18.88 -15.09 -18.59
N GLY I 46 -19.65 -15.85 -17.79
CA GLY I 46 -19.89 -15.55 -16.37
C GLY I 46 -21.04 -14.61 -16.16
N ARG I 47 -21.25 -14.17 -14.92
CA ARG I 47 -22.49 -13.48 -14.47
C ARG I 47 -22.63 -12.11 -15.13
N PHE I 48 -21.56 -11.51 -15.61
CA PHE I 48 -21.56 -10.12 -16.19
C PHE I 48 -21.62 -10.16 -17.71
N GLN I 49 -21.62 -11.33 -18.32
CA GLN I 49 -21.66 -11.44 -19.80
C GLN I 49 -22.97 -10.83 -20.31
N ASN I 50 -24.07 -11.21 -19.69
CA ASN I 50 -25.44 -10.79 -20.03
C ASN I 50 -26.11 -10.25 -18.75
N LEU I 51 -26.28 -8.94 -18.65
CA LEU I 51 -26.84 -8.26 -17.48
C LEU I 51 -28.36 -8.37 -17.50
N ASN I 52 -28.95 -8.96 -16.47
CA ASN I 52 -30.42 -8.98 -16.31
C ASN I 52 -30.77 -8.86 -14.82
N TYR I 53 -31.15 -7.65 -14.41
CA TYR I 53 -31.45 -7.29 -13.00
C TYR I 53 -32.91 -7.60 -12.70
N LYS I 54 -33.69 -7.97 -13.70
CA LYS I 54 -35.09 -8.43 -13.50
C LYS I 54 -35.08 -9.88 -13.05
N THR I 55 -34.15 -10.68 -13.59
CA THR I 55 -34.10 -12.15 -13.39
C THR I 55 -33.09 -12.52 -12.31
N ASN I 56 -32.01 -11.75 -12.14
N ASN I 56 -32.01 -11.75 -12.14
CA ASN I 56 -30.96 -12.04 -11.13
CA ASN I 56 -30.96 -12.04 -11.13
C ASN I 56 -30.88 -10.89 -10.15
C ASN I 56 -30.88 -10.89 -10.15
N PRO I 57 -31.47 -11.04 -8.95
CA PRO I 57 -31.53 -9.95 -7.98
C PRO I 57 -30.22 -9.77 -7.18
N ASN I 58 -29.35 -10.77 -7.23
CA ASN I 58 -28.08 -10.80 -6.47
C ASN I 58 -26.92 -10.21 -7.30
N LEU I 59 -27.18 -9.76 -8.52
CA LEU I 59 -26.10 -9.32 -9.43
C LEU I 59 -25.61 -7.95 -9.02
N PRO I 60 -24.30 -7.78 -8.72
CA PRO I 60 -23.72 -6.47 -8.52
C PRO I 60 -23.86 -5.59 -9.75
N LYS I 61 -23.70 -4.28 -9.57
CA LYS I 61 -23.65 -3.30 -10.69
C LYS I 61 -22.27 -2.63 -10.70
N THR I 62 -21.25 -3.39 -10.37
CA THR I 62 -19.85 -2.94 -10.42
C THR I 62 -18.94 -4.15 -10.49
N PHE I 63 -17.79 -3.95 -11.12
CA PHE I 63 -16.58 -4.80 -10.97
C PHE I 63 -15.37 -3.93 -11.20
N THR I 64 -14.22 -4.38 -10.74
CA THR I 64 -12.94 -3.67 -10.83
C THR I 64 -11.90 -4.58 -11.48
N ILE I 65 -11.25 -4.07 -12.51
CA ILE I 65 -10.05 -4.67 -13.15
C ILE I 65 -8.84 -3.85 -12.74
N LYS I 66 -7.83 -4.51 -12.12
CA LYS I 66 -6.60 -3.85 -11.63
C LYS I 66 -5.41 -4.29 -12.49
N LEU I 67 -4.62 -3.31 -12.95
CA LEU I 67 -3.26 -3.53 -13.46
C LEU I 67 -2.28 -3.06 -12.38
N LEU I 68 -1.53 -4.01 -11.81
CA LEU I 68 -0.53 -3.75 -10.75
C LEU I 68 0.86 -3.86 -11.35
N PHE I 69 1.72 -2.88 -11.08
CA PHE I 69 3.10 -2.80 -11.65
C PHE I 69 4.12 -2.72 -10.51
N ASP I 70 5.29 -3.34 -10.72
CA ASP I 70 6.45 -3.27 -9.78
C ASP I 70 7.29 -2.03 -10.13
N GLU I 71 8.39 -1.81 -9.40
CA GLU I 71 9.21 -0.56 -9.47
C GLU I 71 9.73 -0.34 -10.89
N ASN I 72 9.74 -1.38 -11.71
CA ASN I 72 10.27 -1.37 -13.13
C ASN I 72 9.11 -1.27 -14.14
N GLY I 73 7.87 -1.16 -13.68
CA GLY I 73 6.69 -1.05 -14.58
C GLY I 73 6.33 -2.39 -15.22
N ILE I 74 6.79 -3.50 -14.65
CA ILE I 74 6.40 -4.88 -15.06
C ILE I 74 5.02 -5.19 -14.46
N LEU I 75 4.10 -5.69 -15.27
CA LEU I 75 2.76 -6.13 -14.82
C LEU I 75 2.92 -7.36 -13.94
N LYS I 76 2.26 -7.37 -12.79
CA LYS I 76 2.37 -8.45 -11.77
C LYS I 76 1.26 -9.48 -11.98
N ASP I 77 1.52 -10.74 -11.62
CA ASP I 77 0.60 -11.91 -11.74
C ASP I 77 -0.73 -11.61 -11.03
N SER I 78 -0.69 -10.85 -9.93
CA SER I 78 -1.87 -10.52 -9.09
C SER I 78 -2.83 -9.61 -9.86
N SER I 79 -2.39 -9.02 -10.98
CA SER I 79 -3.23 -8.20 -11.88
C SER I 79 -4.38 -9.06 -12.40
N ASN I 80 -5.48 -8.41 -12.75
CA ASN I 80 -6.66 -9.06 -13.36
C ASN I 80 -6.33 -9.44 -14.80
N LEU I 81 -5.51 -8.62 -15.47
CA LEU I 81 -5.07 -8.87 -16.87
C LEU I 81 -3.97 -9.95 -16.86
N ASP I 82 -4.11 -10.95 -17.71
CA ASP I 82 -3.12 -12.03 -17.91
C ASP I 82 -1.82 -11.43 -18.44
N LYS I 83 -0.70 -11.71 -17.76
CA LYS I 83 0.65 -11.16 -18.06
C LYS I 83 1.05 -11.46 -19.52
N ASN I 84 0.53 -12.56 -20.08
CA ASN I 84 0.95 -13.11 -21.40
C ASN I 84 0.36 -12.31 -22.56
N TYR I 85 -0.59 -11.41 -22.29
CA TYR I 85 -1.34 -10.65 -23.31
C TYR I 85 -0.98 -9.17 -23.19
N TRP I 86 0.21 -8.86 -22.65
CA TRP I 86 0.65 -7.49 -22.32
C TRP I 86 2.11 -7.32 -22.67
N ASN I 87 2.41 -6.53 -23.69
CA ASN I 87 3.78 -6.34 -24.20
C ASN I 87 3.82 -5.12 -25.12
N TYR I 88 5.02 -4.72 -25.55
CA TYR I 88 5.21 -3.67 -26.57
C TYR I 88 4.63 -4.16 -27.90
N ARG I 89 4.24 -3.24 -28.79
CA ARG I 89 3.65 -3.55 -30.12
C ARG I 89 4.77 -3.82 -31.16
N ASN I 90 4.49 -4.70 -32.12
CA ASN I 90 5.44 -5.28 -33.11
C ASN I 90 6.24 -4.20 -33.84
N GLN I 98 9.15 -11.24 -22.78
CA GLN I 98 8.58 -10.29 -21.76
C GLN I 98 9.49 -9.07 -21.71
N TYR I 99 8.91 -7.87 -21.52
CA TYR I 99 9.69 -6.62 -21.47
C TYR I 99 10.46 -6.53 -20.14
N LYS I 100 11.35 -5.54 -20.04
CA LYS I 100 12.30 -5.40 -18.91
C LYS I 100 12.07 -4.09 -18.12
N ASN I 101 11.80 -2.97 -18.80
CA ASN I 101 11.49 -1.66 -18.17
C ASN I 101 10.34 -0.97 -18.93
N ALA I 102 9.39 -0.41 -18.18
CA ALA I 102 8.21 0.30 -18.73
C ALA I 102 7.82 1.47 -17.81
N VAL I 103 8.78 2.02 -17.08
CA VAL I 103 8.56 3.13 -16.10
C VAL I 103 8.11 4.38 -16.87
N GLY I 104 8.42 4.49 -18.16
CA GLY I 104 7.99 5.62 -19.02
C GLY I 104 6.50 5.59 -19.29
N PHE I 105 5.83 4.48 -18.98
CA PHE I 105 4.38 4.28 -19.20
C PHE I 105 3.63 4.31 -17.88
N MET I 106 4.33 4.39 -16.75
CA MET I 106 3.69 4.35 -15.41
C MET I 106 3.13 5.72 -15.06
N PRO I 107 2.02 5.76 -14.30
CA PRO I 107 1.44 7.00 -13.83
C PRO I 107 2.35 7.66 -12.79
N ASN I 108 2.75 8.90 -13.09
CA ASN I 108 3.68 9.74 -12.31
C ASN I 108 3.28 9.74 -10.82
N LEU I 109 4.21 9.40 -9.94
CA LEU I 109 3.99 9.30 -8.46
C LEU I 109 3.85 10.69 -7.82
N ALA I 110 4.43 11.74 -8.42
CA ALA I 110 4.33 13.13 -7.94
C ALA I 110 2.93 13.66 -8.25
N ALA I 111 2.46 13.42 -9.48
CA ALA I 111 1.13 13.82 -9.96
C ALA I 111 0.03 13.01 -9.24
N TYR I 112 0.28 11.71 -9.04
CA TYR I 112 -0.67 10.73 -8.50
C TYR I 112 -0.05 10.00 -7.31
N PRO I 113 0.10 10.66 -6.14
CA PRO I 113 0.72 10.02 -4.98
C PRO I 113 -0.09 8.82 -4.49
N LYS I 114 0.60 7.84 -3.94
CA LYS I 114 0.01 6.71 -3.20
C LYS I 114 -0.55 7.23 -1.88
N SER I 115 -1.58 6.56 -1.36
CA SER I 115 -2.26 6.89 -0.09
C SER I 115 -1.30 6.70 1.08
N THR I 116 -1.03 7.76 1.83
CA THR I 116 -0.17 7.70 3.05
C THR I 116 -0.87 6.76 4.05
N THR I 117 -0.04 6.04 4.81
CA THR I 117 -0.38 5.18 5.96
C THR I 117 -1.83 4.72 5.89
N THR I 118 -2.53 4.72 7.04
CA THR I 118 -3.95 4.30 7.21
C THR I 118 -4.80 4.94 6.09
N GLN I 119 -4.53 6.19 5.69
CA GLN I 119 -5.56 7.01 4.96
C GLN I 119 -5.51 6.51 3.54
N SER I 120 -6.63 5.93 3.09
CA SER I 120 -6.84 5.40 1.71
C SER I 120 -7.38 6.52 0.81
N LYS I 121 -7.37 7.79 1.28
CA LYS I 121 -7.98 8.97 0.60
C LYS I 121 -6.94 9.70 -0.26
N LEU I 122 -7.00 9.48 -1.59
CA LEU I 122 -6.11 10.06 -2.63
C LEU I 122 -6.59 11.49 -2.92
N TYR I 123 -5.77 12.31 -3.60
CA TYR I 123 -6.24 13.52 -4.31
C TYR I 123 -7.23 13.09 -5.41
N ALA I 124 -8.07 14.00 -5.84
CA ALA I 124 -9.07 13.78 -6.90
C ALA I 124 -8.37 13.58 -8.25
N ARG I 125 -7.21 14.20 -8.47
CA ARG I 125 -6.54 14.21 -9.79
C ARG I 125 -6.00 12.81 -10.13
N ASN I 126 -5.90 11.93 -9.13
CA ASN I 126 -5.54 10.49 -9.31
C ASN I 126 -6.62 9.78 -10.13
N THR I 127 -7.80 10.40 -10.28
CA THR I 127 -9.01 9.75 -10.86
C THR I 127 -9.45 10.44 -12.16
N ILE I 128 -9.85 9.64 -13.15
CA ILE I 128 -10.54 10.08 -14.38
C ILE I 128 -11.88 9.37 -14.44
N PHE I 129 -12.95 10.11 -14.70
CA PHE I 129 -14.30 9.55 -14.95
C PHE I 129 -14.60 9.66 -16.44
N GLY I 130 -15.22 8.63 -16.97
CA GLY I 130 -15.73 8.61 -18.35
C GLY I 130 -17.06 7.89 -18.42
N ASN I 131 -17.85 8.24 -19.41
CA ASN I 131 -19.08 7.53 -19.78
C ASN I 131 -18.77 6.66 -20.99
N ILE I 132 -19.01 5.37 -20.85
CA ILE I 132 -18.97 4.39 -21.95
C ILE I 132 -20.34 3.71 -22.05
N TYR I 133 -20.55 2.92 -23.08
CA TYR I 133 -21.89 2.43 -23.45
C TYR I 133 -21.80 0.97 -23.87
N LEU I 134 -22.81 0.19 -23.48
CA LEU I 134 -22.90 -1.25 -23.80
C LEU I 134 -23.68 -1.42 -25.10
N ASP I 135 -23.17 -2.26 -25.98
CA ASP I 135 -23.88 -2.75 -27.19
C ASP I 135 -24.12 -1.61 -28.15
N SER I 136 -23.24 -0.60 -28.13
CA SER I 136 -23.21 0.52 -29.10
C SER I 136 -24.50 1.36 -29.01
N GLN I 137 -25.13 1.44 -27.84
CA GLN I 137 -26.36 2.24 -27.64
C GLN I 137 -26.12 3.32 -26.61
N ALA I 138 -26.47 4.55 -26.96
CA ALA I 138 -26.34 5.75 -26.12
C ALA I 138 -27.14 5.57 -24.81
N TYR I 139 -28.11 4.68 -24.78
CA TYR I 139 -29.05 4.55 -23.63
C TYR I 139 -28.63 3.41 -22.70
N ASN I 140 -27.42 2.88 -22.87
CA ASN I 140 -26.82 1.88 -21.94
C ASN I 140 -25.54 2.43 -21.34
N PRO I 141 -25.59 3.53 -20.57
CA PRO I 141 -24.40 4.11 -19.98
C PRO I 141 -23.78 3.23 -18.90
N VAL I 142 -22.46 3.25 -18.84
CA VAL I 142 -21.62 2.69 -17.75
C VAL I 142 -20.57 3.74 -17.40
N VAL I 143 -20.34 3.95 -16.11
CA VAL I 143 -19.30 4.88 -15.62
C VAL I 143 -18.00 4.10 -15.47
N ILE I 144 -16.95 4.53 -16.17
CA ILE I 144 -15.58 4.00 -15.98
C ILE I 144 -14.83 4.99 -15.10
N LYS I 145 -14.31 4.50 -14.00
CA LYS I 145 -13.53 5.28 -13.02
C LYS I 145 -12.12 4.73 -13.03
N ILE I 146 -11.21 5.49 -13.61
CA ILE I 146 -9.77 5.13 -13.72
C ILE I 146 -9.05 5.84 -12.60
N THR I 147 -8.38 5.09 -11.74
CA THR I 147 -7.64 5.61 -10.58
C THR I 147 -6.20 5.12 -10.63
N PHE I 148 -5.24 6.02 -10.42
CA PHE I 148 -3.79 5.73 -10.49
C PHE I 148 -3.23 5.62 -9.08
N ASN I 149 -2.48 4.53 -8.82
CA ASN I 149 -1.56 4.37 -7.67
C ASN I 149 -2.38 4.30 -6.38
N GLN I 150 -3.53 3.63 -6.43
CA GLN I 150 -4.45 3.47 -5.29
C GLN I 150 -4.10 2.20 -4.54
N GLU I 151 -3.52 1.19 -5.21
CA GLU I 151 -3.21 -0.14 -4.63
C GLU I 151 -1.88 -0.08 -3.88
N ALA I 152 -1.89 -0.52 -2.63
CA ALA I 152 -0.85 -0.27 -1.62
C ALA I 152 0.35 -1.22 -1.82
N ASP I 153 0.10 -2.48 -2.26
CA ASP I 153 1.16 -3.51 -2.46
C ASP I 153 1.59 -3.54 -3.93
N SER I 154 1.89 -2.37 -4.48
CA SER I 154 2.39 -2.18 -5.86
C SER I 154 3.02 -0.79 -5.98
N ALA I 155 4.14 -0.66 -6.68
CA ALA I 155 4.84 0.63 -6.89
C ALA I 155 3.93 1.56 -7.69
N TYR I 156 3.22 0.99 -8.65
CA TYR I 156 2.31 1.68 -9.59
C TYR I 156 1.05 0.84 -9.76
N SER I 157 -0.08 1.47 -10.08
CA SER I 157 -1.33 0.76 -10.41
C SER I 157 -2.23 1.62 -11.31
N ILE I 158 -2.92 0.95 -12.23
CA ILE I 158 -4.08 1.51 -12.97
C ILE I 158 -5.29 0.65 -12.58
N THR I 159 -6.26 1.26 -11.88
CA THR I 159 -7.52 0.61 -11.44
C THR I 159 -8.64 1.06 -12.39
N LEU I 160 -9.31 0.12 -13.03
CA LEU I 160 -10.48 0.38 -13.91
C LEU I 160 -11.73 -0.11 -13.17
N ASN I 161 -12.48 0.82 -12.57
CA ASN I 161 -13.74 0.52 -11.89
C ASN I 161 -14.89 0.82 -12.84
N TYR I 162 -15.72 -0.18 -13.10
CA TYR I 162 -16.94 -0.09 -13.92
C TYR I 162 -18.15 -0.17 -12.97
N SER I 163 -19.10 0.74 -13.13
CA SER I 163 -20.37 0.75 -12.37
C SER I 163 -21.47 1.34 -13.22
N TRP I 164 -22.72 1.04 -12.88
CA TRP I 164 -23.91 1.52 -13.61
C TRP I 164 -25.10 1.56 -12.67
N GLY I 165 -26.16 2.28 -13.05
CA GLY I 165 -27.38 2.46 -12.23
C GLY I 165 -28.55 1.70 -12.78
N LYS I 166 -28.66 1.54 -14.10
CA LYS I 166 -29.90 1.04 -14.77
C LYS I 166 -30.10 -0.43 -14.44
N ASP I 167 -31.35 -0.83 -14.30
CA ASP I 167 -31.75 -2.26 -14.18
C ASP I 167 -31.78 -2.86 -15.58
N TYR I 168 -30.61 -3.00 -16.20
CA TYR I 168 -30.43 -3.56 -17.55
C TYR I 168 -31.16 -4.90 -17.63
N GLU I 169 -31.81 -5.16 -18.75
CA GLU I 169 -32.53 -6.43 -19.05
C GLU I 169 -31.93 -7.06 -20.32
N ASN I 170 -31.08 -8.07 -20.15
CA ASN I 170 -30.42 -8.84 -21.26
C ASN I 170 -29.57 -7.91 -22.10
N ILE I 171 -28.71 -7.15 -21.47
CA ILE I 171 -27.72 -6.27 -22.17
C ILE I 171 -26.35 -6.92 -22.01
N PRO I 172 -25.64 -7.18 -23.12
CA PRO I 172 -24.30 -7.76 -23.04
C PRO I 172 -23.30 -6.70 -22.57
N PHE I 173 -22.40 -7.04 -21.65
CA PHE I 173 -21.29 -6.14 -21.28
C PHE I 173 -20.27 -6.16 -22.41
N ASP I 174 -20.58 -5.39 -23.43
CA ASP I 174 -19.72 -5.20 -24.63
C ASP I 174 -19.57 -3.70 -24.82
N SER I 175 -18.49 -3.11 -24.30
CA SER I 175 -18.35 -1.65 -24.10
C SER I 175 -17.83 -0.96 -25.36
N THR I 176 -18.22 0.29 -25.55
CA THR I 176 -17.63 1.21 -26.53
C THR I 176 -16.24 1.62 -26.03
N SER I 177 -15.49 2.30 -26.89
CA SER I 177 -14.07 2.68 -26.69
C SER I 177 -14.03 4.06 -26.04
N PHE I 178 -13.09 4.28 -25.15
CA PHE I 178 -12.85 5.54 -24.40
C PHE I 178 -11.36 5.90 -24.46
N THR I 179 -11.05 7.16 -24.69
CA THR I 179 -9.68 7.72 -24.72
C THR I 179 -9.48 8.60 -23.48
N PHE I 180 -8.31 8.52 -22.87
CA PHE I 180 -7.88 9.42 -21.79
C PHE I 180 -6.37 9.57 -21.87
N SER I 181 -5.80 10.46 -21.08
CA SER I 181 -4.34 10.61 -20.92
C SER I 181 -4.00 10.72 -19.44
N TYR I 182 -2.74 10.45 -19.10
CA TYR I 182 -2.20 10.70 -17.76
C TYR I 182 -0.73 11.09 -17.88
N ILE I 183 -0.21 11.73 -16.83
CA ILE I 183 1.19 12.20 -16.75
C ILE I 183 2.10 11.00 -16.47
N ALA I 184 3.15 10.83 -17.28
CA ALA I 184 4.10 9.71 -17.23
C ALA I 184 5.14 9.94 -16.14
N GLN I 185 5.60 8.87 -15.50
CA GLN I 185 6.60 8.90 -14.41
C GLN I 185 7.92 9.47 -14.93
N GLU I 186 8.28 9.17 -16.17
CA GLU I 186 9.47 9.77 -16.85
C GLU I 186 9.26 9.74 -18.38
N LYS J 1 16.75 -16.54 -52.24
CA LYS J 1 16.64 -15.79 -50.95
C LYS J 1 17.90 -16.10 -50.11
N LEU J 2 18.37 -15.14 -49.31
CA LEU J 2 19.73 -15.13 -48.70
C LEU J 2 19.92 -16.35 -47.78
N THR J 3 21.12 -16.94 -47.85
CA THR J 3 21.53 -18.14 -47.11
C THR J 3 22.67 -17.79 -46.16
N LEU J 4 22.57 -18.26 -44.93
CA LEU J 4 23.57 -18.09 -43.85
C LEU J 4 24.13 -19.49 -43.56
N TRP J 5 25.46 -19.69 -43.62
CA TRP J 5 26.06 -21.05 -43.52
C TRP J 5 27.49 -21.04 -43.00
N THR J 6 27.96 -22.22 -42.64
CA THR J 6 29.38 -22.58 -42.46
C THR J 6 29.97 -22.76 -43.86
N THR J 7 31.09 -22.16 -44.19
CA THR J 7 31.70 -22.36 -45.52
C THR J 7 31.84 -23.87 -45.71
N LEU J 8 32.01 -24.33 -46.94
CA LEU J 8 32.20 -25.78 -47.25
C LEU J 8 33.68 -26.16 -47.17
N ASP J 9 34.53 -25.19 -46.87
CA ASP J 9 35.98 -25.37 -46.58
C ASP J 9 36.15 -26.65 -45.75
N PRO J 10 37.08 -27.56 -46.15
CA PRO J 10 37.23 -28.86 -45.49
C PRO J 10 37.76 -28.80 -44.05
N SER J 11 38.33 -27.67 -43.63
CA SER J 11 39.04 -27.51 -42.33
C SER J 11 38.04 -27.51 -41.17
N PRO J 12 38.46 -28.08 -40.01
CA PRO J 12 37.62 -28.10 -38.81
C PRO J 12 37.23 -26.67 -38.39
N ASN J 13 36.07 -26.53 -37.76
CA ASN J 13 35.43 -25.21 -37.52
C ASN J 13 34.66 -25.19 -36.19
N CYS J 14 34.75 -26.23 -35.35
CA CYS J 14 33.83 -26.43 -34.21
C CYS J 14 34.55 -27.09 -33.03
N ARG J 15 34.14 -26.74 -31.81
CA ARG J 15 34.64 -27.30 -30.53
C ARG J 15 33.52 -28.10 -29.86
N ILE J 16 33.74 -29.40 -29.64
CA ILE J 16 32.90 -30.24 -28.73
C ILE J 16 33.55 -30.21 -27.35
N ASP J 17 34.78 -30.68 -27.24
CA ASP J 17 35.60 -30.64 -25.98
C ASP J 17 36.77 -29.68 -26.17
N VAL J 18 37.31 -29.63 -27.39
CA VAL J 18 38.66 -29.07 -27.70
C VAL J 18 38.58 -28.31 -29.03
N ASP J 19 39.29 -27.20 -29.15
N ASP J 19 39.30 -27.19 -29.14
CA ASP J 19 39.31 -26.33 -30.35
CA ASP J 19 39.30 -26.33 -30.36
C ASP J 19 39.53 -27.21 -31.59
C ASP J 19 39.53 -27.21 -31.59
N LYS J 20 38.63 -27.12 -32.57
CA LYS J 20 38.78 -27.73 -33.91
C LYS J 20 38.83 -29.25 -33.82
N ASP J 21 37.97 -29.88 -33.03
CA ASP J 21 37.86 -31.36 -32.94
C ASP J 21 36.73 -31.85 -33.86
N SER J 22 35.98 -30.92 -34.45
CA SER J 22 34.77 -31.24 -35.25
C SER J 22 34.60 -30.26 -36.40
N LYS J 23 33.91 -30.68 -37.46
CA LYS J 23 33.48 -29.84 -38.60
C LYS J 23 31.96 -29.92 -38.73
N LEU J 24 31.27 -28.87 -38.32
CA LEU J 24 29.82 -28.69 -38.49
C LEU J 24 29.56 -28.07 -39.85
N THR J 25 28.67 -28.67 -40.64
CA THR J 25 28.15 -28.09 -41.89
C THR J 25 26.68 -27.75 -41.63
N LEU J 26 26.38 -26.47 -41.47
CA LEU J 26 25.01 -25.96 -41.19
C LEU J 26 24.69 -24.92 -42.26
N VAL J 27 23.59 -25.12 -42.96
CA VAL J 27 23.07 -24.18 -44.00
C VAL J 27 21.66 -23.75 -43.58
N LEU J 28 21.49 -22.46 -43.34
CA LEU J 28 20.16 -21.84 -43.05
C LEU J 28 19.76 -21.02 -44.27
N THR J 29 18.76 -21.46 -45.00
CA THR J 29 18.20 -20.75 -46.17
C THR J 29 16.85 -20.16 -45.80
N LYS J 30 16.69 -18.85 -45.93
CA LYS J 30 15.44 -18.14 -45.63
C LYS J 30 14.48 -18.29 -46.81
N CYS J 31 13.37 -18.98 -46.59
N CYS J 31 13.37 -18.99 -46.59
CA CYS J 31 12.22 -19.06 -47.52
CA CYS J 31 12.21 -19.07 -47.52
C CYS J 31 11.00 -18.40 -46.84
C CYS J 31 11.00 -18.40 -46.84
N GLY J 32 10.89 -17.08 -46.97
CA GLY J 32 9.87 -16.28 -46.28
C GLY J 32 10.02 -16.40 -44.77
N SER J 33 8.95 -16.84 -44.10
CA SER J 33 8.79 -16.85 -42.63
C SER J 33 9.35 -18.14 -42.02
N GLN J 34 9.87 -19.05 -42.85
CA GLN J 34 10.54 -20.29 -42.37
C GLN J 34 11.99 -20.30 -42.82
N ILE J 35 12.86 -20.83 -41.99
CA ILE J 35 14.28 -21.14 -42.30
C ILE J 35 14.36 -22.63 -42.64
N LEU J 36 14.78 -22.95 -43.86
CA LEU J 36 15.10 -24.32 -44.30
C LEU J 36 16.55 -24.60 -43.88
N ALA J 37 16.74 -25.57 -42.98
CA ALA J 37 18.03 -25.89 -42.34
C ALA J 37 18.51 -27.26 -42.82
N ASN J 38 19.81 -27.40 -43.01
CA ASN J 38 20.48 -28.65 -43.43
C ASN J 38 21.76 -28.78 -42.61
N VAL J 39 21.94 -29.90 -41.94
CA VAL J 39 23.07 -30.09 -40.98
C VAL J 39 23.70 -31.48 -41.16
N SER J 40 25.03 -31.50 -41.11
CA SER J 40 25.88 -32.72 -41.00
C SER J 40 27.03 -32.39 -40.04
N LEU J 41 27.62 -33.40 -39.44
CA LEU J 41 28.71 -33.23 -38.44
C LEU J 41 29.72 -34.36 -38.61
N LEU J 42 30.99 -33.98 -38.72
CA LEU J 42 32.16 -34.88 -38.71
C LEU J 42 33.04 -34.53 -37.51
N VAL J 43 33.41 -35.51 -36.69
CA VAL J 43 34.42 -35.34 -35.61
C VAL J 43 35.77 -35.80 -36.19
N VAL J 44 36.79 -34.93 -36.14
CA VAL J 44 38.07 -35.13 -36.86
C VAL J 44 39.16 -35.61 -35.89
N LYS J 45 39.01 -35.33 -34.59
CA LYS J 45 39.95 -35.81 -33.54
C LYS J 45 39.25 -35.81 -32.18
N GLY J 46 39.96 -36.31 -31.16
CA GLY J 46 39.44 -36.41 -29.79
C GLY J 46 38.66 -37.69 -29.57
N ARG J 47 38.07 -37.82 -28.39
CA ARG J 47 37.47 -39.06 -27.86
C ARG J 47 36.26 -39.49 -28.68
N PHE J 48 35.61 -38.58 -29.42
CA PHE J 48 34.36 -38.89 -30.17
C PHE J 48 34.65 -39.17 -31.63
N GLN J 49 35.90 -39.08 -32.07
CA GLN J 49 36.25 -39.31 -33.49
C GLN J 49 35.91 -40.75 -33.87
N ASN J 50 36.32 -41.68 -33.03
CA ASN J 50 36.14 -43.14 -33.22
C ASN J 50 35.49 -43.71 -31.95
N LEU J 51 34.21 -44.06 -32.04
CA LEU J 51 33.43 -44.54 -30.88
C LEU J 51 33.72 -46.02 -30.66
N ASN J 52 34.22 -46.37 -29.48
CA ASN J 52 34.42 -47.78 -29.09
C ASN J 52 34.11 -47.93 -27.61
N TYR J 53 32.91 -48.43 -27.31
CA TYR J 53 32.37 -48.58 -25.94
C TYR J 53 32.83 -49.91 -25.35
N LYS J 54 33.46 -50.77 -26.16
CA LYS J 54 34.04 -52.04 -25.68
C LYS J 54 35.40 -51.74 -25.04
N THR J 55 36.14 -50.78 -25.60
CA THR J 55 37.53 -50.48 -25.21
C THR J 55 37.60 -49.28 -24.26
N ASN J 56 36.67 -48.31 -24.38
N ASN J 56 36.67 -48.31 -24.38
CA ASN J 56 36.64 -47.10 -23.51
CA ASN J 56 36.64 -47.12 -23.50
C ASN J 56 35.33 -47.08 -22.73
C ASN J 56 35.33 -47.08 -22.72
N PRO J 57 35.35 -47.49 -21.45
CA PRO J 57 34.13 -47.59 -20.65
C PRO J 57 33.66 -46.22 -20.09
N ASN J 58 34.53 -45.22 -20.12
CA ASN J 58 34.25 -43.87 -19.58
C ASN J 58 33.64 -42.95 -20.63
N LEU J 59 33.44 -43.41 -21.85
CA LEU J 59 33.04 -42.54 -22.98
C LEU J 59 31.56 -42.20 -22.87
N PRO J 60 31.18 -40.91 -22.81
CA PRO J 60 29.79 -40.51 -22.89
C PRO J 60 29.16 -40.94 -24.22
N LYS J 61 27.84 -40.95 -24.28
CA LYS J 61 27.05 -41.21 -25.50
C LYS J 61 26.23 -39.96 -25.83
N THR J 62 26.79 -38.79 -25.56
CA THR J 62 26.16 -37.50 -25.91
C THR J 62 27.22 -36.42 -25.94
N PHE J 63 27.01 -35.41 -26.76
CA PHE J 63 27.65 -34.09 -26.69
C PHE J 63 26.67 -33.06 -27.24
N THR J 64 26.91 -31.79 -26.92
CA THR J 64 26.06 -30.66 -27.33
C THR J 64 26.90 -29.59 -28.00
N ILE J 65 26.49 -29.18 -29.19
CA ILE J 65 27.03 -28.01 -29.93
C ILE J 65 25.99 -26.88 -29.84
N LYS J 66 26.38 -25.72 -29.32
CA LYS J 66 25.51 -24.53 -29.17
C LYS J 66 25.92 -23.42 -30.14
N LEU J 67 24.95 -22.88 -30.87
CA LEU J 67 25.07 -21.58 -31.57
C LEU J 67 24.31 -20.53 -30.77
N LEU J 68 25.03 -19.56 -30.22
CA LEU J 68 24.47 -18.46 -29.39
C LEU J 68 24.49 -17.17 -30.21
N PHE J 69 23.38 -16.45 -30.24
CA PHE J 69 23.20 -15.21 -31.05
C PHE J 69 22.78 -14.04 -30.14
N ASP J 70 23.27 -12.84 -30.45
CA ASP J 70 22.90 -11.57 -29.76
C ASP J 70 21.63 -11.01 -30.42
N GLU J 71 21.15 -9.85 -29.94
CA GLU J 71 19.84 -9.25 -30.32
C GLU J 71 19.78 -8.99 -31.83
N ASN J 72 20.95 -8.93 -32.50
CA ASN J 72 21.10 -8.65 -33.96
C ASN J 72 21.33 -9.94 -34.76
N GLY J 73 21.30 -11.10 -34.12
CA GLY J 73 21.50 -12.40 -34.79
C GLY J 73 22.95 -12.65 -35.16
N ILE J 74 23.88 -11.93 -34.52
CA ILE J 74 25.36 -12.17 -34.65
C ILE J 74 25.73 -13.37 -33.79
N LEU J 75 26.48 -14.31 -34.36
CA LEU J 75 27.01 -15.48 -33.61
C LEU J 75 28.05 -15.00 -32.60
N LYS J 76 27.97 -15.47 -31.36
CA LYS J 76 28.84 -15.03 -30.24
C LYS J 76 30.02 -16.01 -30.10
N ASP J 77 31.18 -15.49 -29.63
CA ASP J 77 32.44 -16.27 -29.43
C ASP J 77 32.21 -17.47 -28.54
N SER J 78 31.28 -17.37 -27.58
CA SER J 78 30.97 -18.43 -26.59
C SER J 78 30.31 -19.63 -27.29
N SER J 79 29.87 -19.46 -28.54
CA SER J 79 29.35 -20.57 -29.38
C SER J 79 30.41 -21.65 -29.54
N ASN J 80 29.99 -22.87 -29.78
CA ASN J 80 30.89 -24.02 -30.08
C ASN J 80 31.44 -23.86 -31.48
N LEU J 81 30.66 -23.29 -32.40
CA LEU J 81 31.07 -23.00 -33.79
C LEU J 81 31.97 -21.77 -33.81
N ASP J 82 33.13 -21.88 -34.46
CA ASP J 82 34.12 -20.78 -34.66
C ASP J 82 33.45 -19.69 -35.51
N LYS J 83 33.47 -18.46 -35.01
CA LYS J 83 32.80 -17.28 -35.63
C LYS J 83 33.31 -17.06 -37.07
N ASN J 84 34.55 -17.47 -37.36
CA ASN J 84 35.27 -17.20 -38.63
C ASN J 84 34.74 -18.07 -39.77
N TYR J 85 33.94 -19.09 -39.48
CA TYR J 85 33.46 -20.09 -40.45
C TYR J 85 31.94 -19.94 -40.63
N TRP J 86 31.41 -18.75 -40.38
CA TRP J 86 29.96 -18.48 -40.33
C TRP J 86 29.67 -17.13 -40.98
N ASN J 87 29.02 -17.13 -42.14
CA ASN J 87 28.79 -15.90 -42.94
C ASN J 87 27.73 -16.19 -44.01
N TYR J 88 27.26 -15.17 -44.71
CA TYR J 88 26.35 -15.30 -45.87
C TYR J 88 27.12 -16.02 -46.99
N ARG J 89 26.41 -16.70 -47.91
CA ARG J 89 26.99 -17.43 -49.06
C ARG J 89 27.10 -16.45 -50.23
N ASN J 90 28.13 -15.60 -50.26
CA ASN J 90 28.46 -14.76 -51.44
C ASN J 90 29.14 -15.63 -52.50
N GLY J 91 29.84 -16.69 -52.06
CA GLY J 91 30.45 -17.72 -52.93
C GLY J 91 30.39 -19.10 -52.29
N ASN J 92 30.31 -20.15 -53.09
CA ASN J 92 30.43 -21.57 -52.62
C ASN J 92 31.04 -21.60 -51.17
N ASN J 101 23.39 -7.72 -39.59
CA ASN J 101 22.04 -8.12 -39.08
C ASN J 101 21.65 -9.47 -39.70
N ALA J 102 21.11 -10.38 -38.89
CA ALA J 102 20.67 -11.72 -39.32
C ALA J 102 19.44 -12.16 -38.51
N VAL J 103 18.65 -11.20 -38.03
CA VAL J 103 17.45 -11.45 -37.18
C VAL J 103 16.41 -12.22 -38.01
N GLY J 104 16.47 -12.13 -39.34
CA GLY J 104 15.59 -12.86 -40.26
C GLY J 104 15.87 -14.34 -40.29
N PHE J 105 17.00 -14.77 -39.70
CA PHE J 105 17.43 -16.19 -39.63
C PHE J 105 17.25 -16.74 -38.22
N MET J 106 16.88 -15.91 -37.26
CA MET J 106 16.79 -16.32 -35.84
C MET J 106 15.47 -17.05 -35.59
N PRO J 107 15.47 -18.02 -34.67
CA PRO J 107 14.26 -18.72 -34.29
C PRO J 107 13.31 -17.79 -33.52
N ASN J 108 12.10 -17.64 -34.05
CA ASN J 108 11.03 -16.75 -33.57
C ASN J 108 10.83 -16.92 -32.05
N LEU J 109 10.89 -15.83 -31.28
CA LEU J 109 10.77 -15.81 -29.81
C LEU J 109 9.32 -16.07 -29.35
N ALA J 110 8.33 -15.76 -30.18
CA ALA J 110 6.90 -16.01 -29.89
C ALA J 110 6.62 -17.50 -30.03
N ALA J 111 7.12 -18.09 -31.12
CA ALA J 111 6.97 -19.54 -31.43
C ALA J 111 7.78 -20.37 -30.44
N TYR J 112 8.99 -19.89 -30.08
CA TYR J 112 9.98 -20.60 -29.26
C TYR J 112 10.41 -19.70 -28.10
N PRO J 113 9.55 -19.49 -27.08
CA PRO J 113 9.89 -18.62 -25.96
C PRO J 113 11.09 -19.15 -25.16
N LYS J 114 11.86 -18.25 -24.59
CA LYS J 114 12.89 -18.55 -23.56
C LYS J 114 12.18 -18.95 -22.26
N SER J 115 12.82 -19.76 -21.46
CA SER J 115 12.26 -20.35 -20.21
C SER J 115 11.78 -19.37 -19.15
N THR J 116 12.31 -18.13 -18.99
CA THR J 116 11.94 -17.22 -17.90
C THR J 116 12.09 -17.99 -16.56
N THR J 117 11.32 -17.64 -15.56
CA THR J 117 11.35 -18.29 -14.22
C THR J 117 11.33 -19.80 -14.43
N THR J 118 10.37 -20.29 -15.24
CA THR J 118 10.09 -21.74 -15.47
C THR J 118 11.44 -22.51 -15.78
N GLN J 119 11.91 -23.29 -14.82
CA GLN J 119 13.37 -23.52 -14.57
C GLN J 119 13.95 -24.41 -15.65
N SER J 120 14.15 -23.87 -16.86
CA SER J 120 14.75 -24.55 -18.02
C SER J 120 13.66 -25.29 -18.82
N LYS J 121 12.37 -25.21 -18.36
CA LYS J 121 11.27 -26.11 -18.88
C LYS J 121 10.49 -25.41 -20.01
N LEU J 122 10.93 -25.61 -21.26
CA LEU J 122 10.42 -24.98 -22.51
C LEU J 122 9.14 -25.71 -22.91
N TYR J 123 8.36 -25.14 -23.83
CA TYR J 123 7.35 -25.88 -24.63
C TYR J 123 8.09 -26.93 -25.46
N ALA J 124 7.38 -27.96 -25.87
CA ALA J 124 7.89 -29.06 -26.71
C ALA J 124 8.20 -28.54 -28.11
N ARG J 125 7.48 -27.53 -28.60
CA ARG J 125 7.59 -27.07 -30.01
C ARG J 125 8.94 -26.36 -30.24
N ASN J 126 9.62 -25.97 -29.16
CA ASN J 126 11.01 -25.43 -29.18
C ASN J 126 11.98 -26.48 -29.69
N THR J 127 11.56 -27.75 -29.74
CA THR J 127 12.45 -28.92 -30.00
C THR J 127 12.06 -29.64 -31.29
N ILE J 128 13.06 -30.06 -32.07
CA ILE J 128 12.91 -30.98 -33.22
C ILE J 128 13.78 -32.19 -32.95
N PHE J 129 13.24 -33.39 -33.15
CA PHE J 129 14.00 -34.65 -33.09
C PHE J 129 14.18 -35.17 -34.51
N GLY J 130 15.36 -35.70 -34.78
CA GLY J 130 15.66 -36.40 -36.02
C GLY J 130 16.54 -37.59 -35.77
N ASN J 131 16.43 -38.59 -36.65
CA ASN J 131 17.35 -39.74 -36.67
C ASN J 131 18.37 -39.50 -37.78
N ILE J 132 19.64 -39.51 -37.43
CA ILE J 132 20.76 -39.46 -38.38
C ILE J 132 21.63 -40.70 -38.14
N TYR J 133 22.61 -40.92 -39.00
CA TYR J 133 23.33 -42.19 -39.05
C TYR J 133 24.82 -41.92 -39.25
N LEU J 134 25.66 -42.73 -38.59
CA LEU J 134 27.12 -42.65 -38.70
C LEU J 134 27.60 -43.56 -39.82
N ASP J 135 28.50 -43.05 -40.64
CA ASP J 135 29.27 -43.84 -41.63
C ASP J 135 28.33 -44.40 -42.69
N SER J 136 27.24 -43.72 -42.96
CA SER J 136 26.29 -43.99 -44.08
C SER J 136 25.64 -45.36 -43.91
N GLN J 137 25.46 -45.84 -42.68
CA GLN J 137 24.83 -47.14 -42.40
C GLN J 137 23.56 -46.94 -41.59
N ALA J 138 22.46 -47.53 -42.05
CA ALA J 138 21.13 -47.47 -41.41
C ALA J 138 21.21 -48.04 -39.99
N TYR J 139 22.20 -48.84 -39.66
CA TYR J 139 22.27 -49.56 -38.37
C TYR J 139 23.16 -48.83 -37.36
N ASN J 140 23.54 -47.58 -37.65
CA ASN J 140 24.28 -46.71 -36.71
C ASN J 140 23.48 -45.46 -36.41
N PRO J 141 22.27 -45.59 -35.79
CA PRO J 141 21.45 -44.43 -35.50
C PRO J 141 22.04 -43.52 -34.41
N VAL J 142 21.83 -42.24 -34.59
CA VAL J 142 22.11 -41.17 -33.59
C VAL J 142 20.90 -40.24 -33.58
N VAL J 143 20.45 -39.85 -32.39
CA VAL J 143 19.32 -38.90 -32.21
C VAL J 143 19.89 -37.50 -32.17
N ILE J 144 19.44 -36.64 -33.10
CA ILE J 144 19.76 -35.20 -33.06
C ILE J 144 18.56 -34.49 -32.48
N LYS J 145 18.78 -33.75 -31.41
CA LYS J 145 17.75 -32.98 -30.70
C LYS J 145 18.11 -31.50 -30.85
N ILE J 146 17.35 -30.81 -31.70
CA ILE J 146 17.54 -29.37 -31.99
C ILE J 146 16.56 -28.60 -31.12
N THR J 147 17.05 -27.70 -30.29
CA THR J 147 16.25 -26.91 -29.35
C THR J 147 16.57 -25.43 -29.58
N PHE J 148 15.51 -24.60 -29.67
CA PHE J 148 15.62 -23.14 -29.94
C PHE J 148 15.41 -22.36 -28.65
N ASN J 149 16.34 -21.43 -28.37
CA ASN J 149 16.18 -20.33 -27.38
C ASN J 149 16.13 -20.93 -25.97
N GLN J 150 16.96 -21.95 -25.74
CA GLN J 150 17.06 -22.66 -24.44
C GLN J 150 18.12 -21.98 -23.57
N GLU J 151 19.12 -21.34 -24.19
CA GLU J 151 20.30 -20.74 -23.50
C GLU J 151 19.92 -19.34 -23.01
N ALA J 152 20.15 -19.09 -21.72
CA ALA J 152 19.59 -17.95 -20.95
C ALA J 152 20.38 -16.66 -21.23
N ASP J 153 21.69 -16.75 -21.45
CA ASP J 153 22.61 -15.59 -21.63
C ASP J 153 22.83 -15.35 -23.14
N SER J 154 21.73 -15.35 -23.92
CA SER J 154 21.73 -15.10 -25.37
C SER J 154 20.29 -14.75 -25.80
N ALA J 155 20.13 -13.79 -26.69
CA ALA J 155 18.82 -13.35 -27.19
C ALA J 155 18.16 -14.51 -27.95
N TYR J 156 18.99 -15.26 -28.68
CA TYR J 156 18.58 -16.40 -29.53
C TYR J 156 19.61 -17.53 -29.35
N SER J 157 19.20 -18.77 -29.56
CA SER J 157 20.12 -19.93 -29.58
C SER J 157 19.56 -21.08 -30.42
N ILE J 158 20.46 -21.79 -31.08
CA ILE J 158 20.21 -23.14 -31.68
C ILE J 158 21.12 -24.11 -30.96
N THR J 159 20.54 -25.04 -30.20
CA THR J 159 21.26 -26.11 -29.47
C THR J 159 21.11 -27.42 -30.27
N LEU J 160 22.24 -28.02 -30.65
CA LEU J 160 22.30 -29.35 -31.32
C LEU J 160 22.80 -30.38 -30.32
N ASN J 161 21.89 -31.15 -29.77
CA ASN J 161 22.23 -32.26 -28.84
C ASN J 161 22.25 -33.56 -29.64
N TYR J 162 23.39 -34.25 -29.60
CA TYR J 162 23.59 -35.58 -30.21
C TYR J 162 23.67 -36.62 -29.09
N SER J 163 22.93 -37.72 -29.23
CA SER J 163 22.95 -38.85 -28.26
C SER J 163 22.67 -40.15 -29.01
N TRP J 164 23.07 -41.28 -28.42
CA TRP J 164 22.87 -42.62 -29.00
C TRP J 164 22.84 -43.65 -27.89
N GLY J 165 22.33 -44.84 -28.18
CA GLY J 165 22.17 -45.94 -27.22
C GLY J 165 23.17 -47.08 -27.44
N LYS J 166 23.55 -47.34 -28.67
CA LYS J 166 24.30 -48.56 -29.08
C LYS J 166 25.71 -48.49 -28.54
N ASP J 167 26.25 -49.64 -28.12
CA ASP J 167 27.67 -49.79 -27.73
C ASP J 167 28.50 -49.92 -29.02
N TYR J 168 28.59 -48.84 -29.77
CA TYR J 168 29.34 -48.78 -31.05
C TYR J 168 30.75 -49.32 -30.83
N GLU J 169 31.26 -50.08 -31.80
CA GLU J 169 32.66 -50.63 -31.80
C GLU J 169 33.40 -50.11 -33.04
N ASN J 170 34.25 -49.09 -32.87
CA ASN J 170 35.10 -48.48 -33.93
C ASN J 170 34.23 -47.91 -35.03
N ILE J 171 33.25 -47.09 -34.67
CA ILE J 171 32.40 -46.36 -35.63
C ILE J 171 32.82 -44.90 -35.60
N PRO J 172 33.16 -44.32 -36.75
CA PRO J 172 33.56 -42.90 -36.79
C PRO J 172 32.31 -42.03 -36.64
N PHE J 173 32.36 -40.97 -35.82
CA PHE J 173 31.28 -39.97 -35.78
C PHE J 173 31.37 -39.13 -37.04
N ASP J 174 30.84 -39.67 -38.11
CA ASP J 174 30.74 -39.05 -39.44
C ASP J 174 29.29 -39.17 -39.86
N SER J 175 28.48 -38.13 -39.64
CA SER J 175 26.99 -38.20 -39.66
C SER J 175 26.47 -37.98 -41.08
N THR J 176 25.33 -38.57 -41.38
CA THR J 176 24.53 -38.28 -42.59
C THR J 176 23.88 -36.89 -42.42
N SER J 177 23.26 -36.40 -43.48
CA SER J 177 22.62 -35.06 -43.53
C SER J 177 21.17 -35.18 -43.07
N PHE J 178 20.69 -34.14 -42.38
CA PHE J 178 19.30 -34.00 -41.90
C PHE J 178 18.79 -32.61 -42.27
N THR J 179 17.56 -32.55 -42.76
CA THR J 179 16.84 -31.30 -43.10
C THR J 179 15.73 -31.06 -42.07
N PHE J 180 15.56 -29.81 -41.67
CA PHE J 180 14.44 -29.36 -40.81
C PHE J 180 14.12 -27.92 -41.17
N SER J 181 13.04 -27.39 -40.63
CA SER J 181 12.70 -25.96 -40.73
C SER J 181 12.30 -25.43 -39.35
N TYR J 182 12.34 -24.12 -39.20
CA TYR J 182 11.80 -23.42 -38.01
C TYR J 182 11.26 -22.06 -38.44
N ILE J 183 10.39 -21.51 -37.60
CA ILE J 183 9.70 -20.21 -37.84
C ILE J 183 10.70 -19.08 -37.55
N ALA J 184 10.85 -18.15 -38.49
CA ALA J 184 11.83 -17.04 -38.43
C ALA J 184 11.26 -15.89 -37.58
N GLN J 185 12.13 -15.18 -36.88
CA GLN J 185 11.78 -14.05 -35.99
C GLN J 185 11.13 -12.93 -36.81
N GLU J 186 11.59 -12.71 -38.05
CA GLU J 186 10.98 -11.73 -38.99
C GLU J 186 11.31 -12.16 -40.43
N LYS K 1 11.06 -20.48 -56.46
CA LYS K 1 11.38 -20.21 -57.88
C LYS K 1 11.27 -21.52 -58.68
N LEU K 2 12.11 -21.69 -59.71
CA LEU K 2 11.93 -22.71 -60.78
C LEU K 2 11.99 -24.14 -60.18
N THR K 3 11.11 -25.00 -60.67
CA THR K 3 10.90 -26.37 -60.18
C THR K 3 11.21 -27.35 -61.32
N LEU K 4 12.00 -28.38 -61.02
CA LEU K 4 12.38 -29.47 -61.94
C LEU K 4 11.72 -30.75 -61.42
N TRP K 5 10.92 -31.44 -62.23
CA TRP K 5 10.11 -32.60 -61.73
C TRP K 5 9.80 -33.62 -62.82
N THR K 6 9.32 -34.78 -62.39
CA THR K 6 8.60 -35.78 -63.18
C THR K 6 7.17 -35.28 -63.36
N THR K 7 6.64 -35.23 -64.56
CA THR K 7 5.23 -34.78 -64.74
C THR K 7 4.38 -35.62 -63.80
N LEU K 8 3.17 -35.18 -63.48
CA LEU K 8 2.23 -35.91 -62.59
C LEU K 8 1.37 -36.88 -63.42
N ASP K 9 1.59 -36.90 -64.74
CA ASP K 9 1.01 -37.89 -65.68
C ASP K 9 0.99 -39.27 -65.01
N PRO K 10 -0.15 -39.99 -65.03
CA PRO K 10 -0.29 -41.26 -64.31
C PRO K 10 0.57 -42.42 -64.85
N SER K 11 1.10 -42.30 -66.08
CA SER K 11 1.78 -43.39 -66.81
C SER K 11 3.14 -43.67 -66.20
N PRO K 12 3.57 -44.96 -66.21
CA PRO K 12 4.88 -45.34 -65.69
C PRO K 12 6.00 -44.60 -66.40
N ASN K 13 7.12 -44.38 -65.72
CA ASN K 13 8.18 -43.46 -66.18
C ASN K 13 9.58 -43.94 -65.75
N CYS K 14 9.70 -45.13 -65.19
CA CYS K 14 10.94 -45.57 -64.48
C CYS K 14 11.19 -47.07 -64.66
N ARG K 15 12.46 -47.45 -64.71
CA ARG K 15 12.94 -48.86 -64.79
C ARG K 15 13.65 -49.23 -63.49
N ILE K 16 13.16 -50.24 -62.78
CA ILE K 16 13.90 -50.92 -61.68
C ILE K 16 14.65 -52.11 -62.29
N ASP K 17 13.91 -53.06 -62.87
CA ASP K 17 14.47 -54.24 -63.59
C ASP K 17 14.14 -54.12 -65.08
N VAL K 18 12.98 -53.57 -65.40
CA VAL K 18 12.32 -53.68 -66.73
C VAL K 18 11.68 -52.32 -67.07
N ASP K 19 11.70 -51.94 -68.35
CA ASP K 19 11.15 -50.67 -68.85
C ASP K 19 9.73 -50.48 -68.30
N LYS K 20 9.48 -49.36 -67.62
CA LYS K 20 8.14 -48.91 -67.20
C LYS K 20 7.53 -49.89 -66.19
N ASP K 21 8.30 -50.35 -65.20
CA ASP K 21 7.78 -51.23 -64.12
C ASP K 21 7.45 -50.38 -62.89
N SER K 22 7.77 -49.08 -62.92
CA SER K 22 7.65 -48.17 -61.76
C SER K 22 7.27 -46.76 -62.23
N LYS K 23 6.64 -45.99 -61.33
CA LYS K 23 6.37 -44.55 -61.51
C LYS K 23 7.00 -43.77 -60.34
N LEU K 24 8.11 -43.10 -60.61
CA LEU K 24 8.79 -42.19 -59.66
C LEU K 24 8.15 -40.81 -59.77
N THR K 25 7.73 -40.23 -58.65
CA THR K 25 7.30 -38.82 -58.55
C THR K 25 8.36 -38.07 -57.76
N LEU K 26 9.17 -37.27 -58.44
CA LEU K 26 10.27 -36.49 -57.83
C LEU K 26 10.09 -35.02 -58.21
N VAL K 27 10.04 -34.16 -57.22
CA VAL K 27 9.92 -32.70 -57.39
C VAL K 27 11.13 -32.05 -56.71
N LEU K 28 11.95 -31.35 -57.49
CA LEU K 28 13.09 -30.55 -56.98
C LEU K 28 12.71 -29.08 -57.14
N THR K 29 12.49 -28.38 -56.03
CA THR K 29 12.19 -26.93 -56.02
C THR K 29 13.41 -26.19 -55.50
N LYS K 30 13.93 -25.24 -56.27
CA LYS K 30 15.11 -24.43 -55.88
C LYS K 30 14.64 -23.30 -54.98
N CYS K 31 15.07 -23.31 -53.71
N CYS K 31 15.07 -23.31 -53.71
CA CYS K 31 14.93 -22.19 -52.75
CA CYS K 31 14.93 -22.20 -52.75
C CYS K 31 16.32 -21.67 -52.41
C CYS K 31 16.33 -21.68 -52.41
N GLY K 32 16.86 -20.77 -53.23
CA GLY K 32 18.23 -20.25 -53.09
C GLY K 32 19.24 -21.36 -53.23
N SER K 33 20.08 -21.53 -52.21
CA SER K 33 21.27 -22.43 -52.22
C SER K 33 20.89 -23.85 -51.79
N GLN K 34 19.61 -24.10 -51.48
CA GLN K 34 19.12 -25.47 -51.16
C GLN K 34 18.05 -25.87 -52.16
N ILE K 35 18.01 -27.15 -52.49
CA ILE K 35 16.93 -27.80 -53.27
C ILE K 35 15.99 -28.51 -52.28
N LEU K 36 14.73 -28.10 -52.26
CA LEU K 36 13.65 -28.78 -51.51
C LEU K 36 13.13 -29.92 -52.39
N ALA K 37 13.30 -31.16 -51.95
CA ALA K 37 13.00 -32.38 -52.73
C ALA K 37 11.81 -33.11 -52.10
N ASN K 38 10.95 -33.69 -52.92
CA ASN K 38 9.76 -34.46 -52.51
C ASN K 38 9.67 -35.67 -53.43
N VAL K 39 9.59 -36.87 -52.85
CA VAL K 39 9.67 -38.13 -53.62
C VAL K 39 8.63 -39.15 -53.10
N SER K 40 8.00 -39.85 -54.05
CA SER K 40 7.16 -41.04 -53.84
C SER K 40 7.46 -42.03 -54.96
N LEU K 41 7.20 -43.31 -54.75
CA LEU K 41 7.44 -44.37 -55.75
C LEU K 41 6.31 -45.39 -55.69
N LEU K 42 5.76 -45.71 -56.85
CA LEU K 42 4.80 -46.81 -57.06
C LEU K 42 5.41 -47.80 -58.05
N VAL K 43 5.42 -49.09 -57.73
CA VAL K 43 5.79 -50.19 -58.67
C VAL K 43 4.49 -50.73 -59.29
N VAL K 44 4.39 -50.72 -60.61
CA VAL K 44 3.12 -51.00 -61.33
C VAL K 44 3.10 -52.43 -61.88
N LYS K 45 4.27 -53.04 -62.09
CA LYS K 45 4.39 -54.46 -62.53
C LYS K 45 5.76 -55.00 -62.13
N GLY K 46 5.98 -56.30 -62.38
CA GLY K 46 7.23 -57.01 -62.09
C GLY K 46 7.25 -57.52 -60.66
N ARG K 47 8.39 -58.06 -60.26
CA ARG K 47 8.54 -58.89 -59.03
C ARG K 47 8.34 -58.02 -57.77
N PHE K 48 8.49 -56.69 -57.86
CA PHE K 48 8.41 -55.79 -56.68
C PHE K 48 7.03 -55.15 -56.57
N GLN K 49 6.13 -55.41 -57.50
CA GLN K 49 4.79 -54.79 -57.47
C GLN K 49 4.06 -55.24 -56.20
N ASN K 50 4.10 -56.54 -55.95
CA ASN K 50 3.44 -57.19 -54.79
C ASN K 50 4.48 -58.02 -54.05
N LEU K 51 4.89 -57.57 -52.87
CA LEU K 51 5.94 -58.22 -52.07
C LEU K 51 5.33 -59.38 -51.29
N ASN K 52 5.84 -60.58 -51.49
CA ASN K 52 5.43 -61.77 -50.69
C ASN K 52 6.65 -62.67 -50.47
N TYR K 53 7.25 -62.56 -49.29
CA TYR K 53 8.48 -63.27 -48.89
C TYR K 53 8.12 -64.64 -48.34
N LYS K 54 6.84 -64.94 -48.14
CA LYS K 54 6.38 -66.29 -47.74
C LYS K 54 6.34 -67.17 -48.98
N THR K 55 5.96 -66.62 -50.12
CA THR K 55 5.72 -67.38 -51.37
C THR K 55 6.93 -67.32 -52.31
N ASN K 56 7.69 -66.23 -52.29
N ASN K 56 7.69 -66.23 -52.29
CA ASN K 56 8.88 -66.06 -53.17
CA ASN K 56 8.89 -66.06 -53.17
C ASN K 56 10.14 -65.92 -52.30
C ASN K 56 10.13 -65.91 -52.30
N PRO K 57 10.93 -66.98 -52.16
CA PRO K 57 12.13 -66.95 -51.32
C PRO K 57 13.34 -66.28 -52.00
N ASN K 58 13.27 -66.09 -53.31
CA ASN K 58 14.37 -65.52 -54.13
C ASN K 58 14.23 -63.99 -54.24
N LEU K 59 13.22 -63.39 -53.64
CA LEU K 59 12.93 -61.95 -53.85
C LEU K 59 13.90 -61.12 -53.02
N PRO K 60 14.67 -60.20 -53.65
CA PRO K 60 15.47 -59.25 -52.90
C PRO K 60 14.61 -58.35 -52.02
N LYS K 61 15.23 -57.69 -51.05
CA LYS K 61 14.59 -56.66 -50.20
C LYS K 61 15.27 -55.33 -50.43
N THR K 62 15.70 -55.06 -51.66
CA THR K 62 16.29 -53.80 -52.07
C THR K 62 16.21 -53.65 -53.58
N PHE K 63 16.13 -52.41 -54.04
CA PHE K 63 16.43 -52.00 -55.42
C PHE K 63 16.93 -50.56 -55.38
N THR K 64 17.61 -50.13 -56.44
CA THR K 64 18.22 -48.80 -56.54
C THR K 64 17.78 -48.13 -57.84
N ILE K 65 17.25 -46.92 -57.73
CA ILE K 65 16.90 -46.03 -58.86
C ILE K 65 17.93 -44.90 -58.89
N LYS K 66 18.64 -44.74 -60.02
CA LYS K 66 19.71 -43.74 -60.21
C LYS K 66 19.25 -42.66 -61.20
N LEU K 67 19.40 -41.39 -60.82
CA LEU K 67 19.37 -40.23 -61.74
C LEU K 67 20.80 -39.78 -61.99
N LEU K 68 21.28 -39.91 -63.22
CA LEU K 68 22.64 -39.52 -63.64
C LEU K 68 22.57 -38.25 -64.48
N PHE K 69 23.41 -37.27 -64.19
CA PHE K 69 23.43 -35.94 -64.84
C PHE K 69 24.81 -35.64 -65.41
N ASP K 70 24.86 -34.94 -66.57
CA ASP K 70 26.10 -34.47 -67.22
C ASP K 70 26.48 -33.10 -66.64
N GLU K 71 27.56 -32.49 -67.12
CA GLU K 71 28.17 -31.27 -66.52
C GLU K 71 27.15 -30.09 -66.55
N ASN K 72 26.10 -30.20 -67.37
CA ASN K 72 25.04 -29.16 -67.55
C ASN K 72 23.77 -29.52 -66.76
N GLY K 73 23.78 -30.61 -66.00
CA GLY K 73 22.62 -31.05 -65.20
C GLY K 73 21.52 -31.65 -66.04
N ILE K 74 21.84 -32.11 -67.26
CA ILE K 74 20.92 -32.87 -68.15
C ILE K 74 20.88 -34.31 -67.68
N LEU K 75 19.68 -34.86 -67.53
CA LEU K 75 19.46 -36.28 -67.17
C LEU K 75 19.92 -37.15 -68.33
N LYS K 76 20.69 -38.20 -68.05
CA LYS K 76 21.30 -39.10 -69.07
C LYS K 76 20.42 -40.32 -69.27
N ASP K 77 20.42 -40.89 -70.47
CA ASP K 77 19.62 -42.06 -70.92
C ASP K 77 19.87 -43.25 -69.99
N SER K 78 21.09 -43.37 -69.46
CA SER K 78 21.54 -44.49 -68.59
C SER K 78 20.82 -44.42 -67.23
N SER K 79 20.18 -43.29 -66.92
CA SER K 79 19.33 -43.14 -65.70
C SER K 79 18.21 -44.17 -65.72
N ASN K 80 17.72 -44.54 -64.56
CA ASN K 80 16.56 -45.44 -64.38
C ASN K 80 15.29 -44.70 -64.77
N LEU K 81 15.24 -43.40 -64.51
CA LEU K 81 14.11 -42.50 -64.88
C LEU K 81 14.17 -42.20 -66.37
N ASP K 82 13.05 -42.39 -67.07
CA ASP K 82 12.88 -42.06 -68.50
C ASP K 82 13.05 -40.55 -68.71
N LYS K 83 13.94 -40.17 -69.61
CA LYS K 83 14.34 -38.76 -69.89
C LYS K 83 13.08 -37.92 -70.27
N ASN K 84 12.06 -38.57 -70.85
CA ASN K 84 10.87 -37.91 -71.45
C ASN K 84 9.89 -37.43 -70.37
N TYR K 85 10.08 -37.85 -69.13
CA TYR K 85 9.16 -37.57 -68.01
C TYR K 85 9.84 -36.66 -66.99
N TRP K 86 10.81 -35.86 -67.43
CA TRP K 86 11.70 -35.03 -66.59
C TRP K 86 11.94 -33.69 -67.24
N ASN K 87 11.40 -32.62 -66.67
CA ASN K 87 11.42 -31.27 -67.29
C ASN K 87 11.00 -30.24 -66.24
N TYR K 88 11.14 -28.96 -66.56
CA TYR K 88 10.65 -27.84 -65.72
C TYR K 88 9.11 -27.90 -65.68
N ARG K 89 8.50 -27.35 -64.63
CA ARG K 89 7.02 -27.33 -64.44
C ARG K 89 6.41 -26.12 -65.18
N ASN K 90 5.18 -26.25 -65.68
CA ASN K 90 4.26 -25.10 -66.02
C ASN K 90 2.92 -25.66 -66.53
N LYS K 100 17.71 -26.61 -71.17
CA LYS K 100 18.83 -27.60 -71.11
C LYS K 100 20.08 -26.93 -70.47
N ASN K 101 19.89 -26.23 -69.34
CA ASN K 101 20.85 -26.12 -68.18
C ASN K 101 20.05 -26.26 -66.88
N ALA K 102 20.56 -27.04 -65.92
CA ALA K 102 19.91 -27.32 -64.64
C ALA K 102 20.96 -27.46 -63.53
N VAL K 103 22.12 -26.81 -63.69
CA VAL K 103 23.25 -26.91 -62.73
C VAL K 103 22.83 -26.35 -61.37
N GLY K 104 21.84 -25.46 -61.35
CA GLY K 104 21.30 -24.86 -60.11
C GLY K 104 20.51 -25.87 -59.28
N PHE K 105 20.20 -27.04 -59.87
CA PHE K 105 19.44 -28.13 -59.20
C PHE K 105 20.36 -29.29 -58.83
N MET K 106 21.63 -29.24 -59.24
CA MET K 106 22.57 -30.35 -59.02
C MET K 106 23.11 -30.32 -57.60
N PRO K 107 23.40 -31.49 -57.02
CA PRO K 107 23.99 -31.56 -55.69
C PRO K 107 25.43 -31.05 -55.72
N ASN K 108 25.70 -30.04 -54.90
CA ASN K 108 26.98 -29.31 -54.79
C ASN K 108 28.15 -30.30 -54.68
N LEU K 109 29.15 -30.17 -55.54
CA LEU K 109 30.34 -31.08 -55.61
C LEU K 109 31.30 -30.82 -54.42
N ALA K 110 31.31 -29.63 -53.86
CA ALA K 110 32.15 -29.28 -52.68
C ALA K 110 31.54 -29.93 -51.44
N ALA K 111 30.23 -29.81 -51.28
CA ALA K 111 29.45 -30.39 -50.17
C ALA K 111 29.44 -31.92 -50.27
N TYR K 112 29.29 -32.43 -51.49
CA TYR K 112 29.13 -33.87 -51.79
C TYR K 112 30.15 -34.30 -52.84
N PRO K 113 31.44 -34.43 -52.46
CA PRO K 113 32.48 -34.80 -53.42
C PRO K 113 32.24 -36.19 -53.99
N LYS K 114 32.65 -36.39 -55.25
CA LYS K 114 32.73 -37.71 -55.89
C LYS K 114 33.87 -38.49 -55.26
N SER K 115 33.77 -39.82 -55.25
CA SER K 115 34.82 -40.71 -54.71
C SER K 115 36.04 -40.63 -55.64
N THR K 116 37.20 -40.20 -55.11
CA THR K 116 38.48 -40.23 -55.86
C THR K 116 38.70 -41.68 -56.33
N THR K 117 39.41 -41.88 -57.42
CA THR K 117 39.77 -43.24 -57.95
C THR K 117 40.19 -44.11 -56.75
N THR K 118 41.13 -43.61 -55.94
CA THR K 118 41.75 -44.31 -54.78
C THR K 118 40.69 -45.02 -53.92
N GLN K 119 39.53 -44.40 -53.71
CA GLN K 119 38.50 -44.92 -52.74
C GLN K 119 37.10 -44.73 -53.29
N SER K 120 36.23 -45.75 -53.11
CA SER K 120 34.77 -45.71 -53.41
C SER K 120 34.00 -45.24 -52.16
N LYS K 121 34.70 -44.78 -51.12
CA LYS K 121 34.11 -44.42 -49.78
C LYS K 121 33.86 -42.90 -49.71
N LEU K 122 32.60 -42.48 -49.84
CA LEU K 122 32.14 -41.06 -49.75
C LEU K 122 32.13 -40.64 -48.27
N TYR K 123 32.11 -39.34 -48.00
CA TYR K 123 31.69 -38.77 -46.70
C TYR K 123 30.24 -39.17 -46.43
N ALA K 124 29.86 -39.18 -45.17
CA ALA K 124 28.50 -39.53 -44.72
C ALA K 124 27.51 -38.45 -45.17
N ARG K 125 27.94 -37.20 -45.28
CA ARG K 125 27.02 -36.05 -45.55
C ARG K 125 26.46 -36.14 -46.98
N ASN K 126 27.09 -36.94 -47.84
CA ASN K 126 26.60 -37.25 -49.22
C ASN K 126 25.28 -38.02 -49.13
N THR K 127 24.92 -38.53 -47.94
CA THR K 127 23.78 -39.48 -47.75
C THR K 127 22.70 -38.87 -46.83
N ILE K 128 21.43 -39.10 -47.19
CA ILE K 128 20.25 -38.84 -46.33
C ILE K 128 19.51 -40.16 -46.15
N PHE K 129 19.12 -40.48 -44.93
CA PHE K 129 18.23 -41.62 -44.62
C PHE K 129 16.85 -41.10 -44.26
N GLY K 130 15.82 -41.79 -44.73
CA GLY K 130 14.44 -41.55 -44.35
C GLY K 130 13.65 -42.82 -44.19
N ASN K 131 12.64 -42.78 -43.35
CA ASN K 131 11.64 -43.86 -43.22
C ASN K 131 10.41 -43.49 -44.04
N ILE K 132 10.05 -44.35 -44.97
CA ILE K 132 8.78 -44.25 -45.75
C ILE K 132 8.00 -45.54 -45.54
N TYR K 133 6.78 -45.60 -46.03
CA TYR K 133 5.81 -46.65 -45.66
C TYR K 133 5.03 -47.08 -46.90
N LEU K 134 4.77 -48.38 -47.00
CA LEU K 134 4.00 -48.99 -48.11
C LEU K 134 2.51 -49.01 -47.74
N ASP K 135 1.67 -48.62 -48.68
CA ASP K 135 0.21 -48.80 -48.64
C ASP K 135 -0.38 -47.97 -47.49
N SER K 136 0.26 -46.87 -47.16
CA SER K 136 -0.22 -45.84 -46.19
C SER K 136 -0.35 -46.43 -44.78
N GLN K 137 0.47 -47.42 -44.43
CA GLN K 137 0.43 -48.05 -43.09
C GLN K 137 1.77 -47.85 -42.38
N ALA K 138 1.70 -47.37 -41.14
CA ALA K 138 2.86 -47.11 -40.28
C ALA K 138 3.65 -48.42 -40.06
N TYR K 139 3.04 -49.59 -40.25
CA TYR K 139 3.66 -50.88 -39.90
C TYR K 139 4.29 -51.56 -41.13
N ASN K 140 4.43 -50.82 -42.24
CA ASN K 140 5.15 -51.29 -43.44
C ASN K 140 6.32 -50.36 -43.74
N PRO K 141 7.32 -50.26 -42.84
CA PRO K 141 8.44 -49.36 -43.06
C PRO K 141 9.37 -49.82 -44.18
N VAL K 142 9.90 -48.86 -44.91
CA VAL K 142 10.98 -49.02 -45.91
C VAL K 142 11.99 -47.90 -45.67
N VAL K 143 13.28 -48.23 -45.74
CA VAL K 143 14.37 -47.25 -45.59
C VAL K 143 14.72 -46.71 -46.98
N ILE K 144 14.60 -45.40 -47.17
CA ILE K 144 15.11 -44.72 -48.39
C ILE K 144 16.47 -44.12 -48.07
N LYS K 145 17.47 -44.49 -48.83
CA LYS K 145 18.84 -43.98 -48.70
C LYS K 145 19.17 -43.18 -49.95
N ILE K 146 19.22 -41.87 -49.81
CA ILE K 146 19.53 -40.91 -50.89
C ILE K 146 20.99 -40.56 -50.80
N THR K 147 21.75 -40.82 -51.86
CA THR K 147 23.21 -40.55 -51.93
C THR K 147 23.51 -39.67 -53.14
N PHE K 148 24.30 -38.63 -52.97
CA PHE K 148 24.67 -37.65 -54.02
C PHE K 148 26.08 -37.94 -54.54
N ASN K 149 26.22 -38.00 -55.86
CA ASN K 149 27.51 -37.93 -56.60
C ASN K 149 28.36 -39.18 -56.29
N GLN K 150 27.70 -40.32 -56.20
CA GLN K 150 28.31 -41.63 -55.91
C GLN K 150 28.72 -42.31 -57.21
N GLU K 151 28.02 -42.02 -58.31
CA GLU K 151 28.19 -42.70 -59.63
C GLU K 151 29.35 -42.03 -60.38
N ALA K 152 30.30 -42.83 -60.83
CA ALA K 152 31.65 -42.40 -61.27
C ALA K 152 31.60 -41.85 -62.71
N ASP K 153 30.75 -42.40 -63.59
CA ASP K 153 30.62 -41.99 -65.01
C ASP K 153 29.48 -40.99 -65.18
N SER K 154 29.46 -39.97 -64.35
CA SER K 154 28.46 -38.85 -64.36
C SER K 154 29.00 -37.69 -63.53
N ALA K 155 28.83 -36.45 -64.00
CA ALA K 155 29.31 -35.23 -63.31
C ALA K 155 28.57 -35.10 -61.97
N TYR K 156 27.28 -35.46 -61.98
CA TYR K 156 26.34 -35.38 -60.84
C TYR K 156 25.48 -36.64 -60.81
N SER K 157 24.99 -37.04 -59.64
CA SER K 157 24.04 -38.16 -59.50
C SER K 157 23.21 -38.03 -58.22
N ILE K 158 21.95 -38.44 -58.31
CA ILE K 158 21.06 -38.72 -57.16
C ILE K 158 20.73 -40.21 -57.20
N THR K 159 21.19 -40.97 -56.21
CA THR K 159 20.92 -42.41 -56.05
C THR K 159 19.84 -42.60 -54.98
N LEU K 160 18.74 -43.24 -55.33
CA LEU K 160 17.64 -43.61 -54.40
C LEU K 160 17.70 -45.11 -54.14
N ASN K 161 18.25 -45.50 -53.00
CA ASN K 161 18.30 -46.92 -52.57
C ASN K 161 17.11 -47.17 -51.63
N TYR K 162 16.28 -48.15 -51.97
CA TYR K 162 15.16 -48.63 -51.14
C TYR K 162 15.52 -50.00 -50.59
N SER K 163 15.33 -50.20 -49.29
CA SER K 163 15.55 -51.51 -48.62
C SER K 163 14.58 -51.66 -47.45
N TRP K 164 14.35 -52.89 -47.03
CA TRP K 164 13.43 -53.22 -45.90
C TRP K 164 13.85 -54.55 -45.28
N GLY K 165 13.39 -54.81 -44.07
CA GLY K 165 13.71 -56.02 -43.29
C GLY K 165 12.54 -56.98 -43.21
N LYS K 166 11.30 -56.49 -43.20
CA LYS K 166 10.12 -57.32 -42.88
C LYS K 166 9.85 -58.32 -43.99
N ASP K 167 9.39 -59.52 -43.61
CA ASP K 167 8.90 -60.54 -44.55
C ASP K 167 7.46 -60.17 -44.95
N TYR K 168 7.31 -59.09 -45.69
CA TYR K 168 6.02 -58.60 -46.19
C TYR K 168 5.27 -59.74 -46.87
N GLU K 169 3.94 -59.81 -46.64
CA GLU K 169 3.03 -60.83 -47.25
C GLU K 169 1.94 -60.08 -48.04
N ASN K 170 2.09 -60.01 -49.38
CA ASN K 170 1.13 -59.37 -50.32
C ASN K 170 0.97 -57.89 -49.98
N ILE K 171 2.07 -57.18 -49.87
CA ILE K 171 2.09 -55.71 -49.67
C ILE K 171 2.53 -55.07 -50.97
N PRO K 172 1.75 -54.14 -51.53
CA PRO K 172 2.12 -53.46 -52.77
C PRO K 172 3.22 -52.45 -52.47
N PHE K 173 4.26 -52.37 -53.31
CA PHE K 173 5.27 -51.30 -53.21
C PHE K 173 4.64 -50.02 -53.74
N ASP K 174 3.85 -49.40 -52.88
CA ASP K 174 3.18 -48.10 -53.13
C ASP K 174 3.55 -47.20 -51.95
N SER K 175 4.57 -46.36 -52.11
CA SER K 175 5.25 -45.65 -51.00
C SER K 175 4.54 -44.35 -50.64
N THR K 176 4.62 -43.96 -49.38
CA THR K 176 4.26 -42.62 -48.89
C THR K 176 5.31 -41.61 -49.38
N SER K 177 5.03 -40.34 -49.19
CA SER K 177 5.85 -39.20 -49.65
C SER K 177 6.87 -38.83 -48.59
N PHE K 178 8.07 -38.45 -49.02
CA PHE K 178 9.18 -38.03 -48.15
C PHE K 178 9.78 -36.73 -48.69
N THR K 179 10.05 -35.79 -47.79
CA THR K 179 10.71 -34.49 -48.10
C THR K 179 12.14 -34.49 -47.56
N PHE K 180 13.06 -33.94 -48.32
CA PHE K 180 14.46 -33.70 -47.89
C PHE K 180 14.97 -32.48 -48.61
N SER K 181 16.15 -31.99 -48.24
CA SER K 181 16.85 -30.90 -48.96
C SER K 181 18.31 -31.29 -49.16
N TYR K 182 18.97 -30.65 -50.10
CA TYR K 182 20.42 -30.75 -50.32
C TYR K 182 20.96 -29.41 -50.82
N ILE K 183 22.26 -29.20 -50.66
CA ILE K 183 22.97 -27.96 -51.04
C ILE K 183 23.16 -27.97 -52.57
N ALA K 184 22.78 -26.88 -53.22
CA ALA K 184 22.79 -26.72 -54.69
C ALA K 184 24.19 -26.32 -55.16
N GLN K 185 24.58 -26.77 -56.36
CA GLN K 185 25.91 -26.52 -56.97
C GLN K 185 26.10 -25.01 -57.19
N GLU K 186 25.04 -24.30 -57.54
CA GLU K 186 25.04 -22.81 -57.68
C GLU K 186 23.61 -22.28 -57.48
N LYS L 1 6.82 -14.91 -51.43
CA LYS L 1 7.25 -15.64 -50.23
C LYS L 1 6.10 -15.84 -49.23
N LEU L 2 4.84 -15.68 -49.66
CA LEU L 2 3.67 -15.51 -48.76
C LEU L 2 3.45 -16.78 -47.90
N THR L 3 3.14 -16.56 -46.63
CA THR L 3 2.99 -17.60 -45.59
C THR L 3 1.56 -17.58 -45.06
N LEU L 4 0.95 -18.75 -44.94
CA LEU L 4 -0.41 -18.97 -44.39
C LEU L 4 -0.24 -19.75 -43.08
N TRP L 5 -0.75 -19.26 -41.96
CA TRP L 5 -0.45 -19.87 -40.62
C TRP L 5 -1.53 -19.60 -39.58
N THR L 6 -1.45 -20.35 -38.49
CA THR L 6 -2.11 -20.07 -37.19
C THR L 6 -1.30 -18.96 -36.51
N THR L 7 -1.91 -17.89 -36.05
CA THR L 7 -1.16 -16.84 -35.37
C THR L 7 -0.38 -17.51 -34.25
N LEU L 8 0.67 -16.85 -33.72
CA LEU L 8 1.52 -17.42 -32.66
C LEU L 8 0.94 -17.07 -31.28
N ASP L 9 -0.18 -16.36 -31.26
CA ASP L 9 -1.01 -16.08 -30.05
C ASP L 9 -1.02 -17.33 -29.16
N PRO L 10 -0.73 -17.18 -27.83
CA PRO L 10 -0.61 -18.33 -26.93
C PRO L 10 -1.92 -19.10 -26.67
N SER L 11 -3.07 -18.51 -26.99
CA SER L 11 -4.41 -19.03 -26.64
C SER L 11 -4.78 -20.25 -27.49
N PRO L 12 -5.51 -21.21 -26.92
CA PRO L 12 -6.02 -22.36 -27.66
C PRO L 12 -6.83 -21.93 -28.88
N ASN L 13 -6.84 -22.76 -29.93
CA ASN L 13 -7.35 -22.40 -31.27
C ASN L 13 -7.97 -23.59 -32.00
N CYS L 14 -8.13 -24.74 -31.34
CA CYS L 14 -8.44 -26.02 -32.02
C CYS L 14 -9.34 -26.91 -31.15
N ARG L 15 -10.20 -27.70 -31.80
CA ARG L 15 -11.10 -28.69 -31.16
C ARG L 15 -10.67 -30.10 -31.57
N ILE L 16 -10.32 -30.94 -30.60
CA ILE L 16 -10.18 -32.40 -30.79
C ILE L 16 -11.53 -33.06 -30.44
N ASP L 17 -11.98 -32.90 -29.20
CA ASP L 17 -13.31 -33.37 -28.71
C ASP L 17 -14.20 -32.15 -28.40
N VAL L 18 -13.58 -31.09 -27.91
CA VAL L 18 -14.26 -29.96 -27.20
C VAL L 18 -13.61 -28.64 -27.62
N ASP L 19 -14.40 -27.59 -27.73
CA ASP L 19 -13.96 -26.23 -28.16
C ASP L 19 -12.73 -25.82 -27.35
N LYS L 20 -11.63 -25.50 -28.03
CA LYS L 20 -10.40 -24.90 -27.42
C LYS L 20 -9.78 -25.87 -26.41
N ASP L 21 -9.65 -27.14 -26.76
CA ASP L 21 -8.96 -28.15 -25.90
C ASP L 21 -7.51 -28.32 -26.36
N SER L 22 -7.14 -27.68 -27.47
CA SER L 22 -5.83 -27.84 -28.14
C SER L 22 -5.38 -26.52 -28.78
N LYS L 23 -4.07 -26.36 -28.93
CA LYS L 23 -3.41 -25.27 -29.70
C LYS L 23 -2.54 -25.89 -30.80
N LEU L 24 -3.02 -25.82 -32.04
CA LEU L 24 -2.29 -26.24 -33.25
C LEU L 24 -1.47 -25.06 -33.73
N THR L 25 -0.17 -25.26 -33.95
CA THR L 25 0.72 -24.30 -34.62
C THR L 25 1.08 -24.89 -35.98
N LEU L 26 0.49 -24.35 -37.04
CA LEU L 26 0.71 -24.81 -38.43
C LEU L 26 1.16 -23.63 -39.26
N VAL L 27 2.31 -23.73 -39.91
CA VAL L 27 2.86 -22.70 -40.82
C VAL L 27 3.03 -23.32 -42.19
N LEU L 28 2.34 -22.79 -43.18
CA LEU L 28 2.49 -23.18 -44.61
C LEU L 28 3.18 -22.04 -45.34
N THR L 29 4.43 -22.24 -45.74
CA THR L 29 5.21 -21.27 -46.52
C THR L 29 5.32 -21.75 -47.96
N LYS L 30 4.89 -20.93 -48.91
CA LYS L 30 4.94 -21.25 -50.36
C LYS L 30 6.34 -20.96 -50.87
N CYS L 31 7.07 -22.00 -51.29
N CYS L 31 7.07 -22.00 -51.29
CA CYS L 31 8.35 -21.91 -52.04
CA CYS L 31 8.35 -21.91 -52.04
C CYS L 31 8.13 -22.49 -53.43
C CYS L 31 8.14 -22.50 -53.43
N GLY L 32 7.65 -21.67 -54.36
CA GLY L 32 7.28 -22.10 -55.72
C GLY L 32 6.18 -23.14 -55.67
N SER L 33 6.43 -24.30 -56.26
CA SER L 33 5.43 -25.37 -56.52
C SER L 33 5.33 -26.32 -55.32
N GLN L 34 6.12 -26.08 -54.25
CA GLN L 34 6.01 -26.85 -52.99
C GLN L 34 5.61 -25.93 -51.84
N ILE L 35 4.83 -26.44 -50.91
CA ILE L 35 4.51 -25.80 -49.61
C ILE L 35 5.40 -26.43 -48.54
N LEU L 36 6.23 -25.62 -47.91
CA LEU L 36 7.05 -26.00 -46.74
C LEU L 36 6.17 -25.84 -45.50
N ALA L 37 5.87 -26.93 -44.81
CA ALA L 37 4.92 -27.00 -43.67
C ALA L 37 5.69 -27.29 -42.38
N ASN L 38 5.26 -26.68 -41.29
CA ASN L 38 5.84 -26.86 -39.93
C ASN L 38 4.67 -26.95 -38.96
N VAL L 39 4.64 -28.00 -38.15
CA VAL L 39 3.46 -28.28 -37.26
C VAL L 39 3.94 -28.72 -35.88
N SER L 40 3.27 -28.22 -34.84
CA SER L 40 3.35 -28.68 -33.44
C SER L 40 1.93 -28.64 -32.87
N LEU L 41 1.68 -29.41 -31.81
CA LEU L 41 0.36 -29.50 -31.18
C LEU L 41 0.54 -29.61 -29.67
N LEU L 42 -0.17 -28.78 -28.93
CA LEU L 42 -0.33 -28.84 -27.45
C LEU L 42 -1.81 -29.05 -27.14
N VAL L 43 -2.14 -30.04 -26.30
CA VAL L 43 -3.48 -30.23 -25.71
C VAL L 43 -3.50 -29.55 -24.34
N VAL L 44 -4.44 -28.62 -24.12
CA VAL L 44 -4.45 -27.70 -22.93
C VAL L 44 -5.47 -28.19 -21.90
N LYS L 45 -6.48 -28.96 -22.32
CA LYS L 45 -7.48 -29.56 -21.40
C LYS L 45 -8.13 -30.77 -22.07
N GLY L 46 -8.99 -31.47 -21.32
CA GLY L 46 -9.72 -32.67 -21.78
C GLY L 46 -8.90 -33.92 -21.58
N ARG L 47 -9.42 -35.04 -22.06
CA ARG L 47 -8.94 -36.41 -21.73
C ARG L 47 -7.52 -36.65 -22.30
N PHE L 48 -7.08 -35.88 -23.31
CA PHE L 48 -5.79 -36.10 -23.99
C PHE L 48 -4.72 -35.14 -23.45
N GLN L 49 -5.06 -34.26 -22.51
CA GLN L 49 -4.08 -33.29 -21.97
C GLN L 49 -2.96 -34.05 -21.27
N ASN L 50 -3.34 -35.00 -20.43
CA ASN L 50 -2.44 -35.83 -19.62
C ASN L 50 -2.78 -37.31 -19.88
N LEU L 51 -1.92 -38.01 -20.60
CA LEU L 51 -2.15 -39.41 -21.00
C LEU L 51 -1.77 -40.32 -19.84
N ASN L 52 -2.70 -41.14 -19.36
CA ASN L 52 -2.41 -42.20 -18.37
C ASN L 52 -3.24 -43.44 -18.66
N TYR L 53 -2.61 -44.43 -19.29
CA TYR L 53 -3.25 -45.69 -19.74
C TYR L 53 -3.23 -46.71 -18.60
N LYS L 54 -2.55 -46.42 -17.50
CA LYS L 54 -2.60 -47.26 -16.28
C LYS L 54 -3.87 -46.98 -15.52
N THR L 55 -4.31 -45.72 -15.51
CA THR L 55 -5.44 -45.24 -14.68
C THR L 55 -6.72 -45.14 -15.50
N ASN L 56 -6.64 -44.86 -16.79
N ASN L 56 -6.64 -44.86 -16.79
CA ASN L 56 -7.83 -44.73 -17.69
CA ASN L 56 -7.83 -44.73 -17.69
C ASN L 56 -7.75 -45.78 -18.79
C ASN L 56 -7.75 -45.78 -18.79
N PRO L 57 -8.50 -46.88 -18.66
CA PRO L 57 -8.43 -47.98 -19.64
C PRO L 57 -9.26 -47.70 -20.91
N ASN L 58 -10.15 -46.71 -20.85
CA ASN L 58 -11.09 -46.38 -21.95
C ASN L 58 -10.48 -45.30 -22.86
N LEU L 59 -9.25 -44.85 -22.60
CA LEU L 59 -8.66 -43.71 -23.35
C LEU L 59 -8.18 -44.20 -24.70
N PRO L 60 -8.65 -43.62 -25.82
CA PRO L 60 -8.10 -43.92 -27.12
C PRO L 60 -6.61 -43.56 -27.20
N LYS L 61 -5.92 -44.09 -28.20
CA LYS L 61 -4.51 -43.74 -28.52
C LYS L 61 -4.46 -43.12 -29.90
N THR L 62 -5.48 -42.36 -30.26
CA THR L 62 -5.54 -41.61 -31.53
C THR L 62 -6.55 -40.48 -31.40
N PHE L 63 -6.32 -39.42 -32.15
CA PHE L 63 -7.32 -38.39 -32.52
C PHE L 63 -6.91 -37.81 -33.86
N THR L 64 -7.85 -37.15 -34.53
CA THR L 64 -7.65 -36.57 -35.88
C THR L 64 -8.09 -35.11 -35.88
N ILE L 65 -7.21 -34.24 -36.34
CA ILE L 65 -7.49 -32.81 -36.60
C ILE L 65 -7.56 -32.61 -38.11
N LYS L 66 -8.69 -32.08 -38.61
CA LYS L 66 -8.93 -31.88 -40.07
C LYS L 66 -8.97 -30.38 -40.38
N LEU L 67 -8.22 -29.97 -41.41
CA LEU L 67 -8.37 -28.66 -42.08
C LEU L 67 -9.09 -28.90 -43.41
N LEU L 68 -10.31 -28.39 -43.54
CA LEU L 68 -11.15 -28.52 -44.75
C LEU L 68 -11.18 -27.18 -45.49
N PHE L 69 -10.96 -27.20 -46.80
CA PHE L 69 -10.87 -26.00 -47.67
C PHE L 69 -11.87 -26.09 -48.81
N ASP L 70 -12.45 -24.95 -49.21
CA ASP L 70 -13.38 -24.82 -50.37
C ASP L 70 -12.54 -24.58 -51.64
N GLU L 71 -13.20 -24.42 -52.78
CA GLU L 71 -12.56 -24.38 -54.13
C GLU L 71 -11.55 -23.22 -54.21
N ASN L 72 -11.66 -22.24 -53.29
CA ASN L 72 -10.80 -21.02 -53.24
C ASN L 72 -9.71 -21.15 -52.15
N GLY L 73 -9.62 -22.30 -51.47
CA GLY L 73 -8.63 -22.53 -50.42
C GLY L 73 -8.96 -21.79 -49.13
N ILE L 74 -10.22 -21.39 -48.94
CA ILE L 74 -10.74 -20.81 -47.66
C ILE L 74 -10.99 -21.96 -46.68
N LEU L 75 -10.50 -21.83 -45.44
CA LEU L 75 -10.75 -22.79 -44.35
C LEU L 75 -12.22 -22.75 -43.97
N LYS L 76 -12.86 -23.91 -43.85
CA LYS L 76 -14.31 -24.03 -43.58
C LYS L 76 -14.54 -24.21 -42.07
N ASP L 77 -15.69 -23.73 -41.57
CA ASP L 77 -16.07 -23.74 -40.13
C ASP L 77 -16.03 -25.17 -39.58
N SER L 78 -16.34 -26.17 -40.42
CA SER L 78 -16.40 -27.61 -40.06
C SER L 78 -15.01 -28.13 -39.72
N SER L 79 -13.95 -27.39 -40.04
CA SER L 79 -12.56 -27.71 -39.66
C SER L 79 -12.45 -27.78 -38.15
N ASN L 80 -11.47 -28.55 -37.65
CA ASN L 80 -11.16 -28.66 -36.21
C ASN L 80 -10.50 -27.36 -35.74
N LEU L 81 -9.73 -26.73 -36.61
CA LEU L 81 -9.04 -25.44 -36.34
C LEU L 81 -10.06 -24.31 -36.43
N ASP L 82 -10.09 -23.44 -35.43
CA ASP L 82 -10.96 -22.24 -35.38
C ASP L 82 -10.56 -21.30 -36.53
N LYS L 83 -11.53 -20.88 -37.34
CA LYS L 83 -11.31 -20.06 -38.56
C LYS L 83 -10.59 -18.74 -38.21
N ASN L 84 -10.78 -18.25 -36.98
CA ASN L 84 -10.32 -16.90 -36.51
C ASN L 84 -8.81 -16.90 -36.24
N TYR L 85 -8.17 -18.05 -36.22
CA TYR L 85 -6.73 -18.20 -35.87
C TYR L 85 -5.95 -18.66 -37.10
N TRP L 86 -6.44 -18.35 -38.29
CA TRP L 86 -5.91 -18.83 -39.59
C TRP L 86 -5.95 -17.69 -40.60
N ASN L 87 -4.78 -17.17 -40.99
CA ASN L 87 -4.68 -16.02 -41.92
C ASN L 87 -3.26 -15.94 -42.47
N TYR L 88 -3.02 -15.05 -43.43
CA TYR L 88 -1.65 -14.71 -43.92
C TYR L 88 -0.87 -14.06 -42.78
N ARG L 89 0.46 -14.15 -42.81
CA ARG L 89 1.38 -13.51 -41.83
C ARG L 89 1.67 -12.07 -42.33
N ASN L 90 1.88 -11.13 -41.40
CA ASN L 90 2.53 -9.82 -41.69
C ASN L 90 3.34 -9.34 -40.47
N GLY L 91 3.29 -10.10 -39.35
CA GLY L 91 4.16 -9.96 -38.17
C GLY L 91 3.52 -10.64 -36.97
N ASN L 92 4.27 -11.43 -36.18
CA ASN L 92 3.76 -12.08 -34.95
C ASN L 92 4.87 -12.83 -34.19
N LYS L 100 -11.39 -13.85 -50.69
CA LYS L 100 -9.93 -14.03 -50.66
C LYS L 100 -9.58 -15.45 -51.21
N ASN L 101 -8.32 -15.67 -51.59
CA ASN L 101 -7.85 -16.84 -52.38
C ASN L 101 -6.54 -17.38 -51.79
N ALA L 102 -6.41 -18.71 -51.69
CA ALA L 102 -5.23 -19.40 -51.13
C ALA L 102 -5.01 -20.72 -51.87
N VAL L 103 -5.43 -20.81 -53.13
CA VAL L 103 -5.35 -22.06 -53.94
C VAL L 103 -3.86 -22.43 -54.16
N GLY L 104 -2.96 -21.45 -54.06
CA GLY L 104 -1.51 -21.66 -54.18
C GLY L 104 -0.94 -22.41 -52.99
N PHE L 105 -1.72 -22.57 -51.92
CA PHE L 105 -1.31 -23.28 -50.68
C PHE L 105 -1.99 -24.64 -50.59
N MET L 106 -2.91 -24.94 -51.49
CA MET L 106 -3.71 -26.19 -51.43
C MET L 106 -2.90 -27.35 -51.97
N PRO L 107 -3.12 -28.57 -51.43
CA PRO L 107 -2.48 -29.76 -51.93
C PRO L 107 -3.01 -30.13 -53.31
N ASN L 108 -2.10 -30.20 -54.28
CA ASN L 108 -2.35 -30.47 -55.71
C ASN L 108 -3.28 -31.68 -55.89
N LEU L 109 -4.38 -31.51 -56.62
CA LEU L 109 -5.42 -32.55 -56.85
C LEU L 109 -4.92 -33.63 -57.83
N ALA L 110 -3.98 -33.31 -58.70
CA ALA L 110 -3.39 -34.28 -59.67
C ALA L 110 -2.43 -35.19 -58.90
N ALA L 111 -1.59 -34.62 -58.04
CA ALA L 111 -0.62 -35.32 -57.17
C ALA L 111 -1.36 -36.14 -56.12
N TYR L 112 -2.42 -35.58 -55.55
CA TYR L 112 -3.18 -36.13 -54.41
C TYR L 112 -4.67 -36.17 -54.77
N PRO L 113 -5.09 -37.11 -55.64
CA PRO L 113 -6.49 -37.20 -56.04
C PRO L 113 -7.41 -37.53 -54.87
N LYS L 114 -8.64 -37.02 -54.91
CA LYS L 114 -9.73 -37.43 -54.01
C LYS L 114 -10.16 -38.85 -54.38
N SER L 115 -10.68 -39.59 -53.41
CA SER L 115 -11.15 -40.98 -53.58
C SER L 115 -12.39 -40.98 -54.47
N THR L 116 -12.33 -41.65 -55.62
CA THR L 116 -13.51 -41.89 -56.51
C THR L 116 -14.30 -43.11 -55.99
N THR L 117 -13.76 -44.33 -56.13
CA THR L 117 -14.47 -45.57 -55.79
C THR L 117 -15.11 -45.37 -54.39
N THR L 118 -16.16 -46.14 -54.18
CA THR L 118 -16.87 -46.34 -52.87
C THR L 118 -15.84 -46.59 -51.74
N GLN L 119 -14.74 -47.30 -52.02
CA GLN L 119 -13.79 -47.82 -51.05
C GLN L 119 -13.15 -46.78 -50.16
N SER L 120 -12.88 -45.54 -50.62
CA SER L 120 -12.24 -44.47 -49.81
C SER L 120 -10.68 -44.63 -49.80
N LYS L 121 -10.18 -45.49 -50.70
CA LYS L 121 -8.73 -45.92 -50.77
C LYS L 121 -7.93 -45.02 -51.73
N LEU L 122 -7.15 -44.09 -51.17
CA LEU L 122 -6.28 -43.11 -51.86
C LEU L 122 -5.00 -43.83 -52.31
N TYR L 123 -4.21 -43.21 -53.21
CA TYR L 123 -2.78 -43.56 -53.43
C TYR L 123 -2.02 -43.30 -52.13
N ALA L 124 -0.89 -43.95 -51.98
CA ALA L 124 0.00 -43.82 -50.80
C ALA L 124 0.63 -42.42 -50.77
N ARG L 125 0.85 -41.80 -51.92
CA ARG L 125 1.60 -40.52 -52.02
C ARG L 125 0.79 -39.36 -51.41
N ASN L 126 -0.53 -39.57 -51.24
CA ASN L 126 -1.44 -38.63 -50.54
C ASN L 126 -1.03 -38.49 -49.06
N THR L 127 -0.19 -39.42 -48.57
CA THR L 127 0.12 -39.57 -47.12
C THR L 127 1.60 -39.31 -46.82
N ILE L 128 1.87 -38.62 -45.72
CA ILE L 128 3.22 -38.45 -45.12
C ILE L 128 3.16 -39.00 -43.70
N PHE L 129 4.14 -39.81 -43.32
CA PHE L 129 4.32 -40.27 -41.93
C PHE L 129 5.51 -39.54 -41.33
N GLY L 130 5.37 -39.15 -40.07
CA GLY L 130 6.47 -38.59 -39.28
C GLY L 130 6.42 -39.08 -37.85
N ASN L 131 7.58 -39.10 -37.21
CA ASN L 131 7.71 -39.37 -35.77
C ASN L 131 7.87 -38.04 -35.06
N ILE L 132 6.99 -37.77 -34.12
CA ILE L 132 7.09 -36.63 -33.18
C ILE L 132 7.09 -37.17 -31.75
N TYR L 133 7.34 -36.32 -30.78
CA TYR L 133 7.67 -36.73 -29.41
C TYR L 133 6.99 -35.81 -28.41
N LEU L 134 6.48 -36.40 -27.33
CA LEU L 134 5.78 -35.66 -26.26
C LEU L 134 6.77 -35.25 -25.19
N ASP L 135 6.69 -34.01 -24.75
CA ASP L 135 7.40 -33.48 -23.56
C ASP L 135 8.90 -33.48 -23.81
N SER L 136 9.30 -33.34 -25.08
CA SER L 136 10.70 -33.16 -25.52
C SER L 136 11.56 -34.37 -25.16
N GLN L 137 10.98 -35.57 -25.12
CA GLN L 137 11.72 -36.81 -24.79
C GLN L 137 11.67 -37.78 -25.98
N ALA L 138 12.82 -38.26 -26.39
CA ALA L 138 12.99 -39.23 -27.50
C ALA L 138 12.20 -40.51 -27.22
N TYR L 139 11.86 -40.80 -25.97
CA TYR L 139 11.22 -42.08 -25.59
C TYR L 139 9.71 -41.94 -25.46
N ASN L 140 9.13 -40.85 -25.95
CA ASN L 140 7.66 -40.66 -26.02
C ASN L 140 7.25 -40.45 -27.47
N PRO L 141 7.44 -41.44 -28.36
CA PRO L 141 7.08 -41.28 -29.76
C PRO L 141 5.58 -41.23 -29.99
N VAL L 142 5.18 -40.44 -30.97
CA VAL L 142 3.82 -40.37 -31.53
C VAL L 142 3.96 -40.34 -33.05
N VAL L 143 3.13 -41.09 -33.75
CA VAL L 143 3.11 -41.11 -35.24
C VAL L 143 2.13 -40.05 -35.71
N ILE L 144 2.60 -39.10 -36.51
CA ILE L 144 1.73 -38.14 -37.21
C ILE L 144 1.56 -38.62 -38.64
N LYS L 145 0.32 -38.82 -39.05
CA LYS L 145 -0.06 -39.27 -40.39
C LYS L 145 -0.81 -38.12 -41.07
N ILE L 146 -0.16 -37.46 -42.00
CA ILE L 146 -0.71 -36.33 -42.77
C ILE L 146 -1.24 -36.89 -44.09
N THR L 147 -2.52 -36.68 -44.36
CA THR L 147 -3.18 -37.18 -45.58
C THR L 147 -3.86 -35.99 -46.27
N PHE L 148 -3.67 -35.88 -47.59
CA PHE L 148 -4.21 -34.77 -48.42
C PHE L 148 -5.43 -35.25 -49.20
N ASN L 149 -6.52 -34.47 -49.12
CA ASN L 149 -7.70 -34.56 -50.03
C ASN L 149 -8.43 -35.89 -49.82
N GLN L 150 -8.51 -36.31 -48.55
CA GLN L 150 -9.19 -37.56 -48.13
C GLN L 150 -10.66 -37.27 -47.85
N GLU L 151 -10.99 -36.05 -47.43
CA GLU L 151 -12.36 -35.66 -46.97
C GLU L 151 -13.22 -35.31 -48.19
N ALA L 152 -14.40 -35.93 -48.28
CA ALA L 152 -15.23 -35.99 -49.50
C ALA L 152 -16.02 -34.71 -49.71
N ASP L 153 -16.48 -34.04 -48.64
CA ASP L 153 -17.31 -32.78 -48.76
C ASP L 153 -16.41 -31.57 -48.57
N SER L 154 -15.32 -31.52 -49.32
CA SER L 154 -14.35 -30.40 -49.37
C SER L 154 -13.51 -30.52 -50.63
N ALA L 155 -13.22 -29.39 -51.30
CA ALA L 155 -12.42 -29.36 -52.54
C ALA L 155 -11.00 -29.84 -52.23
N TYR L 156 -10.51 -29.44 -51.05
CA TYR L 156 -9.15 -29.71 -50.54
C TYR L 156 -9.23 -30.05 -49.05
N SER L 157 -8.29 -30.85 -48.54
CA SER L 157 -8.20 -31.14 -47.09
C SER L 157 -6.76 -31.52 -46.70
N ILE L 158 -6.38 -31.10 -45.50
CA ILE L 158 -5.18 -31.61 -44.79
C ILE L 158 -5.68 -32.30 -43.52
N THR L 159 -5.50 -33.61 -43.43
CA THR L 159 -5.89 -34.42 -42.26
C THR L 159 -4.63 -34.76 -41.45
N LEU L 160 -4.61 -34.38 -40.17
CA LEU L 160 -3.51 -34.70 -39.23
C LEU L 160 -4.00 -35.77 -38.27
N ASN L 161 -3.62 -37.03 -38.52
CA ASN L 161 -3.94 -38.16 -37.62
C ASN L 161 -2.76 -38.39 -36.68
N TYR L 162 -3.01 -38.35 -35.39
CA TYR L 162 -2.04 -38.65 -34.32
C TYR L 162 -2.41 -40.00 -33.70
N SER L 163 -1.43 -40.89 -33.54
CA SER L 163 -1.60 -42.20 -32.89
C SER L 163 -0.31 -42.61 -32.20
N TRP L 164 -0.40 -43.50 -31.23
CA TRP L 164 0.75 -44.00 -30.45
C TRP L 164 0.44 -45.40 -29.92
N GLY L 165 1.47 -46.13 -29.52
CA GLY L 165 1.37 -47.52 -29.03
C GLY L 165 1.61 -47.62 -27.53
N LYS L 166 2.47 -46.77 -26.98
CA LYS L 166 2.96 -46.91 -25.58
C LYS L 166 1.83 -46.64 -24.60
N ASP L 167 1.82 -47.37 -23.49
CA ASP L 167 0.94 -47.15 -22.33
C ASP L 167 1.53 -46.00 -21.51
N TYR L 168 1.50 -44.80 -22.06
CA TYR L 168 2.02 -43.57 -21.41
C TYR L 168 1.39 -43.45 -20.02
N GLU L 169 2.21 -43.03 -19.04
CA GLU L 169 1.80 -42.80 -17.63
C GLU L 169 2.09 -41.34 -17.26
N ASN L 170 1.05 -40.48 -17.28
CA ASN L 170 1.12 -39.04 -16.92
C ASN L 170 2.10 -38.32 -17.85
N ILE L 171 1.91 -38.47 -19.15
CA ILE L 171 2.68 -37.75 -20.18
C ILE L 171 1.77 -36.70 -20.79
N PRO L 172 2.15 -35.42 -20.80
CA PRO L 172 1.35 -34.39 -21.41
C PRO L 172 1.43 -34.49 -22.95
N PHE L 173 0.32 -34.37 -23.65
CA PHE L 173 0.34 -34.25 -25.13
C PHE L 173 0.83 -32.85 -25.48
N ASP L 174 2.14 -32.68 -25.43
CA ASP L 174 2.84 -31.43 -25.78
C ASP L 174 3.93 -31.84 -26.77
N SER L 175 3.66 -31.71 -28.07
CA SER L 175 4.45 -32.37 -29.15
C SER L 175 5.63 -31.50 -29.57
N THR L 176 6.70 -32.14 -30.02
CA THR L 176 7.84 -31.49 -30.71
C THR L 176 7.37 -31.08 -32.12
N SER L 177 8.20 -30.33 -32.81
CA SER L 177 7.89 -29.74 -34.14
C SER L 177 8.33 -30.71 -35.23
N PHE L 178 7.57 -30.76 -36.32
CA PHE L 178 7.84 -31.60 -37.51
C PHE L 178 7.70 -30.74 -38.77
N THR L 179 8.62 -30.89 -39.70
CA THR L 179 8.63 -30.23 -41.02
C THR L 179 8.31 -31.25 -42.11
N PHE L 180 7.52 -30.86 -43.09
CA PHE L 180 7.23 -31.66 -44.29
C PHE L 180 6.95 -30.69 -45.44
N SER L 181 6.83 -31.20 -46.66
CA SER L 181 6.41 -30.42 -47.83
C SER L 181 5.36 -31.22 -48.60
N TYR L 182 4.60 -30.53 -49.44
CA TYR L 182 3.67 -31.13 -50.40
C TYR L 182 3.62 -30.28 -51.66
N ILE L 183 3.17 -30.88 -52.76
CA ILE L 183 3.06 -30.24 -54.08
C ILE L 183 1.83 -29.33 -54.08
N ALA L 184 2.00 -28.08 -54.48
CA ALA L 184 0.97 -27.03 -54.46
C ALA L 184 0.08 -27.16 -55.72
N GLN L 185 -1.20 -26.81 -55.57
CA GLN L 185 -2.21 -26.89 -56.65
C GLN L 185 -1.81 -25.95 -57.80
N GLU L 186 -1.24 -24.80 -57.49
CA GLU L 186 -0.66 -23.87 -58.51
C GLU L 186 0.43 -23.01 -57.85
N LYS M 1 -7.70 17.02 38.55
CA LYS M 1 -8.96 17.68 38.96
C LYS M 1 -9.06 19.10 38.33
N LEU M 2 -7.92 19.68 37.91
CA LEU M 2 -7.83 21.09 37.48
C LEU M 2 -8.68 21.34 36.20
N THR M 3 -9.36 22.48 36.21
CA THR M 3 -10.37 22.88 35.22
C THR M 3 -9.91 24.15 34.52
N LEU M 4 -9.98 24.17 33.20
CA LEU M 4 -9.63 25.33 32.33
C LEU M 4 -10.94 25.80 31.70
N TRP M 5 -11.30 27.09 31.84
CA TRP M 5 -12.65 27.57 31.41
C TRP M 5 -12.65 29.06 31.06
N THR M 6 -13.73 29.48 30.43
CA THR M 6 -14.19 30.87 30.30
C THR M 6 -14.84 31.24 31.64
N THR M 7 -14.48 32.35 32.25
CA THR M 7 -15.13 32.76 33.52
C THR M 7 -16.64 32.74 33.25
N LEU M 8 -17.46 32.70 34.29
CA LEU M 8 -18.95 32.69 34.17
C LEU M 8 -19.47 34.13 34.15
N ASP M 9 -18.57 35.11 34.27
CA ASP M 9 -18.83 36.56 34.10
C ASP M 9 -19.83 36.74 32.95
N PRO M 10 -20.92 37.54 33.17
CA PRO M 10 -21.98 37.67 32.16
C PRO M 10 -21.59 38.40 30.87
N SER M 11 -20.45 39.11 30.87
CA SER M 11 -20.02 40.01 29.77
C SER M 11 -19.57 39.19 28.55
N PRO M 12 -19.82 39.71 27.33
CA PRO M 12 -19.40 39.05 26.10
C PRO M 12 -17.88 38.84 26.09
N ASN M 13 -17.41 37.80 25.39
CA ASN M 13 -16.02 37.32 25.48
C ASN M 13 -15.52 36.74 24.15
N CYS M 14 -16.29 36.87 23.07
CA CYS M 14 -16.04 36.10 21.83
C CYS M 14 -16.42 36.92 20.58
N ARG M 15 -15.69 36.70 19.49
CA ARG M 15 -15.92 37.32 18.16
C ARG M 15 -16.37 36.24 17.16
N ILE M 16 -17.56 36.39 16.59
CA ILE M 16 -18.00 35.63 15.39
C ILE M 16 -17.65 36.44 14.16
N ASP M 17 -18.21 37.65 14.04
CA ASP M 17 -17.89 38.63 12.95
C ASP M 17 -17.16 39.83 13.54
N VAL M 18 -17.53 40.21 14.77
CA VAL M 18 -17.23 41.52 15.38
C VAL M 18 -16.89 41.33 16.87
N ASP M 19 -15.94 42.10 17.39
CA ASP M 19 -15.49 42.03 18.80
C ASP M 19 -16.71 42.01 19.72
N LYS M 20 -16.80 41.00 20.58
CA LYS M 20 -17.78 40.92 21.69
C LYS M 20 -19.22 40.88 21.15
N ASP M 21 -19.48 40.07 20.12
CA ASP M 21 -20.84 39.85 19.57
C ASP M 21 -21.43 38.57 20.18
N SER M 22 -20.64 37.83 20.94
CA SER M 22 -21.02 36.49 21.47
C SER M 22 -20.39 36.25 22.84
N LYS M 23 -21.02 35.38 23.64
CA LYS M 23 -20.49 34.87 24.92
C LYS M 23 -20.43 33.34 24.85
N LEU M 24 -19.21 32.80 24.70
CA LEU M 24 -18.92 31.36 24.76
C LEU M 24 -18.70 30.96 26.22
N THR M 25 -19.40 29.93 26.69
CA THR M 25 -19.13 29.27 27.98
C THR M 25 -18.55 27.90 27.67
N LEU M 26 -17.25 27.73 27.89
CA LEU M 26 -16.52 26.47 27.64
C LEU M 26 -15.80 26.08 28.92
N VAL M 27 -16.06 24.87 29.40
CA VAL M 27 -15.40 24.30 30.61
C VAL M 27 -14.70 23.01 30.19
N LEU M 28 -13.38 22.97 30.33
CA LEU M 28 -12.56 21.76 30.10
C LEU M 28 -12.07 21.26 31.45
N THR M 29 -12.59 20.11 31.89
CA THR M 29 -12.18 19.46 33.16
C THR M 29 -11.34 18.24 32.83
N LYS M 30 -10.13 18.17 33.35
CA LYS M 30 -9.19 17.05 33.12
C LYS M 30 -9.55 15.91 34.09
N CYS M 31 -10.01 14.78 33.55
N CYS M 31 -10.01 14.78 33.55
CA CYS M 31 -10.18 13.50 34.28
CA CYS M 31 -10.18 13.50 34.28
C CYS M 31 -9.21 12.47 33.69
C CYS M 31 -9.21 12.47 33.69
N GLY M 32 -7.97 12.47 34.19
CA GLY M 32 -6.90 11.61 33.66
C GLY M 32 -6.60 11.94 32.22
N SER M 33 -6.71 10.93 31.34
CA SER M 33 -6.28 10.99 29.93
C SER M 33 -7.40 11.53 29.03
N GLN M 34 -8.57 11.85 29.60
CA GLN M 34 -9.69 12.48 28.85
C GLN M 34 -10.00 13.84 29.44
N ILE M 35 -10.37 14.78 28.57
CA ILE M 35 -10.94 16.11 28.93
C ILE M 35 -12.46 16.02 28.82
N LEU M 36 -13.16 16.22 29.92
CA LEU M 36 -14.63 16.37 29.95
C LEU M 36 -14.97 17.83 29.63
N ALA M 37 -15.64 18.08 28.51
CA ALA M 37 -15.93 19.42 27.97
C ALA M 37 -17.42 19.71 28.06
N ASN M 38 -17.77 20.95 28.35
CA ASN M 38 -19.16 21.45 28.43
C ASN M 38 -19.19 22.82 27.75
N VAL M 39 -20.09 23.00 26.80
CA VAL M 39 -20.13 24.23 25.96
C VAL M 39 -21.58 24.71 25.76
N SER M 40 -21.75 26.03 25.85
CA SER M 40 -22.98 26.77 25.46
C SER M 40 -22.54 28.07 24.79
N LEU M 41 -23.39 28.67 23.98
CA LEU M 41 -23.09 29.90 23.22
C LEU M 41 -24.33 30.77 23.17
N LEU M 42 -24.17 32.04 23.52
CA LEU M 42 -25.17 33.12 23.36
C LEU M 42 -24.58 34.18 22.43
N VAL M 43 -25.32 34.59 21.40
CA VAL M 43 -24.99 35.76 20.55
C VAL M 43 -25.73 36.98 21.10
N VAL M 44 -25.01 38.06 21.43
CA VAL M 44 -25.57 39.21 22.19
C VAL M 44 -25.88 40.38 21.24
N LYS M 45 -25.22 40.44 20.08
CA LYS M 45 -25.49 41.47 19.03
C LYS M 45 -25.02 40.96 17.67
N GLY M 46 -25.27 41.75 16.62
CA GLY M 46 -24.90 41.43 15.24
C GLY M 46 -25.96 40.58 14.55
N ARG M 47 -25.66 40.15 13.33
CA ARG M 47 -26.63 39.55 12.39
C ARG M 47 -27.15 38.20 12.91
N PHE M 48 -26.43 37.53 13.81
CA PHE M 48 -26.78 36.17 14.31
C PHE M 48 -27.51 36.22 15.65
N GLN M 49 -27.68 37.41 16.22
CA GLN M 49 -28.34 37.54 17.54
C GLN M 49 -29.78 37.03 17.44
N ASN M 50 -30.47 37.48 16.39
CA ASN M 50 -31.88 37.17 16.13
C ASN M 50 -31.98 36.65 14.69
N LEU M 51 -32.21 35.35 14.52
CA LEU M 51 -32.25 34.70 13.20
C LEU M 51 -33.62 34.92 12.58
N ASN M 52 -33.68 35.53 11.41
CA ASN M 52 -34.93 35.67 10.64
C ASN M 52 -34.63 35.54 9.14
N TYR M 53 -34.88 34.36 8.60
CA TYR M 53 -34.58 33.99 7.19
C TYR M 53 -35.75 34.39 6.31
N LYS M 54 -36.88 34.82 6.89
CA LYS M 54 -38.01 35.38 6.11
C LYS M 54 -37.69 36.81 5.73
N THR M 55 -37.03 37.55 6.61
CA THR M 55 -36.79 39.00 6.44
C THR M 55 -35.39 39.28 5.90
N ASN M 56 -34.40 38.45 6.21
N ASN M 56 -34.40 38.45 6.21
CA ASN M 56 -33.00 38.62 5.72
CA ASN M 56 -33.00 38.63 5.72
C ASN M 56 -32.60 37.43 4.88
C ASN M 56 -32.60 37.43 4.88
N PRO M 57 -32.62 37.57 3.54
CA PRO M 57 -32.34 36.45 2.65
C PRO M 57 -30.82 36.18 2.48
N ASN M 58 -29.98 37.12 2.88
CA ASN M 58 -28.52 37.07 2.73
C ASN M 58 -27.86 36.43 3.96
N LEU M 59 -28.63 36.03 4.96
CA LEU M 59 -28.06 35.56 6.25
C LEU M 59 -27.52 34.13 6.08
N PRO M 60 -26.23 33.89 6.37
CA PRO M 60 -25.71 32.53 6.42
C PRO M 60 -26.43 31.69 7.47
N LYS M 61 -26.28 30.38 7.38
CA LYS M 61 -26.79 29.42 8.39
C LYS M 61 -25.60 28.67 8.99
N THR M 62 -24.47 29.35 9.14
CA THR M 62 -23.27 28.79 9.78
C THR M 62 -22.37 29.93 10.26
N PHE M 63 -21.62 29.68 11.31
CA PHE M 63 -20.42 30.44 11.70
C PHE M 63 -19.49 29.48 12.44
N THR M 64 -18.21 29.84 12.54
CA THR M 64 -17.16 29.03 13.16
C THR M 64 -16.41 29.85 14.21
N ILE M 65 -16.32 29.32 15.42
CA ILE M 65 -15.49 29.85 16.54
C ILE M 65 -14.27 28.94 16.70
N LYS M 66 -13.07 29.50 16.60
CA LYS M 66 -11.78 28.75 16.70
C LYS M 66 -11.05 29.12 17.99
N LEU M 67 -10.62 28.11 18.75
CA LEU M 67 -9.61 28.24 19.83
C LEU M 67 -8.29 27.69 19.31
N LEU M 68 -7.29 28.56 19.15
CA LEU M 68 -5.94 28.21 18.65
C LEU M 68 -4.96 28.24 19.82
N PHE M 69 -4.13 27.20 19.94
CA PHE M 69 -3.17 27.03 21.06
C PHE M 69 -1.75 26.84 20.50
N ASP M 70 -0.75 27.37 21.22
CA ASP M 70 0.70 27.20 20.90
C ASP M 70 1.19 25.90 21.56
N GLU M 71 2.48 25.59 21.41
CA GLU M 71 3.09 24.27 21.80
C GLU M 71 2.92 24.04 23.31
N ASN M 72 2.63 25.11 24.09
CA ASN M 72 2.46 25.08 25.57
C ASN M 72 0.98 25.10 25.97
N GLY M 73 0.07 25.06 25.01
CA GLY M 73 -1.40 25.05 25.26
C GLY M 73 -1.90 26.42 25.69
N ILE M 74 -1.16 27.50 25.40
CA ILE M 74 -1.59 28.91 25.62
C ILE M 74 -2.52 29.29 24.47
N LEU M 75 -3.67 29.88 24.80
CA LEU M 75 -4.64 30.41 23.80
C LEU M 75 -4.02 31.61 23.10
N LYS M 76 -4.10 31.66 21.78
CA LYS M 76 -3.47 32.72 20.94
C LYS M 76 -4.51 33.82 20.64
N ASP M 77 -4.04 35.08 20.49
CA ASP M 77 -4.88 36.27 20.21
C ASP M 77 -5.72 36.07 18.96
N SER M 78 -5.22 35.31 17.99
CA SER M 78 -5.90 35.03 16.69
C SER M 78 -7.15 34.18 16.91
N SER M 79 -7.31 33.58 18.09
CA SER M 79 -8.53 32.84 18.49
C SER M 79 -9.74 33.79 18.44
N ASN M 80 -10.92 33.24 18.24
CA ASN M 80 -12.21 33.97 18.29
C ASN M 80 -12.53 34.35 19.73
N LEU M 81 -12.15 33.49 20.68
CA LEU M 81 -12.32 33.71 22.13
C LEU M 81 -11.27 34.70 22.62
N ASP M 82 -11.70 35.74 23.34
CA ASP M 82 -10.84 36.78 23.96
C ASP M 82 -9.96 36.09 25.01
N LYS M 83 -8.64 36.29 24.91
CA LYS M 83 -7.61 35.65 25.76
C LYS M 83 -7.89 35.95 27.24
N ASN M 84 -8.51 37.10 27.54
CA ASN M 84 -8.68 37.66 28.91
C ASN M 84 -9.78 36.90 29.68
N TYR M 85 -10.57 36.07 29.00
CA TYR M 85 -11.74 35.38 29.59
C TYR M 85 -11.46 33.88 29.63
N TRP M 86 -10.20 33.48 29.68
CA TRP M 86 -9.74 32.07 29.56
C TRP M 86 -8.62 31.81 30.53
N ASN M 87 -8.86 31.01 31.56
CA ASN M 87 -7.89 30.79 32.68
C ASN M 87 -8.33 29.56 33.47
N TYR M 88 -7.49 29.10 34.40
CA TYR M 88 -7.86 28.02 35.37
C TYR M 88 -8.95 28.58 36.30
N ARG M 89 -9.77 27.71 36.88
CA ARG M 89 -10.83 28.06 37.87
C ARG M 89 -10.16 28.09 39.29
N ASN M 90 -10.64 28.92 40.19
CA ASN M 90 -9.91 29.27 41.46
C ASN M 90 -10.25 28.27 42.56
N ASN M 101 1.41 26.73 31.35
CA ASN M 101 1.33 25.43 30.65
C ASN M 101 -0.07 24.82 30.80
N ALA M 102 -0.63 24.30 29.70
CA ALA M 102 -1.96 23.67 29.65
C ALA M 102 -1.98 22.54 28.63
N VAL M 103 -0.83 21.90 28.39
CA VAL M 103 -0.67 20.81 27.38
C VAL M 103 -1.51 19.60 27.81
N GLY M 104 -1.82 19.48 29.10
CA GLY M 104 -2.66 18.40 29.65
C GLY M 104 -4.12 18.54 29.24
N PHE M 105 -4.49 19.71 28.69
CA PHE M 105 -5.87 20.03 28.25
C PHE M 105 -5.96 20.00 26.72
N MET M 106 -4.85 19.85 26.02
CA MET M 106 -4.81 19.92 24.55
C MET M 106 -5.27 18.60 23.94
N PRO M 107 -5.92 18.64 22.78
CA PRO M 107 -6.32 17.44 22.08
C PRO M 107 -5.10 16.70 21.53
N ASN M 108 -4.96 15.44 21.95
CA ASN M 108 -3.84 14.52 21.63
C ASN M 108 -3.54 14.53 20.13
N LEU M 109 -2.29 14.79 19.74
CA LEU M 109 -1.84 14.88 18.33
C LEU M 109 -1.78 13.50 17.66
N ALA M 110 -1.60 12.43 18.43
CA ALA M 110 -1.56 11.03 17.93
C ALA M 110 -2.99 10.61 17.59
N ALA M 111 -3.93 10.89 18.48
CA ALA M 111 -5.38 10.59 18.33
C ALA M 111 -5.97 11.46 17.22
N TYR M 112 -5.57 12.73 17.17
CA TYR M 112 -6.13 13.77 16.27
C TYR M 112 -5.00 14.44 15.50
N PRO M 113 -4.39 13.75 14.50
CA PRO M 113 -3.29 14.31 13.75
C PRO M 113 -3.70 15.56 12.97
N LYS M 114 -2.77 16.49 12.79
CA LYS M 114 -2.90 17.63 11.85
C LYS M 114 -2.81 17.09 10.43
N SER M 115 -3.46 17.77 9.49
CA SER M 115 -3.46 17.40 8.06
C SER M 115 -2.05 17.61 7.50
N THR M 116 -1.42 16.56 6.99
CA THR M 116 -0.11 16.64 6.27
C THR M 116 -0.29 17.68 5.15
N THR M 117 0.79 18.35 4.76
CA THR M 117 0.79 19.34 3.64
C THR M 117 -0.02 18.74 2.47
N THR M 118 0.30 17.51 2.09
CA THR M 118 -0.26 16.76 0.92
C THR M 118 -1.80 16.88 0.91
N GLN M 119 -2.47 16.80 2.07
CA GLN M 119 -3.96 16.73 2.14
C GLN M 119 -4.50 17.56 3.30
N SER M 120 -5.61 18.27 3.07
CA SER M 120 -6.39 19.02 4.09
C SER M 120 -7.46 18.11 4.72
N LYS M 121 -7.45 16.79 4.40
CA LYS M 121 -8.48 15.78 4.79
C LYS M 121 -8.06 15.06 6.07
N LEU M 122 -8.66 15.42 7.22
CA LEU M 122 -8.43 14.80 8.55
C LEU M 122 -9.11 13.43 8.62
N TYR M 123 -8.71 12.57 9.55
CA TYR M 123 -9.51 11.40 9.98
C TYR M 123 -10.83 11.89 10.56
N ALA M 124 -11.84 11.04 10.56
CA ALA M 124 -13.18 11.34 11.10
C ALA M 124 -13.11 11.50 12.62
N ARG M 125 -12.20 10.80 13.30
CA ARG M 125 -12.17 10.75 14.78
C ARG M 125 -11.75 12.10 15.36
N ASN M 126 -11.16 12.97 14.52
CA ASN M 126 -10.82 14.38 14.87
C ASN M 126 -12.09 15.17 15.16
N THR M 127 -13.26 14.64 14.78
CA THR M 127 -14.55 15.38 14.76
C THR M 127 -15.57 14.75 15.72
N ILE M 128 -16.32 15.60 16.43
CA ILE M 128 -17.52 15.22 17.22
C ILE M 128 -18.69 16.02 16.69
N PHE M 129 -19.81 15.37 16.45
CA PHE M 129 -21.10 16.02 16.10
C PHE M 129 -22.02 15.95 17.29
N GLY M 130 -22.74 17.03 17.53
CA GLY M 130 -23.81 17.10 18.53
C GLY M 130 -24.99 17.89 18.01
N ASN M 131 -26.17 17.59 18.53
CA ASN M 131 -27.39 18.40 18.36
C ASN M 131 -27.57 19.27 19.58
N ILE M 132 -27.63 20.57 19.37
CA ILE M 132 -28.01 21.56 20.41
C ILE M 132 -29.22 22.34 19.91
N TYR M 133 -29.79 23.16 20.76
CA TYR M 133 -31.12 23.77 20.53
C TYR M 133 -31.10 25.22 20.97
N LEU M 134 -31.80 26.07 20.21
CA LEU M 134 -31.93 27.51 20.49
C LEU M 134 -33.17 27.75 21.35
N ASP M 135 -33.02 28.57 22.37
CA ASP M 135 -34.13 29.14 23.17
C ASP M 135 -34.84 28.02 23.92
N SER M 136 -34.14 26.96 24.25
CA SER M 136 -34.59 25.84 25.12
C SER M 136 -35.77 25.11 24.48
N GLN M 137 -35.86 25.06 23.16
CA GLN M 137 -36.95 24.36 22.43
C GLN M 137 -36.37 23.24 21.58
N ALA M 138 -36.93 22.04 21.72
CA ALA M 138 -36.53 20.84 20.98
C ALA M 138 -36.68 21.06 19.47
N TYR M 139 -37.49 22.02 19.04
CA TYR M 139 -37.83 22.23 17.61
C TYR M 139 -36.95 23.31 16.97
N ASN M 140 -35.88 23.73 17.64
CA ASN M 140 -34.87 24.68 17.08
C ASN M 140 -33.50 24.01 17.07
N PRO M 141 -33.31 22.91 16.33
CA PRO M 141 -32.03 22.22 16.29
C PRO M 141 -30.94 23.02 15.59
N VAL M 142 -29.73 22.89 16.10
CA VAL M 142 -28.47 23.38 15.49
C VAL M 142 -27.43 22.25 15.62
N VAL M 143 -26.66 22.02 14.57
CA VAL M 143 -25.57 21.02 14.56
C VAL M 143 -24.29 21.70 15.02
N ILE M 144 -23.69 21.22 16.10
CA ILE M 144 -22.33 21.65 16.53
C ILE M 144 -21.34 20.60 16.04
N LYS M 145 -20.35 21.04 15.29
CA LYS M 145 -19.27 20.19 14.75
C LYS M 145 -17.97 20.65 15.38
N ILE M 146 -17.46 19.85 16.31
CA ILE M 146 -16.20 20.10 17.04
C ILE M 146 -15.10 19.33 16.33
N THR M 147 -14.07 20.01 15.88
CA THR M 147 -12.92 19.41 15.16
C THR M 147 -11.63 19.81 15.86
N PHE M 148 -10.75 18.83 16.08
CA PHE M 148 -9.45 19.01 16.79
C PHE M 148 -8.31 19.06 15.77
N ASN M 149 -7.45 20.09 15.89
CA ASN M 149 -6.11 20.17 15.25
C ASN M 149 -6.27 20.28 13.73
N GLN M 150 -7.26 21.03 13.29
CA GLN M 150 -7.58 21.26 11.86
C GLN M 150 -6.80 22.48 11.36
N GLU M 151 -6.51 23.44 12.25
CA GLU M 151 -5.91 24.76 11.89
C GLU M 151 -4.40 24.61 11.82
N ALA M 152 -3.81 25.04 10.71
CA ALA M 152 -2.45 24.70 10.26
C ALA M 152 -1.39 25.54 11.00
N ASP M 153 -1.69 26.80 11.32
CA ASP M 153 -0.73 27.74 11.97
C ASP M 153 -0.98 27.76 13.49
N SER M 154 -1.07 26.57 14.09
CA SER M 154 -1.26 26.37 15.55
C SER M 154 -0.87 24.93 15.91
N ALA M 155 -0.18 24.73 17.03
CA ALA M 155 0.25 23.39 17.49
C ALA M 155 -1.00 22.54 17.79
N TYR M 156 -2.02 23.19 18.33
CA TYR M 156 -3.30 22.59 18.76
C TYR M 156 -4.45 23.52 18.37
N SER M 157 -5.64 22.99 18.13
CA SER M 157 -6.86 23.79 17.88
C SER M 157 -8.12 23.02 18.25
N ILE M 158 -9.10 23.74 18.78
CA ILE M 158 -10.50 23.29 18.93
C ILE M 158 -11.36 24.22 18.06
N THR M 159 -11.96 23.68 17.00
CA THR M 159 -12.85 24.40 16.07
C THR M 159 -14.31 24.04 16.40
N LEU M 160 -15.13 25.03 16.70
CA LEU M 160 -16.58 24.88 16.94
C LEU M 160 -17.34 25.43 15.73
N ASN M 161 -17.79 24.55 14.85
CA ASN M 161 -18.63 24.93 13.68
C ASN M 161 -20.10 24.73 14.06
N TYR M 162 -20.89 25.79 13.95
CA TYR M 162 -22.35 25.79 14.15
C TYR M 162 -23.03 25.94 12.78
N SER M 163 -24.02 25.11 12.50
CA SER M 163 -24.83 25.17 11.26
C SER M 163 -26.25 24.68 11.54
N TRP M 164 -27.20 25.07 10.70
CA TRP M 164 -28.61 24.69 10.83
C TRP M 164 -29.30 24.73 9.47
N GLY M 165 -30.46 24.10 9.35
CA GLY M 165 -31.20 24.00 8.08
C GLY M 165 -32.46 24.86 8.08
N LYS M 166 -33.11 25.04 9.23
CA LYS M 166 -34.46 25.64 9.32
C LYS M 166 -34.41 27.12 8.96
N ASP M 167 -35.45 27.60 8.30
CA ASP M 167 -35.67 29.04 8.04
C ASP M 167 -36.27 29.66 9.30
N TYR M 168 -35.45 29.74 10.35
CA TYR M 168 -35.85 30.30 11.66
C TYR M 168 -36.46 31.69 11.44
N GLU M 169 -37.51 32.01 12.19
CA GLU M 169 -38.20 33.33 12.18
C GLU M 169 -38.15 33.94 13.59
N ASN M 170 -37.23 34.89 13.82
CA ASN M 170 -37.04 35.61 15.11
C ASN M 170 -36.71 34.64 16.23
N ILE M 171 -35.72 33.80 16.02
CA ILE M 171 -35.20 32.87 17.04
C ILE M 171 -33.85 33.41 17.50
N PRO M 172 -33.65 33.63 18.81
CA PRO M 172 -32.38 34.11 19.32
C PRO M 172 -31.36 32.96 19.28
N PHE M 173 -30.13 33.22 18.83
CA PHE M 173 -29.02 32.24 18.97
C PHE M 173 -28.60 32.22 20.43
N ASP M 174 -29.37 31.51 21.23
CA ASP M 174 -29.13 31.28 22.66
C ASP M 174 -29.19 29.75 22.86
N SER M 175 -28.04 29.07 22.84
CA SER M 175 -27.93 27.60 22.69
C SER M 175 -28.06 26.90 24.05
N THR M 176 -28.58 25.69 24.04
CA THR M 176 -28.54 24.75 25.17
C THR M 176 -27.11 24.24 25.33
N SER M 177 -26.86 23.53 26.43
CA SER M 177 -25.53 23.02 26.83
C SER M 177 -25.32 21.64 26.23
N PHE M 178 -24.09 21.36 25.83
CA PHE M 178 -23.64 20.07 25.25
C PHE M 178 -22.37 19.61 25.96
N THR M 179 -22.30 18.34 26.30
CA THR M 179 -21.12 17.68 26.92
C THR M 179 -20.47 16.74 25.89
N PHE M 180 -19.15 16.75 25.85
CA PHE M 180 -18.34 15.81 25.04
C PHE M 180 -17.03 15.56 25.78
N SER M 181 -16.24 14.62 25.30
CA SER M 181 -14.87 14.38 25.82
C SER M 181 -13.92 14.20 24.64
N TYR M 182 -12.64 14.36 24.88
CA TYR M 182 -11.57 14.08 23.92
C TYR M 182 -10.33 13.59 24.67
N ILE M 183 -9.45 12.90 23.94
CA ILE M 183 -8.21 12.31 24.48
C ILE M 183 -7.18 13.44 24.65
N ALA M 184 -6.58 13.52 25.84
CA ALA M 184 -5.64 14.60 26.24
C ALA M 184 -4.24 14.26 25.72
N GLN M 185 -3.46 15.29 25.37
CA GLN M 185 -2.08 15.16 24.83
C GLN M 185 -1.18 14.50 25.87
N GLU M 186 -1.38 14.81 27.16
CA GLU M 186 -0.66 14.12 28.28
C GLU M 186 -1.52 14.20 29.56
N LYS N 1 -18.54 8.63 48.42
CA LYS N 1 -18.38 10.07 48.91
C LYS N 1 -18.11 11.01 47.71
N LEU N 2 -17.46 10.48 46.66
CA LEU N 2 -17.36 11.13 45.34
C LEU N 2 -18.73 11.15 44.68
N THR N 3 -19.58 10.12 44.85
CA THR N 3 -20.74 9.86 43.99
C THR N 3 -22.03 9.93 44.81
N LEU N 4 -23.01 10.67 44.30
CA LEU N 4 -24.36 10.83 44.88
C LEU N 4 -25.34 10.15 43.94
N TRP N 5 -26.16 9.21 44.40
CA TRP N 5 -27.01 8.38 43.49
C TRP N 5 -28.27 7.83 44.18
N THR N 6 -29.18 7.33 43.36
CA THR N 6 -30.28 6.42 43.75
C THR N 6 -29.67 5.04 43.90
N THR N 7 -29.91 4.33 44.98
CA THR N 7 -29.36 2.96 45.12
C THR N 7 -29.80 2.19 43.86
N LEU N 8 -29.15 1.08 43.55
CA LEU N 8 -29.47 0.23 42.35
C LEU N 8 -30.54 -0.81 42.74
N ASP N 9 -30.97 -0.80 44.00
CA ASP N 9 -32.11 -1.59 44.53
C ASP N 9 -33.22 -1.61 43.48
N PRO N 10 -33.77 -2.80 43.14
CA PRO N 10 -34.76 -2.93 42.06
C PRO N 10 -36.12 -2.26 42.33
N SER N 11 -36.41 -1.92 43.60
CA SER N 11 -37.74 -1.43 44.05
C SER N 11 -38.00 -0.01 43.53
N PRO N 12 -39.28 0.31 43.21
CA PRO N 12 -39.65 1.63 42.76
C PRO N 12 -39.29 2.69 43.81
N ASN N 13 -39.02 3.91 43.36
CA ASN N 13 -38.40 4.97 44.19
C ASN N 13 -38.91 6.37 43.80
N CYS N 14 -39.90 6.49 42.93
CA CYS N 14 -40.24 7.77 42.27
C CYS N 14 -41.75 7.88 42.01
N ARG N 15 -42.28 9.10 42.08
CA ARG N 15 -43.70 9.44 41.78
C ARG N 15 -43.76 10.30 40.52
N ILE N 16 -44.45 9.84 39.49
CA ILE N 16 -44.86 10.68 38.32
C ILE N 16 -46.26 11.22 38.60
N ASP N 17 -47.23 10.34 38.78
CA ASP N 17 -48.63 10.69 39.18
C ASP N 17 -48.91 10.17 40.59
N VAL N 18 -48.34 9.02 40.93
CA VAL N 18 -48.74 8.17 42.07
C VAL N 18 -47.49 7.59 42.75
N ASP N 19 -47.49 7.48 44.08
CA ASP N 19 -46.35 6.96 44.86
C ASP N 19 -45.86 5.64 44.24
N LYS N 20 -44.57 5.59 43.92
CA LYS N 20 -43.85 4.36 43.50
C LYS N 20 -44.44 3.82 42.18
N ASP N 21 -44.68 4.69 41.20
CA ASP N 21 -45.14 4.26 39.84
C ASP N 21 -43.94 4.18 38.90
N SER N 22 -42.76 4.58 39.37
CA SER N 22 -41.54 4.70 38.53
C SER N 22 -40.29 4.38 39.36
N LYS N 23 -39.22 3.95 38.67
CA LYS N 23 -37.87 3.77 39.22
C LYS N 23 -36.88 4.62 38.43
N LEU N 24 -36.44 5.73 39.01
CA LEU N 24 -35.36 6.60 38.47
C LEU N 24 -34.02 6.05 38.93
N THR N 25 -33.09 5.83 38.00
CA THR N 25 -31.67 5.54 38.29
C THR N 25 -30.85 6.75 37.88
N LEU N 26 -30.39 7.52 38.85
CA LEU N 26 -29.60 8.76 38.64
C LEU N 26 -28.30 8.64 39.41
N VAL N 27 -27.17 8.79 38.73
CA VAL N 27 -25.82 8.78 39.34
C VAL N 27 -25.15 10.11 39.02
N LEU N 28 -24.81 10.88 40.05
CA LEU N 28 -24.03 12.13 39.94
C LEU N 28 -22.64 11.86 40.50
N THR N 29 -21.63 11.84 39.63
CA THR N 29 -20.21 11.67 40.01
C THR N 29 -19.50 13.02 39.87
N LYS N 30 -18.89 13.50 40.95
CA LYS N 30 -18.15 14.77 40.97
C LYS N 30 -16.75 14.53 40.41
N CYS N 31 -16.45 15.13 39.25
N CYS N 31 -16.45 15.13 39.25
CA CYS N 31 -15.09 15.21 38.67
CA CYS N 31 -15.09 15.21 38.67
C CYS N 31 -14.66 16.69 38.65
C CYS N 31 -14.66 16.69 38.65
N GLY N 32 -14.10 17.16 39.76
CA GLY N 32 -13.73 18.58 39.94
C GLY N 32 -14.95 19.47 39.86
N SER N 33 -14.92 20.43 38.93
CA SER N 33 -15.91 21.51 38.79
C SER N 33 -17.08 21.09 37.91
N GLN N 34 -17.08 19.86 37.40
CA GLN N 34 -18.23 19.29 36.62
C GLN N 34 -18.79 18.07 37.35
N ILE N 35 -20.09 17.88 37.27
CA ILE N 35 -20.80 16.65 37.69
C ILE N 35 -21.06 15.81 36.43
N LEU N 36 -20.53 14.61 36.39
CA LEU N 36 -20.83 13.59 35.35
C LEU N 36 -22.10 12.86 35.79
N ALA N 37 -23.17 12.97 35.02
CA ALA N 37 -24.51 12.46 35.36
C ALA N 37 -24.88 11.33 34.40
N ASN N 38 -25.56 10.32 34.92
CA ASN N 38 -26.06 9.13 34.15
C ASN N 38 -27.47 8.85 34.65
N VAL N 39 -28.43 8.75 33.73
CA VAL N 39 -29.87 8.62 34.09
C VAL N 39 -30.56 7.59 33.18
N SER N 40 -31.42 6.78 33.78
CA SER N 40 -32.41 5.88 33.13
C SER N 40 -33.70 5.93 33.95
N LEU N 41 -34.82 5.58 33.34
CA LEU N 41 -36.14 5.64 33.97
C LEU N 41 -36.98 4.46 33.48
N LEU N 42 -37.56 3.73 34.42
CA LEU N 42 -38.56 2.67 34.18
C LEU N 42 -39.86 3.06 34.88
N VAL N 43 -40.99 3.02 34.18
CA VAL N 43 -42.34 3.16 34.79
C VAL N 43 -42.88 1.75 35.07
N VAL N 44 -43.26 1.45 36.30
CA VAL N 44 -43.59 0.08 36.76
C VAL N 44 -45.11 -0.12 36.84
N LYS N 45 -45.88 0.96 36.98
CA LYS N 45 -47.36 0.92 36.98
C LYS N 45 -47.92 2.28 36.59
N GLY N 46 -49.25 2.35 36.46
CA GLY N 46 -49.98 3.57 36.08
C GLY N 46 -50.07 3.73 34.58
N ARG N 47 -50.62 4.86 34.15
CA ARG N 47 -51.03 5.14 32.75
C ARG N 47 -49.82 5.18 31.82
N PHE N 48 -48.61 5.43 32.33
CA PHE N 48 -47.39 5.60 31.47
C PHE N 48 -46.58 4.30 31.40
N GLN N 49 -47.00 3.25 32.12
CA GLN N 49 -46.23 1.98 32.13
C GLN N 49 -46.19 1.40 30.71
N ASN N 50 -47.34 1.36 30.07
CA ASN N 50 -47.55 0.80 28.72
C ASN N 50 -48.27 1.88 27.87
N LEU N 51 -47.55 2.49 26.95
CA LEU N 51 -48.06 3.59 26.11
C LEU N 51 -48.84 3.00 24.96
N ASN N 52 -50.11 3.35 24.83
CA ASN N 52 -50.95 2.98 23.67
C ASN N 52 -51.90 4.14 23.33
N TYR N 53 -51.53 4.90 22.31
CA TYR N 53 -52.24 6.11 21.86
C TYR N 53 -53.35 5.72 20.87
N LYS N 54 -53.41 4.45 20.46
CA LYS N 54 -54.54 3.92 19.65
C LYS N 54 -55.73 3.65 20.56
N THR N 55 -55.47 3.18 21.77
CA THR N 55 -56.52 2.68 22.70
C THR N 55 -56.86 3.73 23.75
N ASN N 56 -55.90 4.59 24.15
CA ASN N 56 -56.15 5.66 25.15
C ASN N 56 -55.91 7.02 24.50
N PRO N 57 -57.00 7.73 24.12
CA PRO N 57 -56.88 9.01 23.44
C PRO N 57 -56.57 10.19 24.39
N ASN N 58 -56.75 9.98 25.68
CA ASN N 58 -56.58 11.02 26.74
C ASN N 58 -55.15 11.00 27.29
N LEU N 59 -54.28 10.14 26.80
CA LEU N 59 -52.94 9.95 27.41
C LEU N 59 -52.03 11.09 26.99
N PRO N 60 -51.44 11.84 27.94
CA PRO N 60 -50.42 12.82 27.61
C PRO N 60 -49.20 12.16 26.97
N LYS N 61 -48.35 12.95 26.33
CA LYS N 61 -47.06 12.52 25.77
C LYS N 61 -45.94 13.28 26.48
N THR N 62 -46.12 13.54 27.76
CA THR N 62 -45.09 14.18 28.60
C THR N 62 -45.38 13.89 30.07
N PHE N 63 -44.33 13.84 30.88
CA PHE N 63 -44.38 13.96 32.34
C PHE N 63 -43.05 14.57 32.80
N THR N 64 -43.04 15.12 34.02
CA THR N 64 -41.86 15.79 34.58
C THR N 64 -41.55 15.21 35.97
N ILE N 65 -40.31 14.82 36.17
CA ILE N 65 -39.73 14.40 37.47
C ILE N 65 -38.82 15.53 37.96
N LYS N 66 -39.07 16.06 39.15
CA LYS N 66 -38.29 17.18 39.75
C LYS N 66 -37.50 16.67 40.96
N LEU N 67 -36.20 16.99 41.00
CA LEU N 67 -35.37 16.91 42.22
C LEU N 67 -35.18 18.34 42.74
N LEU N 68 -35.72 18.62 43.93
CA LEU N 68 -35.63 19.94 44.59
C LEU N 68 -34.65 19.84 45.76
N PHE N 69 -33.73 20.79 45.87
CA PHE N 69 -32.65 20.81 46.88
C PHE N 69 -32.70 22.13 47.68
N ASP N 70 -32.39 22.06 48.98
CA ASP N 70 -32.28 23.23 49.89
C ASP N 70 -30.85 23.80 49.79
N GLU N 71 -30.54 24.85 50.56
CA GLU N 71 -29.29 25.63 50.46
C GLU N 71 -28.06 24.74 50.69
N ASN N 72 -28.27 23.56 51.33
CA ASN N 72 -27.20 22.58 51.68
C ASN N 72 -27.16 21.42 50.68
N GLY N 73 -27.98 21.44 49.63
CA GLY N 73 -28.02 20.38 48.62
C GLY N 73 -28.70 19.11 49.13
N ILE N 74 -29.51 19.23 50.18
CA ILE N 74 -30.39 18.12 50.69
C ILE N 74 -31.62 18.03 49.80
N LEU N 75 -31.96 16.82 49.34
CA LEU N 75 -33.18 16.55 48.56
C LEU N 75 -34.41 16.77 49.46
N LYS N 76 -35.41 17.49 48.96
CA LYS N 76 -36.63 17.88 49.72
C LYS N 76 -37.76 16.86 49.45
N ASP N 77 -38.64 16.67 50.42
CA ASP N 77 -39.79 15.72 50.39
C ASP N 77 -40.67 16.01 49.18
N SER N 78 -40.79 17.27 48.78
CA SER N 78 -41.64 17.75 47.66
C SER N 78 -41.11 17.23 46.32
N SER N 79 -39.87 16.73 46.29
CA SER N 79 -39.27 16.09 45.09
C SER N 79 -40.12 14.90 44.68
N ASN N 80 -40.07 14.55 43.40
CA ASN N 80 -40.76 13.35 42.83
C ASN N 80 -40.01 12.09 43.30
N LEU N 81 -38.69 12.19 43.44
CA LEU N 81 -37.81 11.09 43.92
C LEU N 81 -37.97 10.96 45.44
N ASP N 82 -38.21 9.74 45.91
CA ASP N 82 -38.32 9.40 47.35
C ASP N 82 -36.96 9.65 48.01
N LYS N 83 -36.95 10.43 49.08
CA LYS N 83 -35.74 10.89 49.82
C LYS N 83 -34.91 9.67 50.29
N ASN N 84 -35.58 8.53 50.53
CA ASN N 84 -34.98 7.31 51.17
C ASN N 84 -34.10 6.55 50.17
N TYR N 85 -34.15 6.88 48.89
CA TYR N 85 -33.45 6.15 47.82
C TYR N 85 -32.36 7.04 47.21
N TRP N 86 -31.86 8.00 47.99
CA TRP N 86 -30.94 9.07 47.53
C TRP N 86 -29.88 9.32 48.59
N ASN N 87 -28.63 8.95 48.32
CA ASN N 87 -27.52 9.07 49.29
C ASN N 87 -26.20 8.89 48.57
N TYR N 88 -25.07 9.08 49.25
CA TYR N 88 -23.72 8.80 48.74
C TYR N 88 -23.60 7.29 48.53
N ARG N 89 -22.71 6.85 47.63
CA ARG N 89 -22.42 5.42 47.35
C ARG N 89 -21.37 4.90 48.37
N ASN N 90 -21.44 3.62 48.74
CA ASN N 90 -20.58 3.03 49.80
C ASN N 90 -19.23 2.61 49.21
N TYR N 99 -27.51 12.25 54.34
CA TYR N 99 -26.30 13.10 54.25
C TYR N 99 -26.59 14.49 54.84
N LYS N 100 -25.53 15.31 54.95
CA LYS N 100 -25.58 16.63 55.64
C LYS N 100 -25.27 17.79 54.68
N ASN N 101 -24.31 17.63 53.76
CA ASN N 101 -23.93 18.67 52.75
C ASN N 101 -23.65 18.01 51.40
N ALA N 102 -24.17 18.58 50.31
CA ALA N 102 -24.00 18.09 48.93
C ALA N 102 -23.96 19.25 47.94
N VAL N 103 -23.53 20.43 48.40
CA VAL N 103 -23.49 21.68 47.57
C VAL N 103 -22.50 21.49 46.42
N GLY N 104 -21.53 20.58 46.56
CA GLY N 104 -20.53 20.26 45.52
C GLY N 104 -21.17 19.52 44.34
N PHE N 105 -22.40 19.05 44.50
CA PHE N 105 -23.15 18.29 43.47
C PHE N 105 -24.25 19.17 42.86
N MET N 106 -24.48 20.36 43.40
CA MET N 106 -25.59 21.23 42.95
C MET N 106 -25.19 21.97 41.68
N PRO N 107 -26.18 22.24 40.80
CA PRO N 107 -25.92 23.00 39.59
C PRO N 107 -25.62 24.47 39.93
N ASN N 108 -24.45 24.93 39.49
CA ASN N 108 -23.88 26.27 39.74
C ASN N 108 -24.92 27.36 39.45
N LEU N 109 -25.17 28.25 40.43
CA LEU N 109 -26.18 29.33 40.35
C LEU N 109 -25.72 30.46 39.41
N ALA N 110 -24.41 30.64 39.22
CA ALA N 110 -23.84 31.66 38.31
C ALA N 110 -24.02 31.18 36.87
N ALA N 111 -23.73 29.91 36.60
CA ALA N 111 -23.86 29.26 35.28
C ALA N 111 -25.35 29.12 34.93
N TYR N 112 -26.17 28.76 35.92
CA TYR N 112 -27.60 28.44 35.76
C TYR N 112 -28.43 29.28 36.73
N PRO N 113 -28.59 30.60 36.46
CA PRO N 113 -29.34 31.46 37.37
C PRO N 113 -30.81 31.05 37.47
N LYS N 114 -31.42 31.27 38.63
CA LYS N 114 -32.89 31.20 38.83
C LYS N 114 -33.53 32.38 38.12
N SER N 115 -34.77 32.24 37.68
CA SER N 115 -35.54 33.30 36.95
C SER N 115 -35.74 34.53 37.88
N THR N 116 -34.60 35.17 38.13
CA THR N 116 -34.47 36.30 39.12
C THR N 116 -35.51 37.36 38.75
N THR N 117 -35.46 37.95 37.55
CA THR N 117 -36.51 38.83 37.03
C THR N 117 -37.86 38.10 37.26
N THR N 118 -38.91 38.91 37.28
CA THR N 118 -40.36 38.51 37.22
C THR N 118 -40.57 37.45 36.12
N GLN N 119 -39.87 37.54 35.00
CA GLN N 119 -39.92 36.54 33.90
C GLN N 119 -39.47 35.17 34.43
N SER N 120 -40.23 34.15 34.01
CA SER N 120 -39.99 32.72 34.26
C SER N 120 -39.08 32.13 33.16
N LYS N 121 -38.52 32.99 32.26
CA LYS N 121 -37.69 32.61 31.10
C LYS N 121 -36.19 32.61 31.49
N LEU N 122 -35.63 31.41 31.64
CA LEU N 122 -34.20 31.14 31.95
C LEU N 122 -33.36 31.34 30.69
N TYR N 123 -32.04 31.46 30.82
CA TYR N 123 -31.08 31.29 29.71
C TYR N 123 -31.21 29.86 29.18
N ALA N 124 -30.79 29.65 27.94
CA ALA N 124 -30.84 28.34 27.27
C ALA N 124 -29.83 27.39 27.91
N ARG N 125 -28.72 27.90 28.46
CA ARG N 125 -27.61 27.07 28.97
C ARG N 125 -28.03 26.31 30.24
N ASN N 126 -29.12 26.74 30.88
CA ASN N 126 -29.76 26.05 32.03
C ASN N 126 -30.30 24.68 31.59
N THR N 127 -30.41 24.45 30.27
CA THR N 127 -31.10 23.27 29.69
C THR N 127 -30.14 22.37 28.89
N ILE N 128 -30.32 21.06 29.02
CA ILE N 128 -29.67 20.02 28.17
C ILE N 128 -30.78 19.22 27.52
N PHE N 129 -30.68 18.99 26.21
CA PHE N 129 -31.58 18.08 25.46
C PHE N 129 -30.82 16.81 25.13
N GLY N 130 -31.50 15.68 25.24
CA GLY N 130 -30.99 14.38 24.82
C GLY N 130 -32.07 13.54 24.18
N ASN N 131 -31.68 12.64 23.30
CA ASN N 131 -32.54 11.58 22.76
C ASN N 131 -32.27 10.30 23.52
N ILE N 132 -33.32 9.73 24.10
CA ILE N 132 -33.30 8.39 24.71
C ILE N 132 -34.37 7.54 24.02
N TYR N 133 -34.41 6.26 24.32
CA TYR N 133 -35.20 5.28 23.55
C TYR N 133 -35.88 4.30 24.50
N LEU N 134 -37.11 3.92 24.17
CA LEU N 134 -37.91 2.97 24.95
C LEU N 134 -37.67 1.56 24.43
N ASP N 135 -37.46 0.62 25.34
CA ASP N 135 -37.45 -0.84 25.07
C ASP N 135 -36.28 -1.18 24.16
N SER N 136 -35.20 -0.42 24.24
CA SER N 136 -33.89 -0.68 23.59
C SER N 136 -34.03 -0.66 22.06
N GLN N 137 -34.97 0.12 21.52
CA GLN N 137 -35.19 0.23 20.06
C GLN N 137 -34.93 1.65 19.59
N ALA N 138 -34.12 1.80 18.55
CA ALA N 138 -33.74 3.10 17.95
C ALA N 138 -35.00 3.81 17.44
N TYR N 139 -36.09 3.10 17.20
CA TYR N 139 -37.30 3.67 16.55
C TYR N 139 -38.36 4.07 17.59
N ASN N 140 -38.00 4.10 18.88
CA ASN N 140 -38.88 4.60 19.96
C ASN N 140 -38.21 5.78 20.65
N PRO N 141 -37.96 6.90 19.95
CA PRO N 141 -37.32 8.06 20.56
C PRO N 141 -38.19 8.77 21.59
N VAL N 142 -37.55 9.28 22.61
CA VAL N 142 -38.13 10.17 23.65
C VAL N 142 -37.12 11.30 23.88
N VAL N 143 -37.59 12.53 23.98
CA VAL N 143 -36.74 13.71 24.27
C VAL N 143 -36.68 13.89 25.78
N ILE N 144 -35.48 13.86 26.35
CA ILE N 144 -35.24 14.23 27.75
C ILE N 144 -34.73 15.67 27.78
N LYS N 145 -35.43 16.52 28.51
CA LYS N 145 -35.07 17.94 28.68
C LYS N 145 -34.71 18.13 30.15
N ILE N 146 -33.43 18.31 30.42
CA ILE N 146 -32.89 18.53 31.78
C ILE N 146 -32.69 20.03 31.96
N THR N 147 -33.34 20.61 32.96
CA THR N 147 -33.27 22.06 33.25
C THR N 147 -32.84 22.24 34.70
N PHE N 148 -31.89 23.14 34.93
CA PHE N 148 -31.30 23.44 36.26
C PHE N 148 -31.90 24.74 36.81
N ASN N 149 -32.36 24.69 38.07
CA ASN N 149 -32.65 25.87 38.93
C ASN N 149 -33.85 26.65 38.35
N GLN N 150 -34.84 25.92 37.84
CA GLN N 150 -36.06 26.47 37.23
C GLN N 150 -37.13 26.63 38.31
N GLU N 151 -37.09 25.81 39.37
CA GLU N 151 -38.13 25.76 40.42
C GLU N 151 -37.84 26.84 41.46
N ALA N 152 -38.85 27.66 41.76
CA ALA N 152 -38.73 28.95 42.47
C ALA N 152 -38.61 28.74 43.99
N ASP N 153 -39.29 27.72 44.54
CA ASP N 153 -39.32 27.41 46.00
C ASP N 153 -38.27 26.33 46.32
N SER N 154 -37.05 26.53 45.85
CA SER N 154 -35.89 25.64 46.10
C SER N 154 -34.60 26.39 45.74
N ALA N 155 -33.54 26.25 46.54
CA ALA N 155 -32.24 26.90 46.32
C ALA N 155 -31.64 26.38 45.00
N TYR N 156 -31.84 25.08 44.76
CA TYR N 156 -31.32 24.33 43.59
C TYR N 156 -32.40 23.38 43.09
N SER N 157 -32.40 23.04 41.80
CA SER N 157 -33.31 22.02 41.23
C SER N 157 -32.72 21.39 39.97
N ILE N 158 -32.98 20.09 39.81
CA ILE N 158 -32.79 19.36 38.53
C ILE N 158 -34.17 18.88 38.08
N THR N 159 -34.65 19.41 36.96
CA THR N 159 -35.96 19.07 36.37
C THR N 159 -35.72 18.14 35.16
N LEU N 160 -36.32 16.95 35.18
CA LEU N 160 -36.24 15.97 34.07
C LEU N 160 -37.59 15.95 33.37
N ASN N 161 -37.70 16.61 32.23
CA ASN N 161 -38.92 16.61 31.40
C ASN N 161 -38.76 15.57 30.30
N TYR N 162 -39.69 14.62 30.23
CA TYR N 162 -39.77 13.59 29.18
C TYR N 162 -40.96 13.92 28.28
N SER N 163 -40.76 13.90 26.97
CA SER N 163 -41.82 14.12 25.95
C SER N 163 -41.50 13.32 24.70
N TRP N 164 -42.52 13.05 23.88
CA TRP N 164 -42.37 12.27 22.63
C TRP N 164 -43.49 12.65 21.67
N GLY N 165 -43.34 12.32 20.38
CA GLY N 165 -44.31 12.65 19.33
C GLY N 165 -45.08 11.45 18.82
N LYS N 166 -44.48 10.26 18.81
CA LYS N 166 -45.04 9.07 18.11
C LYS N 166 -46.27 8.57 18.84
N ASP N 167 -47.23 8.08 18.08
CA ASP N 167 -48.43 7.37 18.60
C ASP N 167 -48.02 5.93 18.93
N TYR N 168 -47.21 5.78 19.95
CA TYR N 168 -46.70 4.47 20.43
C TYR N 168 -47.89 3.53 20.64
N GLU N 169 -47.73 2.26 20.26
CA GLU N 169 -48.76 1.20 20.43
C GLU N 169 -48.16 0.06 21.29
N ASN N 170 -48.49 0.02 22.58
CA ASN N 170 -48.05 -1.01 23.56
C ASN N 170 -46.53 -0.99 23.67
N ILE N 171 -45.96 0.17 23.91
CA ILE N 171 -44.51 0.35 24.17
C ILE N 171 -44.34 0.64 25.65
N PRO N 172 -43.52 -0.13 26.38
CA PRO N 172 -43.28 0.13 27.79
C PRO N 172 -42.38 1.35 27.93
N PHE N 173 -42.68 2.26 28.87
CA PHE N 173 -41.74 3.35 29.22
C PHE N 173 -40.61 2.74 30.05
N ASP N 174 -39.68 2.14 29.34
CA ASP N 174 -38.47 1.53 29.89
C ASP N 174 -37.31 2.12 29.09
N SER N 175 -36.66 3.17 29.60
CA SER N 175 -35.75 4.05 28.84
C SER N 175 -34.33 3.50 28.82
N THR N 176 -33.59 3.78 27.76
CA THR N 176 -32.14 3.58 27.67
C THR N 176 -31.45 4.63 28.55
N SER N 177 -30.14 4.49 28.72
CA SER N 177 -29.29 5.34 29.57
C SER N 177 -28.77 6.54 28.78
N PHE N 178 -28.67 7.69 29.44
CA PHE N 178 -28.14 8.95 28.88
C PHE N 178 -27.12 9.54 29.84
N THR N 179 -26.01 10.02 29.32
CA THR N 179 -24.94 10.71 30.07
C THR N 179 -24.94 12.20 29.71
N PHE N 180 -24.75 13.05 30.71
CA PHE N 180 -24.57 14.50 30.54
C PHE N 180 -23.65 15.00 31.66
N SER N 181 -23.23 16.25 31.59
CA SER N 181 -22.49 16.93 32.66
C SER N 181 -23.10 18.31 32.89
N TYR N 182 -22.83 18.89 34.05
CA TYR N 182 -23.16 20.30 34.37
C TYR N 182 -22.10 20.86 35.31
N ILE N 183 -22.01 22.18 35.35
CA ILE N 183 -21.03 22.93 36.17
C ILE N 183 -21.50 22.90 37.62
N ALA N 184 -20.61 22.51 38.54
CA ALA N 184 -20.89 22.35 39.98
C ALA N 184 -20.82 23.69 40.69
N GLN N 185 -21.65 23.88 41.73
CA GLN N 185 -21.73 25.13 42.52
C GLN N 185 -20.38 25.40 43.21
N GLU N 186 -19.69 24.35 43.66
CA GLU N 186 -18.32 24.45 44.23
C GLU N 186 -17.60 23.10 44.07
N LYS O 1 -6.76 7.89 38.72
CA LYS O 1 -7.66 8.15 37.54
C LYS O 1 -7.12 7.33 36.35
N LEU O 2 -6.88 6.05 36.62
CA LEU O 2 -6.28 5.09 35.64
C LEU O 2 -7.23 4.90 34.43
N THR O 3 -6.62 4.82 33.26
CA THR O 3 -7.28 4.75 31.94
C THR O 3 -6.93 3.41 31.28
N LEU O 4 -7.94 2.73 30.75
CA LEU O 4 -7.84 1.46 30.00
C LEU O 4 -8.21 1.76 28.55
N TRP O 5 -7.35 1.45 27.57
CA TRP O 5 -7.59 1.88 26.16
C TRP O 5 -6.92 0.97 25.14
N THR O 6 -7.32 1.14 23.89
CA THR O 6 -6.61 0.68 22.68
C THR O 6 -5.46 1.65 22.45
N THR O 7 -4.24 1.20 22.25
CA THR O 7 -3.12 2.13 21.99
C THR O 7 -3.55 3.00 20.82
N LEU O 8 -2.90 4.15 20.62
CA LEU O 8 -3.21 5.08 19.50
C LEU O 8 -2.39 4.71 18.26
N ASP O 9 -1.58 3.67 18.36
CA ASP O 9 -0.85 3.03 17.23
C ASP O 9 -1.76 3.02 16.00
N PRO O 10 -1.27 3.48 14.82
CA PRO O 10 -2.10 3.61 13.62
C PRO O 10 -2.62 2.28 13.04
N SER O 11 -2.01 1.14 13.41
CA SER O 11 -2.23 -0.18 12.78
C SER O 11 -3.59 -0.74 13.18
N PRO O 12 -4.25 -1.48 12.27
CA PRO O 12 -5.53 -2.11 12.56
C PRO O 12 -5.43 -3.06 13.76
N ASN O 13 -6.52 -3.24 14.49
CA ASN O 13 -6.52 -3.90 15.82
C ASN O 13 -7.82 -4.68 16.06
N CYS O 14 -8.70 -4.82 15.07
CA CYS O 14 -10.09 -5.29 15.30
C CYS O 14 -10.58 -6.12 14.11
N ARG O 15 -11.44 -7.11 14.40
CA ARG O 15 -12.10 -7.99 13.40
C ARG O 15 -13.61 -7.70 13.40
N ILE O 16 -14.15 -7.28 12.26
CA ILE O 16 -15.61 -7.27 12.01
C ILE O 16 -15.99 -8.59 11.33
N ASP O 17 -15.41 -8.87 10.16
CA ASP O 17 -15.57 -10.16 9.43
C ASP O 17 -14.25 -10.92 9.42
N VAL O 18 -13.15 -10.18 9.35
CA VAL O 18 -11.81 -10.69 8.95
C VAL O 18 -10.74 -10.02 9.82
N ASP O 19 -9.69 -10.75 10.19
CA ASP O 19 -8.58 -10.26 11.05
C ASP O 19 -8.09 -8.92 10.50
N LYS O 20 -8.09 -7.89 11.35
CA LYS O 20 -7.46 -6.58 11.08
C LYS O 20 -8.15 -5.88 9.90
N ASP O 21 -9.48 -5.87 9.85
CA ASP O 21 -10.25 -5.15 8.80
C ASP O 21 -10.69 -3.78 9.35
N SER O 22 -10.44 -3.52 10.63
CA SER O 22 -10.93 -2.33 11.35
C SER O 22 -9.93 -1.88 12.41
N LYS O 23 -9.96 -0.58 12.74
CA LYS O 23 -9.23 0.02 13.87
C LYS O 23 -10.23 0.69 14.83
N LEU O 24 -10.47 0.04 15.97
CA LEU O 24 -11.29 0.58 17.07
C LEU O 24 -10.39 1.44 17.96
N THR O 25 -10.79 2.68 18.24
CA THR O 25 -10.17 3.53 19.27
C THR O 25 -11.17 3.66 20.41
N LEU O 26 -10.91 2.98 21.53
CA LEU O 26 -11.78 2.98 22.73
C LEU O 26 -10.92 3.40 23.92
N VAL O 27 -11.34 4.42 24.64
CA VAL O 27 -10.68 4.92 25.86
C VAL O 27 -11.71 4.86 26.99
N LEU O 28 -11.43 4.07 28.02
CA LEU O 28 -12.23 3.98 29.26
C LEU O 28 -11.43 4.64 30.38
N THR O 29 -11.88 5.79 30.85
CA THR O 29 -11.26 6.53 31.97
C THR O 29 -12.16 6.38 33.19
N LYS O 30 -11.61 5.89 34.29
CA LYS O 30 -12.35 5.70 35.57
C LYS O 30 -12.38 7.03 36.32
N CYS O 31 -13.57 7.61 36.47
N CYS O 31 -13.57 7.61 36.47
CA CYS O 31 -13.84 8.77 37.36
CA CYS O 31 -13.83 8.76 37.37
C CYS O 31 -14.77 8.31 38.47
C CYS O 31 -14.77 8.31 38.47
N GLY O 32 -14.22 7.75 39.55
CA GLY O 32 -14.99 7.17 40.66
C GLY O 32 -15.84 6.02 40.18
N SER O 33 -17.16 6.12 40.41
CA SER O 33 -18.15 5.03 40.20
C SER O 33 -18.67 5.03 38.76
N GLN O 34 -18.20 5.96 37.91
CA GLN O 34 -18.55 5.99 36.47
C GLN O 34 -17.29 5.82 35.62
N ILE O 35 -17.43 5.13 34.50
CA ILE O 35 -16.40 5.04 33.43
C ILE O 35 -16.78 6.04 32.34
N LEU O 36 -15.92 7.02 32.09
CA LEU O 36 -16.04 7.96 30.94
C LEU O 36 -15.43 7.27 29.72
N ALA O 37 -16.24 6.99 28.70
CA ALA O 37 -15.86 6.23 27.50
C ALA O 37 -15.85 7.15 26.27
N ASN O 38 -14.89 6.94 25.37
CA ASN O 38 -14.73 7.68 24.11
C ASN O 38 -14.39 6.67 23.03
N VAL O 39 -15.13 6.65 21.93
CA VAL O 39 -15.01 5.60 20.88
C VAL O 39 -15.08 6.24 19.48
N SER O 40 -14.23 5.73 18.59
CA SER O 40 -14.28 5.96 17.12
C SER O 40 -13.91 4.64 16.43
N LEU O 41 -14.31 4.48 15.18
CA LEU O 41 -14.08 3.25 14.41
C LEU O 41 -13.79 3.61 12.96
N LEU O 42 -12.69 3.06 12.42
CA LEU O 42 -12.31 3.13 11.00
C LEU O 42 -12.25 1.69 10.46
N VAL O 43 -12.90 1.42 9.33
CA VAL O 43 -12.77 0.15 8.58
C VAL O 43 -11.71 0.36 7.49
N VAL O 44 -10.66 -0.46 7.47
CA VAL O 44 -9.45 -0.26 6.61
C VAL O 44 -9.50 -1.17 5.38
N LYS O 45 -10.24 -2.28 5.45
CA LYS O 45 -10.45 -3.19 4.29
C LYS O 45 -11.72 -3.99 4.48
N GLY O 46 -12.08 -4.80 3.47
CA GLY O 46 -13.28 -5.64 3.47
C GLY O 46 -14.50 -4.88 2.97
N ARG O 47 -15.65 -5.53 3.03
CA ARG O 47 -16.91 -5.11 2.36
C ARG O 47 -17.45 -3.81 2.96
N PHE O 48 -17.07 -3.46 4.19
CA PHE O 48 -17.59 -2.28 4.93
C PHE O 48 -16.65 -1.10 4.82
N GLN O 49 -15.50 -1.25 4.18
CA GLN O 49 -14.52 -0.15 4.05
C GLN O 49 -15.15 1.00 3.27
N ASN O 50 -15.77 0.66 2.15
CA ASN O 50 -16.43 1.61 1.22
C ASN O 50 -17.86 1.14 0.98
N LEU O 51 -18.85 1.83 1.56
CA LEU O 51 -20.27 1.45 1.49
C LEU O 51 -20.83 1.92 0.15
N ASN O 52 -21.36 1.02 -0.66
CA ASN O 52 -22.10 1.36 -1.89
C ASN O 52 -23.27 0.40 -2.08
N TYR O 53 -24.47 0.85 -1.73
CA TYR O 53 -25.72 0.05 -1.75
C TYR O 53 -26.36 0.14 -3.13
N LYS O 54 -25.84 1.00 -4.01
CA LYS O 54 -26.30 1.06 -5.42
C LYS O 54 -25.66 -0.05 -6.20
N THR O 55 -24.39 -0.38 -5.88
CA THR O 55 -23.57 -1.33 -6.65
C THR O 55 -23.56 -2.71 -5.99
N ASN O 56 -23.67 -2.80 -4.67
CA ASN O 56 -23.64 -4.09 -3.92
C ASN O 56 -24.96 -4.28 -3.18
N PRO O 57 -25.88 -5.09 -3.72
CA PRO O 57 -27.22 -5.20 -3.16
C PRO O 57 -27.29 -6.15 -1.95
N ASN O 58 -26.25 -6.96 -1.75
CA ASN O 58 -26.19 -8.00 -0.71
C ASN O 58 -25.53 -7.43 0.56
N LEU O 59 -25.13 -6.16 0.58
CA LEU O 59 -24.33 -5.61 1.69
C LEU O 59 -25.25 -5.35 2.89
N PRO O 60 -24.96 -5.94 4.07
CA PRO O 60 -25.69 -5.59 5.28
C PRO O 60 -25.54 -4.11 5.62
N LYS O 61 -26.41 -3.61 6.48
CA LYS O 61 -26.32 -2.23 7.04
C LYS O 61 -26.15 -2.32 8.54
N THR O 62 -25.42 -3.32 9.00
CA THR O 62 -25.05 -3.50 10.42
C THR O 62 -23.84 -4.41 10.53
N PHE O 63 -23.07 -4.20 11.58
CA PHE O 63 -22.08 -5.15 12.11
C PHE O 63 -21.96 -4.90 13.60
N THR O 64 -21.42 -5.88 14.34
CA THR O 64 -21.29 -5.83 15.80
C THR O 64 -19.85 -6.15 16.20
N ILE O 65 -19.25 -5.30 17.00
CA ILE O 65 -17.94 -5.51 17.65
C ILE O 65 -18.19 -5.79 19.14
N LYS O 66 -17.73 -6.93 19.65
CA LYS O 66 -17.92 -7.36 21.05
C LYS O 66 -16.58 -7.34 21.81
N LEU O 67 -16.57 -6.70 22.98
CA LEU O 67 -15.51 -6.86 24.00
C LEU O 67 -16.04 -7.78 25.10
N LEU O 68 -15.46 -8.96 25.25
CA LEU O 68 -15.86 -9.96 26.26
C LEU O 68 -14.80 -10.00 27.36
N PHE O 69 -15.22 -9.97 28.62
CA PHE O 69 -14.34 -9.92 29.81
C PHE O 69 -14.65 -11.08 30.76
N ASP O 70 -13.62 -11.63 31.41
CA ASP O 70 -13.74 -12.69 32.45
C ASP O 70 -13.97 -12.01 33.81
N GLU O 71 -14.08 -12.81 34.88
CA GLU O 71 -14.50 -12.35 36.24
C GLU O 71 -13.51 -11.29 36.77
N ASN O 72 -12.30 -11.22 36.19
CA ASN O 72 -11.22 -10.28 36.60
C ASN O 72 -11.14 -9.07 35.65
N GLY O 73 -12.05 -8.96 34.68
CA GLY O 73 -12.07 -7.84 33.72
C GLY O 73 -10.96 -7.94 32.68
N ILE O 74 -10.40 -9.13 32.48
CA ILE O 74 -9.43 -9.42 31.38
C ILE O 74 -10.20 -9.62 30.08
N LEU O 75 -9.76 -8.96 29.01
CA LEU O 75 -10.35 -9.11 27.66
C LEU O 75 -10.03 -10.51 27.15
N LYS O 76 -11.02 -11.21 26.60
CA LYS O 76 -10.90 -12.62 26.14
C LYS O 76 -10.61 -12.64 24.64
N ASP O 77 -9.88 -13.67 24.17
CA ASP O 77 -9.45 -13.84 22.76
C ASP O 77 -10.64 -13.84 21.83
N SER O 78 -11.80 -14.33 22.29
CA SER O 78 -13.06 -14.43 21.50
C SER O 78 -13.60 -13.05 21.17
N SER O 79 -13.11 -12.00 21.84
CA SER O 79 -13.45 -10.58 21.54
C SER O 79 -13.08 -10.27 20.09
N ASN O 80 -13.78 -9.29 19.51
CA ASN O 80 -13.50 -8.77 18.14
C ASN O 80 -12.22 -7.94 18.18
N LEU O 81 -11.97 -7.26 19.30
CA LEU O 81 -10.76 -6.44 19.52
C LEU O 81 -9.58 -7.37 19.84
N ASP O 82 -8.46 -7.19 19.15
CA ASP O 82 -7.21 -7.95 19.36
C ASP O 82 -6.69 -7.64 20.78
N LYS O 83 -6.43 -8.67 21.57
CA LYS O 83 -6.02 -8.58 22.99
C LYS O 83 -4.74 -7.75 23.13
N ASN O 84 -3.90 -7.72 22.08
CA ASN O 84 -2.53 -7.13 22.09
C ASN O 84 -2.59 -5.61 22.02
N TYR O 85 -3.75 -5.03 21.72
CA TYR O 85 -3.93 -3.58 21.51
C TYR O 85 -4.80 -3.00 22.62
N TRP O 86 -4.80 -3.64 23.79
CA TRP O 86 -5.71 -3.32 24.92
C TRP O 86 -4.94 -3.42 26.22
N ASN O 87 -4.70 -2.29 26.88
CA ASN O 87 -3.87 -2.23 28.11
C ASN O 87 -4.09 -0.88 28.79
N TYR O 88 -3.56 -0.70 30.00
CA TYR O 88 -3.53 0.60 30.72
C TYR O 88 -2.65 1.57 29.92
N ARG O 89 -2.89 2.88 30.04
CA ARG O 89 -2.09 3.96 29.40
C ARG O 89 -0.97 4.30 30.42
N ASN O 90 0.32 4.10 30.10
CA ASN O 90 1.39 4.46 31.06
C ASN O 90 1.75 5.93 30.85
N GLY O 91 1.68 6.39 29.62
CA GLY O 91 2.09 7.74 29.18
C GLY O 91 2.18 7.82 27.67
N LYS O 100 -3.73 -7.41 35.01
CA LYS O 100 -4.09 -8.57 35.86
C LYS O 100 -5.50 -8.41 36.45
N ASN O 101 -5.92 -7.19 36.81
CA ASN O 101 -7.29 -6.88 37.32
C ASN O 101 -7.78 -5.56 36.70
N ALA O 102 -9.05 -5.53 36.25
CA ALA O 102 -9.69 -4.35 35.67
C ALA O 102 -11.18 -4.33 36.01
N VAL O 103 -11.57 -4.93 37.13
CA VAL O 103 -13.00 -5.05 37.53
C VAL O 103 -13.58 -3.65 37.80
N GLY O 104 -12.73 -2.67 38.09
CA GLY O 104 -13.11 -1.26 38.32
C GLY O 104 -13.56 -0.58 37.02
N PHE O 105 -13.30 -1.21 35.88
CA PHE O 105 -13.67 -0.69 34.54
C PHE O 105 -14.86 -1.45 33.95
N MET O 106 -15.31 -2.51 34.62
CA MET O 106 -16.39 -3.38 34.09
C MET O 106 -17.74 -2.74 34.35
N PRO O 107 -18.71 -2.95 33.45
CA PRO O 107 -20.07 -2.47 33.64
C PRO O 107 -20.75 -3.23 34.78
N ASN O 108 -21.21 -2.47 35.78
CA ASN O 108 -21.84 -2.94 37.04
C ASN O 108 -22.94 -3.97 36.73
N LEU O 109 -22.87 -5.14 37.35
CA LEU O 109 -23.81 -6.27 37.14
C LEU O 109 -25.18 -6.00 37.78
N ALA O 110 -25.23 -5.16 38.82
CA ALA O 110 -26.49 -4.78 39.50
C ALA O 110 -27.25 -3.80 38.61
N ALA O 111 -26.54 -2.81 38.06
CA ALA O 111 -27.07 -1.79 37.14
C ALA O 111 -27.45 -2.42 35.82
N TYR O 112 -26.64 -3.35 35.32
CA TYR O 112 -26.76 -3.98 33.98
C TYR O 112 -26.74 -5.51 34.14
N PRO O 113 -27.83 -6.11 34.64
CA PRO O 113 -27.88 -7.55 34.84
C PRO O 113 -27.77 -8.32 33.53
N LYS O 114 -27.16 -9.50 33.57
CA LYS O 114 -27.17 -10.49 32.48
C LYS O 114 -28.58 -11.08 32.37
N SER O 115 -28.96 -11.51 31.18
CA SER O 115 -30.29 -12.11 30.88
C SER O 115 -30.44 -13.43 31.62
N THR O 116 -31.46 -13.51 32.50
CA THR O 116 -31.90 -14.76 33.18
C THR O 116 -32.74 -15.67 32.24
N THR O 117 -33.97 -15.28 31.80
CA THR O 117 -34.74 -16.05 30.84
C THR O 117 -33.80 -16.45 29.68
N THR O 118 -34.20 -17.53 29.01
CA THR O 118 -33.52 -18.11 27.80
C THR O 118 -33.21 -17.00 26.77
N GLN O 119 -34.08 -16.01 26.61
CA GLN O 119 -33.92 -14.90 25.65
C GLN O 119 -33.04 -13.80 26.31
N SER O 120 -32.36 -13.05 25.45
CA SER O 120 -31.67 -11.76 25.74
C SER O 120 -32.67 -10.58 25.71
N LYS O 121 -33.62 -10.64 26.67
CA LYS O 121 -34.57 -9.51 27.00
C LYS O 121 -34.03 -8.84 28.26
N LEU O 122 -33.05 -7.96 28.09
CA LEU O 122 -32.37 -7.12 29.13
C LEU O 122 -33.31 -5.97 29.50
N TYR O 123 -33.06 -5.29 30.62
CA TYR O 123 -33.58 -3.92 30.89
C TYR O 123 -33.06 -2.98 29.82
N ALA O 124 -33.75 -1.87 29.61
CA ALA O 124 -33.37 -0.84 28.62
C ALA O 124 -32.09 -0.13 29.07
N ARG O 125 -31.86 -0.01 30.39
CA ARG O 125 -30.74 0.80 30.94
C ARG O 125 -29.39 0.13 30.61
N ASN O 126 -29.40 -1.14 30.24
CA ASN O 126 -28.20 -1.89 29.76
C ASN O 126 -27.69 -1.28 28.45
N THR O 127 -28.51 -0.44 27.80
CA THR O 127 -28.25 0.05 26.42
C THR O 127 -28.09 1.58 26.38
N ILE O 128 -27.14 2.06 25.58
CA ILE O 128 -26.96 3.49 25.21
C ILE O 128 -27.05 3.60 23.71
N PHE O 129 -27.81 4.56 23.21
CA PHE O 129 -27.88 4.89 21.78
C PHE O 129 -27.15 6.21 21.56
N GLY O 130 -26.41 6.28 20.45
CA GLY O 130 -25.78 7.52 19.99
C GLY O 130 -25.86 7.62 18.48
N ASN O 131 -25.84 8.85 17.98
CA ASN O 131 -25.67 9.16 16.56
C ASN O 131 -24.22 9.53 16.32
N ILE O 132 -23.59 8.81 15.42
CA ILE O 132 -22.23 9.15 14.89
C ILE O 132 -22.34 9.30 13.38
N TYR O 133 -21.26 9.75 12.76
CA TYR O 133 -21.29 10.21 11.36
C TYR O 133 -20.04 9.71 10.63
N LEU O 134 -20.22 9.32 9.37
CA LEU O 134 -19.14 8.84 8.50
C LEU O 134 -18.53 10.01 7.74
N ASP O 135 -17.21 10.08 7.70
CA ASP O 135 -16.44 10.97 6.81
C ASP O 135 -16.69 12.42 7.21
N SER O 136 -16.97 12.66 8.48
CA SER O 136 -17.08 14.00 9.11
C SER O 136 -18.23 14.81 8.49
N GLN O 137 -19.28 14.15 8.03
CA GLN O 137 -20.45 14.83 7.42
C GLN O 137 -21.70 14.53 8.24
N ALA O 138 -22.42 15.58 8.60
CA ALA O 138 -23.68 15.52 9.38
C ALA O 138 -24.72 14.68 8.62
N TYR O 139 -24.58 14.49 7.31
CA TYR O 139 -25.60 13.84 6.48
C TYR O 139 -25.29 12.37 6.24
N ASN O 140 -24.32 11.81 6.97
CA ASN O 140 -24.00 10.35 6.94
C ASN O 140 -24.19 9.77 8.33
N PRO O 141 -25.40 9.77 8.89
CA PRO O 141 -25.65 9.23 10.22
C PRO O 141 -25.49 7.72 10.29
N VAL O 142 -24.97 7.26 11.41
CA VAL O 142 -24.91 5.84 11.82
C VAL O 142 -25.36 5.77 13.28
N VAL O 143 -26.18 4.79 13.63
CA VAL O 143 -26.62 4.56 15.02
C VAL O 143 -25.62 3.61 15.69
N ILE O 144 -25.01 4.04 16.79
CA ILE O 144 -24.19 3.15 17.64
C ILE O 144 -25.06 2.74 18.84
N LYS O 145 -25.22 1.45 19.02
CA LYS O 145 -25.99 0.86 20.12
C LYS O 145 -25.01 0.11 21.01
N ILE O 146 -24.73 0.66 22.17
CA ILE O 146 -23.82 0.09 23.19
C ILE O 146 -24.67 -0.65 24.20
N THR O 147 -24.42 -1.95 24.37
CA THR O 147 -25.16 -2.81 25.30
C THR O 147 -24.17 -3.49 26.24
N PHE O 148 -24.46 -3.48 27.54
CA PHE O 148 -23.61 -4.07 28.61
C PHE O 148 -24.17 -5.41 29.05
N ASN O 149 -23.30 -6.43 29.10
CA ASN O 149 -23.51 -7.71 29.81
C ASN O 149 -24.63 -8.50 29.12
N GLN O 150 -24.65 -8.44 27.79
CA GLN O 150 -25.66 -9.13 26.94
C GLN O 150 -25.15 -10.51 26.57
N GLU O 151 -23.82 -10.70 26.51
CA GLU O 151 -23.17 -11.97 26.05
C GLU O 151 -23.11 -12.94 27.22
N ALA O 152 -23.60 -14.16 26.99
CA ALA O 152 -23.92 -15.16 28.02
C ALA O 152 -22.66 -15.88 28.53
N ASP O 153 -21.68 -16.11 27.65
CA ASP O 153 -20.43 -16.87 27.96
C ASP O 153 -19.30 -15.89 28.34
N SER O 154 -19.60 -14.92 29.20
CA SER O 154 -18.65 -13.90 29.69
C SER O 154 -19.22 -13.25 30.96
N ALA O 155 -18.38 -12.99 31.95
CA ALA O 155 -18.80 -12.37 33.23
C ALA O 155 -19.30 -10.96 32.94
N TYR O 156 -18.64 -10.28 32.01
CA TYR O 156 -18.89 -8.89 31.59
C TYR O 156 -18.78 -8.79 30.08
N SER O 157 -19.48 -7.85 29.46
CA SER O 157 -19.35 -7.57 28.01
C SER O 157 -19.74 -6.13 27.68
N ILE O 158 -19.05 -5.53 26.72
CA ILE O 158 -19.44 -4.30 26.03
C ILE O 158 -19.66 -4.64 24.56
N THR O 159 -20.90 -4.56 24.09
CA THR O 159 -21.29 -4.83 22.69
C THR O 159 -21.51 -3.50 21.96
N LEU O 160 -20.79 -3.28 20.88
CA LEU O 160 -20.92 -2.08 20.01
C LEU O 160 -21.62 -2.51 18.72
N ASN O 161 -22.92 -2.25 18.62
CA ASN O 161 -23.71 -2.52 17.40
C ASN O 161 -23.79 -1.23 16.58
N TYR O 162 -23.34 -1.29 15.33
CA TYR O 162 -23.43 -0.19 14.34
C TYR O 162 -24.49 -0.58 13.30
N SER O 163 -25.40 0.33 13.00
CA SER O 163 -26.45 0.16 11.96
C SER O 163 -26.78 1.50 11.32
N TRP O 164 -27.35 1.48 10.13
CA TRP O 164 -27.72 2.70 9.38
C TRP O 164 -28.86 2.37 8.42
N GLY O 165 -29.55 3.38 7.90
CA GLY O 165 -30.69 3.23 7.00
C GLY O 165 -30.37 3.64 5.57
N LYS O 166 -29.49 4.62 5.39
CA LYS O 166 -29.29 5.30 4.08
C LYS O 166 -28.64 4.34 3.09
N ASP O 167 -29.02 4.44 1.82
CA ASP O 167 -28.35 3.74 0.71
C ASP O 167 -27.08 4.53 0.34
N TYR O 168 -26.10 4.54 1.23
CA TYR O 168 -24.82 5.21 1.06
C TYR O 168 -24.20 4.80 -0.29
N GLU O 169 -23.62 5.77 -1.00
CA GLU O 169 -22.94 5.57 -2.30
C GLU O 169 -21.47 6.02 -2.17
N ASN O 170 -20.55 5.06 -2.01
CA ASN O 170 -19.07 5.27 -1.90
C ASN O 170 -18.76 6.15 -0.69
N ILE O 171 -19.27 5.78 0.46
CA ILE O 171 -18.97 6.46 1.75
C ILE O 171 -18.06 5.54 2.54
N PRO O 172 -16.88 6.02 2.97
CA PRO O 172 -15.98 5.21 3.78
C PRO O 172 -16.54 5.08 5.20
N PHE O 173 -16.49 3.90 5.79
CA PHE O 173 -16.83 3.73 7.22
C PHE O 173 -15.67 4.26 8.04
N ASP O 174 -15.64 5.56 8.19
CA ASP O 174 -14.66 6.31 9.00
C ASP O 174 -15.47 7.20 9.94
N SER O 175 -15.71 6.76 11.18
CA SER O 175 -16.71 7.33 12.09
C SER O 175 -16.14 8.51 12.88
N THR O 176 -17.00 9.47 13.22
CA THR O 176 -16.71 10.54 14.20
C THR O 176 -16.67 9.92 15.60
N SER O 177 -16.23 10.71 16.57
CA SER O 177 -16.01 10.30 17.97
C SER O 177 -17.30 10.51 18.77
N PHE O 178 -17.57 9.61 19.70
CA PHE O 178 -18.75 9.62 20.60
C PHE O 178 -18.29 9.37 22.03
N THR O 179 -18.82 10.13 22.97
CA THR O 179 -18.58 10.01 24.42
C THR O 179 -19.84 9.45 25.10
N PHE O 180 -19.66 8.55 26.05
CA PHE O 180 -20.73 8.03 26.92
C PHE O 180 -20.11 7.68 28.27
N SER O 181 -20.94 7.35 29.25
CA SER O 181 -20.49 6.83 30.55
C SER O 181 -21.34 5.62 30.92
N TYR O 182 -20.84 4.81 31.85
CA TYR O 182 -21.60 3.71 32.47
C TYR O 182 -21.14 3.54 33.91
N ILE O 183 -21.98 2.91 34.72
CA ILE O 183 -21.75 2.66 36.16
C ILE O 183 -20.75 1.51 36.30
N ALA O 184 -19.70 1.72 37.09
CA ALA O 184 -18.58 0.78 37.27
C ALA O 184 -18.96 -0.29 38.31
N GLN O 185 -18.46 -1.51 38.13
CA GLN O 185 -18.73 -2.67 39.02
C GLN O 185 -18.21 -2.38 40.43
N GLU O 186 -17.07 -1.69 40.55
CA GLU O 186 -16.51 -1.23 41.85
C GLU O 186 -15.61 0.00 41.61
N LYS P 1 12.51 -12.27 35.68
CA LYS P 1 12.86 -13.71 35.91
C LYS P 1 14.29 -13.98 35.36
N LEU P 2 14.67 -13.25 34.30
CA LEU P 2 15.89 -13.54 33.50
C LEU P 2 17.16 -13.34 34.36
N THR P 3 18.11 -14.24 34.15
CA THR P 3 19.36 -14.38 34.92
C THR P 3 20.55 -14.15 33.99
N LEU P 4 21.51 -13.36 34.44
CA LEU P 4 22.77 -13.04 33.75
C LEU P 4 23.90 -13.67 34.56
N TRP P 5 24.75 -14.51 33.97
CA TRP P 5 25.74 -15.30 34.76
C TRP P 5 26.98 -15.69 33.94
N THR P 6 28.00 -16.14 34.65
CA THR P 6 29.15 -16.92 34.13
C THR P 6 28.66 -18.35 33.93
N THR P 7 28.87 -18.96 32.78
CA THR P 7 28.45 -20.36 32.57
C THR P 7 29.06 -21.17 33.73
N LEU P 8 28.55 -22.37 33.98
CA LEU P 8 29.05 -23.25 35.06
C LEU P 8 30.18 -24.14 34.53
N ASP P 9 30.52 -23.99 33.26
CA ASP P 9 31.71 -24.61 32.60
C ASP P 9 32.88 -24.61 33.61
N PRO P 10 33.56 -25.78 33.81
CA PRO P 10 34.63 -25.87 34.81
C PRO P 10 35.90 -25.05 34.48
N SER P 11 36.05 -24.58 33.23
CA SER P 11 37.29 -23.95 32.71
C SER P 11 37.44 -22.55 33.29
N PRO P 12 38.71 -22.12 33.54
CA PRO P 12 38.98 -20.78 34.05
C PRO P 12 38.43 -19.71 33.10
N ASN P 13 38.08 -18.55 33.64
CA ASN P 13 37.30 -17.51 32.92
C ASN P 13 37.70 -16.10 33.37
N CYS P 14 38.74 -15.93 34.18
CA CYS P 14 39.02 -14.66 34.89
C CYS P 14 40.53 -14.41 35.03
N ARG P 15 40.93 -13.14 35.00
CA ARG P 15 42.33 -12.68 35.20
C ARG P 15 42.41 -11.88 36.50
N ILE P 16 43.24 -12.33 37.44
CA ILE P 16 43.67 -11.53 38.61
C ILE P 16 44.98 -10.83 38.23
N ASP P 17 46.03 -11.60 37.92
CA ASP P 17 47.33 -11.09 37.44
C ASP P 17 47.53 -11.49 35.97
N VAL P 18 47.05 -12.67 35.61
CA VAL P 18 47.43 -13.41 34.38
C VAL P 18 46.18 -14.07 33.79
N ASP P 19 46.08 -14.12 32.45
CA ASP P 19 44.93 -14.71 31.73
C ASP P 19 44.62 -16.09 32.31
N LYS P 20 43.37 -16.29 32.74
CA LYS P 20 42.82 -17.61 33.14
C LYS P 20 43.56 -18.17 34.37
N ASP P 21 43.81 -17.34 35.39
CA ASP P 21 44.42 -17.78 36.67
C ASP P 21 43.32 -18.05 37.70
N SER P 22 42.07 -17.73 37.36
CA SER P 22 40.92 -17.78 38.30
C SER P 22 39.64 -18.19 37.56
N LYS P 23 38.68 -18.75 38.29
CA LYS P 23 37.31 -19.04 37.82
C LYS P 23 36.31 -18.35 38.75
N LEU P 24 35.71 -17.26 38.28
CA LEU P 24 34.62 -16.53 38.95
C LEU P 24 33.29 -17.19 38.58
N THR P 25 32.48 -17.53 39.58
CA THR P 25 31.08 -17.94 39.39
C THR P 25 30.20 -16.82 39.94
N LEU P 26 29.58 -16.05 39.05
CA LEU P 26 28.70 -14.92 39.40
C LEU P 26 27.36 -15.13 38.74
N VAL P 27 26.29 -15.13 39.53
CA VAL P 27 24.90 -15.24 39.02
C VAL P 27 24.14 -13.98 39.48
N LEU P 28 23.66 -13.20 38.53
CA LEU P 28 22.77 -12.04 38.78
C LEU P 28 21.37 -12.40 38.32
N THR P 29 20.45 -12.57 39.25
CA THR P 29 19.02 -12.87 38.95
C THR P 29 18.20 -11.62 39.24
N LYS P 30 17.44 -11.14 38.26
CA LYS P 30 16.58 -9.96 38.39
C LYS P 30 15.27 -10.37 39.05
N CYS P 31 15.02 -9.87 40.27
N CYS P 31 15.02 -9.87 40.27
CA CYS P 31 13.71 -9.95 40.97
CA CYS P 31 13.71 -9.95 40.98
C CYS P 31 13.16 -8.53 41.12
C CYS P 31 13.16 -8.53 41.12
N GLY P 32 12.45 -8.05 40.10
CA GLY P 32 11.93 -6.68 40.05
C GLY P 32 13.06 -5.66 40.10
N SER P 33 13.01 -4.78 41.09
CA SER P 33 13.88 -3.58 41.24
C SER P 33 15.21 -3.95 41.92
N GLN P 34 15.38 -5.20 42.36
CA GLN P 34 16.61 -5.68 42.99
C GLN P 34 17.22 -6.81 42.16
N ILE P 35 18.55 -6.87 42.13
CA ILE P 35 19.33 -7.99 41.58
C ILE P 35 19.77 -8.86 42.74
N LEU P 36 19.36 -10.13 42.74
CA LEU P 36 19.86 -11.16 43.68
C LEU P 36 21.14 -11.73 43.10
N ALA P 37 22.27 -11.53 43.79
CA ALA P 37 23.61 -11.91 43.32
C ALA P 37 24.16 -13.06 44.17
N ASN P 38 24.89 -13.97 43.54
CA ASN P 38 25.55 -15.12 44.19
C ASN P 38 26.94 -15.25 43.58
N VAL P 39 27.99 -15.28 44.40
CA VAL P 39 29.39 -15.25 43.91
C VAL P 39 30.25 -16.26 44.70
N SER P 40 31.12 -16.96 43.97
CA SER P 40 32.23 -17.78 44.49
C SER P 40 33.43 -17.57 43.57
N LEU P 41 34.63 -17.83 44.08
CA LEU P 41 35.88 -17.63 43.33
C LEU P 41 36.86 -18.74 43.68
N LEU P 42 37.42 -19.38 42.65
CA LEU P 42 38.52 -20.35 42.74
C LEU P 42 39.72 -19.78 41.96
N VAL P 43 40.90 -19.75 42.56
CA VAL P 43 42.19 -19.44 41.86
C VAL P 43 42.82 -20.78 41.46
N VAL P 44 43.11 -20.96 40.17
CA VAL P 44 43.51 -22.28 39.59
C VAL P 44 45.03 -22.33 39.38
N LYS P 45 45.69 -21.17 39.25
CA LYS P 45 47.18 -21.10 39.12
C LYS P 45 47.66 -19.71 39.55
N GLY P 46 48.97 -19.52 39.58
CA GLY P 46 49.62 -18.25 39.96
C GLY P 46 49.82 -18.15 41.46
N ARG P 47 50.29 -16.99 41.91
CA ARG P 47 50.80 -16.75 43.27
C ARG P 47 49.68 -16.88 44.31
N PHE P 48 48.40 -16.73 43.93
CA PHE P 48 47.27 -16.73 44.88
C PHE P 48 46.58 -18.10 44.93
N GLN P 49 47.03 -19.06 44.13
CA GLN P 49 46.39 -20.39 44.10
C GLN P 49 46.53 -21.04 45.48
N ASN P 50 47.74 -21.01 46.01
CA ASN P 50 48.10 -21.61 47.31
C ASN P 50 48.79 -20.53 48.17
N LEU P 51 48.09 -20.03 49.18
CA LEU P 51 48.57 -18.93 50.04
C LEU P 51 49.52 -19.51 51.10
N ASN P 52 50.75 -19.03 51.13
CA ASN P 52 51.72 -19.37 52.19
C ASN P 52 52.58 -18.15 52.51
N TYR P 53 52.24 -17.48 53.61
CA TYR P 53 52.88 -16.22 54.06
C TYR P 53 54.10 -16.54 54.91
N LYS P 54 54.31 -17.81 55.24
CA LYS P 54 55.55 -18.26 55.95
C LYS P 54 56.66 -18.40 54.95
N THR P 55 56.35 -18.85 53.73
CA THR P 55 57.35 -19.20 52.69
C THR P 55 57.51 -18.07 51.67
N ASN P 56 56.45 -17.29 51.40
N ASN P 56 56.45 -17.29 51.40
CA ASN P 56 56.50 -16.16 50.44
CA ASN P 56 56.50 -16.16 50.44
C ASN P 56 56.21 -14.85 51.17
C ASN P 56 56.21 -14.85 51.17
N PRO P 57 57.25 -14.07 51.50
CA PRO P 57 57.07 -12.83 52.27
C PRO P 57 56.58 -11.65 51.42
N ASN P 58 56.66 -11.77 50.10
CA ASN P 58 56.31 -10.70 49.14
C ASN P 58 54.83 -10.81 48.70
N LEU P 59 54.09 -11.78 49.21
CA LEU P 59 52.73 -12.07 48.72
C LEU P 59 51.75 -11.04 49.29
N PRO P 60 51.02 -10.30 48.43
CA PRO P 60 49.94 -9.44 48.90
C PRO P 60 48.86 -10.25 49.61
N LYS P 61 48.01 -9.57 50.37
CA LYS P 61 46.81 -10.17 51.01
C LYS P 61 45.56 -9.48 50.45
N THR P 62 45.60 -9.13 49.17
CA THR P 62 44.45 -8.56 48.44
C THR P 62 44.63 -8.74 46.94
N PHE P 63 43.53 -8.84 46.24
CA PHE P 63 43.43 -8.63 44.78
C PHE P 63 42.01 -8.12 44.47
N THR P 64 41.84 -7.53 43.29
CA THR P 64 40.57 -6.90 42.86
C THR P 64 40.19 -7.43 41.48
N ILE P 65 38.97 -7.94 41.37
CA ILE P 65 38.34 -8.35 40.09
C ILE P 65 37.27 -7.31 39.75
N LYS P 66 37.36 -6.69 38.57
CA LYS P 66 36.42 -5.63 38.11
C LYS P 66 35.57 -6.15 36.93
N LEU P 67 34.25 -5.98 37.03
CA LEU P 67 33.32 -6.08 35.88
C LEU P 67 32.93 -4.66 35.45
N LEU P 68 33.34 -4.27 34.24
CA LEU P 68 33.07 -2.94 33.67
C LEU P 68 32.00 -3.07 32.58
N PHE P 69 30.98 -2.20 32.62
CA PHE P 69 29.82 -2.24 31.69
C PHE P 69 29.67 -0.89 30.98
N ASP P 70 29.25 -0.92 29.70
CA ASP P 70 28.95 0.28 28.87
C ASP P 70 27.49 0.70 29.13
N GLU P 71 27.03 1.75 28.46
CA GLU P 71 25.71 2.42 28.71
C GLU P 71 24.56 1.41 28.51
N ASN P 72 24.81 0.30 27.81
CA ASN P 72 23.81 -0.76 27.49
C ASN P 72 23.96 -1.98 28.42
N GLY P 73 24.87 -1.92 29.40
CA GLY P 73 25.10 -3.03 30.34
C GLY P 73 25.84 -4.19 29.71
N ILE P 74 26.54 -3.95 28.59
CA ILE P 74 27.46 -4.95 27.95
C ILE P 74 28.78 -4.96 28.73
N LEU P 75 29.27 -6.15 29.07
CA LEU P 75 30.59 -6.33 29.73
C LEU P 75 31.70 -5.95 28.75
N LYS P 76 32.67 -5.16 29.19
CA LYS P 76 33.78 -4.64 28.35
C LYS P 76 35.00 -5.55 28.48
N ASP P 77 35.81 -5.65 27.40
CA ASP P 77 37.04 -6.48 27.33
C ASP P 77 38.01 -6.13 28.46
N SER P 78 38.03 -4.87 28.89
CA SER P 78 38.95 -4.36 29.95
C SER P 78 38.59 -4.98 31.31
N SER P 79 37.41 -5.61 31.43
CA SER P 79 36.99 -6.36 32.63
C SER P 79 38.00 -7.47 32.91
N ASN P 80 38.10 -7.89 34.17
CA ASN P 80 38.94 -9.03 34.61
C ASN P 80 38.28 -10.34 34.15
N LEU P 81 36.95 -10.37 34.11
CA LEU P 81 36.15 -11.52 33.64
C LEU P 81 36.18 -11.56 32.10
N ASP P 82 36.50 -12.71 31.53
CA ASP P 82 36.51 -12.98 30.08
C ASP P 82 35.08 -12.82 29.54
N LYS P 83 34.91 -11.98 28.52
CA LYS P 83 33.60 -11.63 27.92
C LYS P 83 32.86 -12.90 27.43
N ASN P 84 33.60 -13.94 27.07
CA ASN P 84 33.09 -15.17 26.41
C ASN P 84 32.37 -16.09 27.41
N TYR P 85 32.50 -15.82 28.71
CA TYR P 85 31.97 -16.68 29.79
C TYR P 85 30.86 -15.94 30.53
N TRP P 86 30.20 -15.00 29.86
CA TRP P 86 29.21 -14.06 30.46
C TRP P 86 28.04 -13.87 29.50
N ASN P 87 26.87 -14.38 29.85
CA ASN P 87 25.68 -14.39 28.96
C ASN P 87 24.44 -14.68 29.79
N TYR P 88 23.25 -14.54 29.18
CA TYR P 88 21.97 -14.98 29.82
C TYR P 88 22.00 -16.50 29.96
N ARG P 89 21.24 -17.06 30.91
CA ARG P 89 21.08 -18.52 31.14
C ARG P 89 19.85 -18.91 30.32
N TYR P 99 22.88 -4.38 19.83
CA TYR P 99 21.69 -5.24 19.88
C TYR P 99 21.36 -5.63 21.35
N LYS P 100 22.28 -6.31 22.02
CA LYS P 100 22.07 -6.80 23.40
C LYS P 100 21.98 -5.64 24.42
N ASN P 101 21.09 -5.84 25.40
CA ASN P 101 20.78 -4.87 26.49
C ASN P 101 20.66 -5.62 27.82
N ALA P 102 21.26 -5.08 28.89
CA ALA P 102 21.26 -5.67 30.24
C ALA P 102 21.24 -4.55 31.29
N VAL P 103 20.68 -3.39 30.95
CA VAL P 103 20.61 -2.20 31.85
C VAL P 103 19.75 -2.54 33.07
N GLY P 104 18.85 -3.52 32.94
CA GLY P 104 18.00 -3.99 34.05
C GLY P 104 18.80 -4.76 35.11
N PHE P 105 20.05 -5.10 34.82
CA PHE P 105 20.97 -5.83 35.73
C PHE P 105 22.02 -4.88 36.30
N MET P 106 22.09 -3.65 35.82
CA MET P 106 23.15 -2.70 36.23
C MET P 106 22.81 -2.07 37.57
N PRO P 107 23.84 -1.75 38.38
CA PRO P 107 23.63 -1.08 39.65
C PRO P 107 23.17 0.36 39.43
N ASN P 108 22.01 0.68 39.98
CA ASN P 108 21.30 1.98 39.87
C ASN P 108 22.26 3.15 40.13
N LEU P 109 22.33 4.10 39.20
CA LEU P 109 23.25 5.27 39.27
C LEU P 109 22.76 6.30 40.30
N ALA P 110 21.47 6.35 40.60
CA ALA P 110 20.89 7.25 41.62
C ALA P 110 21.24 6.72 43.01
N ALA P 111 21.08 5.42 43.21
CA ALA P 111 21.39 4.71 44.48
C ALA P 111 22.91 4.69 44.71
N TYR P 112 23.68 4.48 43.63
CA TYR P 112 25.15 4.28 43.66
C TYR P 112 25.80 5.24 42.68
N PRO P 113 25.87 6.55 42.99
CA PRO P 113 26.45 7.53 42.09
C PRO P 113 27.93 7.26 41.83
N LYS P 114 28.40 7.60 40.63
CA LYS P 114 29.84 7.67 40.30
C LYS P 114 30.44 8.87 41.03
N SER P 115 31.72 8.81 41.34
CA SER P 115 32.46 9.90 42.02
C SER P 115 32.57 11.08 41.06
N THR P 116 32.02 12.25 41.43
CA THR P 116 32.18 13.51 40.66
C THR P 116 33.69 13.76 40.50
N THR P 117 34.09 14.44 39.45
CA THR P 117 35.50 14.85 39.20
C THR P 117 36.11 15.32 40.55
N THR P 118 35.42 16.26 41.23
CA THR P 118 35.88 16.94 42.46
C THR P 118 36.39 15.92 43.49
N GLN P 119 35.76 14.75 43.61
CA GLN P 119 36.07 13.76 44.69
C GLN P 119 36.06 12.33 44.16
N SER P 120 37.01 11.51 44.60
CA SER P 120 37.09 10.04 44.35
C SER P 120 36.37 9.28 45.48
N LYS P 121 35.67 10.00 46.38
CA LYS P 121 35.05 9.44 47.62
C LYS P 121 33.56 9.14 47.38
N LEU P 122 33.20 7.86 47.21
CA LEU P 122 31.78 7.39 47.04
C LEU P 122 31.04 7.45 48.37
N TYR P 123 29.70 7.45 48.35
CA TYR P 123 28.86 7.13 49.53
C TYR P 123 29.16 5.71 49.96
N ALA P 124 28.88 5.40 51.22
CA ALA P 124 29.08 4.07 51.82
C ALA P 124 28.12 3.06 51.20
N ARG P 125 26.94 3.48 50.77
CA ARG P 125 25.86 2.56 50.31
C ARG P 125 26.25 1.92 48.98
N ASN P 126 27.23 2.49 48.28
CA ASN P 126 27.83 1.92 47.05
C ASN P 126 28.53 0.59 47.36
N THR P 127 28.77 0.30 48.64
CA THR P 127 29.64 -0.82 49.10
C THR P 127 28.84 -1.84 49.92
N ILE P 128 29.11 -3.13 49.69
CA ILE P 128 28.65 -4.27 50.53
C ILE P 128 29.88 -5.00 51.03
N PHE P 129 29.92 -5.30 52.31
CA PHE P 129 30.96 -6.16 52.93
C PHE P 129 30.35 -7.53 53.24
N GLY P 130 31.11 -8.57 52.99
CA GLY P 130 30.78 -9.94 53.39
C GLY P 130 31.99 -10.68 53.88
N ASN P 131 31.77 -11.66 54.76
CA ASN P 131 32.77 -12.64 55.18
C ASN P 131 32.55 -13.91 54.37
N ILE P 132 33.58 -14.35 53.66
CA ILE P 132 33.64 -15.65 52.97
C ILE P 132 34.84 -16.42 53.50
N TYR P 133 34.96 -17.69 53.12
CA TYR P 133 35.90 -18.62 53.75
C TYR P 133 36.57 -19.48 52.70
N LEU P 134 37.85 -19.76 52.89
CA LEU P 134 38.67 -20.59 51.98
C LEU P 134 38.58 -22.05 52.44
N ASP P 135 38.39 -22.96 51.49
CA ASP P 135 38.53 -24.41 51.68
C ASP P 135 37.48 -24.92 52.65
N SER P 136 36.34 -24.26 52.71
CA SER P 136 35.12 -24.68 53.46
C SER P 136 35.39 -24.72 54.96
N GLN P 137 36.29 -23.88 55.47
CA GLN P 137 36.63 -23.84 56.92
C GLN P 137 36.29 -22.47 57.49
N ALA P 138 35.58 -22.46 58.60
CA ALA P 138 35.15 -21.26 59.32
C ALA P 138 36.38 -20.45 59.76
N TYR P 139 37.56 -21.07 59.86
CA TYR P 139 38.76 -20.41 60.43
C TYR P 139 39.66 -19.86 59.33
N ASN P 140 39.19 -19.80 58.09
CA ASN P 140 39.92 -19.15 56.97
C ASN P 140 39.10 -18.00 56.40
N PRO P 141 38.82 -16.95 57.20
CA PRO P 141 38.02 -15.83 56.72
C PRO P 141 38.75 -14.98 55.66
N VAL P 142 37.97 -14.49 54.73
CA VAL P 142 38.36 -13.48 53.71
C VAL P 142 37.23 -12.45 53.64
N VAL P 143 37.58 -11.16 53.58
CA VAL P 143 36.61 -10.06 53.44
C VAL P 143 36.39 -9.81 51.96
N ILE P 144 35.16 -9.92 51.49
CA ILE P 144 34.78 -9.50 50.11
C ILE P 144 34.12 -8.12 50.23
N LYS P 145 34.66 -7.16 49.51
CA LYS P 145 34.17 -5.78 49.44
C LYS P 145 33.66 -5.54 48.02
N ILE P 146 32.35 -5.49 47.87
CA ILE P 146 31.66 -5.25 46.57
C ILE P 146 31.32 -3.78 46.51
N THR P 147 31.81 -3.09 45.50
CA THR P 147 31.58 -1.64 45.28
C THR P 147 31.00 -1.42 43.89
N PHE P 148 29.95 -0.60 43.80
CA PHE P 148 29.23 -0.30 42.54
C PHE P 148 29.65 1.08 42.02
N ASN P 149 30.00 1.13 40.73
CA ASN P 149 30.10 2.39 39.93
C ASN P 149 31.26 3.24 40.44
N GLN P 150 32.36 2.59 40.80
CA GLN P 150 33.58 3.23 41.33
C GLN P 150 34.51 3.56 40.18
N GLU P 151 34.46 2.79 39.09
CA GLU P 151 35.41 2.87 37.94
C GLU P 151 34.93 3.96 36.98
N ALA P 152 35.81 4.89 36.65
CA ALA P 152 35.50 6.19 36.04
C ALA P 152 35.26 6.07 34.52
N ASP P 153 35.98 5.15 33.84
CA ASP P 153 35.88 4.94 32.37
C ASP P 153 34.92 3.78 32.06
N SER P 154 33.74 3.82 32.67
CA SER P 154 32.65 2.82 32.46
C SER P 154 31.34 3.43 32.98
N ALA P 155 30.24 3.23 32.27
CA ALA P 155 28.92 3.74 32.65
C ALA P 155 28.50 3.11 33.99
N TYR P 156 28.83 1.82 34.13
CA TYR P 156 28.50 0.97 35.30
C TYR P 156 29.70 0.10 35.64
N SER P 157 29.84 -0.30 36.91
CA SER P 157 30.89 -1.26 37.34
C SER P 157 30.48 -2.01 38.61
N ILE P 158 30.88 -3.27 38.68
CA ILE P 158 30.88 -4.09 39.92
C ILE P 158 32.34 -4.45 40.22
N THR P 159 32.87 -3.93 41.32
CA THR P 159 34.25 -4.18 41.78
C THR P 159 34.20 -5.18 42.95
N LEU P 160 34.90 -6.30 42.81
CA LEU P 160 35.03 -7.34 43.87
C LEU P 160 36.44 -7.26 44.45
N ASN P 161 36.59 -6.64 45.61
CA ASN P 161 37.87 -6.57 46.33
C ASN P 161 37.90 -7.67 47.38
N TYR P 162 38.91 -8.53 47.31
CA TYR P 162 39.18 -9.61 48.29
C TYR P 162 40.41 -9.22 49.10
N SER P 163 40.33 -9.33 50.43
CA SER P 163 41.45 -9.07 51.36
C SER P 163 41.33 -9.97 52.58
N TRP P 164 42.44 -10.19 53.28
CA TRP P 164 42.49 -11.05 54.50
C TRP P 164 43.65 -10.61 55.38
N GLY P 165 43.65 -11.02 56.64
CA GLY P 165 44.66 -10.63 57.64
C GLY P 165 45.57 -11.78 58.03
N LYS P 166 45.07 -13.02 58.01
CA LYS P 166 45.78 -14.19 58.57
C LYS P 166 47.00 -14.53 57.71
N ASP P 167 48.08 -14.96 58.36
CA ASP P 167 49.27 -15.51 57.70
C ASP P 167 48.98 -16.96 57.32
N TYR P 168 48.09 -17.15 56.37
CA TYR P 168 47.67 -18.48 55.87
C TYR P 168 48.93 -19.28 55.50
N GLU P 169 48.92 -20.58 55.81
CA GLU P 169 50.00 -21.54 55.48
C GLU P 169 49.43 -22.67 54.62
N ASN P 170 49.65 -22.62 53.30
CA ASN P 170 49.21 -23.63 52.29
C ASN P 170 47.69 -23.75 52.31
N ILE P 171 46.99 -22.63 52.19
CA ILE P 171 45.52 -22.58 52.07
C ILE P 171 45.19 -22.23 50.63
N PRO P 172 44.39 -23.05 49.93
CA PRO P 172 44.01 -22.76 48.55
C PRO P 172 42.98 -21.62 48.54
N PHE P 173 43.12 -20.64 47.65
CA PHE P 173 42.07 -19.62 47.45
C PHE P 173 40.92 -20.28 46.69
N ASP P 174 40.10 -21.01 47.42
CA ASP P 174 38.91 -21.72 46.95
C ASP P 174 37.78 -21.29 47.86
N SER P 175 36.99 -20.28 47.47
CA SER P 175 36.08 -19.52 48.38
C SER P 175 34.72 -20.21 48.47
N THR P 176 34.07 -20.05 49.61
CA THR P 176 32.65 -20.40 49.81
C THR P 176 31.78 -19.38 49.05
N SER P 177 30.49 -19.65 48.98
CA SER P 177 29.50 -18.84 48.23
C SER P 177 28.94 -17.76 49.15
N PHE P 178 28.67 -16.58 48.58
CA PHE P 178 28.10 -15.41 49.27
C PHE P 178 26.96 -14.85 48.42
N THR P 179 25.85 -14.51 49.07
CA THR P 179 24.65 -13.90 48.45
C THR P 179 24.55 -12.43 48.89
N PHE P 180 24.21 -11.55 47.96
CA PHE P 180 23.91 -10.14 48.24
C PHE P 180 22.86 -9.67 47.23
N SER P 181 22.33 -8.47 47.42
CA SER P 181 21.43 -7.81 46.45
C SER P 181 21.87 -6.37 46.26
N TYR P 182 21.45 -5.76 45.16
CA TYR P 182 21.62 -4.32 44.89
C TYR P 182 20.42 -3.81 44.09
N ILE P 183 20.20 -2.51 44.12
CA ILE P 183 19.09 -1.82 43.44
C ILE P 183 19.43 -1.72 41.95
N ALA P 184 18.51 -2.14 41.09
CA ALA P 184 18.67 -2.20 39.63
C ALA P 184 18.41 -0.83 39.01
N GLN P 185 19.11 -0.51 37.93
CA GLN P 185 19.02 0.79 37.20
C GLN P 185 17.60 0.95 36.65
N GLU P 186 16.97 -0.13 36.19
CA GLU P 186 15.55 -0.13 35.75
C GLU P 186 14.98 -1.55 35.88
N LYS Q 1 7.36 -16.28 43.00
CA LYS Q 1 6.87 -17.55 42.38
C LYS Q 1 6.67 -18.59 43.49
N LEU Q 2 6.57 -19.87 43.14
CA LEU Q 2 6.17 -20.97 44.07
C LEU Q 2 7.22 -21.13 45.20
N THR Q 3 6.72 -21.35 46.41
CA THR Q 3 7.50 -21.43 47.65
C THR Q 3 7.34 -22.83 48.26
N LEU Q 4 8.45 -23.42 48.66
CA LEU Q 4 8.53 -24.75 49.32
C LEU Q 4 9.00 -24.50 50.74
N TRP Q 5 8.29 -24.96 51.77
CA TRP Q 5 8.61 -24.59 53.18
C TRP Q 5 8.12 -25.63 54.20
N THR Q 6 8.61 -25.50 55.41
CA THR Q 6 8.06 -26.09 56.65
C THR Q 6 6.86 -25.24 57.05
N THR Q 7 5.71 -25.81 57.32
CA THR Q 7 4.55 -24.99 57.77
C THR Q 7 5.04 -24.17 58.96
N LEU Q 8 4.33 -23.11 59.32
CA LEU Q 8 4.68 -22.21 60.46
C LEU Q 8 4.01 -22.74 61.74
N ASP Q 9 3.26 -23.84 61.63
CA ASP Q 9 2.68 -24.62 62.76
C ASP Q 9 3.71 -24.64 63.91
N PRO Q 10 3.28 -24.31 65.15
CA PRO Q 10 4.21 -24.20 66.28
C PRO Q 10 4.85 -25.52 66.74
N SER Q 11 4.31 -26.66 66.32
CA SER Q 11 4.70 -28.01 66.81
C SER Q 11 6.08 -28.41 66.27
N PRO Q 12 6.88 -29.15 67.07
CA PRO Q 12 8.17 -29.64 66.63
C PRO Q 12 8.04 -30.49 65.37
N ASN Q 13 9.09 -30.50 64.54
CA ASN Q 13 9.03 -31.08 63.17
C ASN Q 13 10.38 -31.70 62.76
N CYS Q 14 11.35 -31.82 63.67
CA CYS Q 14 12.75 -32.12 63.31
C CYS Q 14 13.42 -32.98 64.39
N ARG Q 15 14.34 -33.86 63.97
CA ARG Q 15 15.16 -34.72 64.85
C ARG Q 15 16.64 -34.30 64.75
N ILE Q 16 17.23 -33.89 65.86
CA ILE Q 16 18.71 -33.75 66.00
C ILE Q 16 19.26 -35.06 66.54
N ASP Q 17 18.83 -35.47 67.73
CA ASP Q 17 19.18 -36.78 68.36
C ASP Q 17 17.94 -37.66 68.43
N VAL Q 18 16.78 -37.04 68.65
CA VAL Q 18 15.53 -37.71 69.11
C VAL Q 18 14.33 -37.09 68.38
N ASP Q 19 13.33 -37.91 68.03
CA ASP Q 19 12.12 -37.47 67.31
C ASP Q 19 11.55 -36.21 67.98
N LYS Q 20 11.37 -35.15 67.22
CA LYS Q 20 10.65 -33.92 67.63
C LYS Q 20 11.36 -33.23 68.81
N ASP Q 21 12.69 -33.09 68.74
CA ASP Q 21 13.48 -32.35 69.77
C ASP Q 21 13.73 -30.92 69.27
N SER Q 22 13.35 -30.62 68.04
CA SER Q 22 13.66 -29.33 67.37
C SER Q 22 12.53 -28.92 66.43
N LYS Q 23 12.41 -27.61 66.17
CA LYS Q 23 11.52 -27.02 65.14
C LYS Q 23 12.36 -26.21 64.16
N LEU Q 24 12.57 -26.74 62.96
CA LEU Q 24 13.24 -26.07 61.83
C LEU Q 24 12.20 -25.28 61.06
N THR Q 25 12.45 -23.99 60.84
CA THR Q 25 11.65 -23.13 59.94
C THR Q 25 12.52 -22.82 58.72
N LEU Q 26 12.22 -23.45 57.59
CA LEU Q 26 12.96 -23.30 56.33
C LEU Q 26 11.99 -22.89 55.24
N VAL Q 27 12.24 -21.78 54.56
CA VAL Q 27 11.43 -21.30 53.43
C VAL Q 27 12.35 -21.19 52.21
N LEU Q 28 12.05 -21.94 51.16
CA LEU Q 28 12.73 -21.87 49.86
C LEU Q 28 11.78 -21.21 48.86
N THR Q 29 12.07 -20.00 48.43
CA THR Q 29 11.31 -19.26 47.41
C THR Q 29 12.09 -19.24 46.10
N LYS Q 30 11.49 -19.73 45.02
CA LYS Q 30 12.12 -19.76 43.69
C LYS Q 30 11.98 -18.39 43.04
N CYS Q 31 13.09 -17.70 42.82
N CYS Q 31 13.09 -17.70 42.82
CA CYS Q 31 13.18 -16.46 42.00
CA CYS Q 31 13.18 -16.46 42.00
C CYS Q 31 14.05 -16.76 40.77
C CYS Q 31 14.06 -16.76 40.77
N GLY Q 32 13.45 -17.30 39.72
CA GLY Q 32 14.16 -17.72 38.51
C GLY Q 32 15.15 -18.82 38.83
N SER Q 33 16.42 -18.60 38.50
CA SER Q 33 17.51 -19.60 38.55
C SER Q 33 18.16 -19.65 39.94
N GLN Q 34 17.70 -18.82 40.87
CA GLN Q 34 18.19 -18.84 42.27
C GLN Q 34 17.03 -19.16 43.22
N ILE Q 35 17.32 -19.89 44.29
CA ILE Q 35 16.40 -20.13 45.43
C ILE Q 35 16.79 -19.16 46.55
N LEU Q 36 15.87 -18.30 46.94
CA LEU Q 36 16.00 -17.43 48.13
C LEU Q 36 15.55 -18.23 49.36
N ALA Q 37 16.47 -18.48 50.28
CA ALA Q 37 16.28 -19.36 51.46
C ALA Q 37 16.28 -18.52 52.73
N ASN Q 38 15.45 -18.90 53.70
CA ASN Q 38 15.33 -18.25 55.02
C ASN Q 38 15.19 -19.36 56.05
N VAL Q 39 16.03 -19.35 57.09
CA VAL Q 39 16.10 -20.47 58.06
C VAL Q 39 16.23 -19.92 59.49
N SER Q 40 15.52 -20.55 60.42
CA SER Q 40 15.67 -20.40 61.89
C SER Q 40 15.49 -21.79 62.52
N LEU Q 41 15.99 -21.98 63.73
CA LEU Q 41 15.95 -23.27 64.44
C LEU Q 41 15.73 -23.01 65.92
N LEU Q 42 14.75 -23.70 66.49
CA LEU Q 42 14.49 -23.76 67.94
C LEU Q 42 14.63 -25.23 68.39
N VAL Q 43 15.41 -25.49 69.44
CA VAL Q 43 15.47 -26.81 70.11
C VAL Q 43 14.50 -26.78 71.30
N VAL Q 44 13.54 -27.71 71.35
CA VAL Q 44 12.40 -27.67 72.31
C VAL Q 44 12.64 -28.62 73.48
N LYS Q 45 13.48 -29.64 73.31
CA LYS Q 45 13.85 -30.59 74.39
C LYS Q 45 15.18 -31.26 74.06
N GLY Q 46 15.69 -32.07 74.99
CA GLY Q 46 16.96 -32.79 74.84
C GLY Q 46 18.15 -31.95 75.26
N ARG Q 47 19.34 -32.48 75.05
CA ARG Q 47 20.61 -31.97 75.63
C ARG Q 47 20.97 -30.59 75.05
N PHE Q 48 20.44 -30.22 73.88
CA PHE Q 48 20.79 -28.95 73.19
C PHE Q 48 19.76 -27.87 73.45
N GLN Q 49 18.69 -28.17 74.18
CA GLN Q 49 17.63 -27.17 74.46
C GLN Q 49 18.23 -26.03 75.26
N ASN Q 50 18.98 -26.36 76.31
CA ASN Q 50 19.62 -25.41 77.23
C ASN Q 50 21.11 -25.75 77.32
N LEU Q 51 21.96 -24.94 76.72
CA LEU Q 51 23.42 -25.17 76.65
C LEU Q 51 24.05 -24.70 77.96
N ASN Q 52 24.73 -25.60 78.66
CA ASN Q 52 25.54 -25.24 79.86
C ASN Q 52 26.81 -26.10 79.88
N TYR Q 53 27.92 -25.50 79.47
CA TYR Q 53 29.23 -26.17 79.34
C TYR Q 53 29.98 -26.10 80.67
N LYS Q 54 29.46 -25.35 81.65
CA LYS Q 54 30.01 -25.33 83.02
C LYS Q 54 29.54 -26.57 83.77
N THR Q 55 28.30 -26.99 83.52
CA THR Q 55 27.64 -28.08 84.29
C THR Q 55 27.70 -29.41 83.54
N ASN Q 56 27.71 -29.40 82.20
N ASN Q 56 27.71 -29.39 82.21
CA ASN Q 56 27.78 -30.64 81.38
CA ASN Q 56 27.78 -30.64 81.38
C ASN Q 56 29.05 -30.61 80.53
C ASN Q 56 29.05 -30.62 80.53
N PRO Q 57 30.10 -31.35 80.95
CA PRO Q 57 31.38 -31.34 80.24
C PRO Q 57 31.39 -32.23 78.98
N ASN Q 58 30.40 -33.10 78.85
CA ASN Q 58 30.31 -34.08 77.74
C ASN Q 58 29.49 -33.51 76.57
N LEU Q 59 29.00 -32.29 76.67
CA LEU Q 59 28.07 -31.73 75.66
C LEU Q 59 28.86 -31.33 74.42
N PRO Q 60 28.53 -31.86 73.22
CA PRO Q 60 29.12 -31.39 71.98
C PRO Q 60 28.78 -29.90 71.74
N LYS Q 61 29.53 -29.26 70.86
CA LYS Q 61 29.27 -27.88 70.39
C LYS Q 61 28.96 -27.90 68.91
N THR Q 62 28.29 -28.94 68.44
CA THR Q 62 27.83 -29.08 67.05
C THR Q 62 26.70 -30.10 66.97
N PHE Q 63 25.83 -29.91 66.01
CA PHE Q 63 24.89 -30.93 65.49
C PHE Q 63 24.60 -30.60 64.02
N THR Q 64 24.11 -31.58 63.28
CA THR Q 64 23.86 -31.46 61.83
C THR Q 64 22.44 -31.93 61.52
N ILE Q 65 21.68 -31.08 60.84
CA ILE Q 65 20.34 -31.39 60.29
C ILE Q 65 20.47 -31.54 58.78
N LYS Q 66 20.07 -32.69 58.23
CA LYS Q 66 20.18 -33.02 56.79
C LYS Q 66 18.79 -33.09 56.15
N LEU Q 67 18.61 -32.40 55.03
CA LEU Q 67 17.47 -32.60 54.10
C LEU Q 67 18.00 -33.38 52.90
N LEU Q 68 17.51 -34.61 52.71
CA LEU Q 68 17.90 -35.51 51.61
C LEU Q 68 16.75 -35.58 50.60
N PHE Q 69 17.06 -35.44 49.32
CA PHE Q 69 16.07 -35.40 48.22
C PHE Q 69 16.41 -36.47 47.17
N ASP Q 70 15.38 -37.09 46.57
CA ASP Q 70 15.50 -38.06 45.46
C ASP Q 70 15.55 -37.28 44.11
N GLU Q 71 15.64 -37.99 43.00
CA GLU Q 71 15.90 -37.39 41.65
C GLU Q 71 14.78 -36.40 41.27
N ASN Q 72 13.61 -36.49 41.95
CA ASN Q 72 12.41 -35.65 41.70
C ASN Q 72 12.30 -34.50 42.73
N GLY Q 73 13.27 -34.37 43.63
CA GLY Q 73 13.28 -33.32 44.66
C GLY Q 73 12.28 -33.60 45.78
N ILE Q 74 11.86 -34.85 45.94
CA ILE Q 74 11.02 -35.30 47.09
C ILE Q 74 11.93 -35.50 48.30
N LEU Q 75 11.53 -34.95 49.45
CA LEU Q 75 12.23 -35.11 50.74
C LEU Q 75 12.10 -36.57 51.18
N LYS Q 76 13.19 -37.20 51.60
CA LYS Q 76 13.25 -38.63 51.97
C LYS Q 76 13.09 -38.77 53.49
N ASP Q 77 12.50 -39.89 53.94
CA ASP Q 77 12.21 -40.20 55.37
C ASP Q 77 13.48 -40.13 56.20
N SER Q 78 14.63 -40.49 55.60
CA SER Q 78 15.96 -40.52 56.27
C SER Q 78 16.41 -39.11 56.64
N SER Q 79 15.77 -38.08 56.09
CA SER Q 79 16.01 -36.66 56.45
C SER Q 79 15.77 -36.47 57.95
N ASN Q 80 16.40 -35.47 58.54
CA ASN Q 80 16.20 -35.06 59.95
C ASN Q 80 14.85 -34.35 60.08
N LEU Q 81 14.44 -33.63 59.04
CA LEU Q 81 13.13 -32.93 58.98
C LEU Q 81 12.04 -33.96 58.67
N ASP Q 82 10.97 -33.95 59.47
CA ASP Q 82 9.77 -34.82 59.30
C ASP Q 82 9.10 -34.48 57.96
N LYS Q 83 8.89 -35.48 57.13
CA LYS Q 83 8.33 -35.35 55.75
C LYS Q 83 6.96 -34.63 55.79
N ASN Q 84 6.22 -34.76 56.89
CA ASN Q 84 4.81 -34.30 57.05
C ASN Q 84 4.74 -32.79 57.23
N TYR Q 85 5.86 -32.12 57.46
CA TYR Q 85 5.93 -30.67 57.76
C TYR Q 85 6.63 -29.94 56.62
N TRP Q 86 6.58 -30.50 55.41
CA TRP Q 86 7.34 -30.01 54.23
C TRP Q 86 6.47 -30.11 52.99
N ASN Q 87 6.07 -28.98 52.42
CA ASN Q 87 5.17 -28.94 51.25
C ASN Q 87 5.17 -27.51 50.66
N TYR Q 88 4.50 -27.31 49.53
CA TYR Q 88 4.28 -25.98 48.92
C TYR Q 88 3.37 -25.16 49.86
N ARG Q 89 3.45 -23.83 49.79
CA ARG Q 89 2.66 -22.90 50.64
C ARG Q 89 1.25 -22.68 50.04
N ASN Q 90 0.25 -22.48 50.92
CA ASN Q 90 -1.18 -22.40 50.54
C ASN Q 90 -1.55 -23.68 49.79
N GLN Q 98 0.93 -34.62 49.51
CA GLN Q 98 2.38 -34.30 49.43
C GLN Q 98 2.81 -34.25 47.95
N TYR Q 99 3.80 -33.41 47.62
CA TYR Q 99 4.08 -32.93 46.25
C TYR Q 99 4.69 -34.04 45.40
N LYS Q 100 4.84 -33.77 44.09
CA LYS Q 100 5.26 -34.77 43.07
C LYS Q 100 6.60 -34.39 42.42
N ASN Q 101 6.84 -33.11 42.12
CA ASN Q 101 8.13 -32.63 41.53
C ASN Q 101 8.55 -31.31 42.18
N ALA Q 102 9.84 -31.19 42.55
CA ALA Q 102 10.41 -29.98 43.18
C ALA Q 102 11.87 -29.80 42.72
N VAL Q 103 12.21 -30.28 41.52
CA VAL Q 103 13.60 -30.24 40.98
C VAL Q 103 14.02 -28.78 40.76
N GLY Q 104 13.06 -27.88 40.60
CA GLY Q 104 13.29 -26.43 40.43
C GLY Q 104 13.79 -25.78 41.72
N PHE Q 105 13.69 -26.50 42.85
CA PHE Q 105 14.13 -26.03 44.19
C PHE Q 105 15.43 -26.70 44.61
N MET Q 106 15.91 -27.67 43.85
CA MET Q 106 17.11 -28.45 44.22
C MET Q 106 18.37 -27.69 43.90
N PRO Q 107 19.44 -27.87 44.71
CA PRO Q 107 20.71 -27.24 44.44
C PRO Q 107 21.37 -27.86 43.19
N ASN Q 108 21.65 -27.00 42.22
CA ASN Q 108 22.22 -27.33 40.88
C ASN Q 108 23.42 -28.27 41.03
N LEU Q 109 23.40 -29.41 40.34
CA LEU Q 109 24.46 -30.45 40.39
C LEU Q 109 25.73 -30.01 39.66
N ALA Q 110 25.62 -29.12 38.67
CA ALA Q 110 26.77 -28.58 37.91
C ALA Q 110 27.51 -27.57 38.80
N ALA Q 111 26.77 -26.70 39.47
CA ALA Q 111 27.28 -25.68 40.40
C ALA Q 111 27.85 -26.34 41.65
N TYR Q 112 27.17 -27.37 42.15
CA TYR Q 112 27.46 -28.06 43.43
C TYR Q 112 27.57 -29.57 43.18
N PRO Q 113 28.66 -30.04 42.55
CA PRO Q 113 28.82 -31.46 42.25
C PRO Q 113 28.89 -32.30 43.52
N LYS Q 114 28.41 -33.54 43.44
CA LYS Q 114 28.61 -34.59 44.48
C LYS Q 114 30.07 -35.02 44.44
N SER Q 115 30.61 -35.47 45.57
CA SER Q 115 32.02 -35.91 45.71
C SER Q 115 32.22 -37.21 44.92
N THR Q 116 33.10 -37.19 43.92
CA THR Q 116 33.55 -38.41 43.18
C THR Q 116 33.99 -39.45 44.22
N THR Q 117 33.86 -40.72 43.92
CA THR Q 117 34.37 -41.85 44.77
C THR Q 117 35.77 -41.44 45.30
N THR Q 118 36.66 -41.05 44.39
CA THR Q 118 38.09 -40.71 44.60
C THR Q 118 38.24 -39.81 45.84
N GLN Q 119 37.34 -38.84 46.05
CA GLN Q 119 37.50 -37.81 47.12
C GLN Q 119 36.16 -37.49 47.76
N SER Q 120 36.13 -37.38 49.10
CA SER Q 120 34.97 -36.89 49.89
C SER Q 120 35.04 -35.35 50.05
N LYS Q 121 36.01 -34.70 49.38
CA LYS Q 121 36.32 -33.25 49.41
C LYS Q 121 35.61 -32.54 48.25
N LEU Q 122 34.52 -31.82 48.56
CA LEU Q 122 33.73 -30.97 47.62
C LEU Q 122 34.53 -29.69 47.30
N TYR Q 123 34.15 -28.98 46.24
CA TYR Q 123 34.52 -27.56 46.01
C TYR Q 123 33.97 -26.72 47.15
N ALA Q 124 34.59 -25.57 47.39
CA ALA Q 124 34.20 -24.64 48.46
C ALA Q 124 32.83 -24.02 48.14
N ARG Q 125 32.48 -23.86 46.86
CA ARG Q 125 31.26 -23.13 46.44
C ARG Q 125 30.00 -23.92 46.83
N ASN Q 126 30.15 -25.21 47.13
CA ASN Q 126 29.06 -26.09 47.65
C ASN Q 126 28.63 -25.60 49.03
N THR Q 127 29.41 -24.72 49.67
CA THR Q 127 29.23 -24.32 51.09
C THR Q 127 28.91 -22.82 51.23
N ILE Q 128 28.01 -22.48 52.14
CA ILE Q 128 27.73 -21.10 52.62
C ILE Q 128 27.94 -21.08 54.12
N PHE Q 129 28.66 -20.08 54.62
CA PHE Q 129 28.82 -19.82 56.06
C PHE Q 129 27.99 -18.59 56.43
N GLY Q 130 27.35 -18.65 57.59
CA GLY Q 130 26.66 -17.52 58.19
C GLY Q 130 26.85 -17.49 59.69
N ASN Q 131 26.76 -16.31 60.28
CA ASN Q 131 26.67 -16.11 61.73
C ASN Q 131 25.21 -15.89 62.10
N ILE Q 132 24.72 -16.72 63.00
CA ILE Q 132 23.39 -16.56 63.66
C ILE Q 132 23.62 -16.48 65.16
N TYR Q 133 22.56 -16.19 65.91
CA TYR Q 133 22.68 -15.80 67.33
C TYR Q 133 21.56 -16.45 68.13
N LEU Q 134 21.87 -16.90 69.34
CA LEU Q 134 20.92 -17.54 70.26
C LEU Q 134 20.30 -16.48 71.16
N ASP Q 135 18.97 -16.55 71.31
CA ASP Q 135 18.19 -15.79 72.31
C ASP Q 135 18.28 -14.30 71.99
N SER Q 136 18.44 -13.96 70.70
CA SER Q 136 18.36 -12.58 70.16
C SER Q 136 19.47 -11.70 70.74
N GLN Q 137 20.62 -12.28 71.07
CA GLN Q 137 21.78 -11.52 71.63
C GLN Q 137 22.97 -11.65 70.69
N ALA Q 138 23.55 -10.51 70.34
CA ALA Q 138 24.73 -10.39 69.46
C ALA Q 138 25.91 -11.17 70.05
N TYR Q 139 25.90 -11.44 71.36
CA TYR Q 139 27.07 -12.04 72.05
C TYR Q 139 26.91 -13.55 72.21
N ASN Q 140 25.94 -14.16 71.53
CA ASN Q 140 25.76 -15.63 71.49
C ASN Q 140 25.87 -16.12 70.06
N PRO Q 141 27.04 -15.95 69.39
CA PRO Q 141 27.19 -16.39 68.01
C PRO Q 141 27.18 -17.91 67.86
N VAL Q 142 26.60 -18.37 66.76
CA VAL Q 142 26.64 -19.75 66.26
C VAL Q 142 26.95 -19.69 64.78
N VAL Q 143 27.84 -20.55 64.29
CA VAL Q 143 28.19 -20.66 62.86
C VAL Q 143 27.24 -21.66 62.21
N ILE Q 144 26.49 -21.23 61.20
CA ILE Q 144 25.70 -22.14 60.35
C ILE Q 144 26.49 -22.39 59.07
N LYS Q 145 26.75 -23.66 58.79
CA LYS Q 145 27.48 -24.10 57.59
C LYS Q 145 26.49 -24.90 56.74
N ILE Q 146 26.07 -24.31 55.64
CA ILE Q 146 25.12 -24.91 54.67
C ILE Q 146 25.94 -25.51 53.54
N THR Q 147 25.80 -26.80 53.31
CA THR Q 147 26.54 -27.53 52.26
C THR Q 147 25.55 -28.28 51.37
N PHE Q 148 25.73 -28.16 50.05
CA PHE Q 148 24.83 -28.76 49.03
C PHE Q 148 25.47 -30.03 48.46
N ASN Q 149 24.69 -31.11 48.41
CA ASN Q 149 24.96 -32.34 47.60
C ASN Q 149 26.21 -33.05 48.15
N GLN Q 150 26.34 -33.08 49.46
CA GLN Q 150 27.47 -33.71 50.19
C GLN Q 150 27.13 -35.16 50.49
N GLU Q 151 25.84 -35.48 50.64
CA GLU Q 151 25.34 -36.82 51.09
C GLU Q 151 25.25 -37.74 49.87
N ALA Q 152 25.87 -38.92 49.98
CA ALA Q 152 26.21 -39.81 48.85
C ALA Q 152 24.98 -40.62 48.39
N ASP Q 153 24.10 -41.02 49.32
CA ASP Q 153 22.90 -41.86 48.98
C ASP Q 153 21.67 -40.95 48.85
N SER Q 154 21.79 -39.91 48.04
CA SER Q 154 20.71 -38.94 47.71
C SER Q 154 21.13 -38.16 46.46
N ALA Q 155 20.17 -37.94 45.54
CA ALA Q 155 20.41 -37.20 44.27
C ALA Q 155 20.81 -35.76 44.61
N TYR Q 156 20.16 -35.21 45.64
CA TYR Q 156 20.32 -33.83 46.12
C TYR Q 156 20.35 -33.84 47.66
N SER Q 157 21.01 -32.87 48.28
CA SER Q 157 20.99 -32.69 49.75
C SER Q 157 21.28 -31.24 50.14
N ILE Q 158 20.62 -30.78 51.19
CA ILE Q 158 20.96 -29.54 51.93
C ILE Q 158 21.33 -29.95 53.35
N THR Q 159 22.60 -29.76 53.71
CA THR Q 159 23.14 -30.08 55.04
C THR Q 159 23.29 -28.77 55.83
N LEU Q 160 22.65 -28.69 57.00
CA LEU Q 160 22.76 -27.54 57.93
C LEU Q 160 23.60 -27.96 59.13
N ASN Q 161 24.87 -27.58 59.14
CA ASN Q 161 25.78 -27.83 60.27
C ASN Q 161 25.81 -26.60 61.17
N TYR Q 162 25.48 -26.78 62.44
CA TYR Q 162 25.55 -25.74 63.50
C TYR Q 162 26.74 -26.07 64.41
N SER Q 163 27.58 -25.09 64.70
CA SER Q 163 28.72 -25.22 65.63
C SER Q 163 28.99 -23.89 66.31
N TRP Q 164 29.67 -23.92 67.46
CA TRP Q 164 29.99 -22.72 68.26
C TRP Q 164 31.24 -23.00 69.10
N GLY Q 165 31.87 -21.94 69.61
CA GLY Q 165 33.09 -22.02 70.41
C GLY Q 165 32.86 -21.70 71.87
N LYS Q 166 31.92 -20.83 72.19
CA LYS Q 166 31.76 -20.25 73.56
C LYS Q 166 31.29 -21.33 74.53
N ASP Q 167 31.77 -21.27 75.77
CA ASP Q 167 31.27 -22.10 76.88
C ASP Q 167 29.97 -21.48 77.41
N TYR Q 168 28.93 -21.53 76.60
CA TYR Q 168 27.59 -21.00 76.93
C TYR Q 168 27.15 -21.54 78.29
N GLU Q 169 26.53 -20.68 79.11
CA GLU Q 169 26.00 -21.02 80.46
C GLU Q 169 24.49 -20.71 80.47
N ASN Q 170 23.66 -21.75 80.33
CA ASN Q 170 22.17 -21.67 80.36
C ASN Q 170 21.67 -20.77 79.24
N ILE Q 171 22.11 -21.02 78.02
CA ILE Q 171 21.63 -20.30 76.82
C ILE Q 171 20.73 -21.27 76.05
N PRO Q 172 19.48 -20.87 75.75
CA PRO Q 172 18.60 -21.73 74.96
C PRO Q 172 19.03 -21.71 73.49
N PHE Q 173 19.05 -22.86 72.83
CA PHE Q 173 19.27 -22.92 71.36
C PHE Q 173 18.00 -22.46 70.68
N ASP Q 174 17.83 -21.16 70.63
CA ASP Q 174 16.70 -20.47 69.97
C ASP Q 174 17.31 -19.44 69.03
N SER Q 175 17.47 -19.78 67.75
CA SER Q 175 18.35 -19.05 66.80
C SER Q 175 17.59 -17.90 66.14
N THR Q 176 18.33 -16.86 65.78
CA THR Q 176 17.86 -15.77 64.89
C THR Q 176 17.75 -16.31 63.47
N SER Q 177 17.18 -15.52 62.57
CA SER Q 177 16.91 -15.87 61.17
C SER Q 177 18.12 -15.50 60.30
N PHE Q 178 18.37 -16.31 59.29
CA PHE Q 178 19.44 -16.12 58.30
C PHE Q 178 18.89 -16.34 56.89
N THR Q 179 19.26 -15.45 55.98
CA THR Q 179 18.89 -15.51 54.54
C THR Q 179 20.13 -15.88 53.71
N PHE Q 180 19.96 -16.73 52.72
CA PHE Q 180 20.98 -17.09 51.73
C PHE Q 180 20.28 -17.43 50.42
N SER Q 181 21.04 -17.61 49.35
CA SER Q 181 20.54 -18.10 48.06
C SER Q 181 21.47 -19.20 47.53
N TYR Q 182 20.97 -20.01 46.62
CA TYR Q 182 21.77 -20.99 45.87
C TYR Q 182 21.21 -21.14 44.46
N ILE Q 183 22.02 -21.64 43.55
CA ILE Q 183 21.69 -21.83 42.13
C ILE Q 183 20.79 -23.07 42.00
N ALA Q 184 19.65 -22.92 41.32
CA ALA Q 184 18.61 -23.96 41.17
C ALA Q 184 19.00 -24.91 40.04
N GLN Q 185 18.63 -26.18 40.16
CA GLN Q 185 18.93 -27.26 39.19
C GLN Q 185 18.26 -26.93 37.84
N GLU Q 186 17.06 -26.35 37.87
CA GLU Q 186 16.37 -25.85 36.65
C GLU Q 186 15.40 -24.73 37.05
N LYS R 1 4.98 -8.66 42.11
CA LYS R 1 6.32 -8.18 41.67
C LYS R 1 6.58 -6.73 42.11
N LEU R 2 5.65 -6.13 42.86
CA LEU R 2 5.74 -4.75 43.36
C LEU R 2 7.01 -4.60 44.27
N THR R 3 7.62 -3.45 44.21
CA THR R 3 8.67 -2.99 45.14
C THR R 3 8.15 -1.78 45.95
N LEU R 4 8.33 -1.83 47.25
CA LEU R 4 7.97 -0.77 48.22
C LEU R 4 9.28 -0.19 48.76
N TRP R 5 9.50 1.12 48.65
CA TRP R 5 10.83 1.72 48.99
C TRP R 5 10.73 3.19 49.42
N THR R 6 11.82 3.68 49.99
CA THR R 6 12.15 5.10 50.15
C THR R 6 12.64 5.61 48.81
N THR R 7 12.14 6.70 48.29
CA THR R 7 12.63 7.23 46.99
C THR R 7 14.14 7.35 47.13
N LEU R 8 14.88 7.45 46.02
CA LEU R 8 16.35 7.57 46.03
C LEU R 8 16.74 9.06 46.08
N ASP R 9 15.75 9.94 46.10
CA ASP R 9 15.90 11.41 46.33
C ASP R 9 16.98 11.62 47.40
N PRO R 10 17.98 12.52 47.15
CA PRO R 10 19.11 12.71 48.05
C PRO R 10 18.76 13.30 49.43
N SER R 11 17.57 13.91 49.57
CA SER R 11 17.15 14.69 50.75
C SER R 11 16.88 13.77 51.94
N PRO R 12 17.19 14.24 53.17
CA PRO R 12 16.91 13.49 54.39
C PRO R 12 15.42 13.15 54.51
N ASN R 13 15.11 12.04 55.18
CA ASN R 13 13.77 11.44 55.17
C ASN R 13 13.44 10.73 56.50
N CYS R 14 14.28 10.88 57.53
CA CYS R 14 14.22 10.02 58.74
C CYS R 14 14.61 10.79 59.99
N ARG R 15 14.01 10.44 61.13
CA ARG R 15 14.28 11.02 62.47
C ARG R 15 14.91 9.95 63.37
N ILE R 16 16.11 10.19 63.85
CA ILE R 16 16.72 9.41 64.97
C ILE R 16 16.40 10.14 66.27
N ASP R 17 16.85 11.38 66.41
CA ASP R 17 16.53 12.27 67.56
C ASP R 17 15.65 13.43 67.10
N VAL R 18 15.88 13.90 65.87
CA VAL R 18 15.42 15.21 65.35
C VAL R 18 14.97 15.05 63.91
N ASP R 19 13.92 15.76 63.50
CA ASP R 19 13.35 15.70 62.12
C ASP R 19 14.48 15.85 61.11
N LYS R 20 14.60 14.89 60.19
CA LYS R 20 15.49 14.95 59.01
C LYS R 20 16.96 15.01 59.44
N ASP R 21 17.38 14.20 60.40
CA ASP R 21 18.80 14.10 60.82
C ASP R 21 19.47 12.91 60.11
N SER R 22 18.69 12.13 59.37
CA SER R 22 19.15 10.88 58.74
C SER R 22 18.43 10.65 57.40
N LYS R 23 19.08 9.91 56.50
CA LYS R 23 18.49 9.40 55.23
C LYS R 23 18.57 7.87 55.22
N LEU R 24 17.43 7.22 55.44
CA LEU R 24 17.27 5.76 55.33
C LEU R 24 16.97 5.41 53.87
N THR R 25 17.71 4.48 53.29
CA THR R 25 17.40 3.86 51.98
C THR R 25 16.99 2.42 52.26
N LEU R 26 15.68 2.14 52.15
CA LEU R 26 15.10 0.81 52.39
C LEU R 26 14.31 0.41 51.16
N VAL R 27 14.64 -0.75 50.58
CA VAL R 27 13.92 -1.32 49.41
C VAL R 27 13.38 -2.68 49.82
N LEU R 28 12.07 -2.85 49.78
CA LEU R 28 11.38 -4.14 50.01
C LEU R 28 10.83 -4.61 48.67
N THR R 29 11.40 -5.68 48.12
CA THR R 29 10.94 -6.31 46.87
C THR R 29 10.24 -7.62 47.22
N LYS R 30 8.99 -7.77 46.79
CA LYS R 30 8.20 -9.00 47.01
C LYS R 30 8.57 -10.02 45.95
N CYS R 31 9.17 -11.13 46.38
N CYS R 31 9.18 -11.13 46.37
CA CYS R 31 9.40 -12.35 45.56
CA CYS R 31 9.38 -12.35 45.55
C CYS R 31 8.58 -13.50 46.16
C CYS R 31 8.58 -13.49 46.16
N GLY R 32 7.31 -13.60 45.78
CA GLY R 32 6.38 -14.59 46.34
C GLY R 32 6.20 -14.38 47.82
N SER R 33 6.47 -15.42 48.62
CA SER R 33 6.17 -15.47 50.07
C SER R 33 7.32 -14.88 50.90
N GLN R 34 8.39 -14.41 50.26
CA GLN R 34 9.50 -13.72 50.95
C GLN R 34 9.63 -12.30 50.42
N ILE R 35 9.99 -11.37 51.32
CA ILE R 35 10.40 -9.99 50.98
C ILE R 35 11.92 -9.92 50.97
N LEU R 36 12.50 -9.58 49.83
CA LEU R 36 13.95 -9.30 49.69
C LEU R 36 14.17 -7.84 50.06
N ALA R 37 14.92 -7.58 51.14
CA ALA R 37 15.12 -6.26 51.75
C ALA R 37 16.56 -5.81 51.56
N ASN R 38 16.77 -4.52 51.33
CA ASN R 38 18.10 -3.89 51.14
C ASN R 38 18.07 -2.56 51.86
N VAL R 39 19.04 -2.32 52.74
CA VAL R 39 19.03 -1.14 53.65
C VAL R 39 20.43 -0.52 53.74
N SER R 40 20.48 0.80 53.72
CA SER R 40 21.65 1.64 54.07
C SER R 40 21.15 2.86 54.85
N LEU R 41 22.02 3.48 55.62
CA LEU R 41 21.66 4.63 56.48
C LEU R 41 22.81 5.63 56.50
N LEU R 42 22.50 6.89 56.22
CA LEU R 42 23.42 8.04 56.37
C LEU R 42 22.81 9.00 57.40
N VAL R 43 23.59 9.43 58.39
CA VAL R 43 23.22 10.52 59.33
C VAL R 43 23.81 11.82 58.79
N VAL R 44 22.96 12.84 58.58
CA VAL R 44 23.35 14.08 57.85
C VAL R 44 23.61 15.22 58.83
N LYS R 45 23.05 15.16 60.04
CA LYS R 45 23.30 16.17 61.11
C LYS R 45 22.99 15.55 62.49
N GLY R 46 23.25 16.29 63.55
CA GLY R 46 23.04 15.87 64.94
C GLY R 46 24.21 15.10 65.50
N ARG R 47 24.06 14.59 66.71
CA ARG R 47 25.15 14.05 67.56
C ARG R 47 25.76 12.78 66.93
N PHE R 48 25.04 12.08 66.06
CA PHE R 48 25.47 10.79 65.46
C PHE R 48 26.05 11.00 64.07
N GLN R 49 26.08 12.21 63.55
CA GLN R 49 26.61 12.47 62.19
C GLN R 49 28.09 12.11 62.17
N ASN R 50 28.83 12.58 63.18
CA ASN R 50 30.28 12.39 63.32
C ASN R 50 30.53 11.83 64.72
N LEU R 51 30.88 10.55 64.80
CA LEU R 51 31.09 9.84 66.09
C LEU R 51 32.50 10.17 66.59
N ASN R 52 32.60 10.72 67.80
CA ASN R 52 33.89 10.92 68.47
C ASN R 52 33.72 10.67 69.98
N TYR R 53 34.12 9.48 70.43
CA TYR R 53 33.97 9.02 71.82
C TYR R 53 35.16 9.48 72.65
N LYS R 54 36.18 10.05 72.01
CA LYS R 54 37.34 10.65 72.74
C LYS R 54 36.94 12.03 73.23
N THR R 55 36.14 12.76 72.44
CA THR R 55 35.79 14.17 72.71
C THR R 55 34.41 14.28 73.38
N ASN R 56 33.48 13.37 73.09
N ASN R 56 33.48 13.37 73.09
CA ASN R 56 32.11 13.40 73.68
CA ASN R 56 32.10 13.40 73.68
C ASN R 56 31.87 12.12 74.47
C ASN R 56 31.87 12.12 74.47
N PRO R 57 32.00 12.17 75.81
CA PRO R 57 31.91 10.98 76.63
C PRO R 57 30.44 10.54 76.90
N ASN R 58 29.49 11.43 76.64
CA ASN R 58 28.05 11.21 76.92
C ASN R 58 27.34 10.61 75.69
N LEU R 59 28.05 10.34 74.61
CA LEU R 59 27.42 9.89 73.34
C LEU R 59 27.05 8.42 73.46
N PRO R 60 25.76 8.06 73.26
CA PRO R 60 25.38 6.66 73.19
C PRO R 60 26.07 5.94 72.04
N LYS R 61 26.07 4.61 72.07
CA LYS R 61 26.57 3.76 70.96
C LYS R 61 25.43 2.93 70.42
N THR R 62 24.23 3.50 70.39
CA THR R 62 23.04 2.88 69.80
C THR R 62 22.01 3.95 69.47
N PHE R 63 21.20 3.66 68.45
CA PHE R 63 19.91 4.33 68.20
C PHE R 63 19.02 3.33 67.47
N THR R 64 17.72 3.59 67.48
CA THR R 64 16.70 2.70 66.89
C THR R 64 15.80 3.49 65.96
N ILE R 65 15.65 3.01 64.72
CA ILE R 65 14.69 3.51 63.72
C ILE R 65 13.57 2.49 63.60
N LYS R 66 12.31 2.92 63.81
CA LYS R 66 11.11 2.04 63.77
C LYS R 66 10.23 2.41 62.57
N LEU R 67 9.84 1.40 61.79
CA LEU R 67 8.73 1.48 60.81
C LEU R 67 7.51 0.79 61.42
N LEU R 68 6.46 1.54 61.70
CA LEU R 68 5.20 1.04 62.29
C LEU R 68 4.11 1.03 61.21
N PHE R 69 3.38 -0.08 61.08
CA PHE R 69 2.35 -0.30 60.05
C PHE R 69 1.01 -0.65 60.71
N ASP R 70 -0.10 -0.19 60.10
CA ASP R 70 -1.48 -0.52 60.53
C ASP R 70 -1.91 -1.82 59.84
N GLU R 71 -3.15 -2.29 60.08
CA GLU R 71 -3.65 -3.63 59.66
C GLU R 71 -3.58 -3.77 58.13
N ASN R 72 -3.48 -2.64 57.40
CA ASN R 72 -3.45 -2.58 55.91
C ASN R 72 -2.01 -2.39 55.39
N GLY R 73 -1.00 -2.39 56.28
CA GLY R 73 0.40 -2.23 55.90
C GLY R 73 0.74 -0.80 55.50
N ILE R 74 -0.07 0.18 55.92
CA ILE R 74 0.21 1.63 55.75
C ILE R 74 1.18 2.07 56.83
N LEU R 75 2.23 2.78 56.44
CA LEU R 75 3.25 3.35 57.38
C LEU R 75 2.57 4.44 58.20
N LYS R 76 2.76 4.43 59.52
CA LYS R 76 2.12 5.37 60.47
C LYS R 76 3.05 6.54 60.74
N ASP R 77 2.48 7.73 61.00
CA ASP R 77 3.21 9.01 61.27
C ASP R 77 4.20 8.83 62.43
N SER R 78 3.86 7.98 63.40
CA SER R 78 4.69 7.72 64.62
C SER R 78 5.99 7.02 64.23
N SER R 79 6.10 6.49 63.02
CA SER R 79 7.35 5.89 62.46
C SER R 79 8.45 6.95 62.47
N ASN R 80 9.70 6.50 62.54
CA ASN R 80 10.90 7.36 62.45
C ASN R 80 11.07 7.81 61.00
N LEU R 81 10.69 6.98 60.04
CA LEU R 81 10.72 7.31 58.59
C LEU R 81 9.55 8.22 58.24
N ASP R 82 9.82 9.34 57.57
CA ASP R 82 8.80 10.31 57.09
C ASP R 82 7.91 9.60 56.06
N LYS R 83 6.59 9.65 56.28
CA LYS R 83 5.57 8.95 55.47
C LYS R 83 5.67 9.37 53.99
N ASN R 84 6.16 10.59 53.72
CA ASN R 84 6.18 11.23 52.37
C ASN R 84 7.26 10.63 51.47
N TYR R 85 8.17 9.84 52.04
CA TYR R 85 9.35 9.29 51.32
C TYR R 85 9.23 7.77 51.22
N TRP R 86 8.00 7.26 51.25
CA TRP R 86 7.68 5.82 51.31
C TRP R 86 6.50 5.50 50.41
N ASN R 87 6.73 4.78 49.32
CA ASN R 87 5.70 4.49 48.31
C ASN R 87 6.19 3.37 47.40
N TYR R 88 5.33 2.85 46.53
CA TYR R 88 5.70 1.89 45.46
C TYR R 88 6.66 2.59 44.48
N ARG R 89 7.51 1.82 43.79
CA ARG R 89 8.47 2.33 42.78
C ARG R 89 7.76 2.48 41.41
N ASN R 90 8.17 3.49 40.64
CA ASN R 90 7.79 3.67 39.21
C ASN R 90 8.86 4.52 38.50
N GLY R 91 10.02 4.77 39.16
CA GLY R 91 11.11 5.62 38.65
C GLY R 91 12.46 5.18 39.15
N GLN R 98 -4.47 7.95 46.11
CA GLN R 98 -5.52 6.90 46.14
C GLN R 98 -5.17 5.89 47.25
N TYR R 99 -6.18 5.33 47.89
CA TYR R 99 -6.06 4.53 49.16
C TYR R 99 -5.26 3.23 48.91
N LYS R 100 -4.52 2.77 49.91
CA LYS R 100 -3.37 1.85 49.72
C LYS R 100 -3.57 0.54 50.53
N ASN R 101 -2.98 -0.56 50.03
CA ASN R 101 -2.76 -1.84 50.76
C ASN R 101 -1.34 -2.33 50.48
N ALA R 102 -0.65 -2.83 51.50
CA ALA R 102 0.73 -3.34 51.42
C ALA R 102 0.94 -4.52 52.36
N VAL R 103 -0.13 -5.26 52.65
CA VAL R 103 -0.11 -6.40 53.61
C VAL R 103 0.81 -7.51 53.06
N GLY R 104 1.01 -7.55 51.75
CA GLY R 104 1.90 -8.51 51.07
C GLY R 104 3.38 -8.23 51.37
N PHE R 105 3.68 -7.07 51.94
CA PHE R 105 5.06 -6.63 52.29
C PHE R 105 5.30 -6.73 53.80
N MET R 106 4.25 -7.03 54.57
CA MET R 106 4.36 -7.03 56.05
C MET R 106 4.97 -8.33 56.53
N PRO R 107 5.74 -8.28 57.64
CA PRO R 107 6.30 -9.47 58.24
C PRO R 107 5.19 -10.35 58.84
N ASN R 108 5.15 -11.59 58.37
CA ASN R 108 4.14 -12.63 58.71
C ASN R 108 3.98 -12.73 60.24
N LEU R 109 2.74 -12.62 60.73
CA LEU R 109 2.39 -12.63 62.19
C LEU R 109 2.53 -14.05 62.77
N ALA R 110 2.38 -15.09 61.96
CA ALA R 110 2.52 -16.50 62.41
C ALA R 110 4.00 -16.80 62.60
N ALA R 111 4.84 -16.38 61.66
CA ALA R 111 6.31 -16.55 61.68
C ALA R 111 6.91 -15.68 62.78
N TYR R 112 6.40 -14.46 62.93
CA TYR R 112 6.92 -13.40 63.83
C TYR R 112 5.81 -12.88 64.73
N PRO R 113 5.36 -13.67 65.73
CA PRO R 113 4.28 -13.24 66.61
C PRO R 113 4.66 -12.00 67.42
N LYS R 114 3.66 -11.18 67.73
CA LYS R 114 3.77 -10.08 68.71
C LYS R 114 3.91 -10.65 70.10
N SER R 115 4.55 -9.89 70.99
CA SER R 115 5.10 -10.32 72.29
C SER R 115 4.12 -11.06 73.19
N THR R 116 2.82 -11.09 72.88
CA THR R 116 1.82 -12.06 73.39
C THR R 116 1.96 -12.27 74.90
N THR R 117 1.35 -11.43 75.73
CA THR R 117 1.73 -11.19 77.17
C THR R 117 3.17 -11.61 77.42
N THR R 118 3.44 -12.56 78.35
CA THR R 118 4.77 -13.09 78.76
C THR R 118 5.83 -11.98 78.74
N GLN R 119 5.50 -10.83 79.32
CA GLN R 119 6.31 -9.55 79.29
C GLN R 119 6.45 -9.13 77.81
N SER R 120 7.67 -8.94 77.30
CA SER R 120 7.97 -8.35 75.99
C SER R 120 8.98 -9.25 75.25
N LYS R 121 8.91 -10.55 75.50
CA LYS R 121 9.94 -11.58 75.05
C LYS R 121 9.45 -12.26 73.76
N LEU R 122 10.01 -11.86 72.62
CA LEU R 122 9.73 -12.45 71.27
C LEU R 122 10.51 -13.79 71.15
N TYR R 123 10.13 -14.62 70.20
CA TYR R 123 11.00 -15.70 69.64
C TYR R 123 12.23 -15.07 69.01
N ALA R 124 13.29 -15.83 68.91
CA ALA R 124 14.57 -15.41 68.28
C ALA R 124 14.37 -15.19 66.78
N ARG R 125 13.47 -15.93 66.14
CA ARG R 125 13.33 -15.91 64.66
C ARG R 125 12.75 -14.57 64.19
N ASN R 126 12.16 -13.81 65.11
CA ASN R 126 11.66 -12.42 64.87
C ASN R 126 12.84 -11.49 64.55
N THR R 127 14.08 -11.94 64.82
CA THR R 127 15.29 -11.08 64.77
C THR R 127 16.28 -11.56 63.69
N ILE R 128 16.88 -10.61 62.97
CA ILE R 128 18.03 -10.83 62.06
C ILE R 128 19.17 -9.93 62.55
N PHE R 129 20.37 -10.47 62.64
CA PHE R 129 21.60 -9.72 62.93
C PHE R 129 22.43 -9.63 61.64
N GLY R 130 23.02 -8.47 61.42
CA GLY R 130 23.99 -8.25 60.35
C GLY R 130 25.11 -7.36 60.82
N ASN R 131 26.27 -7.52 60.20
CA ASN R 131 27.41 -6.61 60.34
C ASN R 131 27.43 -5.67 59.16
N ILE R 132 27.40 -4.38 59.44
CA ILE R 132 27.57 -3.30 58.44
C ILE R 132 28.75 -2.43 58.89
N TYR R 133 29.16 -1.50 58.05
CA TYR R 133 30.44 -0.79 58.21
C TYR R 133 30.25 0.67 57.86
N LEU R 134 30.91 1.55 58.62
CA LEU R 134 30.88 3.00 58.42
C LEU R 134 32.02 3.41 57.48
N ASP R 135 31.72 4.26 56.51
CA ASP R 135 32.70 4.97 55.67
C ASP R 135 33.46 3.97 54.81
N SER R 136 32.83 2.86 54.47
CA SER R 136 33.32 1.85 53.49
C SER R 136 34.60 1.19 54.00
N GLN R 137 34.79 1.09 55.32
CA GLN R 137 36.00 0.47 55.90
C GLN R 137 35.61 -0.75 56.73
N ALA R 138 36.28 -1.87 56.48
CA ALA R 138 36.05 -3.15 57.16
C ALA R 138 36.31 -3.00 58.66
N TYR R 139 37.03 -1.97 59.09
CA TYR R 139 37.46 -1.83 60.51
C TYR R 139 36.56 -0.87 61.28
N ASN R 140 35.41 -0.51 60.71
CA ASN R 140 34.37 0.30 61.41
C ASN R 140 33.06 -0.50 61.49
N PRO R 141 33.04 -1.66 62.18
CA PRO R 141 31.82 -2.46 62.26
C PRO R 141 30.73 -1.82 63.10
N VAL R 142 29.49 -2.03 62.67
CA VAL R 142 28.25 -1.70 63.39
C VAL R 142 27.32 -2.91 63.28
N VAL R 143 26.66 -3.27 64.37
CA VAL R 143 25.67 -4.37 64.39
C VAL R 143 24.30 -3.79 64.07
N ILE R 144 23.66 -4.28 63.00
CA ILE R 144 22.24 -3.95 62.71
C ILE R 144 21.40 -5.13 63.20
N LYS R 145 20.45 -4.83 64.08
CA LYS R 145 19.52 -5.81 64.65
C LYS R 145 18.12 -5.47 64.16
N ILE R 146 17.61 -6.28 63.23
CA ILE R 146 16.27 -6.11 62.63
C ILE R 146 15.32 -7.03 63.37
N THR R 147 14.27 -6.46 63.95
CA THR R 147 13.26 -7.22 64.72
C THR R 147 11.88 -6.92 64.15
N PHE R 148 11.07 -7.95 63.95
CA PHE R 148 9.71 -7.85 63.36
C PHE R 148 8.66 -7.96 64.46
N ASN R 149 7.69 -7.02 64.45
CA ASN R 149 6.41 -7.10 65.19
C ASN R 149 6.68 -7.05 66.69
N GLN R 150 7.62 -6.22 67.10
CA GLN R 150 8.04 -6.04 68.50
C GLN R 150 7.22 -4.91 69.13
N GLU R 151 6.76 -3.96 68.33
CA GLU R 151 6.06 -2.73 68.81
C GLU R 151 4.57 -3.04 69.01
N ALA R 152 4.06 -2.72 70.19
CA ALA R 152 2.77 -3.23 70.72
C ALA R 152 1.59 -2.45 70.12
N ASP R 153 1.75 -1.14 69.85
CA ASP R 153 0.67 -0.26 69.33
C ASP R 153 0.79 -0.13 67.81
N SER R 154 0.92 -1.27 67.12
CA SER R 154 0.99 -1.39 65.64
C SER R 154 0.71 -2.84 65.25
N ALA R 155 -0.03 -3.06 64.18
CA ALA R 155 -0.38 -4.41 63.67
C ALA R 155 0.90 -5.12 63.23
N TYR R 156 1.81 -4.35 62.65
CA TYR R 156 3.10 -4.81 62.08
C TYR R 156 4.18 -3.78 62.42
N SER R 157 5.43 -4.21 62.53
CA SER R 157 6.59 -3.31 62.73
C SER R 157 7.88 -3.94 62.19
N ILE R 158 8.73 -3.10 61.63
CA ILE R 158 10.16 -3.40 61.36
C ILE R 158 10.99 -2.45 62.20
N THR R 159 11.73 -2.98 63.17
CA THR R 159 12.61 -2.20 64.07
C THR R 159 14.07 -2.41 63.61
N LEU R 160 14.77 -1.32 63.31
CA LEU R 160 16.20 -1.32 62.94
C LEU R 160 17.00 -0.75 64.11
N ASN R 161 17.61 -1.62 64.91
CA ASN R 161 18.49 -1.22 66.02
C ASN R 161 19.94 -1.25 65.53
N TYR R 162 20.63 -0.12 65.64
CA TYR R 162 22.07 0.03 65.33
C TYR R 162 22.83 0.18 66.66
N SER R 163 23.91 -0.57 66.81
CA SER R 163 24.81 -0.49 68.00
C SER R 163 26.23 -0.83 67.59
N TRP R 164 27.21 -0.40 68.38
CA TRP R 164 28.64 -0.63 68.12
C TRP R 164 29.41 -0.59 69.43
N GLY R 165 30.64 -1.11 69.44
CA GLY R 165 31.49 -1.18 70.64
C GLY R 165 32.66 -0.22 70.58
N LYS R 166 33.19 0.07 69.40
CA LYS R 166 34.48 0.80 69.24
C LYS R 166 34.32 2.26 69.68
N ASP R 167 35.36 2.80 70.29
CA ASP R 167 35.46 4.25 70.60
C ASP R 167 35.88 4.99 69.33
N TYR R 168 35.00 5.03 68.36
CA TYR R 168 35.20 5.71 67.06
C TYR R 168 35.68 7.14 67.32
N GLU R 169 36.65 7.60 66.52
CA GLU R 169 37.21 8.97 66.55
C GLU R 169 37.01 9.67 65.19
N ASN R 170 35.99 10.52 65.09
CA ASN R 170 35.63 11.30 63.87
C ASN R 170 35.30 10.36 62.73
N ILE R 171 34.41 9.42 62.97
CA ILE R 171 33.89 8.50 61.92
C ILE R 171 32.47 8.93 61.60
N PRO R 172 32.15 9.20 60.32
CA PRO R 172 30.81 9.57 59.94
C PRO R 172 29.91 8.33 59.98
N PHE R 173 28.69 8.44 60.52
CA PHE R 173 27.69 7.36 60.41
C PHE R 173 27.15 7.35 58.99
N ASP R 174 27.92 6.76 58.10
CA ASP R 174 27.58 6.58 56.68
C ASP R 174 27.76 5.09 56.38
N SER R 175 26.69 4.30 56.44
CA SER R 175 26.74 2.81 56.51
C SER R 175 26.81 2.20 55.12
N THR R 176 27.44 1.05 55.02
CA THR R 176 27.40 0.17 53.85
C THR R 176 26.01 -0.47 53.74
N SER R 177 25.74 -1.15 52.65
CA SER R 177 24.45 -1.78 52.32
C SER R 177 24.40 -3.20 52.86
N PHE R 178 23.24 -3.62 53.33
CA PHE R 178 22.97 -4.98 53.86
C PHE R 178 21.68 -5.51 53.23
N THR R 179 21.70 -6.77 52.83
CA THR R 179 20.53 -7.51 52.28
C THR R 179 20.06 -8.56 53.29
N PHE R 180 18.75 -8.70 53.43
CA PHE R 180 18.10 -9.75 54.24
C PHE R 180 16.77 -10.09 53.59
N SER R 181 16.11 -11.14 54.06
CA SER R 181 14.74 -11.49 53.65
C SER R 181 13.92 -11.81 54.91
N TYR R 182 12.60 -11.75 54.78
CA TYR R 182 11.65 -12.20 55.81
C TYR R 182 10.41 -12.77 55.13
N ILE R 183 9.66 -13.57 55.87
CA ILE R 183 8.43 -14.25 55.40
C ILE R 183 7.30 -13.23 55.38
N ALA R 184 6.60 -13.13 54.25
CA ALA R 184 5.51 -12.16 54.00
C ALA R 184 4.21 -12.66 54.61
N GLN R 185 3.37 -11.73 55.07
CA GLN R 185 2.06 -12.02 55.72
C GLN R 185 1.14 -12.72 54.72
N GLU R 186 1.20 -12.34 53.43
CA GLU R 186 0.46 -13.02 52.34
C GLU R 186 1.16 -12.77 51.01
N LYS S 1 -38.72 -45.58 -35.44
CA LYS S 1 -39.79 -44.58 -35.05
C LYS S 1 -39.29 -43.16 -35.41
N LEU S 2 -40.21 -42.34 -35.93
CA LEU S 2 -39.92 -40.98 -36.44
C LEU S 2 -39.83 -40.02 -35.34
N THR S 3 -40.06 -40.38 -34.07
CA THR S 3 -40.19 -39.44 -32.93
C THR S 3 -39.06 -39.69 -31.92
N LEU S 4 -38.40 -38.62 -31.50
CA LEU S 4 -37.33 -38.63 -30.48
C LEU S 4 -37.87 -37.88 -29.26
N TRP S 5 -37.86 -38.48 -28.06
CA TRP S 5 -38.54 -37.88 -26.88
C TRP S 5 -37.93 -38.33 -25.55
N THR S 6 -38.30 -37.64 -24.49
CA THR S 6 -38.18 -38.06 -23.08
C THR S 6 -39.31 -39.04 -22.82
N THR S 7 -39.07 -40.20 -22.25
CA THR S 7 -40.15 -41.15 -21.93
C THR S 7 -41.19 -40.36 -21.13
N LEU S 8 -42.42 -40.87 -21.04
CA LEU S 8 -43.52 -40.20 -20.28
C LEU S 8 -43.51 -40.71 -18.82
N ASP S 9 -42.58 -41.63 -18.51
CA ASP S 9 -42.27 -42.13 -17.14
C ASP S 9 -42.35 -40.94 -16.17
N PRO S 10 -43.09 -41.10 -15.03
CA PRO S 10 -43.33 -39.99 -14.10
C PRO S 10 -42.07 -39.50 -13.35
N SER S 11 -40.98 -40.27 -13.35
CA SER S 11 -39.75 -40.00 -12.55
C SER S 11 -38.99 -38.80 -13.10
N PRO S 12 -38.37 -38.00 -12.20
CA PRO S 12 -37.56 -36.85 -12.62
C PRO S 12 -36.43 -37.29 -13.54
N ASN S 13 -36.00 -36.40 -14.43
CA ASN S 13 -35.09 -36.74 -15.55
C ASN S 13 -34.15 -35.58 -15.89
N CYS S 14 -34.13 -34.50 -15.10
CA CYS S 14 -33.48 -33.23 -15.51
C CYS S 14 -32.87 -32.51 -14.30
N ARG S 15 -31.76 -31.80 -14.53
CA ARG S 15 -31.04 -30.96 -13.53
C ARG S 15 -31.17 -29.49 -13.93
N ILE S 16 -31.76 -28.67 -13.06
CA ILE S 16 -31.68 -27.19 -13.15
C ILE S 16 -30.49 -26.74 -12.30
N ASP S 17 -30.53 -27.03 -11.00
CA ASP S 17 -29.41 -26.75 -10.04
C ASP S 17 -28.81 -28.07 -9.57
N VAL S 18 -29.65 -29.09 -9.42
CA VAL S 18 -29.35 -30.33 -8.65
C VAL S 18 -29.96 -31.53 -9.39
N ASP S 19 -29.28 -32.66 -9.35
CA ASP S 19 -29.67 -33.92 -10.05
C ASP S 19 -31.14 -34.20 -9.72
N LYS S 20 -31.97 -34.35 -10.74
CA LYS S 20 -33.37 -34.83 -10.66
C LYS S 20 -34.23 -33.86 -9.84
N ASP S 21 -34.12 -32.56 -10.09
CA ASP S 21 -34.97 -31.52 -9.44
C ASP S 21 -36.13 -31.16 -10.36
N SER S 22 -36.14 -31.68 -11.59
CA SER S 22 -37.11 -31.31 -12.64
C SER S 22 -37.42 -32.51 -13.53
N LYS S 23 -38.61 -32.49 -14.15
CA LYS S 23 -39.03 -33.45 -15.19
C LYS S 23 -39.38 -32.67 -16.47
N LEU S 24 -38.51 -32.73 -17.46
CA LEU S 24 -38.73 -32.18 -18.82
C LEU S 24 -39.48 -33.22 -19.65
N THR S 25 -40.57 -32.82 -20.28
CA THR S 25 -41.26 -33.61 -21.32
C THR S 25 -41.03 -32.91 -22.65
N LEU S 26 -40.17 -33.47 -23.49
CA LEU S 26 -39.82 -32.93 -24.82
C LEU S 26 -40.08 -34.01 -25.86
N VAL S 27 -40.89 -33.71 -26.86
CA VAL S 27 -41.20 -34.62 -27.99
C VAL S 27 -40.80 -33.92 -29.28
N LEU S 28 -39.84 -34.49 -30.01
CA LEU S 28 -39.42 -34.02 -31.35
C LEU S 28 -39.93 -35.03 -32.36
N THR S 29 -40.90 -34.63 -33.18
CA THR S 29 -41.46 -35.45 -34.27
C THR S 29 -40.95 -34.88 -35.60
N LYS S 30 -40.30 -35.72 -36.41
CA LYS S 30 -39.78 -35.34 -37.74
C LYS S 30 -40.91 -35.41 -38.76
N CYS S 31 -41.30 -34.26 -39.31
N CYS S 31 -41.31 -34.26 -39.31
CA CYS S 31 -42.21 -34.14 -40.48
CA CYS S 31 -42.21 -34.16 -40.48
C CYS S 31 -41.43 -33.53 -41.64
C CYS S 31 -41.42 -33.54 -41.64
N GLY S 32 -40.74 -34.38 -42.41
CA GLY S 32 -39.84 -33.95 -43.49
C GLY S 32 -38.73 -33.08 -42.95
N SER S 33 -38.61 -31.87 -43.48
CA SER S 33 -37.47 -30.94 -43.25
C SER S 33 -37.72 -30.06 -42.02
N GLN S 34 -38.86 -30.24 -41.35
CA GLN S 34 -39.16 -29.54 -40.07
C GLN S 34 -39.33 -30.55 -38.94
N ILE S 35 -38.89 -30.19 -37.75
CA ILE S 35 -39.15 -30.92 -36.47
C ILE S 35 -40.30 -30.23 -35.77
N LEU S 36 -41.40 -30.94 -35.54
CA LEU S 36 -42.53 -30.50 -34.72
C LEU S 36 -42.19 -30.84 -33.26
N ALA S 37 -42.05 -29.82 -32.42
CA ALA S 37 -41.57 -29.95 -31.02
C ALA S 37 -42.70 -29.62 -30.05
N ASN S 38 -42.76 -30.31 -28.93
CA ASN S 38 -43.77 -30.14 -27.86
C ASN S 38 -43.04 -30.25 -26.53
N VAL S 39 -43.20 -29.27 -25.66
CA VAL S 39 -42.40 -29.19 -24.40
C VAL S 39 -43.30 -28.74 -23.24
N SER S 40 -43.11 -29.39 -22.09
CA SER S 40 -43.64 -29.00 -20.77
C SER S 40 -42.55 -29.26 -19.74
N LEU S 41 -42.62 -28.60 -18.59
CA LEU S 41 -41.61 -28.72 -17.52
C LEU S 41 -42.30 -28.66 -16.17
N LEU S 42 -42.00 -29.63 -15.32
CA LEU S 42 -42.39 -29.66 -13.89
C LEU S 42 -41.11 -29.66 -13.04
N VAL S 43 -41.03 -28.78 -12.05
CA VAL S 43 -39.95 -28.79 -11.01
C VAL S 43 -40.49 -29.55 -9.80
N VAL S 44 -39.78 -30.61 -9.36
CA VAL S 44 -40.30 -31.57 -8.35
C VAL S 44 -39.69 -31.29 -6.98
N LYS S 45 -38.54 -30.63 -6.93
CA LYS S 45 -37.87 -30.22 -5.65
C LYS S 45 -36.92 -29.06 -5.91
N GLY S 46 -36.32 -28.52 -4.85
CA GLY S 46 -35.38 -27.40 -4.90
C GLY S 46 -36.11 -26.05 -4.90
N ARG S 47 -35.34 -24.99 -5.08
CA ARG S 47 -35.77 -23.59 -4.82
C ARG S 47 -36.84 -23.16 -5.81
N PHE S 48 -36.95 -23.80 -6.98
CA PHE S 48 -37.89 -23.39 -8.06
C PHE S 48 -39.18 -24.22 -8.02
N GLN S 49 -39.28 -25.19 -7.11
CA GLN S 49 -40.48 -26.06 -7.05
C GLN S 49 -41.71 -25.22 -6.72
N ASN S 50 -41.56 -24.36 -5.72
CA ASN S 50 -42.62 -23.45 -5.21
C ASN S 50 -42.04 -22.04 -5.19
N LEU S 51 -42.49 -21.18 -6.10
CA LEU S 51 -41.97 -19.80 -6.26
C LEU S 51 -42.66 -18.91 -5.23
N ASN S 52 -41.88 -18.26 -4.37
CA ASN S 52 -42.41 -17.25 -3.43
C ASN S 52 -41.38 -16.13 -3.28
N TYR S 53 -41.62 -15.02 -3.96
CA TYR S 53 -40.70 -13.84 -4.00
C TYR S 53 -41.00 -12.92 -2.84
N LYS S 54 -42.06 -13.18 -2.08
CA LYS S 54 -42.35 -12.44 -0.81
C LYS S 54 -41.49 -12.99 0.30
N THR S 55 -41.25 -14.30 0.31
CA THR S 55 -40.57 -15.02 1.42
C THR S 55 -39.10 -15.29 1.11
N ASN S 56 -38.73 -15.45 -0.17
N ASN S 56 -38.74 -15.47 -0.17
CA ASN S 56 -37.32 -15.70 -0.59
CA ASN S 56 -37.32 -15.71 -0.59
C ASN S 56 -36.86 -14.56 -1.49
C ASN S 56 -36.86 -14.56 -1.49
N PRO S 57 -36.06 -13.62 -0.94
CA PRO S 57 -35.64 -12.45 -1.68
C PRO S 57 -34.46 -12.72 -2.65
N ASN S 58 -33.78 -13.85 -2.45
CA ASN S 58 -32.58 -14.24 -3.22
C ASN S 58 -32.96 -15.07 -4.45
N LEU S 59 -34.24 -15.35 -4.67
CA LEU S 59 -34.66 -16.31 -5.71
C LEU S 59 -34.57 -15.66 -7.09
N PRO S 60 -33.79 -16.25 -8.03
CA PRO S 60 -33.78 -15.79 -9.41
C PRO S 60 -35.17 -15.92 -10.04
N LYS S 61 -35.40 -15.25 -11.16
CA LYS S 61 -36.61 -15.39 -11.98
C LYS S 61 -36.24 -15.92 -13.36
N THR S 62 -35.24 -16.79 -13.40
CA THR S 62 -34.79 -17.47 -14.63
C THR S 62 -34.03 -18.74 -14.26
N PHE S 63 -34.09 -19.72 -15.13
CA PHE S 63 -33.13 -20.84 -15.20
C PHE S 63 -33.06 -21.29 -16.66
N THR S 64 -32.00 -22.02 -17.00
CA THR S 64 -31.75 -22.52 -18.37
C THR S 64 -31.50 -24.02 -18.35
N ILE S 65 -32.23 -24.75 -19.17
CA ILE S 65 -32.02 -26.19 -19.45
C ILE S 65 -31.41 -26.31 -20.84
N LYS S 66 -30.25 -26.95 -20.96
CA LYS S 66 -29.51 -27.13 -22.24
C LYS S 66 -29.51 -28.60 -22.66
N LEU S 67 -29.89 -28.87 -23.90
CA LEU S 67 -29.64 -30.17 -24.59
C LEU S 67 -28.48 -29.98 -25.56
N LEU S 68 -27.36 -30.64 -25.30
CA LEU S 68 -26.12 -30.57 -26.11
C LEU S 68 -25.98 -31.87 -26.89
N PHE S 69 -25.69 -31.77 -28.19
CA PHE S 69 -25.60 -32.93 -29.13
C PHE S 69 -24.24 -32.93 -29.85
N ASP S 70 -23.70 -34.12 -30.10
CA ASP S 70 -22.42 -34.34 -30.85
C ASP S 70 -22.76 -34.42 -32.34
N GLU S 71 -21.75 -34.63 -33.21
CA GLU S 71 -21.86 -34.54 -34.69
C GLU S 71 -22.91 -35.55 -35.20
N ASN S 72 -23.24 -36.57 -34.39
CA ASN S 72 -24.20 -37.65 -34.74
C ASN S 72 -25.58 -37.41 -34.11
N GLY S 73 -25.78 -36.29 -33.42
CA GLY S 73 -27.06 -35.95 -32.77
C GLY S 73 -27.30 -36.77 -31.51
N ILE S 74 -26.24 -37.35 -30.92
CA ILE S 74 -26.30 -38.03 -29.59
C ILE S 74 -26.30 -36.97 -28.50
N LEU S 75 -27.20 -37.09 -27.53
CA LEU S 75 -27.26 -36.20 -26.35
C LEU S 75 -26.03 -36.46 -25.48
N LYS S 76 -25.36 -35.39 -25.03
CA LYS S 76 -24.10 -35.46 -24.26
C LYS S 76 -24.40 -35.37 -22.77
N ASP S 77 -23.54 -35.98 -21.94
CA ASP S 77 -23.64 -36.04 -20.45
C ASP S 77 -23.72 -34.63 -19.87
N SER S 78 -23.07 -33.66 -20.51
CA SER S 78 -23.01 -32.24 -20.04
C SER S 78 -24.39 -31.58 -20.14
N SER S 79 -25.32 -32.19 -20.87
CA SER S 79 -26.72 -31.74 -20.97
C SER S 79 -27.36 -31.71 -19.59
N ASN S 80 -28.36 -30.86 -19.41
CA ASN S 80 -29.17 -30.78 -18.17
C ASN S 80 -30.09 -31.99 -18.11
N LEU S 81 -30.56 -32.46 -19.27
CA LEU S 81 -31.42 -33.65 -19.40
C LEU S 81 -30.56 -34.92 -19.23
N ASP S 82 -30.98 -35.83 -18.37
CA ASP S 82 -30.34 -37.15 -18.14
C ASP S 82 -30.42 -37.96 -19.42
N LYS S 83 -29.27 -38.47 -19.89
CA LYS S 83 -29.11 -39.22 -21.16
C LYS S 83 -30.07 -40.43 -21.19
N ASN S 84 -30.38 -41.00 -20.02
CA ASN S 84 -31.10 -42.29 -19.85
C ASN S 84 -32.60 -42.13 -20.14
N TYR S 85 -33.09 -40.89 -20.24
CA TYR S 85 -34.53 -40.58 -20.39
C TYR S 85 -34.79 -39.98 -21.77
N TRP S 86 -33.93 -40.29 -22.75
CA TRP S 86 -33.94 -39.67 -24.09
C TRP S 86 -33.65 -40.72 -25.14
N ASN S 87 -34.62 -41.04 -25.99
CA ASN S 87 -34.51 -42.15 -26.98
C ASN S 87 -35.68 -42.05 -27.96
N TYR S 88 -35.67 -42.87 -29.01
CA TYR S 88 -36.81 -43.00 -29.96
C TYR S 88 -38.00 -43.60 -29.21
N ARG S 89 -39.22 -43.37 -29.72
CA ARG S 89 -40.48 -43.87 -29.10
C ARG S 89 -40.78 -45.31 -29.49
N ASN S 90 -41.33 -46.04 -28.53
CA ASN S 90 -41.52 -47.53 -28.51
C ASN S 90 -42.64 -47.82 -27.48
N GLY S 91 -43.67 -46.96 -27.49
CA GLY S 91 -44.84 -47.03 -26.58
C GLY S 91 -45.00 -45.72 -25.82
N ASN S 92 -45.05 -45.77 -24.49
CA ASN S 92 -45.07 -44.58 -23.58
C ASN S 92 -43.66 -44.46 -22.93
N SER S 93 -42.71 -45.29 -23.40
CA SER S 93 -41.28 -45.34 -22.94
C SER S 93 -40.33 -45.45 -24.15
N ILE S 94 -39.03 -45.63 -23.88
CA ILE S 94 -37.89 -45.70 -24.85
C ILE S 94 -37.28 -47.12 -24.74
N LEU S 95 -36.50 -47.56 -25.73
CA LEU S 95 -35.79 -48.86 -25.66
C LEU S 95 -34.60 -48.73 -24.68
N ALA S 96 -33.90 -49.84 -24.41
CA ALA S 96 -32.79 -49.98 -23.44
C ALA S 96 -31.57 -49.17 -23.92
N GLU S 97 -30.92 -49.65 -25.00
CA GLU S 97 -29.68 -49.10 -25.59
C GLU S 97 -29.95 -47.70 -26.18
N GLN S 98 -29.08 -46.74 -25.84
CA GLN S 98 -28.97 -45.39 -26.45
C GLN S 98 -28.95 -45.55 -27.97
N TYR S 99 -29.53 -44.61 -28.72
CA TYR S 99 -29.57 -44.58 -30.20
C TYR S 99 -28.16 -44.29 -30.75
N LYS S 100 -28.02 -44.34 -32.09
CA LYS S 100 -26.71 -44.23 -32.79
C LYS S 100 -26.66 -43.00 -33.70
N ASN S 101 -27.73 -42.63 -34.41
CA ASN S 101 -27.78 -41.41 -35.27
C ASN S 101 -29.13 -40.70 -35.13
N ALA S 102 -29.11 -39.37 -34.99
CA ALA S 102 -30.32 -38.52 -34.84
C ALA S 102 -30.11 -37.16 -35.51
N VAL S 103 -29.26 -37.11 -36.54
CA VAL S 103 -28.88 -35.84 -37.24
C VAL S 103 -30.12 -35.26 -37.94
N GLY S 104 -31.11 -36.10 -38.25
CA GLY S 104 -32.38 -35.69 -38.87
C GLY S 104 -33.25 -34.89 -37.92
N PHE S 105 -32.91 -34.89 -36.63
CA PHE S 105 -33.67 -34.19 -35.57
C PHE S 105 -32.91 -32.94 -35.11
N MET S 106 -31.68 -32.73 -35.59
CA MET S 106 -30.84 -31.61 -35.13
C MET S 106 -31.25 -30.32 -35.83
N PRO S 107 -31.12 -29.17 -35.15
CA PRO S 107 -31.39 -27.89 -35.75
C PRO S 107 -30.35 -27.55 -36.82
N ASN S 108 -30.82 -27.30 -38.03
CA ASN S 108 -30.04 -27.03 -39.26
C ASN S 108 -28.97 -25.95 -38.97
N LEU S 109 -27.71 -26.24 -39.27
CA LEU S 109 -26.54 -25.35 -39.02
C LEU S 109 -26.53 -24.16 -40.01
N ALA S 110 -27.11 -24.33 -41.20
CA ALA S 110 -27.19 -23.25 -42.22
C ALA S 110 -28.25 -22.24 -41.77
N ALA S 111 -29.40 -22.73 -41.31
CA ALA S 111 -30.54 -21.93 -40.80
C ALA S 111 -30.15 -21.26 -39.49
N TYR S 112 -29.46 -21.99 -38.63
CA TYR S 112 -29.10 -21.59 -37.24
C TYR S 112 -27.60 -21.73 -37.02
N PRO S 113 -26.78 -20.84 -37.60
CA PRO S 113 -25.33 -20.93 -37.46
C PRO S 113 -24.88 -20.79 -36.02
N LYS S 114 -23.78 -21.45 -35.66
CA LYS S 114 -23.06 -21.21 -34.38
C LYS S 114 -22.36 -19.86 -34.48
N SER S 115 -22.15 -19.20 -33.35
CA SER S 115 -21.47 -17.89 -33.25
C SER S 115 -20.01 -18.05 -33.60
N THR S 116 -19.54 -17.40 -34.69
CA THR S 116 -18.13 -17.50 -35.17
C THR S 116 -17.38 -16.29 -34.62
N THR S 117 -18.04 -15.46 -33.78
CA THR S 117 -17.50 -14.17 -33.27
C THR S 117 -16.85 -14.44 -31.89
N THR S 118 -16.00 -13.50 -31.45
CA THR S 118 -15.47 -13.36 -30.05
C THR S 118 -16.61 -13.54 -29.02
N GLN S 119 -17.83 -13.05 -29.34
CA GLN S 119 -19.01 -13.11 -28.45
C GLN S 119 -20.30 -13.57 -29.19
N SER S 120 -21.13 -14.27 -28.44
CA SER S 120 -22.35 -15.00 -28.84
C SER S 120 -23.56 -14.04 -29.09
N LYS S 121 -23.39 -13.27 -30.15
CA LYS S 121 -24.54 -12.59 -30.92
C LYS S 121 -24.88 -13.45 -32.14
N LEU S 122 -25.91 -14.30 -32.05
CA LEU S 122 -26.49 -15.15 -33.12
C LEU S 122 -27.40 -14.27 -33.98
N TYR S 123 -27.86 -14.75 -35.15
CA TYR S 123 -29.06 -14.23 -35.84
C TYR S 123 -30.28 -14.43 -34.92
N ALA S 124 -31.31 -13.64 -35.13
CA ALA S 124 -32.56 -13.70 -34.36
C ALA S 124 -33.31 -15.01 -34.68
N ARG S 125 -33.16 -15.55 -35.90
CA ARG S 125 -33.96 -16.72 -36.35
C ARG S 125 -33.54 -17.98 -35.60
N ASN S 126 -32.37 -17.95 -34.94
CA ASN S 126 -31.89 -19.05 -34.04
C ASN S 126 -32.83 -19.17 -32.85
N THR S 127 -33.69 -18.18 -32.59
CA THR S 127 -34.48 -18.05 -31.35
C THR S 127 -35.99 -18.12 -31.62
N ILE S 128 -36.73 -18.81 -30.76
CA ILE S 128 -38.22 -18.82 -30.70
C ILE S 128 -38.63 -18.34 -29.32
N PHE S 129 -39.59 -17.44 -29.23
CA PHE S 129 -40.21 -17.01 -27.97
C PHE S 129 -41.62 -17.60 -27.89
N GLY S 130 -42.02 -18.01 -26.70
CA GLY S 130 -43.37 -18.46 -26.40
C GLY S 130 -43.80 -18.04 -25.02
N ASN S 131 -45.10 -17.87 -24.83
CA ASN S 131 -45.72 -17.69 -23.50
C ASN S 131 -46.29 -19.02 -23.04
N ILE S 132 -45.86 -19.47 -21.88
CA ILE S 132 -46.42 -20.63 -21.16
C ILE S 132 -46.89 -20.17 -19.78
N TYR S 133 -47.57 -21.03 -19.06
CA TYR S 133 -48.30 -20.66 -17.84
C TYR S 133 -48.10 -21.72 -16.77
N LEU S 134 -47.96 -21.27 -15.52
CA LEU S 134 -47.80 -22.15 -14.35
C LEU S 134 -49.17 -22.49 -13.77
N ASP S 135 -49.39 -23.77 -13.48
CA ASP S 135 -50.54 -24.25 -12.68
C ASP S 135 -51.83 -24.02 -13.44
N SER S 136 -51.77 -24.01 -14.77
CA SER S 136 -52.93 -23.97 -15.70
C SER S 136 -53.73 -22.68 -15.54
N GLN S 137 -53.08 -21.58 -15.17
CA GLN S 137 -53.74 -20.25 -14.99
C GLN S 137 -53.15 -19.24 -15.96
N ALA S 138 -54.01 -18.56 -16.69
CA ALA S 138 -53.65 -17.53 -17.69
C ALA S 138 -52.88 -16.40 -17.02
N TYR S 139 -52.98 -16.24 -15.69
CA TYR S 139 -52.40 -15.09 -14.97
C TYR S 139 -51.06 -15.44 -14.34
N ASN S 140 -50.46 -16.58 -14.70
CA ASN S 140 -49.10 -16.96 -14.28
C ASN S 140 -48.21 -17.15 -15.51
N PRO S 141 -47.97 -16.09 -16.30
CA PRO S 141 -47.14 -16.22 -17.49
C PRO S 141 -45.68 -16.47 -17.18
N VAL S 142 -45.04 -17.26 -18.03
CA VAL S 142 -43.57 -17.48 -18.09
C VAL S 142 -43.15 -17.39 -19.55
N VAL S 143 -42.05 -16.73 -19.83
CA VAL S 143 -41.49 -16.62 -21.20
C VAL S 143 -40.52 -17.80 -21.40
N ILE S 144 -40.77 -18.62 -22.41
CA ILE S 144 -39.80 -19.66 -22.85
C ILE S 144 -39.07 -19.12 -24.06
N LYS S 145 -37.74 -19.08 -23.97
CA LYS S 145 -36.84 -18.65 -25.04
C LYS S 145 -36.04 -19.86 -25.50
N ILE S 146 -36.36 -20.37 -26.67
CA ILE S 146 -35.68 -21.54 -27.30
C ILE S 146 -34.65 -21.01 -28.27
N THR S 147 -33.39 -21.37 -28.07
CA THR S 147 -32.27 -20.94 -28.94
C THR S 147 -31.52 -22.17 -29.45
N PHE S 148 -31.23 -22.20 -30.75
CA PHE S 148 -30.54 -23.32 -31.43
C PHE S 148 -29.06 -22.97 -31.66
N ASN S 149 -28.16 -23.89 -31.28
CA ASN S 149 -26.74 -23.93 -31.68
C ASN S 149 -26.00 -22.73 -31.08
N GLN S 150 -26.33 -22.39 -29.86
CA GLN S 150 -25.74 -21.25 -29.11
C GLN S 150 -24.51 -21.73 -28.33
N GLU S 151 -24.49 -23.02 -27.92
CA GLU S 151 -23.50 -23.57 -26.99
C GLU S 151 -22.19 -23.92 -27.67
N ALA S 152 -21.11 -23.43 -27.07
CA ALA S 152 -19.72 -23.99 -27.07
C ALA S 152 -19.62 -25.49 -26.63
N ASP S 153 -18.72 -26.22 -27.23
CA ASP S 153 -18.45 -27.64 -26.89
C ASP S 153 -19.69 -28.43 -27.33
N SER S 154 -20.35 -28.13 -28.47
CA SER S 154 -21.34 -29.05 -29.05
C SER S 154 -21.55 -28.77 -30.54
N ALA S 155 -21.72 -29.79 -31.35
CA ALA S 155 -22.01 -29.66 -32.81
C ALA S 155 -23.38 -28.98 -32.97
N TYR S 156 -24.29 -29.34 -32.09
CA TYR S 156 -25.72 -28.91 -32.08
C TYR S 156 -26.16 -28.63 -30.64
N SER S 157 -27.13 -27.75 -30.43
CA SER S 157 -27.73 -27.51 -29.09
C SER S 157 -29.15 -26.96 -29.21
N ILE S 158 -30.00 -27.35 -28.28
CA ILE S 158 -31.31 -26.74 -27.99
C ILE S 158 -31.25 -26.18 -26.56
N THR S 159 -31.32 -24.86 -26.43
CA THR S 159 -31.29 -24.15 -25.13
C THR S 159 -32.72 -23.69 -24.81
N LEU S 160 -33.25 -24.12 -23.66
CA LEU S 160 -34.57 -23.69 -23.13
C LEU S 160 -34.34 -22.72 -21.97
N ASN S 161 -34.48 -21.43 -22.22
CA ASN S 161 -34.39 -20.39 -21.18
C ASN S 161 -35.81 -20.04 -20.71
N TYR S 162 -36.06 -20.18 -19.42
CA TYR S 162 -37.32 -19.80 -18.76
C TYR S 162 -37.07 -18.55 -17.92
N SER S 163 -37.94 -17.55 -18.04
CA SER S 163 -37.87 -16.31 -17.24
C SER S 163 -39.28 -15.76 -17.02
N TRP S 164 -39.46 -14.93 -16.00
CA TRP S 164 -40.75 -14.34 -15.64
C TRP S 164 -40.53 -13.04 -14.91
N GLY S 165 -41.57 -12.19 -14.81
CA GLY S 165 -41.48 -10.87 -14.16
C GLY S 165 -42.22 -10.83 -12.83
N LYS S 166 -43.30 -11.59 -12.68
CA LYS S 166 -44.25 -11.43 -11.53
C LYS S 166 -43.59 -11.89 -10.25
N ASP S 167 -43.89 -11.22 -9.15
CA ASP S 167 -43.50 -11.65 -7.79
C ASP S 167 -44.45 -12.75 -7.33
N TYR S 168 -44.39 -13.91 -7.97
CA TYR S 168 -45.24 -15.07 -7.69
C TYR S 168 -45.20 -15.37 -6.19
N GLU S 169 -46.35 -15.72 -5.62
CA GLU S 169 -46.49 -16.10 -4.18
C GLU S 169 -47.06 -17.52 -4.09
N ASN S 170 -46.19 -18.51 -3.84
CA ASN S 170 -46.53 -19.96 -3.67
C ASN S 170 -47.17 -20.49 -4.94
N ILE S 171 -46.51 -20.28 -6.07
CA ILE S 171 -46.93 -20.83 -7.38
C ILE S 171 -45.96 -21.96 -7.72
N PRO S 172 -46.46 -23.17 -8.00
CA PRO S 172 -45.60 -24.28 -8.37
C PRO S 172 -45.10 -24.08 -9.80
N PHE S 173 -43.82 -24.31 -10.07
CA PHE S 173 -43.32 -24.33 -11.47
C PHE S 173 -43.77 -25.64 -12.10
N ASP S 174 -45.01 -25.64 -12.53
CA ASP S 174 -45.68 -26.75 -13.23
C ASP S 174 -46.28 -26.15 -14.50
N SER S 175 -45.57 -26.24 -15.63
CA SER S 175 -45.83 -25.43 -16.85
C SER S 175 -46.87 -26.11 -17.74
N THR S 176 -47.62 -25.31 -18.48
CA THR S 176 -48.48 -25.77 -19.59
C THR S 176 -47.58 -26.19 -20.76
N SER S 177 -48.17 -26.81 -21.76
CA SER S 177 -47.48 -27.37 -22.95
C SER S 177 -47.42 -26.31 -24.04
N PHE S 178 -46.33 -26.27 -24.79
CA PHE S 178 -46.05 -25.34 -25.89
C PHE S 178 -45.53 -26.13 -27.09
N THR S 179 -46.02 -25.81 -28.27
CA THR S 179 -45.61 -26.40 -29.56
C THR S 179 -44.81 -25.36 -30.37
N PHE S 180 -43.75 -25.81 -31.02
CA PHE S 180 -42.96 -25.00 -31.97
C PHE S 180 -42.38 -25.94 -33.03
N SER S 181 -41.79 -25.39 -34.07
CA SER S 181 -41.05 -26.17 -35.10
C SER S 181 -39.71 -25.49 -35.37
N TYR S 182 -38.78 -26.23 -35.95
CA TYR S 182 -37.50 -25.72 -36.44
C TYR S 182 -37.06 -26.54 -37.65
N ILE S 183 -36.18 -25.97 -38.46
CA ILE S 183 -35.66 -26.56 -39.71
C ILE S 183 -34.62 -27.64 -39.33
N ALA S 184 -34.78 -28.84 -39.88
CA ALA S 184 -33.94 -30.03 -39.59
C ALA S 184 -32.66 -29.97 -40.42
N GLN S 185 -31.56 -30.48 -39.85
CA GLN S 185 -30.23 -30.51 -40.48
C GLN S 185 -30.28 -31.34 -41.77
N GLU S 186 -31.05 -32.42 -41.78
CA GLU S 186 -31.32 -33.23 -43.02
C GLU S 186 -32.66 -33.94 -42.89
N LYS T 1 -50.45 -39.84 -42.04
CA LYS T 1 -50.88 -38.85 -43.08
C LYS T 1 -52.35 -38.44 -42.83
N LEU T 2 -53.16 -39.38 -42.30
CA LEU T 2 -54.64 -39.26 -42.26
C LEU T 2 -55.06 -38.07 -41.37
N THR T 3 -56.08 -37.35 -41.81
CA THR T 3 -56.60 -36.11 -41.19
C THR T 3 -58.04 -36.34 -40.73
N LEU T 4 -58.33 -35.96 -39.51
CA LEU T 4 -59.68 -36.03 -38.88
C LEU T 4 -60.16 -34.58 -38.68
N TRP T 5 -61.32 -34.20 -39.20
CA TRP T 5 -61.74 -32.77 -39.20
C TRP T 5 -63.27 -32.59 -39.22
N THR T 6 -63.70 -31.37 -38.95
CA THR T 6 -65.04 -30.82 -39.26
C THR T 6 -65.04 -30.48 -40.74
N THR T 7 -66.02 -30.90 -41.51
CA THR T 7 -66.06 -30.52 -42.95
C THR T 7 -65.95 -29.01 -43.00
N LEU T 8 -65.60 -28.44 -44.16
CA LEU T 8 -65.47 -26.96 -44.33
C LEU T 8 -66.82 -26.36 -44.75
N ASP T 9 -67.84 -27.23 -44.90
CA ASP T 9 -69.26 -26.86 -45.13
C ASP T 9 -69.58 -25.61 -44.31
N PRO T 10 -70.19 -24.56 -44.93
CA PRO T 10 -70.43 -23.29 -44.23
C PRO T 10 -71.46 -23.34 -43.09
N SER T 11 -72.27 -24.41 -43.02
CA SER T 11 -73.42 -24.53 -42.09
C SER T 11 -72.94 -24.72 -40.66
N PRO T 12 -73.68 -24.17 -39.66
CA PRO T 12 -73.36 -24.34 -38.26
C PRO T 12 -73.33 -25.83 -37.88
N ASN T 13 -72.52 -26.17 -36.89
CA ASN T 13 -72.18 -27.58 -36.56
C ASN T 13 -71.95 -27.78 -35.06
N CYS T 14 -72.22 -26.79 -34.22
CA CYS T 14 -71.77 -26.77 -32.80
C CYS T 14 -72.81 -26.09 -31.90
N ARG T 15 -72.91 -26.56 -30.65
CA ARG T 15 -73.79 -26.00 -29.59
C ARG T 15 -72.92 -25.40 -28.48
N ILE T 16 -73.04 -24.10 -28.22
CA ILE T 16 -72.51 -23.45 -27.00
C ILE T 16 -73.62 -23.46 -25.93
N ASP T 17 -74.75 -22.81 -26.23
CA ASP T 17 -75.97 -22.80 -25.37
C ASP T 17 -77.09 -23.56 -26.07
N VAL T 18 -77.14 -23.47 -27.40
CA VAL T 18 -78.33 -23.81 -28.23
C VAL T 18 -77.86 -24.49 -29.51
N ASP T 19 -78.60 -25.49 -29.99
CA ASP T 19 -78.27 -26.26 -31.22
C ASP T 19 -77.91 -25.30 -32.35
N LYS T 20 -76.74 -25.45 -32.94
CA LYS T 20 -76.30 -24.77 -34.17
C LYS T 20 -76.20 -23.26 -33.95
N ASP T 21 -75.62 -22.82 -32.83
CA ASP T 21 -75.38 -21.38 -32.55
C ASP T 21 -73.95 -21.01 -32.95
N SER T 22 -73.14 -22.00 -33.33
CA SER T 22 -71.69 -21.83 -33.60
C SER T 22 -71.24 -22.77 -34.71
N LYS T 23 -70.15 -22.39 -35.40
CA LYS T 23 -69.44 -23.23 -36.39
C LYS T 23 -67.97 -23.37 -35.95
N LEU T 24 -67.62 -24.55 -35.44
CA LEU T 24 -66.23 -24.94 -35.10
C LEU T 24 -65.57 -25.50 -36.35
N THR T 25 -64.39 -24.98 -36.70
CA THR T 25 -63.49 -25.58 -37.72
C THR T 25 -62.28 -26.14 -36.99
N LEU T 26 -62.21 -27.45 -36.88
CA LEU T 26 -61.10 -28.17 -36.18
C LEU T 26 -60.52 -29.19 -37.16
N VAL T 27 -59.22 -29.11 -37.39
CA VAL T 27 -58.47 -30.08 -38.23
C VAL T 27 -57.39 -30.73 -37.37
N LEU T 28 -57.46 -32.04 -37.21
CA LEU T 28 -56.42 -32.86 -36.54
C LEU T 28 -55.68 -33.65 -37.60
N THR T 29 -54.42 -33.33 -37.85
CA THR T 29 -53.55 -34.05 -38.80
C THR T 29 -52.52 -34.85 -38.00
N LYS T 30 -52.47 -36.16 -38.22
CA LYS T 30 -51.52 -37.07 -37.54
C LYS T 30 -50.18 -37.00 -38.25
N CYS T 31 -49.15 -36.48 -37.58
N CYS T 31 -49.15 -36.49 -37.57
CA CYS T 31 -47.73 -36.54 -38.01
CA CYS T 31 -47.74 -36.55 -38.01
C CYS T 31 -46.95 -37.40 -37.01
C CYS T 31 -46.96 -37.40 -37.00
N GLY T 32 -46.96 -38.72 -37.21
CA GLY T 32 -46.36 -39.68 -36.28
C GLY T 32 -47.02 -39.62 -34.92
N SER T 33 -46.23 -39.37 -33.88
CA SER T 33 -46.64 -39.45 -32.45
C SER T 33 -47.22 -38.11 -31.98
N GLN T 34 -47.30 -37.11 -32.84
CA GLN T 34 -47.96 -35.80 -32.52
C GLN T 34 -49.12 -35.57 -33.46
N ILE T 35 -50.18 -34.96 -32.95
CA ILE T 35 -51.34 -34.43 -33.73
C ILE T 35 -51.13 -32.94 -33.93
N LEU T 36 -51.03 -32.50 -35.17
CA LEU T 36 -51.02 -31.07 -35.56
C LEU T 36 -52.46 -30.60 -35.66
N ALA T 37 -52.88 -29.67 -34.80
CA ALA T 37 -54.28 -29.20 -34.66
C ALA T 37 -54.38 -27.75 -35.13
N ASN T 38 -55.49 -27.42 -35.78
CA ASN T 38 -55.79 -26.06 -36.30
C ASN T 38 -57.26 -25.79 -36.01
N VAL T 39 -57.56 -24.68 -35.35
CA VAL T 39 -58.94 -24.39 -34.85
C VAL T 39 -59.30 -22.92 -35.08
N SER T 40 -60.54 -22.69 -35.51
CA SER T 40 -61.22 -21.38 -35.57
C SER T 40 -62.67 -21.59 -35.15
N LEU T 41 -63.32 -20.53 -34.68
CA LEU T 41 -64.70 -20.59 -34.17
C LEU T 41 -65.45 -19.33 -34.58
N LEU T 42 -66.62 -19.50 -35.17
CA LEU T 42 -67.60 -18.43 -35.48
C LEU T 42 -68.89 -18.72 -34.71
N VAL T 43 -69.42 -17.74 -33.98
CA VAL T 43 -70.78 -17.81 -33.37
C VAL T 43 -71.75 -17.13 -34.33
N VAL T 44 -72.80 -17.84 -34.75
CA VAL T 44 -73.71 -17.40 -35.86
C VAL T 44 -75.01 -16.82 -35.28
N LYS T 45 -75.38 -17.19 -34.05
CA LYS T 45 -76.56 -16.65 -33.35
C LYS T 45 -76.40 -16.83 -31.84
N GLY T 46 -77.36 -16.30 -31.07
CA GLY T 46 -77.39 -16.34 -29.61
C GLY T 46 -76.61 -15.21 -28.98
N ARG T 47 -76.47 -15.25 -27.66
CA ARG T 47 -76.00 -14.14 -26.83
C ARG T 47 -74.52 -13.83 -27.10
N PHE T 48 -73.76 -14.76 -27.66
CA PHE T 48 -72.29 -14.61 -27.88
C PHE T 48 -71.99 -14.21 -29.33
N GLN T 49 -73.00 -14.09 -30.18
CA GLN T 49 -72.77 -13.74 -31.60
C GLN T 49 -72.17 -12.33 -31.66
N ASN T 50 -72.75 -11.41 -30.92
CA ASN T 50 -72.35 -9.99 -30.86
C ASN T 50 -72.13 -9.61 -29.39
N LEU T 51 -70.89 -9.43 -28.98
CA LEU T 51 -70.52 -9.12 -27.57
C LEU T 51 -70.71 -7.65 -27.31
N ASN T 52 -71.54 -7.29 -26.35
CA ASN T 52 -71.70 -5.88 -25.89
C ASN T 52 -71.91 -5.86 -24.38
N TYR T 53 -70.85 -5.56 -23.63
CA TYR T 53 -70.82 -5.55 -22.16
C TYR T 53 -71.27 -4.20 -21.63
N LYS T 54 -71.46 -3.23 -22.51
CA LYS T 54 -72.05 -1.91 -22.12
C LYS T 54 -73.56 -2.05 -22.01
N THR T 55 -74.16 -2.86 -22.90
CA THR T 55 -75.62 -2.96 -23.04
C THR T 55 -76.16 -4.20 -22.32
N ASN T 56 -75.38 -5.29 -22.21
N ASN T 56 -75.38 -5.29 -22.21
CA ASN T 56 -75.79 -6.52 -21.50
CA ASN T 56 -75.80 -6.52 -21.51
C ASN T 56 -74.86 -6.77 -20.33
C ASN T 56 -74.86 -6.77 -20.33
N PRO T 57 -75.28 -6.44 -19.09
CA PRO T 57 -74.42 -6.59 -17.93
C PRO T 57 -74.38 -8.05 -17.40
N ASN T 58 -75.30 -8.90 -17.85
CA ASN T 58 -75.44 -10.29 -17.39
C ASN T 58 -74.64 -11.25 -18.30
N LEU T 59 -73.95 -10.74 -19.31
CA LEU T 59 -73.29 -11.61 -20.32
C LEU T 59 -72.01 -12.17 -19.73
N PRO T 60 -71.84 -13.51 -19.69
CA PRO T 60 -70.57 -14.11 -19.31
C PRO T 60 -69.45 -13.69 -20.25
N LYS T 61 -68.20 -13.88 -19.82
CA LYS T 61 -67.00 -13.66 -20.67
C LYS T 61 -66.26 -14.99 -20.83
N THR T 62 -67.02 -16.09 -20.91
CA THR T 62 -66.48 -17.43 -21.16
C THR T 62 -67.58 -18.33 -21.68
N PHE T 63 -67.19 -19.31 -22.48
CA PHE T 63 -67.98 -20.53 -22.78
C PHE T 63 -66.98 -21.66 -23.07
N THR T 64 -67.45 -22.89 -22.99
CA THR T 64 -66.64 -24.11 -23.18
C THR T 64 -67.30 -25.03 -24.20
N ILE T 65 -66.52 -25.42 -25.20
CA ILE T 65 -66.90 -26.43 -26.21
C ILE T 65 -66.10 -27.70 -25.91
N LYS T 66 -66.78 -28.83 -25.69
CA LYS T 66 -66.15 -30.13 -25.34
C LYS T 66 -66.31 -31.13 -26.49
N LEU T 67 -65.20 -31.76 -26.88
CA LEU T 67 -65.20 -32.99 -27.72
C LEU T 67 -64.91 -34.18 -26.81
N LEU T 68 -65.90 -35.07 -26.67
CA LEU T 68 -65.82 -36.28 -25.82
C LEU T 68 -65.68 -37.51 -26.73
N PHE T 69 -64.73 -38.39 -26.42
CA PHE T 69 -64.41 -39.59 -27.23
C PHE T 69 -64.49 -40.86 -26.36
N ASP T 70 -64.96 -41.97 -26.95
CA ASP T 70 -65.02 -43.30 -26.31
C ASP T 70 -63.68 -44.01 -26.51
N GLU T 71 -63.55 -45.25 -26.02
CA GLU T 71 -62.26 -46.00 -25.94
C GLU T 71 -61.67 -46.18 -27.35
N ASN T 72 -62.51 -46.04 -28.40
CA ASN T 72 -62.13 -46.22 -29.84
C ASN T 72 -61.89 -44.87 -30.53
N GLY T 73 -61.98 -43.76 -29.81
CA GLY T 73 -61.77 -42.41 -30.37
C GLY T 73 -62.93 -41.94 -31.22
N ILE T 74 -64.11 -42.54 -31.04
CA ILE T 74 -65.38 -42.09 -31.68
C ILE T 74 -65.92 -40.90 -30.87
N LEU T 75 -66.30 -39.82 -31.57
CA LEU T 75 -66.92 -38.63 -30.96
C LEU T 75 -68.31 -39.01 -30.44
N LYS T 76 -68.63 -38.62 -29.22
CA LYS T 76 -69.90 -38.99 -28.54
C LYS T 76 -70.93 -37.87 -28.73
N ASP T 77 -72.21 -38.24 -28.76
CA ASP T 77 -73.38 -37.33 -28.99
C ASP T 77 -73.36 -36.21 -27.95
N SER T 78 -72.89 -36.49 -26.73
CA SER T 78 -72.85 -35.55 -25.58
C SER T 78 -71.87 -34.41 -25.87
N SER T 79 -71.00 -34.55 -26.87
CA SER T 79 -70.07 -33.48 -27.33
C SER T 79 -70.88 -32.26 -27.75
N ASN T 80 -70.27 -31.09 -27.68
CA ASN T 80 -70.84 -29.81 -28.16
C ASN T 80 -70.86 -29.80 -29.68
N LEU T 81 -69.86 -30.43 -30.30
CA LEU T 81 -69.75 -30.56 -31.77
C LEU T 81 -70.72 -31.66 -32.24
N ASP T 82 -71.52 -31.36 -33.25
CA ASP T 82 -72.47 -32.30 -33.90
C ASP T 82 -71.66 -33.44 -34.55
N LYS T 83 -72.00 -34.68 -34.21
CA LYS T 83 -71.28 -35.91 -34.66
C LYS T 83 -71.25 -35.98 -36.19
N ASN T 84 -72.24 -35.40 -36.86
CA ASN T 84 -72.47 -35.51 -38.34
C ASN T 84 -71.48 -34.65 -39.12
N TYR T 85 -70.74 -33.77 -38.46
CA TYR T 85 -69.81 -32.80 -39.10
C TYR T 85 -68.37 -33.15 -38.74
N TRP T 86 -68.11 -34.43 -38.43
CA TRP T 86 -66.81 -34.91 -37.89
C TRP T 86 -66.47 -36.25 -38.53
N ASN T 87 -65.45 -36.29 -39.38
CA ASN T 87 -65.07 -37.51 -40.12
C ASN T 87 -63.66 -37.33 -40.70
N TYR T 88 -63.09 -38.37 -41.28
CA TYR T 88 -61.81 -38.31 -42.04
C TYR T 88 -62.03 -37.44 -43.29
N ARG T 89 -60.96 -36.84 -43.82
CA ARG T 89 -61.01 -35.95 -45.02
C ARG T 89 -60.96 -36.79 -46.32
N ASN T 101 -62.31 -46.50 -35.94
CA ASN T 101 -61.19 -46.34 -34.97
C ASN T 101 -60.43 -45.03 -35.26
N ALA T 102 -60.11 -44.25 -34.22
CA ALA T 102 -59.37 -42.98 -34.32
C ALA T 102 -58.49 -42.79 -33.07
N VAL T 103 -58.06 -43.88 -32.45
CA VAL T 103 -57.26 -43.85 -31.19
C VAL T 103 -55.90 -43.19 -31.48
N GLY T 104 -55.45 -43.20 -32.73
CA GLY T 104 -54.21 -42.56 -33.18
C GLY T 104 -54.31 -41.03 -33.14
N PHE T 105 -55.51 -40.50 -32.98
CA PHE T 105 -55.78 -39.03 -32.92
C PHE T 105 -56.07 -38.59 -31.50
N MET T 106 -56.19 -39.52 -30.56
CA MET T 106 -56.59 -39.21 -29.17
C MET T 106 -55.40 -38.69 -28.37
N PRO T 107 -55.64 -37.79 -27.42
CA PRO T 107 -54.58 -37.29 -26.55
C PRO T 107 -54.11 -38.38 -25.59
N ASN T 108 -52.81 -38.67 -25.66
CA ASN T 108 -52.09 -39.73 -24.91
C ASN T 108 -52.46 -39.67 -23.42
N LEU T 109 -52.92 -40.79 -22.86
CA LEU T 109 -53.37 -40.91 -21.44
C LEU T 109 -52.19 -40.87 -20.46
N ALA T 110 -50.99 -41.28 -20.90
CA ALA T 110 -49.76 -41.26 -20.08
C ALA T 110 -49.28 -39.81 -19.96
N ALA T 111 -49.27 -39.09 -21.07
CA ALA T 111 -48.86 -37.66 -21.17
C ALA T 111 -49.89 -36.79 -20.46
N TYR T 112 -51.17 -37.10 -20.63
CA TYR T 112 -52.32 -36.30 -20.14
C TYR T 112 -53.26 -37.20 -19.33
N PRO T 113 -52.88 -37.58 -18.10
CA PRO T 113 -53.71 -38.46 -17.28
C PRO T 113 -55.05 -37.81 -16.94
N LYS T 114 -56.09 -38.63 -16.79
CA LYS T 114 -57.40 -38.22 -16.22
C LYS T 114 -57.20 -37.98 -14.73
N SER T 115 -57.99 -37.10 -14.15
CA SER T 115 -57.94 -36.77 -12.70
C SER T 115 -58.46 -37.98 -11.93
N THR T 116 -57.66 -38.59 -11.04
CA THR T 116 -58.16 -39.62 -10.07
C THR T 116 -59.37 -39.01 -9.31
N THR T 117 -60.37 -39.83 -8.97
CA THR T 117 -61.74 -39.30 -8.66
C THR T 117 -61.54 -38.28 -7.52
N THR T 118 -60.80 -38.71 -6.50
CA THR T 118 -60.50 -38.00 -5.23
C THR T 118 -60.10 -36.56 -5.51
N GLN T 119 -59.31 -36.28 -6.57
CA GLN T 119 -58.62 -34.98 -6.80
C GLN T 119 -59.36 -33.86 -7.60
N SER T 120 -59.47 -34.00 -8.91
CA SER T 120 -59.97 -32.97 -9.86
C SER T 120 -58.79 -32.12 -10.39
N LYS T 121 -57.56 -32.32 -9.84
CA LYS T 121 -56.37 -31.48 -10.17
C LYS T 121 -55.50 -32.20 -11.21
N LEU T 122 -55.56 -31.79 -12.49
CA LEU T 122 -54.70 -32.30 -13.59
C LEU T 122 -53.28 -31.72 -13.46
N TYR T 123 -52.27 -32.35 -14.06
CA TYR T 123 -50.97 -31.70 -14.37
C TYR T 123 -51.22 -30.52 -15.30
N ALA T 124 -50.31 -29.57 -15.32
CA ALA T 124 -50.35 -28.38 -16.16
C ALA T 124 -50.18 -28.78 -17.64
N ARG T 125 -49.45 -29.85 -17.93
CA ARG T 125 -49.08 -30.23 -19.32
C ARG T 125 -50.32 -30.71 -20.09
N ASN T 126 -51.40 -31.05 -19.37
CA ASN T 126 -52.73 -31.39 -19.95
C ASN T 126 -53.31 -30.17 -20.69
N THR T 127 -52.75 -28.98 -20.45
CA THR T 127 -53.33 -27.69 -20.90
C THR T 127 -52.40 -26.95 -21.87
N ILE T 128 -52.98 -26.36 -22.91
CA ILE T 128 -52.31 -25.39 -23.83
C ILE T 128 -53.08 -24.08 -23.77
N PHE T 129 -52.38 -22.97 -23.65
CA PHE T 129 -52.95 -21.61 -23.73
C PHE T 129 -52.53 -21.00 -25.05
N GLY T 130 -53.46 -20.30 -25.69
CA GLY T 130 -53.20 -19.47 -26.87
C GLY T 130 -53.96 -18.16 -26.79
N ASN T 131 -53.44 -17.14 -27.46
CA ASN T 131 -54.16 -15.90 -27.76
C ASN T 131 -54.71 -15.98 -29.18
N ILE T 132 -56.02 -15.80 -29.31
CA ILE T 132 -56.72 -15.62 -30.60
C ILE T 132 -57.45 -14.28 -30.57
N TYR T 133 -58.01 -13.87 -31.69
CA TYR T 133 -58.50 -12.50 -31.89
C TYR T 133 -59.82 -12.51 -32.63
N LEU T 134 -60.74 -11.64 -32.24
CA LEU T 134 -62.07 -11.50 -32.87
C LEU T 134 -61.99 -10.47 -33.98
N ASP T 135 -62.58 -10.79 -35.13
CA ASP T 135 -62.84 -9.86 -36.24
C ASP T 135 -61.52 -9.39 -36.83
N SER T 136 -60.48 -10.22 -36.75
CA SER T 136 -59.17 -10.04 -37.42
C SER T 136 -58.45 -8.79 -36.89
N GLN T 137 -58.69 -8.41 -35.64
CA GLN T 137 -58.05 -7.23 -35.02
C GLN T 137 -57.21 -7.66 -33.83
N ALA T 138 -55.95 -7.21 -33.80
CA ALA T 138 -54.97 -7.51 -32.74
C ALA T 138 -55.49 -7.00 -31.39
N TYR T 139 -56.44 -6.06 -31.38
CA TYR T 139 -56.89 -5.41 -30.12
C TYR T 139 -58.17 -6.06 -29.57
N ASN T 140 -58.57 -7.22 -30.10
CA ASN T 140 -59.71 -8.01 -29.57
C ASN T 140 -59.21 -9.39 -29.14
N PRO T 141 -58.32 -9.48 -28.13
CA PRO T 141 -57.80 -10.76 -27.68
C PRO T 141 -58.85 -11.61 -26.98
N VAL T 142 -58.75 -12.91 -27.19
CA VAL T 142 -59.49 -13.97 -26.46
C VAL T 142 -58.47 -15.05 -26.09
N VAL T 143 -58.54 -15.56 -24.88
CA VAL T 143 -57.68 -16.68 -24.41
C VAL T 143 -58.39 -17.99 -24.72
N ILE T 144 -57.74 -18.85 -25.50
CA ILE T 144 -58.20 -20.23 -25.74
C ILE T 144 -57.39 -21.15 -24.83
N LYS T 145 -58.08 -21.89 -23.99
CA LYS T 145 -57.49 -22.85 -23.04
C LYS T 145 -57.92 -24.25 -23.46
N ILE T 146 -56.99 -25.00 -24.05
CA ILE T 146 -57.21 -26.39 -24.53
C ILE T 146 -56.73 -27.33 -23.44
N THR T 147 -57.61 -28.19 -22.95
CA THR T 147 -57.32 -29.15 -21.87
C THR T 147 -57.68 -30.56 -22.35
N PHE T 148 -56.79 -31.53 -22.14
CA PHE T 148 -56.95 -32.92 -22.58
C PHE T 148 -57.33 -33.81 -21.40
N ASN T 149 -58.39 -34.61 -21.58
CA ASN T 149 -58.75 -35.76 -20.72
C ASN T 149 -59.18 -35.26 -19.33
N GLN T 150 -59.90 -34.13 -19.31
CA GLN T 150 -60.39 -33.49 -18.07
C GLN T 150 -61.78 -34.05 -17.74
N GLU T 151 -62.54 -34.48 -18.75
CA GLU T 151 -63.95 -34.93 -18.59
C GLU T 151 -63.97 -36.40 -18.16
N ALA T 152 -64.70 -36.68 -17.08
CA ALA T 152 -64.61 -37.92 -16.28
C ALA T 152 -65.40 -39.06 -16.96
N ASP T 153 -66.52 -38.75 -17.64
CA ASP T 153 -67.39 -39.76 -18.30
C ASP T 153 -67.05 -39.87 -19.77
N SER T 154 -65.76 -40.01 -20.09
CA SER T 154 -65.21 -40.19 -21.46
C SER T 154 -63.79 -40.72 -21.36
N ALA T 155 -63.42 -41.67 -22.23
CA ALA T 155 -62.07 -42.27 -22.25
C ALA T 155 -61.04 -41.19 -22.59
N TYR T 156 -61.43 -40.28 -23.48
CA TYR T 156 -60.61 -39.18 -24.01
C TYR T 156 -61.48 -37.92 -24.11
N SER T 157 -60.89 -36.74 -24.01
CA SER T 157 -61.59 -35.45 -24.23
C SER T 157 -60.63 -34.35 -24.68
N ILE T 158 -61.11 -33.48 -25.55
CA ILE T 158 -60.49 -32.18 -25.88
C ILE T 158 -61.49 -31.09 -25.47
N THR T 159 -61.14 -30.30 -24.47
CA THR T 159 -61.96 -29.19 -23.94
C THR T 159 -61.38 -27.87 -24.47
N LEU T 160 -62.21 -27.08 -25.17
CA LEU T 160 -61.83 -25.74 -25.68
C LEU T 160 -62.56 -24.70 -24.82
N ASN T 161 -61.85 -24.09 -23.88
CA ASN T 161 -62.38 -23.01 -23.04
C ASN T 161 -61.96 -21.68 -23.65
N TYR T 162 -62.95 -20.82 -23.95
CA TYR T 162 -62.75 -19.45 -24.45
C TYR T 162 -63.11 -18.48 -23.33
N SER T 163 -62.25 -17.50 -23.06
CA SER T 163 -62.48 -16.44 -22.06
C SER T 163 -61.80 -15.16 -22.50
N TRP T 164 -62.26 -14.02 -21.98
CA TRP T 164 -61.71 -12.68 -22.30
C TRP T 164 -61.97 -11.73 -21.15
N GLY T 165 -61.25 -10.62 -21.11
CA GLY T 165 -61.31 -9.61 -20.04
C GLY T 165 -61.96 -8.33 -20.51
N LYS T 166 -61.83 -7.95 -21.77
CA LYS T 166 -62.25 -6.63 -22.28
C LYS T 166 -63.77 -6.52 -22.27
N ASP T 167 -64.27 -5.33 -21.96
CA ASP T 167 -65.70 -4.97 -22.07
C ASP T 167 -65.98 -4.65 -23.55
N TYR T 168 -65.93 -5.66 -24.39
CA TYR T 168 -66.18 -5.55 -25.84
C TYR T 168 -67.51 -4.83 -26.07
N GLU T 169 -67.54 -3.96 -27.08
CA GLU T 169 -68.74 -3.19 -27.50
C GLU T 169 -69.05 -3.52 -28.98
N ASN T 170 -70.02 -4.41 -29.22
CA ASN T 170 -70.49 -4.83 -30.57
C ASN T 170 -69.36 -5.46 -31.35
N ILE T 171 -68.69 -6.43 -30.75
CA ILE T 171 -67.62 -7.24 -31.42
C ILE T 171 -68.20 -8.61 -31.71
N PRO T 172 -68.16 -9.06 -32.98
CA PRO T 172 -68.67 -10.39 -33.32
C PRO T 172 -67.68 -11.45 -32.84
N PHE T 173 -68.15 -12.54 -32.23
CA PHE T 173 -67.28 -13.69 -31.91
C PHE T 173 -66.99 -14.44 -33.20
N ASP T 174 -66.05 -13.92 -33.95
CA ASP T 174 -65.54 -14.49 -35.22
C ASP T 174 -64.04 -14.56 -35.08
N SER T 175 -63.50 -15.72 -34.68
CA SER T 175 -62.11 -15.87 -34.17
C SER T 175 -61.12 -16.09 -35.32
N THR T 176 -59.90 -15.65 -35.13
CA THR T 176 -58.75 -15.99 -35.99
C THR T 176 -58.37 -17.46 -35.74
N SER T 177 -57.46 -17.99 -36.54
CA SER T 177 -57.00 -19.39 -36.51
C SER T 177 -55.83 -19.53 -35.55
N PHE T 178 -55.76 -20.65 -34.85
CA PHE T 178 -54.67 -21.03 -33.91
C PHE T 178 -54.22 -22.45 -34.20
N THR T 179 -52.91 -22.66 -34.20
CA THR T 179 -52.26 -24.00 -34.37
C THR T 179 -51.67 -24.45 -33.03
N PHE T 180 -51.81 -25.72 -32.71
CA PHE T 180 -51.16 -26.38 -31.55
C PHE T 180 -50.90 -27.83 -31.92
N SER T 181 -50.16 -28.53 -31.08
CA SER T 181 -49.96 -29.99 -31.19
C SER T 181 -50.16 -30.64 -29.83
N TYR T 182 -50.40 -31.95 -29.84
CA TYR T 182 -50.41 -32.78 -28.61
C TYR T 182 -49.89 -34.17 -28.95
N ILE T 183 -49.47 -34.89 -27.92
CA ILE T 183 -48.90 -36.25 -28.01
C ILE T 183 -50.05 -37.24 -28.23
N ALA T 184 -49.93 -38.09 -29.23
CA ALA T 184 -50.97 -39.05 -29.67
C ALA T 184 -50.90 -40.30 -28.80
N GLN T 185 -52.05 -40.93 -28.55
CA GLN T 185 -52.18 -42.14 -27.72
C GLN T 185 -51.41 -43.30 -28.35
N GLU T 186 -51.39 -43.39 -29.68
CA GLU T 186 -50.56 -44.38 -30.43
C GLU T 186 -50.28 -43.85 -31.84
N LYS U 1 -44.45 -35.27 -47.67
CA LYS U 1 -43.11 -35.00 -47.07
C LYS U 1 -42.50 -33.72 -47.72
N LEU U 2 -42.87 -33.41 -48.95
CA LEU U 2 -42.18 -32.41 -49.80
C LEU U 2 -42.29 -30.99 -49.19
N THR U 3 -41.20 -30.24 -49.27
CA THR U 3 -41.04 -28.92 -48.62
C THR U 3 -40.80 -27.86 -49.70
N LEU U 4 -41.52 -26.75 -49.60
CA LEU U 4 -41.40 -25.57 -50.48
C LEU U 4 -40.83 -24.43 -49.65
N TRP U 5 -39.72 -23.80 -50.04
CA TRP U 5 -39.02 -22.82 -49.17
C TRP U 5 -38.20 -21.80 -49.97
N THR U 6 -37.79 -20.75 -49.28
CA THR U 6 -36.71 -19.82 -49.66
C THR U 6 -35.40 -20.53 -49.34
N THR U 7 -34.45 -20.59 -50.24
CA THR U 7 -33.14 -21.23 -49.92
C THR U 7 -32.63 -20.56 -48.65
N LEU U 8 -31.69 -21.18 -47.95
CA LEU U 8 -31.08 -20.64 -46.70
C LEU U 8 -29.87 -19.77 -47.05
N ASP U 9 -29.56 -19.65 -48.34
CA ASP U 9 -28.56 -18.71 -48.92
C ASP U 9 -28.64 -17.39 -48.15
N PRO U 10 -27.47 -16.85 -47.68
CA PRO U 10 -27.46 -15.64 -46.85
C PRO U 10 -27.93 -14.35 -47.54
N SER U 11 -27.96 -14.33 -48.88
CA SER U 11 -28.18 -13.12 -49.71
C SER U 11 -29.64 -12.66 -49.62
N PRO U 12 -29.88 -11.34 -49.66
CA PRO U 12 -31.24 -10.79 -49.64
C PRO U 12 -32.07 -11.34 -50.79
N ASN U 13 -33.38 -11.42 -50.61
CA ASN U 13 -34.29 -12.14 -51.52
C ASN U 13 -35.68 -11.48 -51.60
N CYS U 14 -35.87 -10.30 -51.00
CA CYS U 14 -37.23 -9.74 -50.76
C CYS U 14 -37.22 -8.21 -50.85
N ARG U 15 -38.33 -7.64 -51.33
CA ARG U 15 -38.57 -6.17 -51.44
C ARG U 15 -39.68 -5.76 -50.47
N ILE U 16 -39.37 -4.88 -49.53
CA ILE U 16 -40.39 -4.15 -48.73
C ILE U 16 -40.70 -2.83 -49.43
N ASP U 17 -39.70 -1.97 -49.60
CA ASP U 17 -39.81 -0.70 -50.37
C ASP U 17 -38.98 -0.79 -51.64
N VAL U 18 -37.84 -1.49 -51.56
CA VAL U 18 -36.73 -1.40 -52.54
C VAL U 18 -36.16 -2.81 -52.76
N ASP U 19 -35.75 -3.13 -54.00
CA ASP U 19 -35.21 -4.45 -54.38
C ASP U 19 -34.13 -4.87 -53.37
N LYS U 20 -34.29 -6.04 -52.77
CA LYS U 20 -33.27 -6.71 -51.92
C LYS U 20 -32.96 -5.87 -50.68
N ASP U 21 -33.97 -5.37 -50.00
CA ASP U 21 -33.81 -4.62 -48.72
C ASP U 21 -34.06 -5.57 -47.54
N SER U 22 -34.48 -6.79 -47.82
CA SER U 22 -34.90 -7.77 -46.79
C SER U 22 -34.55 -9.19 -47.22
N LYS U 23 -34.41 -10.09 -46.23
CA LYS U 23 -34.25 -11.55 -46.43
C LYS U 23 -35.36 -12.27 -45.65
N LEU U 24 -36.35 -12.78 -46.38
CA LEU U 24 -37.43 -13.64 -45.83
C LEU U 24 -36.94 -15.08 -45.82
N THR U 25 -37.04 -15.77 -44.69
CA THR U 25 -36.87 -17.24 -44.58
C THR U 25 -38.24 -17.84 -44.31
N LEU U 26 -38.83 -18.48 -45.32
CA LEU U 26 -40.16 -19.13 -45.22
C LEU U 26 -40.01 -20.59 -45.64
N VAL U 27 -40.42 -21.50 -44.78
CA VAL U 27 -40.42 -22.96 -45.06
C VAL U 27 -41.87 -23.46 -44.93
N LEU U 28 -42.42 -23.98 -46.00
CA LEU U 28 -43.75 -24.65 -46.02
C LEU U 28 -43.52 -26.14 -46.18
N THR U 29 -43.80 -26.91 -45.14
CA THR U 29 -43.72 -28.38 -45.17
C THR U 29 -45.12 -28.96 -45.19
N LYS U 30 -45.42 -29.79 -46.19
CA LYS U 30 -46.73 -30.45 -46.35
C LYS U 30 -46.77 -31.69 -45.45
N CYS U 31 -47.63 -31.67 -44.44
N CYS U 31 -47.62 -31.66 -44.43
CA CYS U 31 -47.98 -32.85 -43.60
CA CYS U 31 -47.99 -32.85 -43.61
C CYS U 31 -49.47 -33.18 -43.84
C CYS U 31 -49.46 -33.17 -43.84
N GLY U 32 -49.74 -33.96 -44.87
CA GLY U 32 -51.12 -34.28 -45.30
C GLY U 32 -51.87 -33.02 -45.69
N SER U 33 -53.00 -32.78 -45.03
CA SER U 33 -53.98 -31.72 -45.40
C SER U 33 -53.63 -30.39 -44.70
N GLN U 34 -52.55 -30.35 -43.93
CA GLN U 34 -52.05 -29.10 -43.30
C GLN U 34 -50.64 -28.79 -43.82
N ILE U 35 -50.34 -27.50 -43.98
CA ILE U 35 -48.99 -26.98 -44.25
C ILE U 35 -48.42 -26.47 -42.94
N LEU U 36 -47.30 -27.05 -42.49
CA LEU U 36 -46.53 -26.56 -41.33
C LEU U 36 -45.57 -25.48 -41.84
N ALA U 37 -45.74 -24.25 -41.38
CA ALA U 37 -45.02 -23.05 -41.88
C ALA U 37 -44.09 -22.52 -40.79
N ASN U 38 -42.92 -22.04 -41.18
CA ASN U 38 -41.90 -21.46 -40.29
C ASN U 38 -41.34 -20.24 -40.99
N VAL U 39 -41.33 -19.09 -40.31
CA VAL U 39 -40.96 -17.80 -40.94
C VAL U 39 -40.07 -16.98 -39.99
N SER U 40 -39.07 -16.33 -40.55
CA SER U 40 -38.24 -15.26 -39.94
C SER U 40 -37.97 -14.20 -41.00
N LEU U 41 -37.64 -12.99 -40.59
CA LEU U 41 -37.41 -11.86 -41.50
C LEU U 41 -36.29 -10.99 -40.95
N LEU U 42 -35.31 -10.69 -41.79
CA LEU U 42 -34.21 -9.73 -41.53
C LEU U 42 -34.30 -8.62 -42.58
N VAL U 43 -34.29 -7.35 -42.15
CA VAL U 43 -34.14 -6.18 -43.06
C VAL U 43 -32.65 -5.81 -43.10
N VAL U 44 -32.06 -5.76 -44.29
CA VAL U 44 -30.58 -5.63 -44.47
C VAL U 44 -30.21 -4.20 -44.84
N LYS U 45 -31.14 -3.42 -45.39
CA LYS U 45 -30.93 -1.98 -45.72
C LYS U 45 -32.28 -1.27 -45.80
N GLY U 46 -32.24 0.06 -45.98
CA GLY U 46 -33.43 0.92 -46.10
C GLY U 46 -33.93 1.37 -44.73
N ARG U 47 -35.06 2.05 -44.72
CA ARG U 47 -35.56 2.83 -43.55
C ARG U 47 -35.93 1.90 -42.39
N PHE U 48 -36.20 0.62 -42.64
CA PHE U 48 -36.66 -0.35 -41.61
C PHE U 48 -35.51 -1.19 -41.07
N GLN U 49 -34.30 -1.02 -41.59
CA GLN U 49 -33.14 -1.84 -41.14
C GLN U 49 -32.89 -1.57 -39.66
N ASN U 50 -32.86 -0.29 -39.31
CA ASN U 50 -32.59 0.22 -37.95
C ASN U 50 -33.72 1.17 -37.57
N LEU U 51 -34.59 0.73 -36.66
CA LEU U 51 -35.79 1.49 -36.24
C LEU U 51 -35.36 2.52 -35.20
N ASN U 52 -35.60 3.80 -35.46
CA ASN U 52 -35.40 4.87 -34.47
C ASN U 52 -36.49 5.92 -34.62
N TYR U 53 -37.49 5.86 -33.74
CA TYR U 53 -38.68 6.73 -33.76
C TYR U 53 -38.40 8.03 -33.00
N LYS U 54 -37.26 8.12 -32.34
CA LYS U 54 -36.81 9.37 -31.66
C LYS U 54 -36.20 10.29 -32.72
N THR U 55 -35.50 9.72 -33.70
CA THR U 55 -34.72 10.49 -34.70
C THR U 55 -35.48 10.63 -36.02
N ASN U 56 -36.32 9.66 -36.38
N ASN U 56 -36.33 9.67 -36.36
CA ASN U 56 -37.13 9.71 -37.64
CA ASN U 56 -37.12 9.71 -37.63
C ASN U 56 -38.62 9.71 -37.28
C ASN U 56 -38.62 9.71 -37.29
N PRO U 57 -39.28 10.89 -37.32
CA PRO U 57 -40.68 10.99 -36.93
C PRO U 57 -41.66 10.54 -38.03
N ASN U 58 -41.16 10.40 -39.26
CA ASN U 58 -41.98 10.04 -40.43
C ASN U 58 -42.00 8.52 -40.65
N LEU U 59 -41.34 7.75 -39.80
CA LEU U 59 -41.17 6.29 -40.04
C LEU U 59 -42.46 5.56 -39.70
N PRO U 60 -43.05 4.81 -40.64
CA PRO U 60 -44.18 3.94 -40.33
C PRO U 60 -43.81 2.90 -39.29
N LYS U 61 -44.81 2.27 -38.68
CA LYS U 61 -44.65 1.12 -37.75
C LYS U 61 -45.36 -0.09 -38.35
N THR U 62 -45.32 -0.22 -39.66
CA THR U 62 -45.86 -1.39 -40.39
C THR U 62 -45.22 -1.48 -41.78
N PHE U 63 -45.11 -2.69 -42.28
CA PHE U 63 -44.92 -3.00 -43.71
C PHE U 63 -45.56 -4.36 -43.99
N THR U 64 -45.82 -4.65 -45.27
CA THR U 64 -46.51 -5.87 -45.71
C THR U 64 -45.70 -6.54 -46.82
N ILE U 65 -45.40 -7.81 -46.63
CA ILE U 65 -44.77 -8.70 -47.64
C ILE U 65 -45.83 -9.66 -48.16
N LYS U 66 -46.06 -9.67 -49.47
CA LYS U 66 -47.11 -10.50 -50.13
C LYS U 66 -46.46 -11.58 -50.99
N LEU U 67 -46.90 -12.83 -50.81
CA LEU U 67 -46.64 -13.94 -51.76
C LEU U 67 -47.92 -14.18 -52.55
N LEU U 68 -47.88 -13.93 -53.85
CA LEU U 68 -49.03 -14.08 -54.78
C LEU U 68 -48.79 -15.32 -55.64
N PHE U 69 -49.80 -16.19 -55.77
CA PHE U 69 -49.72 -17.47 -56.49
C PHE U 69 -50.81 -17.54 -57.56
N ASP U 70 -50.49 -18.16 -58.71
CA ASP U 70 -51.45 -18.42 -59.83
C ASP U 70 -52.17 -19.74 -59.56
N GLU U 71 -53.06 -20.15 -60.47
CA GLU U 71 -53.99 -21.31 -60.29
C GLU U 71 -53.20 -22.60 -60.04
N ASN U 72 -51.90 -22.62 -60.39
CA ASN U 72 -50.99 -23.79 -60.27
C ASN U 72 -50.08 -23.67 -59.03
N GLY U 73 -50.24 -22.63 -58.23
CA GLY U 73 -49.43 -22.40 -57.02
C GLY U 73 -48.02 -21.93 -57.35
N ILE U 74 -47.80 -21.39 -58.54
CA ILE U 74 -46.53 -20.73 -58.96
C ILE U 74 -46.50 -19.32 -58.36
N LEU U 75 -45.40 -18.94 -57.73
CA LEU U 75 -45.18 -17.59 -57.19
C LEU U 75 -45.05 -16.61 -58.36
N LYS U 76 -45.75 -15.48 -58.29
CA LYS U 76 -45.82 -14.46 -59.37
C LYS U 76 -44.79 -13.36 -59.12
N ASP U 77 -44.29 -12.75 -60.20
CA ASP U 77 -43.26 -11.67 -60.17
C ASP U 77 -43.71 -10.50 -59.29
N SER U 78 -45.02 -10.24 -59.25
CA SER U 78 -45.64 -9.12 -58.48
C SER U 78 -45.48 -9.35 -56.98
N SER U 79 -45.12 -10.56 -56.56
CA SER U 79 -44.81 -10.89 -55.15
C SER U 79 -43.65 -10.01 -54.66
N ASN U 80 -43.58 -9.79 -53.36
CA ASN U 80 -42.48 -9.06 -52.69
C ASN U 80 -41.24 -9.95 -52.68
N LEU U 81 -41.43 -11.26 -52.54
CA LEU U 81 -40.37 -12.29 -52.55
C LEU U 81 -39.90 -12.50 -53.99
N ASP U 82 -38.60 -12.45 -54.21
CA ASP U 82 -37.94 -12.71 -55.52
C ASP U 82 -38.21 -14.17 -55.91
N LYS U 83 -38.74 -14.38 -57.11
CA LYS U 83 -39.15 -15.71 -57.65
C LYS U 83 -37.95 -16.69 -57.63
N ASN U 84 -36.72 -16.16 -57.74
CA ASN U 84 -35.47 -16.94 -57.94
C ASN U 84 -35.03 -17.62 -56.63
N TYR U 85 -35.63 -17.25 -55.49
CA TYR U 85 -35.22 -17.73 -54.15
C TYR U 85 -36.33 -18.59 -53.55
N TRP U 86 -37.14 -19.21 -54.41
CA TRP U 86 -38.39 -19.94 -54.01
C TRP U 86 -38.52 -21.20 -54.84
N ASN U 87 -38.37 -22.37 -54.22
CA ASN U 87 -38.40 -23.67 -54.94
C ASN U 87 -38.49 -24.80 -53.92
N TYR U 88 -38.66 -26.04 -54.38
CA TYR U 88 -38.63 -27.27 -53.55
C TYR U 88 -37.22 -27.43 -52.98
N ARG U 89 -37.07 -28.13 -51.85
CA ARG U 89 -35.76 -28.32 -51.14
C ARG U 89 -35.00 -29.52 -51.75
N ASN U 90 -33.65 -29.45 -51.71
CA ASN U 90 -32.71 -30.60 -51.86
C ASN U 90 -31.72 -30.63 -50.65
N TYR U 99 -41.88 -23.20 -61.80
CA TYR U 99 -41.43 -24.61 -61.72
C TYR U 99 -42.64 -25.55 -61.59
N LYS U 100 -42.60 -26.63 -60.83
CA LYS U 100 -43.69 -27.62 -60.81
C LYS U 100 -44.92 -27.03 -60.07
N ASN U 101 -46.11 -27.46 -60.48
CA ASN U 101 -47.37 -27.44 -59.66
C ASN U 101 -47.05 -27.46 -58.15
N ALA U 102 -47.76 -26.65 -57.37
CA ALA U 102 -47.60 -26.53 -55.91
C ALA U 102 -48.95 -26.24 -55.25
N VAL U 103 -50.04 -26.70 -55.86
CA VAL U 103 -51.43 -26.45 -55.37
C VAL U 103 -51.62 -27.15 -54.01
N GLY U 104 -50.82 -28.18 -53.73
CA GLY U 104 -50.85 -28.91 -52.44
C GLY U 104 -50.30 -28.07 -51.30
N PHE U 105 -49.66 -26.95 -51.61
CA PHE U 105 -49.07 -26.00 -50.62
C PHE U 105 -49.92 -24.75 -50.48
N MET U 106 -50.95 -24.59 -51.31
CA MET U 106 -51.76 -23.35 -51.34
C MET U 106 -52.80 -23.38 -50.22
N PRO U 107 -53.14 -22.21 -49.66
CA PRO U 107 -54.17 -22.10 -48.64
C PRO U 107 -55.55 -22.40 -49.24
N ASN U 108 -56.22 -23.39 -48.68
CA ASN U 108 -57.53 -23.93 -49.11
C ASN U 108 -58.54 -22.77 -49.32
N LEU U 109 -59.15 -22.71 -50.50
CA LEU U 109 -60.12 -21.65 -50.90
C LEU U 109 -61.46 -21.81 -50.18
N ALA U 110 -61.82 -23.01 -49.76
CA ALA U 110 -63.07 -23.29 -49.01
C ALA U 110 -62.90 -22.79 -47.57
N ALA U 111 -61.76 -23.09 -46.96
CA ALA U 111 -61.39 -22.68 -45.59
C ALA U 111 -61.16 -21.17 -45.54
N TYR U 112 -60.52 -20.62 -46.57
CA TYR U 112 -60.07 -19.21 -46.65
C TYR U 112 -60.59 -18.60 -47.96
N PRO U 113 -61.90 -18.30 -48.06
CA PRO U 113 -62.46 -17.75 -49.28
C PRO U 113 -61.88 -16.36 -49.61
N LYS U 114 -61.77 -16.04 -50.88
CA LYS U 114 -61.50 -14.65 -51.38
C LYS U 114 -62.78 -13.83 -51.15
N SER U 115 -62.63 -12.53 -50.96
CA SER U 115 -63.75 -11.61 -50.63
C SER U 115 -64.71 -11.50 -51.82
N THR U 116 -65.96 -11.91 -51.63
CA THR U 116 -67.04 -11.75 -52.65
C THR U 116 -67.10 -10.26 -53.02
N THR U 117 -67.53 -9.96 -54.22
CA THR U 117 -67.81 -8.59 -54.72
C THR U 117 -68.45 -7.77 -53.57
N THR U 118 -69.53 -8.30 -52.98
CA THR U 118 -70.38 -7.62 -51.96
C THR U 118 -69.49 -7.01 -50.87
N GLN U 119 -68.41 -7.68 -50.44
CA GLN U 119 -67.61 -7.24 -49.27
C GLN U 119 -66.13 -7.47 -49.52
N SER U 120 -65.29 -6.52 -49.11
CA SER U 120 -63.80 -6.63 -49.05
C SER U 120 -63.36 -7.20 -47.68
N LYS U 121 -64.33 -7.58 -46.82
CA LYS U 121 -64.18 -8.14 -45.45
C LYS U 121 -64.16 -9.67 -45.52
N LEU U 122 -62.97 -10.24 -45.31
CA LEU U 122 -62.76 -11.73 -45.16
C LEU U 122 -63.30 -12.22 -43.82
N TYR U 123 -63.55 -13.52 -43.69
CA TYR U 123 -63.75 -14.19 -42.39
C TYR U 123 -62.46 -14.05 -41.58
N ALA U 124 -62.58 -14.15 -40.26
CA ALA U 124 -61.45 -14.04 -39.33
C ALA U 124 -60.51 -15.24 -39.50
N ARG U 125 -61.01 -16.40 -39.89
CA ARG U 125 -60.22 -17.66 -39.92
C ARG U 125 -59.16 -17.60 -41.03
N ASN U 126 -59.32 -16.67 -41.99
CA ASN U 126 -58.32 -16.37 -43.06
C ASN U 126 -57.04 -15.82 -42.41
N THR U 127 -57.08 -15.42 -41.14
CA THR U 127 -56.00 -14.67 -40.47
C THR U 127 -55.41 -15.45 -39.28
N ILE U 128 -54.09 -15.40 -39.13
CA ILE U 128 -53.34 -15.88 -37.94
C ILE U 128 -52.55 -14.72 -37.38
N PHE U 129 -52.61 -14.52 -36.08
CA PHE U 129 -51.78 -13.53 -35.35
C PHE U 129 -50.70 -14.27 -34.59
N GLY U 130 -49.49 -13.72 -34.59
CA GLY U 130 -48.38 -14.15 -33.75
C GLY U 130 -47.61 -12.98 -33.19
N ASN U 131 -46.98 -13.21 -32.06
CA ASN U 131 -45.98 -12.30 -31.47
C ASN U 131 -44.59 -12.81 -31.82
N ILE U 132 -43.81 -11.97 -32.47
CA ILE U 132 -42.38 -12.20 -32.74
C ILE U 132 -41.59 -11.04 -32.14
N TYR U 133 -40.27 -11.15 -32.14
CA TYR U 133 -39.39 -10.26 -31.36
C TYR U 133 -38.17 -9.89 -32.19
N LEU U 134 -37.73 -8.66 -32.07
CA LEU U 134 -36.53 -8.12 -32.75
C LEU U 134 -35.31 -8.32 -31.89
N ASP U 135 -34.23 -8.78 -32.48
CA ASP U 135 -32.87 -8.82 -31.90
C ASP U 135 -32.87 -9.78 -30.71
N SER U 136 -33.71 -10.79 -30.75
CA SER U 136 -33.75 -11.91 -29.78
C SER U 136 -34.09 -11.43 -28.36
N GLN U 137 -34.84 -10.35 -28.23
CA GLN U 137 -35.23 -9.78 -26.91
C GLN U 137 -36.75 -9.81 -26.75
N ALA U 138 -37.21 -10.33 -25.63
CA ALA U 138 -38.63 -10.45 -25.25
C ALA U 138 -39.27 -9.06 -25.20
N TYR U 139 -38.49 -7.99 -25.05
CA TYR U 139 -39.02 -6.63 -24.85
C TYR U 139 -39.06 -5.83 -26.15
N ASN U 140 -38.88 -6.49 -27.30
CA ASN U 140 -39.04 -5.88 -28.63
C ASN U 140 -40.13 -6.61 -29.41
N PRO U 141 -41.39 -6.61 -28.94
CA PRO U 141 -42.46 -7.30 -29.62
C PRO U 141 -42.85 -6.67 -30.96
N VAL U 142 -43.20 -7.52 -31.90
CA VAL U 142 -43.78 -7.17 -33.22
C VAL U 142 -44.94 -8.13 -33.47
N VAL U 143 -46.05 -7.63 -33.97
CA VAL U 143 -47.22 -8.46 -34.33
C VAL U 143 -47.08 -8.88 -35.79
N ILE U 144 -47.07 -10.18 -36.05
CA ILE U 144 -47.16 -10.72 -37.44
C ILE U 144 -48.60 -11.14 -37.68
N LYS U 145 -49.20 -10.60 -38.70
CA LYS U 145 -50.58 -10.90 -39.12
C LYS U 145 -50.52 -11.58 -40.48
N ILE U 146 -50.76 -12.88 -40.50
CA ILE U 146 -50.75 -13.72 -41.72
C ILE U 146 -52.19 -13.86 -42.19
N THR U 147 -52.45 -13.45 -43.42
CA THR U 147 -53.80 -13.50 -44.03
C THR U 147 -53.71 -14.26 -45.34
N PHE U 148 -54.64 -15.19 -45.56
CA PHE U 148 -54.71 -16.06 -46.77
C PHE U 148 -55.78 -15.53 -47.73
N ASN U 149 -55.41 -15.40 -49.00
CA ASN U 149 -56.33 -15.24 -50.16
C ASN U 149 -57.08 -13.90 -50.06
N GLN U 150 -56.36 -12.87 -49.63
CA GLN U 150 -56.88 -11.51 -49.47
C GLN U 150 -56.69 -10.72 -50.76
N GLU U 151 -55.67 -11.06 -51.55
CA GLU U 151 -55.25 -10.30 -52.77
C GLU U 151 -56.10 -10.77 -53.96
N ALA U 152 -56.72 -9.82 -54.65
CA ALA U 152 -57.84 -10.03 -55.58
C ALA U 152 -57.33 -10.53 -56.94
N ASP U 153 -56.16 -10.07 -57.39
CA ASP U 153 -55.57 -10.42 -58.72
C ASP U 153 -54.57 -11.58 -58.55
N SER U 154 -54.99 -12.64 -57.86
CA SER U 154 -54.21 -13.87 -57.62
C SER U 154 -55.15 -14.99 -57.17
N ALA U 155 -54.95 -16.21 -57.65
CA ALA U 155 -55.79 -17.38 -57.31
C ALA U 155 -55.63 -17.67 -55.81
N TYR U 156 -54.42 -17.49 -55.31
CA TYR U 156 -54.00 -17.75 -53.91
C TYR U 156 -53.06 -16.63 -53.45
N SER U 157 -53.00 -16.36 -52.15
CA SER U 157 -52.04 -15.40 -51.57
C SER U 157 -51.75 -15.71 -50.10
N ILE U 158 -50.52 -15.48 -49.69
CA ILE U 158 -50.09 -15.39 -48.28
C ILE U 158 -49.58 -13.98 -48.04
N THR U 159 -50.29 -13.21 -47.23
CA THR U 159 -49.93 -11.82 -46.86
C THR U 159 -49.32 -11.83 -45.44
N LEU U 160 -48.10 -11.34 -45.30
CA LEU U 160 -47.39 -11.18 -44.01
C LEU U 160 -47.37 -9.70 -43.65
N ASN U 161 -48.26 -9.28 -42.77
CA ASN U 161 -48.29 -7.89 -42.25
C ASN U 161 -47.52 -7.85 -40.92
N TYR U 162 -46.52 -6.99 -40.85
CA TYR U 162 -45.72 -6.72 -39.62
C TYR U 162 -46.10 -5.33 -39.11
N SER U 163 -46.39 -5.21 -37.82
CA SER U 163 -46.69 -3.93 -37.14
C SER U 163 -46.21 -3.97 -35.70
N TRP U 164 -46.02 -2.80 -35.09
CA TRP U 164 -45.53 -2.67 -33.70
C TRP U 164 -45.98 -1.33 -33.13
N GLY U 165 -45.95 -1.18 -31.81
CA GLY U 165 -46.40 0.00 -31.09
C GLY U 165 -45.25 0.81 -30.51
N LYS U 166 -44.16 0.16 -30.10
CA LYS U 166 -43.09 0.79 -29.27
C LYS U 166 -42.32 1.79 -30.12
N ASP U 167 -41.90 2.90 -29.50
CA ASP U 167 -40.99 3.88 -30.09
C ASP U 167 -39.57 3.34 -30.00
N TYR U 168 -39.28 2.29 -30.75
CA TYR U 168 -37.96 1.62 -30.78
C TYR U 168 -36.89 2.68 -31.03
N GLU U 169 -35.75 2.56 -30.35
CA GLU U 169 -34.57 3.45 -30.50
C GLU U 169 -33.36 2.60 -30.90
N ASN U 170 -33.00 2.60 -32.20
CA ASN U 170 -31.82 1.87 -32.77
C ASN U 170 -32.01 0.37 -32.54
N ILE U 171 -33.15 -0.18 -32.90
CA ILE U 171 -33.42 -1.64 -32.86
C ILE U 171 -33.41 -2.15 -34.29
N PRO U 172 -32.60 -3.17 -34.60
CA PRO U 172 -32.59 -3.74 -35.94
C PRO U 172 -33.84 -4.59 -36.16
N PHE U 173 -34.49 -4.48 -37.32
CA PHE U 173 -35.56 -5.41 -37.71
C PHE U 173 -34.93 -6.74 -38.08
N ASP U 174 -34.60 -7.50 -37.07
CA ASP U 174 -34.04 -8.87 -37.18
C ASP U 174 -34.91 -9.77 -36.32
N SER U 175 -35.89 -10.45 -36.91
CA SER U 175 -37.03 -11.09 -36.20
C SER U 175 -36.66 -12.50 -35.73
N THR U 176 -37.25 -12.93 -34.63
CA THR U 176 -37.25 -14.32 -34.17
C THR U 176 -38.17 -15.14 -35.10
N SER U 177 -38.13 -16.45 -34.93
CA SER U 177 -38.85 -17.45 -35.76
C SER U 177 -40.22 -17.70 -35.18
N PHE U 178 -41.20 -17.90 -36.06
CA PHE U 178 -42.60 -18.21 -35.70
C PHE U 178 -43.09 -19.38 -36.54
N THR U 179 -43.79 -20.32 -35.91
CA THR U 179 -44.42 -21.49 -36.55
C THR U 179 -45.94 -21.31 -36.56
N PHE U 180 -46.57 -21.69 -37.66
CA PHE U 180 -48.04 -21.75 -37.80
C PHE U 180 -48.37 -22.86 -38.78
N SER U 181 -49.65 -23.19 -38.90
CA SER U 181 -50.16 -24.13 -39.93
C SER U 181 -51.39 -23.53 -40.60
N TYR U 182 -51.72 -24.03 -41.76
CA TYR U 182 -52.98 -23.71 -42.47
C TYR U 182 -53.44 -24.93 -43.26
N ILE U 183 -54.72 -24.94 -43.59
CA ILE U 183 -55.38 -26.05 -44.33
C ILE U 183 -54.99 -25.94 -45.81
N ALA U 184 -54.51 -27.04 -46.39
CA ALA U 184 -54.01 -27.12 -47.77
C ALA U 184 -55.18 -27.28 -48.74
N GLN U 185 -55.04 -26.71 -49.95
CA GLN U 185 -56.07 -26.74 -51.01
C GLN U 185 -56.33 -28.19 -51.44
N GLU U 186 -55.29 -29.04 -51.47
CA GLU U 186 -55.43 -30.49 -51.72
C GLU U 186 -54.24 -31.23 -51.10
N LYS V 1 -10.75 -20.86 16.68
CA LYS V 1 -9.97 -22.13 16.73
C LYS V 1 -8.87 -22.08 15.62
N LEU V 2 -7.73 -22.71 15.92
CA LEU V 2 -6.55 -22.75 15.04
C LEU V 2 -6.71 -23.74 13.97
N THR V 3 -7.74 -24.61 13.95
CA THR V 3 -7.87 -25.77 13.05
C THR V 3 -9.08 -25.57 12.13
N LEU V 4 -8.90 -25.82 10.85
CA LEU V 4 -9.91 -25.78 9.79
C LEU V 4 -10.13 -27.22 9.31
N TRP V 5 -11.35 -27.74 9.32
CA TRP V 5 -11.61 -29.18 9.05
C TRP V 5 -13.01 -29.45 8.50
N THR V 6 -13.18 -30.67 7.99
CA THR V 6 -14.49 -31.34 7.75
C THR V 6 -14.99 -31.84 9.10
N THR V 7 -16.21 -31.57 9.48
CA THR V 7 -16.74 -32.09 10.76
C THR V 7 -16.49 -33.60 10.76
N LEU V 8 -16.52 -34.25 11.91
CA LEU V 8 -16.31 -35.72 12.03
C LEU V 8 -17.67 -36.44 11.90
N ASP V 9 -18.75 -35.67 11.76
CA ASP V 9 -20.12 -36.16 11.44
C ASP V 9 -20.01 -37.33 10.46
N PRO V 10 -20.70 -38.45 10.71
CA PRO V 10 -20.58 -39.65 9.87
C PRO V 10 -21.12 -39.52 8.45
N SER V 11 -21.94 -38.48 8.16
CA SER V 11 -22.66 -38.37 6.86
C SER V 11 -21.70 -38.01 5.72
N PRO V 12 -21.96 -38.52 4.50
CA PRO V 12 -21.14 -38.20 3.33
C PRO V 12 -21.12 -36.69 3.09
N ASN V 13 -20.03 -36.20 2.49
CA ASN V 13 -19.75 -34.74 2.41
C ASN V 13 -19.02 -34.37 1.10
N CYS V 14 -18.87 -35.31 0.16
CA CYS V 14 -17.96 -35.14 -0.99
C CYS V 14 -18.51 -35.80 -2.25
N ARG V 15 -18.22 -35.21 -3.42
CA ARG V 15 -18.58 -35.74 -4.76
C ARG V 15 -17.29 -36.14 -5.49
N ILE V 16 -17.17 -37.42 -5.87
CA ILE V 16 -16.16 -37.89 -6.84
C ILE V 16 -16.79 -37.87 -8.23
N ASP V 17 -17.88 -38.62 -8.43
CA ASP V 17 -18.69 -38.62 -9.69
C ASP V 17 -20.07 -38.03 -9.41
N VAL V 18 -20.59 -38.28 -8.21
CA VAL V 18 -22.03 -38.11 -7.87
C VAL V 18 -22.13 -37.53 -6.46
N ASP V 19 -23.12 -36.66 -6.23
CA ASP V 19 -23.35 -35.97 -4.93
C ASP V 19 -23.32 -37.00 -3.80
N LYS V 20 -22.47 -36.80 -2.81
CA LYS V 20 -22.44 -37.57 -1.55
C LYS V 20 -22.11 -39.05 -1.81
N ASP V 21 -21.11 -39.33 -2.66
CA ASP V 21 -20.65 -40.73 -2.92
C ASP V 21 -19.43 -41.02 -2.03
N SER V 22 -18.92 -40.03 -1.31
CA SER V 22 -17.66 -40.12 -0.54
C SER V 22 -17.74 -39.26 0.72
N LYS V 23 -16.95 -39.65 1.74
CA LYS V 23 -16.73 -38.86 2.98
C LYS V 23 -15.22 -38.58 3.13
N LEU V 24 -14.82 -37.35 2.85
CA LEU V 24 -13.44 -36.84 3.08
C LEU V 24 -13.34 -36.37 4.52
N THR V 25 -12.33 -36.82 5.25
CA THR V 25 -11.91 -36.27 6.55
C THR V 25 -10.60 -35.54 6.34
N LEU V 26 -10.62 -34.22 6.33
CA LEU V 26 -9.43 -33.36 6.15
C LEU V 26 -9.35 -32.41 7.34
N VAL V 27 -8.21 -32.41 8.04
CA VAL V 27 -7.94 -31.50 9.17
C VAL V 27 -6.69 -30.69 8.85
N LEU V 28 -6.83 -29.38 8.76
CA LEU V 28 -5.70 -28.42 8.58
C LEU V 28 -5.49 -27.68 9.89
N THR V 29 -4.39 -27.95 10.59
CA THR V 29 -4.01 -27.29 11.85
C THR V 29 -2.86 -26.32 11.58
N LYS V 30 -3.03 -25.05 11.89
CA LYS V 30 -2.00 -24.02 11.70
C LYS V 30 -1.02 -24.06 12.87
N CYS V 31 0.23 -24.42 12.57
N CYS V 31 0.24 -24.43 12.58
CA CYS V 31 1.40 -24.31 13.51
CA CYS V 31 1.40 -24.31 13.51
C CYS V 31 2.38 -23.29 12.93
C CYS V 31 2.38 -23.28 12.94
N GLY V 32 2.15 -22.01 13.22
CA GLY V 32 2.95 -20.90 12.66
C GLY V 32 2.83 -20.87 11.15
N SER V 33 3.96 -20.94 10.46
CA SER V 33 4.09 -20.72 8.99
C SER V 33 3.88 -22.04 8.23
N GLN V 34 3.61 -23.14 8.93
CA GLN V 34 3.27 -24.44 8.29
C GLN V 34 1.86 -24.87 8.71
N ILE V 35 1.13 -25.49 7.79
CA ILE V 35 -0.16 -26.18 8.06
C ILE V 35 0.14 -27.68 8.20
N LEU V 36 -0.18 -28.25 9.36
CA LEU V 36 -0.17 -29.70 9.61
C LEU V 36 -1.50 -30.27 9.12
N ALA V 37 -1.47 -31.13 8.10
CA ALA V 37 -2.66 -31.68 7.42
C ALA V 37 -2.79 -33.17 7.70
N ASN V 38 -4.00 -33.66 7.84
CA ASN V 38 -4.34 -35.07 8.12
C ASN V 38 -5.56 -35.42 7.27
N VAL V 39 -5.47 -36.49 6.49
CA VAL V 39 -6.54 -36.81 5.49
C VAL V 39 -6.80 -38.33 5.48
N SER V 40 -8.08 -38.69 5.40
CA SER V 40 -8.60 -40.04 5.13
C SER V 40 -9.81 -39.89 4.20
N LEU V 41 -10.16 -40.94 3.48
CA LEU V 41 -11.27 -40.93 2.50
C LEU V 41 -11.97 -42.28 2.52
N LEU V 42 -13.28 -42.25 2.66
CA LEU V 42 -14.19 -43.41 2.51
C LEU V 42 -15.15 -43.13 1.36
N VAL V 43 -15.28 -44.06 0.41
CA VAL V 43 -16.32 -44.03 -0.65
C VAL V 43 -17.51 -44.86 -0.16
N VAL V 44 -18.71 -44.25 -0.12
CA VAL V 44 -19.91 -44.85 0.54
C VAL V 44 -20.85 -45.46 -0.49
N LYS V 45 -20.78 -45.01 -1.75
CA LYS V 45 -21.59 -45.59 -2.86
C LYS V 45 -20.92 -45.27 -4.20
N GLY V 46 -21.48 -45.80 -5.28
CA GLY V 46 -21.00 -45.59 -6.65
C GLY V 46 -19.91 -46.59 -7.02
N ARG V 47 -19.30 -46.39 -8.19
CA ARG V 47 -18.45 -47.39 -8.86
C ARG V 47 -17.15 -47.62 -8.08
N PHE V 48 -16.73 -46.69 -7.22
CA PHE V 48 -15.44 -46.77 -6.48
C PHE V 48 -15.64 -47.30 -5.07
N GLN V 49 -16.88 -47.55 -4.65
CA GLN V 49 -17.15 -48.03 -3.28
C GLN V 49 -16.46 -49.36 -3.05
N ASN V 50 -16.65 -50.27 -4.00
CA ASN V 50 -16.10 -51.64 -3.99
C ASN V 50 -15.36 -51.86 -5.31
N LEU V 51 -14.03 -51.90 -5.26
CA LEU V 51 -13.16 -52.02 -6.45
C LEU V 51 -13.10 -53.50 -6.85
N ASN V 52 -13.50 -53.81 -8.08
CA ASN V 52 -13.36 -55.16 -8.65
C ASN V 52 -13.03 -55.05 -10.14
N TYR V 53 -11.75 -55.21 -10.47
CA TYR V 53 -11.22 -55.06 -11.84
C TYR V 53 -11.36 -56.37 -12.60
N LYS V 54 -11.77 -57.44 -11.92
CA LYS V 54 -12.09 -58.74 -12.58
C LYS V 54 -13.47 -58.68 -13.18
N THR V 55 -14.40 -57.99 -12.52
CA THR V 55 -15.85 -57.98 -12.88
C THR V 55 -16.20 -56.70 -13.65
N ASN V 56 -15.52 -55.59 -13.40
CA ASN V 56 -15.77 -54.30 -14.12
C ASN V 56 -14.52 -53.89 -14.88
N PRO V 57 -14.48 -54.13 -16.21
CA PRO V 57 -13.29 -53.84 -17.00
C PRO V 57 -13.14 -52.36 -17.38
N ASN V 58 -14.21 -51.59 -17.21
CA ASN V 58 -14.26 -50.15 -17.59
C ASN V 58 -13.87 -49.25 -16.40
N LEU V 59 -13.55 -49.81 -15.26
CA LEU V 59 -13.34 -49.02 -14.03
C LEU V 59 -11.98 -48.33 -14.07
N PRO V 60 -11.94 -46.99 -13.96
CA PRO V 60 -10.68 -46.29 -13.80
C PRO V 60 -9.94 -46.72 -12.54
N LYS V 61 -8.65 -46.41 -12.47
CA LYS V 61 -7.81 -46.61 -11.27
C LYS V 61 -7.31 -45.27 -10.77
N THR V 62 -8.13 -44.25 -10.90
CA THR V 62 -7.87 -42.88 -10.38
C THR V 62 -9.17 -42.13 -10.23
N PHE V 63 -9.19 -41.21 -9.29
CA PHE V 63 -10.14 -40.08 -9.22
C PHE V 63 -9.44 -38.92 -8.52
N THR V 64 -9.98 -37.71 -8.69
CA THR V 64 -9.40 -36.47 -8.13
C THR V 64 -10.48 -35.70 -7.37
N ILE V 65 -10.18 -35.36 -6.13
CA ILE V 65 -11.00 -34.47 -5.27
C ILE V 65 -10.28 -33.12 -5.18
N LYS V 66 -10.95 -32.03 -5.56
CA LYS V 66 -10.37 -30.66 -5.58
C LYS V 66 -11.05 -29.79 -4.52
N LEU V 67 -10.25 -29.12 -3.69
CA LEU V 67 -10.68 -28.00 -2.83
C LEU V 67 -10.22 -26.71 -3.46
N LEU V 68 -11.15 -25.87 -3.91
CA LEU V 68 -10.88 -24.58 -4.59
C LEU V 68 -11.22 -23.45 -3.63
N PHE V 69 -10.34 -22.47 -3.48
CA PHE V 69 -10.45 -21.33 -2.53
C PHE V 69 -10.35 -20.00 -3.28
N ASP V 70 -11.11 -18.99 -2.83
CA ASP V 70 -11.08 -17.59 -3.34
C ASP V 70 -9.99 -16.82 -2.59
N GLU V 71 -9.83 -15.52 -2.90
CA GLU V 71 -8.70 -14.67 -2.42
C GLU V 71 -8.69 -14.61 -0.89
N ASN V 72 -9.82 -14.94 -0.25
CA ASN V 72 -10.02 -14.89 1.23
C ASN V 72 -9.91 -16.29 1.85
N GLY V 73 -9.60 -17.31 1.07
CA GLY V 73 -9.47 -18.70 1.57
C GLY V 73 -10.81 -19.34 1.86
N ILE V 74 -11.90 -18.80 1.29
CA ILE V 74 -13.27 -19.42 1.36
C ILE V 74 -13.34 -20.55 0.34
N LEU V 75 -13.82 -21.71 0.76
CA LEU V 75 -14.06 -22.87 -0.13
C LEU V 75 -15.20 -22.54 -1.10
N LYS V 76 -15.00 -22.82 -2.38
CA LYS V 76 -15.95 -22.48 -3.47
C LYS V 76 -16.86 -23.68 -3.76
N ASP V 77 -18.07 -23.41 -4.22
CA ASP V 77 -19.15 -24.40 -4.54
C ASP V 77 -18.63 -25.41 -5.55
N SER V 78 -17.75 -24.98 -6.47
CA SER V 78 -17.18 -25.81 -7.56
C SER V 78 -16.27 -26.90 -6.99
N SER V 79 -15.87 -26.78 -5.71
CA SER V 79 -15.09 -27.81 -5.00
C SER V 79 -15.87 -29.13 -4.99
N ASN V 80 -15.14 -30.24 -4.90
CA ASN V 80 -15.72 -31.59 -4.76
C ASN V 80 -16.30 -31.76 -3.35
N LEU V 81 -15.66 -31.14 -2.36
CA LEU V 81 -16.09 -31.14 -0.95
C LEU V 81 -17.27 -30.16 -0.80
N ASP V 82 -18.35 -30.61 -0.18
CA ASP V 82 -19.55 -29.81 0.15
C ASP V 82 -19.17 -28.69 1.12
N LYS V 83 -19.50 -27.45 0.77
CA LYS V 83 -19.15 -26.22 1.52
C LYS V 83 -19.68 -26.32 2.97
N ASN V 84 -20.78 -27.06 3.18
CA ASN V 84 -21.54 -27.11 4.46
C ASN V 84 -20.80 -27.96 5.51
N TYR V 85 -19.77 -28.70 5.11
CA TYR V 85 -19.06 -29.66 5.97
C TYR V 85 -17.63 -29.18 6.20
N TRP V 86 -17.40 -27.86 6.10
CA TRP V 86 -16.05 -27.25 6.11
C TRP V 86 -16.09 -25.96 6.90
N ASN V 87 -15.43 -25.93 8.06
CA ASN V 87 -15.47 -24.77 8.99
C ASN V 87 -14.38 -24.95 10.05
N TYR V 88 -14.17 -23.93 10.90
CA TYR V 88 -13.26 -24.00 12.06
C TYR V 88 -13.83 -25.01 13.07
N ARG V 89 -12.98 -25.57 13.93
CA ARG V 89 -13.37 -26.60 14.93
C ARG V 89 -13.95 -25.95 16.19
N ASN V 90 -14.94 -26.64 16.77
CA ASN V 90 -15.78 -26.14 17.88
C ASN V 90 -16.32 -27.36 18.68
N GLY V 91 -15.71 -28.55 18.48
CA GLY V 91 -15.91 -29.77 19.29
C GLY V 91 -16.53 -30.92 18.50
N ASN V 92 -15.78 -31.49 17.55
CA ASN V 92 -16.14 -32.70 16.76
C ASN V 92 -17.16 -32.35 15.66
N SER V 93 -17.73 -31.11 15.69
CA SER V 93 -18.47 -30.46 14.57
C SER V 93 -17.96 -29.02 14.35
N ILE V 94 -18.63 -28.27 13.46
CA ILE V 94 -18.26 -26.88 13.01
C ILE V 94 -19.33 -25.90 13.53
N LEU V 95 -19.02 -24.59 13.59
CA LEU V 95 -20.01 -23.55 14.03
C LEU V 95 -21.07 -23.36 12.94
N ALA V 96 -22.07 -22.51 13.20
CA ALA V 96 -23.28 -22.29 12.35
C ALA V 96 -22.88 -21.60 11.03
N GLU V 97 -22.52 -20.33 11.10
CA GLU V 97 -22.16 -19.48 9.93
C GLU V 97 -20.81 -19.94 9.35
N GLN V 98 -20.75 -20.16 8.01
CA GLN V 98 -19.49 -20.31 7.22
C GLN V 98 -18.57 -19.14 7.55
N TYR V 99 -17.26 -19.40 7.58
CA TYR V 99 -16.19 -18.47 8.04
C TYR V 99 -16.01 -17.34 7.03
N LYS V 100 -15.14 -16.37 7.37
CA LYS V 100 -14.96 -15.11 6.61
C LYS V 100 -13.53 -14.98 6.06
N ASN V 101 -12.49 -15.38 6.81
CA ASN V 101 -11.08 -15.34 6.33
C ASN V 101 -10.33 -16.59 6.79
N ALA V 102 -9.57 -17.21 5.88
CA ALA V 102 -8.78 -18.43 6.14
C ALA V 102 -7.48 -18.41 5.32
N VAL V 103 -6.97 -17.22 5.01
CA VAL V 103 -5.75 -17.05 4.15
C VAL V 103 -4.54 -17.64 4.89
N GLY V 104 -4.60 -17.73 6.22
CA GLY V 104 -3.53 -18.32 7.04
C GLY V 104 -3.43 -19.84 6.87
N PHE V 105 -4.42 -20.44 6.22
CA PHE V 105 -4.49 -21.90 5.97
C PHE V 105 -4.20 -22.22 4.50
N MET V 106 -4.08 -21.20 3.67
CA MET V 106 -3.90 -21.39 2.21
C MET V 106 -2.46 -21.73 1.90
N PRO V 107 -2.22 -22.56 0.86
CA PRO V 107 -0.87 -22.87 0.42
C PRO V 107 -0.21 -21.64 -0.20
N ASN V 108 0.93 -21.25 0.35
CA ASN V 108 1.74 -20.07 0.00
C ASN V 108 1.95 -20.00 -1.53
N LEU V 109 1.60 -18.87 -2.14
CA LEU V 109 1.68 -18.64 -3.61
C LEU V 109 3.14 -18.47 -4.07
N ALA V 110 4.03 -18.02 -3.19
CA ALA V 110 5.47 -17.86 -3.50
C ALA V 110 6.13 -19.25 -3.54
N ALA V 111 5.82 -20.08 -2.55
CA ALA V 111 6.32 -21.47 -2.42
C ALA V 111 5.72 -22.34 -3.54
N TYR V 112 4.44 -22.14 -3.82
CA TYR V 112 3.62 -22.97 -4.75
C TYR V 112 2.95 -22.07 -5.79
N PRO V 113 3.71 -21.53 -6.76
CA PRO V 113 3.13 -20.63 -7.77
C PRO V 113 2.09 -21.35 -8.63
N LYS V 114 1.10 -20.62 -9.11
CA LYS V 114 0.16 -21.05 -10.17
C LYS V 114 0.91 -21.11 -11.50
N SER V 115 0.50 -21.97 -12.39
CA SER V 115 1.16 -22.15 -13.72
C SER V 115 0.90 -20.92 -14.59
N THR V 116 1.92 -20.21 -15.01
CA THR V 116 1.83 -19.20 -16.15
C THR V 116 1.05 -19.78 -17.37
N THR V 117 -0.04 -19.09 -17.76
CA THR V 117 -1.04 -19.55 -18.79
C THR V 117 -0.74 -20.94 -19.34
N THR V 118 -0.50 -21.08 -20.67
CA THR V 118 -0.33 -22.37 -21.39
C THR V 118 0.71 -23.24 -20.65
N GLN V 119 1.76 -22.62 -20.08
CA GLN V 119 2.84 -23.29 -19.32
C GLN V 119 2.23 -23.98 -18.10
N SER V 120 1.63 -25.14 -18.32
CA SER V 120 0.74 -25.85 -17.36
C SER V 120 1.55 -26.77 -16.44
N LYS V 121 2.90 -26.73 -16.54
CA LYS V 121 3.88 -27.51 -15.74
C LYS V 121 4.32 -26.68 -14.51
N LEU V 122 3.82 -27.07 -13.32
CA LEU V 122 4.20 -26.50 -12.00
C LEU V 122 5.61 -26.98 -11.62
N TYR V 123 6.26 -26.32 -10.66
CA TYR V 123 7.43 -26.85 -9.94
C TYR V 123 7.03 -28.12 -9.22
N ALA V 124 8.00 -28.98 -8.92
CA ALA V 124 7.77 -30.26 -8.23
C ALA V 124 7.34 -30.00 -6.78
N ARG V 125 7.79 -28.92 -6.17
CA ARG V 125 7.59 -28.65 -4.72
C ARG V 125 6.10 -28.36 -4.44
N ASN V 126 5.33 -28.03 -5.48
CA ASN V 126 3.84 -27.85 -5.40
C ASN V 126 3.18 -29.18 -5.05
N THR V 127 3.91 -30.30 -5.14
CA THR V 127 3.35 -31.68 -5.04
C THR V 127 3.94 -32.45 -3.86
N ILE V 128 3.10 -33.21 -3.16
CA ILE V 128 3.47 -34.21 -2.13
C ILE V 128 2.93 -35.55 -2.57
N PHE V 129 3.75 -36.59 -2.51
CA PHE V 129 3.32 -37.99 -2.73
C PHE V 129 3.29 -38.72 -1.40
N GLY V 130 2.28 -39.55 -1.22
CA GLY V 130 2.18 -40.45 -0.07
C GLY V 130 1.61 -41.80 -0.49
N ASN V 131 1.96 -42.83 0.27
CA ASN V 131 1.33 -44.15 0.17
C ASN V 131 0.29 -44.28 1.28
N ILE V 132 -0.94 -44.57 0.89
CA ILE V 132 -2.03 -44.93 1.81
C ILE V 132 -2.56 -46.31 1.42
N TYR V 133 -3.45 -46.87 2.23
CA TYR V 133 -3.83 -48.28 2.13
C TYR V 133 -5.34 -48.42 2.35
N LEU V 134 -5.95 -49.33 1.58
CA LEU V 134 -7.39 -49.63 1.65
C LEU V 134 -7.62 -50.75 2.64
N ASP V 135 -8.62 -50.58 3.51
CA ASP V 135 -9.16 -51.64 4.38
C ASP V 135 -8.11 -52.08 5.39
N SER V 136 -7.21 -51.16 5.75
CA SER V 136 -6.21 -51.33 6.84
C SER V 136 -5.23 -52.46 6.52
N GLN V 137 -4.95 -52.72 5.26
CA GLN V 137 -4.00 -53.79 4.83
C GLN V 137 -2.82 -53.19 4.07
N ALA V 138 -1.62 -53.54 4.49
CA ALA V 138 -0.35 -53.08 3.88
C ALA V 138 -0.29 -53.48 2.40
N TYR V 139 -1.07 -54.47 1.97
CA TYR V 139 -0.97 -55.03 0.60
C TYR V 139 -2.03 -54.43 -0.32
N ASN V 140 -2.71 -53.36 0.09
CA ASN V 140 -3.66 -52.60 -0.76
C ASN V 140 -3.19 -51.15 -0.88
N PRO V 141 -2.01 -50.90 -1.48
CA PRO V 141 -1.50 -49.55 -1.62
C PRO V 141 -2.30 -48.69 -2.60
N VAL V 142 -2.41 -47.41 -2.29
CA VAL V 142 -2.94 -46.34 -3.15
C VAL V 142 -1.98 -45.16 -3.04
N VAL V 143 -1.66 -44.52 -4.16
CA VAL V 143 -0.80 -43.32 -4.20
C VAL V 143 -1.70 -42.09 -4.07
N ILE V 144 -1.47 -41.27 -3.05
CA ILE V 144 -2.13 -39.95 -2.94
C ILE V 144 -1.14 -38.90 -3.40
N LYS V 145 -1.56 -38.12 -4.38
CA LYS V 145 -0.77 -37.02 -4.97
C LYS V 145 -1.47 -35.71 -4.64
N ILE V 146 -0.90 -34.96 -3.71
CA ILE V 146 -1.42 -33.66 -3.24
C ILE V 146 -0.68 -32.57 -3.99
N THR V 147 -1.41 -31.73 -4.71
CA THR V 147 -0.85 -30.63 -5.51
C THR V 147 -1.51 -29.31 -5.10
N PHE V 148 -0.71 -28.27 -4.89
CA PHE V 148 -1.17 -26.93 -4.45
C PHE V 148 -1.20 -25.97 -5.63
N ASN V 149 -2.32 -25.27 -5.80
CA ASN V 149 -2.47 -24.05 -6.66
C ASN V 149 -2.31 -24.43 -8.12
N GLN V 150 -2.84 -25.57 -8.50
CA GLN V 150 -2.80 -26.12 -9.88
C GLN V 150 -4.02 -25.62 -10.66
N GLU V 151 -5.15 -25.36 -9.98
CA GLU V 151 -6.46 -25.11 -10.63
C GLU V 151 -6.60 -23.67 -11.10
N ALA V 152 -6.98 -23.53 -12.36
CA ALA V 152 -7.68 -22.37 -12.99
C ALA V 152 -9.03 -21.96 -12.29
N ASP V 153 -9.34 -20.68 -12.27
CA ASP V 153 -10.58 -20.15 -11.68
C ASP V 153 -10.46 -20.31 -10.17
N SER V 154 -9.27 -20.17 -9.53
CA SER V 154 -9.20 -20.12 -8.06
C SER V 154 -7.90 -19.47 -7.61
N ALA V 155 -7.95 -18.64 -6.58
CA ALA V 155 -6.76 -17.95 -6.00
C ALA V 155 -5.82 -19.02 -5.42
N TYR V 156 -6.41 -20.03 -4.81
CA TYR V 156 -5.74 -21.14 -4.09
C TYR V 156 -6.44 -22.46 -4.41
N SER V 157 -5.74 -23.58 -4.34
CA SER V 157 -6.34 -24.93 -4.49
C SER V 157 -5.50 -25.99 -3.78
N ILE V 158 -6.16 -26.98 -3.21
CA ILE V 158 -5.58 -28.28 -2.78
C ILE V 158 -6.23 -29.38 -3.62
N THR V 159 -5.45 -30.03 -4.47
CA THR V 159 -5.89 -31.16 -5.34
C THR V 159 -5.41 -32.48 -4.71
N LEU V 160 -6.34 -33.38 -4.43
CA LEU V 160 -6.06 -34.76 -3.93
C LEU V 160 -6.30 -35.74 -5.05
N ASN V 161 -5.24 -36.19 -5.72
CA ASN V 161 -5.31 -37.23 -6.77
C ASN V 161 -5.01 -38.59 -6.15
N TYR V 162 -5.92 -39.53 -6.28
CA TYR V 162 -5.78 -40.93 -5.84
C TYR V 162 -5.62 -41.80 -7.08
N SER V 163 -4.63 -42.69 -7.08
CA SER V 163 -4.38 -43.67 -8.16
C SER V 163 -3.78 -44.95 -7.59
N TRP V 164 -3.90 -46.06 -8.31
CA TRP V 164 -3.38 -47.38 -7.89
C TRP V 164 -3.11 -48.23 -9.12
N GLY V 165 -2.33 -49.30 -8.96
CA GLY V 165 -1.94 -50.20 -10.05
C GLY V 165 -2.63 -51.56 -9.98
N LYS V 166 -2.90 -52.05 -8.79
CA LYS V 166 -3.34 -53.46 -8.56
C LYS V 166 -4.74 -53.68 -9.12
N ASP V 167 -4.99 -54.86 -9.67
CA ASP V 167 -6.33 -55.30 -10.10
C ASP V 167 -7.09 -55.78 -8.87
N TYR V 168 -7.43 -54.86 -7.98
CA TYR V 168 -8.15 -55.14 -6.72
C TYR V 168 -9.40 -55.95 -7.03
N GLU V 169 -9.71 -56.94 -6.18
CA GLU V 169 -10.92 -57.80 -6.30
C GLU V 169 -11.76 -57.65 -5.01
N ASN V 170 -12.84 -56.85 -5.06
CA ASN V 170 -13.79 -56.60 -3.95
C ASN V 170 -13.05 -55.98 -2.78
N ILE V 171 -12.31 -54.91 -3.02
CA ILE V 171 -11.65 -54.11 -1.96
C ILE V 171 -12.41 -52.82 -1.81
N PRO V 172 -12.88 -52.47 -0.60
CA PRO V 172 -13.59 -51.22 -0.39
C PRO V 172 -12.59 -50.05 -0.43
N PHE V 173 -12.93 -48.96 -1.09
CA PHE V 173 -12.13 -47.71 -0.99
C PHE V 173 -12.40 -47.08 0.36
N ASP V 174 -11.75 -47.61 1.37
CA ASP V 174 -11.80 -47.14 2.77
C ASP V 174 -10.34 -46.95 3.20
N SER V 175 -9.83 -45.72 3.11
CA SER V 175 -8.36 -45.42 3.15
C SER V 175 -7.89 -45.25 4.60
N THR V 176 -6.64 -45.57 4.85
CA THR V 176 -5.91 -45.24 6.08
C THR V 176 -5.61 -43.73 6.08
N SER V 177 -5.12 -43.23 7.21
CA SER V 177 -4.83 -41.81 7.44
C SER V 177 -3.41 -41.49 7.02
N PHE V 178 -3.20 -40.31 6.46
CA PHE V 178 -1.90 -39.76 6.02
C PHE V 178 -1.74 -38.34 6.54
N THR V 179 -0.56 -38.02 7.05
CA THR V 179 -0.16 -36.68 7.55
C THR V 179 0.84 -36.05 6.57
N PHE V 180 0.71 -34.76 6.32
CA PHE V 180 1.66 -33.95 5.54
C PHE V 180 1.62 -32.53 6.08
N SER V 181 2.52 -31.68 5.64
CA SER V 181 2.53 -30.24 5.93
C SER V 181 2.80 -29.46 4.64
N TYR V 182 2.44 -28.20 4.64
CA TYR V 182 2.76 -27.25 3.56
C TYR V 182 2.95 -25.85 4.16
N ILE V 183 3.64 -25.00 3.42
CA ILE V 183 3.97 -23.60 3.83
C ILE V 183 2.72 -22.75 3.66
N ALA V 184 2.35 -22.00 4.71
CA ALA V 184 1.14 -21.17 4.78
C ALA V 184 1.38 -19.83 4.09
N GLN V 185 0.33 -19.28 3.47
CA GLN V 185 0.38 -17.98 2.73
C GLN V 185 0.75 -16.85 3.70
N GLU V 186 0.26 -16.91 4.94
CA GLU V 186 0.66 -15.95 6.02
C GLU V 186 0.48 -16.63 7.39
N LYS W 1 1.41 -26.15 23.55
CA LYS W 1 2.68 -26.73 23.08
C LYS W 1 3.21 -27.79 24.06
N LEU W 2 2.44 -28.18 25.09
CA LEU W 2 2.86 -29.20 26.08
C LEU W 2 3.05 -30.59 25.40
N THR W 3 4.10 -31.28 25.81
CA THR W 3 4.61 -32.49 25.18
C THR W 3 4.57 -33.64 26.18
N LEU W 4 4.04 -34.78 25.76
CA LEU W 4 3.94 -36.03 26.56
C LEU W 4 4.87 -37.05 25.91
N TRP W 5 5.81 -37.63 26.66
CA TRP W 5 6.88 -38.47 26.04
C TRP W 5 7.45 -39.51 27.01
N THR W 6 8.18 -40.45 26.45
CA THR W 6 9.14 -41.34 27.14
C THR W 6 10.40 -40.51 27.40
N THR W 7 10.93 -40.48 28.60
CA THR W 7 12.18 -39.73 28.86
C THR W 7 13.20 -40.20 27.84
N LEU W 8 14.26 -39.44 27.61
CA LEU W 8 15.35 -39.81 26.65
C LEU W 8 16.42 -40.65 27.36
N ASP W 9 16.24 -40.90 28.65
CA ASP W 9 17.04 -41.81 29.48
C ASP W 9 17.38 -43.06 28.65
N PRO W 10 18.69 -43.47 28.59
CA PRO W 10 19.12 -44.57 27.73
C PRO W 10 18.59 -45.96 28.12
N SER W 11 18.06 -46.11 29.35
CA SER W 11 17.67 -47.42 29.93
C SER W 11 16.41 -47.96 29.27
N PRO W 12 16.31 -49.30 29.11
CA PRO W 12 15.12 -49.93 28.53
C PRO W 12 13.86 -49.57 29.33
N ASN W 13 12.71 -49.55 28.67
CA ASN W 13 11.47 -48.99 29.23
C ASN W 13 10.22 -49.74 28.73
N CYS W 14 10.38 -50.85 28.02
CA CYS W 14 9.27 -51.48 27.25
C CYS W 14 9.40 -53.01 27.25
N ARG W 15 8.24 -53.70 27.23
CA ARG W 15 8.13 -55.18 27.15
C ARG W 15 7.51 -55.56 25.80
N ILE W 16 8.23 -56.33 24.99
CA ILE W 16 7.65 -57.04 23.81
C ILE W 16 7.24 -58.45 24.27
N ASP W 17 8.20 -59.25 24.75
CA ASP W 17 7.96 -60.59 25.33
C ASP W 17 8.26 -60.56 26.83
N VAL W 18 9.25 -59.78 27.22
CA VAL W 18 9.94 -59.87 28.54
C VAL W 18 10.23 -58.45 29.04
N ASP W 19 10.12 -58.23 30.36
CA ASP W 19 10.37 -56.93 31.01
C ASP W 19 11.69 -56.33 30.49
N LYS W 20 11.65 -55.12 29.96
CA LYS W 20 12.84 -54.31 29.60
C LYS W 20 13.66 -55.00 28.49
N ASP W 21 13.01 -55.52 27.45
CA ASP W 21 13.71 -56.12 26.28
C ASP W 21 13.81 -55.08 25.16
N SER W 22 13.18 -53.91 25.34
CA SER W 22 13.05 -52.87 24.29
C SER W 22 13.09 -51.48 24.92
N LYS W 23 13.50 -50.48 24.14
CA LYS W 23 13.43 -49.04 24.49
C LYS W 23 12.63 -48.32 23.40
N LEU W 24 11.38 -47.95 23.73
CA LEU W 24 10.51 -47.12 22.89
C LEU W 24 10.82 -45.65 23.18
N THR W 25 11.06 -44.86 22.14
CA THR W 25 11.11 -43.39 22.20
C THR W 25 9.87 -42.86 21.48
N LEU W 26 8.90 -42.37 22.24
CA LEU W 26 7.62 -41.82 21.71
C LEU W 26 7.46 -40.41 22.25
N VAL W 27 7.30 -39.44 21.36
CA VAL W 27 7.07 -38.02 21.71
C VAL W 27 5.74 -37.60 21.09
N LEU W 28 4.77 -37.22 21.92
CA LEU W 28 3.46 -36.67 21.50
C LEU W 28 3.46 -35.19 21.84
N THR W 29 3.50 -34.33 20.82
CA THR W 29 3.44 -32.87 20.98
C THR W 29 2.07 -32.37 20.52
N LYS W 30 1.35 -31.68 21.38
CA LYS W 30 0.01 -31.13 21.07
C LYS W 30 0.17 -29.83 20.31
N CYS W 31 -0.26 -29.81 19.05
N CYS W 31 -0.25 -29.81 19.04
CA CYS W 31 -0.41 -28.58 18.22
CA CYS W 31 -0.42 -28.58 18.23
C CYS W 31 -1.90 -28.39 17.91
C CYS W 31 -1.90 -28.40 17.93
N GLY W 32 -2.62 -27.74 18.82
CA GLY W 32 -4.07 -27.56 18.73
C GLY W 32 -4.78 -28.90 18.72
N SER W 33 -5.57 -29.17 17.68
CA SER W 33 -6.49 -30.33 17.57
C SER W 33 -5.78 -31.53 16.96
N GLN W 34 -4.50 -31.42 16.64
CA GLN W 34 -3.68 -32.58 16.18
C GLN W 34 -2.53 -32.82 17.16
N ILE W 35 -2.18 -34.08 17.35
CA ILE W 35 -0.95 -34.54 18.07
C ILE W 35 0.10 -34.88 17.02
N LEU W 36 1.23 -34.16 17.05
CA LEU W 36 2.43 -34.47 16.25
C LEU W 36 3.23 -35.53 17.01
N ALA W 37 3.36 -36.73 16.43
CA ALA W 37 3.97 -37.91 17.07
C ALA W 37 5.28 -38.25 16.37
N ASN W 38 6.27 -38.69 17.14
CA ASN W 38 7.62 -39.11 16.66
C ASN W 38 7.99 -40.37 17.43
N VAL W 39 8.34 -41.44 16.72
CA VAL W 39 8.58 -42.76 17.35
C VAL W 39 9.82 -43.43 16.73
N SER W 40 10.62 -44.05 17.59
CA SER W 40 11.72 -44.97 17.26
C SER W 40 11.70 -46.11 18.27
N LEU W 41 12.29 -47.25 17.92
CA LEU W 41 12.29 -48.46 18.77
C LEU W 41 13.62 -49.18 18.61
N LEU W 42 14.25 -49.49 19.74
CA LEU W 42 15.47 -50.34 19.84
C LEU W 42 15.11 -51.56 20.70
N VAL W 43 15.41 -52.76 20.22
CA VAL W 43 15.32 -54.02 21.02
C VAL W 43 16.71 -54.30 21.59
N VAL W 44 16.83 -54.42 22.92
CA VAL W 44 18.14 -54.47 23.63
C VAL W 44 18.50 -55.91 24.00
N LYS W 45 17.51 -56.81 24.12
CA LYS W 45 17.74 -58.25 24.39
C LYS W 45 16.53 -59.05 23.91
N GLY W 46 16.63 -60.39 24.01
CA GLY W 46 15.59 -61.34 23.58
C GLY W 46 15.70 -61.68 22.11
N ARG W 47 14.74 -62.44 21.62
CA ARG W 47 14.76 -63.11 20.30
C ARG W 47 14.74 -62.08 19.16
N PHE W 48 14.26 -60.86 19.39
CA PHE W 48 14.11 -59.82 18.33
C PHE W 48 15.27 -58.85 18.32
N GLN W 49 16.23 -58.98 19.23
CA GLN W 49 17.38 -58.06 19.30
C GLN W 49 18.19 -58.15 18.01
N ASN W 50 18.47 -59.38 17.59
CA ASN W 50 19.25 -59.69 16.38
C ASN W 50 18.44 -60.68 15.53
N LEU W 51 17.90 -60.21 14.41
CA LEU W 51 17.03 -61.00 13.53
C LEU W 51 17.89 -61.88 12.64
N ASN W 52 17.69 -63.19 12.70
CA ASN W 52 18.35 -64.14 11.77
C ASN W 52 17.39 -65.27 11.44
N TYR W 53 16.77 -65.19 10.26
CA TYR W 53 15.74 -66.14 9.79
C TYR W 53 16.41 -67.31 9.08
N LYS W 54 17.72 -67.25 8.87
CA LYS W 54 18.50 -68.40 8.32
C LYS W 54 18.78 -69.39 9.46
N THR W 55 19.02 -68.87 10.67
CA THR W 55 19.47 -69.68 11.81
C THR W 55 18.31 -70.01 12.76
N ASN W 56 17.30 -69.15 12.85
N ASN W 56 17.29 -69.15 12.84
CA ASN W 56 16.11 -69.39 13.72
CA ASN W 56 16.13 -69.37 13.73
C ASN W 56 14.86 -69.45 12.85
C ASN W 56 14.86 -69.45 12.87
N PRO W 57 14.35 -70.67 12.57
CA PRO W 57 13.20 -70.83 11.68
C PRO W 57 11.85 -70.55 12.38
N ASN W 58 11.86 -70.52 13.71
CA ASN W 58 10.64 -70.34 14.54
C ASN W 58 10.39 -68.86 14.84
N LEU W 59 11.23 -67.96 14.37
CA LEU W 59 11.17 -66.52 14.75
C LEU W 59 10.01 -65.85 14.01
N PRO W 60 9.04 -65.25 14.73
CA PRO W 60 8.01 -64.45 14.08
C PRO W 60 8.62 -63.27 13.33
N LYS W 61 7.84 -62.66 12.43
CA LYS W 61 8.21 -61.42 11.72
C LYS W 61 7.24 -60.31 12.10
N THR W 62 6.78 -60.32 13.35
CA THR W 62 5.90 -59.29 13.91
C THR W 62 5.97 -59.30 15.42
N PHE W 63 5.75 -58.14 16.02
CA PHE W 63 5.39 -57.97 17.44
C PHE W 63 4.55 -56.70 17.56
N THR W 64 3.82 -56.57 18.65
CA THR W 64 2.91 -55.44 18.91
C THR W 64 3.21 -54.83 20.28
N ILE W 65 3.41 -53.53 20.31
CA ILE W 65 3.53 -52.70 21.53
C ILE W 65 2.24 -51.89 21.69
N LYS W 66 1.54 -52.03 22.82
CA LYS W 66 0.25 -51.34 23.10
C LYS W 66 0.44 -50.30 24.20
N LEU W 67 -0.02 -49.07 23.96
CA LEU W 67 -0.25 -48.05 25.01
C LEU W 67 -1.75 -47.98 25.29
N LEU W 68 -2.16 -48.35 26.49
CA LEU W 68 -3.57 -48.36 26.93
C LEU W 68 -3.80 -47.20 27.91
N PHE W 69 -4.86 -46.43 27.71
CA PHE W 69 -5.19 -45.22 28.50
C PHE W 69 -6.61 -45.34 29.10
N ASP W 70 -6.79 -44.82 30.32
CA ASP W 70 -8.11 -44.74 31.00
C ASP W 70 -8.82 -43.44 30.56
N GLU W 71 -10.02 -43.18 31.10
CA GLU W 71 -10.92 -42.07 30.64
C GLU W 71 -10.22 -40.70 30.81
N ASN W 72 -9.17 -40.64 31.63
CA ASN W 72 -8.39 -39.40 31.93
C ASN W 72 -7.08 -39.34 31.13
N GLY W 73 -6.83 -40.31 30.26
CA GLY W 73 -5.61 -40.35 29.44
C GLY W 73 -4.38 -40.76 30.24
N ILE W 74 -4.57 -41.41 31.39
CA ILE W 74 -3.47 -42.02 32.20
C ILE W 74 -3.09 -43.36 31.57
N LEU W 75 -1.80 -43.58 31.37
CA LEU W 75 -1.24 -44.86 30.85
C LEU W 75 -1.46 -45.94 31.91
N LYS W 76 -1.96 -47.10 31.50
CA LYS W 76 -2.31 -48.22 32.41
C LYS W 76 -1.14 -49.21 32.47
N ASP W 77 -0.99 -49.88 33.63
CA ASP W 77 0.11 -50.85 33.91
C ASP W 77 0.14 -51.96 32.86
N SER W 78 -1.04 -52.34 32.32
CA SER W 78 -1.22 -53.43 31.33
C SER W 78 -0.56 -53.04 29.99
N SER W 79 -0.22 -51.76 29.81
CA SER W 79 0.53 -51.28 28.63
C SER W 79 1.87 -52.01 28.54
N ASN W 80 2.42 -52.11 27.34
CA ASN W 80 3.77 -52.70 27.08
C ASN W 80 4.84 -51.73 27.57
N LEU W 81 4.56 -50.41 27.46
CA LEU W 81 5.46 -49.34 27.93
C LEU W 81 5.35 -49.23 29.46
N ASP W 82 6.48 -49.22 30.15
CA ASP W 82 6.59 -49.05 31.62
C ASP W 82 6.05 -47.66 31.98
N LYS W 83 5.11 -47.61 32.91
CA LYS W 83 4.40 -46.37 33.34
C LYS W 83 5.41 -45.32 33.85
N ASN W 84 6.56 -45.77 34.36
CA ASN W 84 7.57 -44.92 35.06
C ASN W 84 8.39 -44.09 34.07
N TYR W 85 8.29 -44.39 32.78
CA TYR W 85 9.11 -43.75 31.71
C TYR W 85 8.20 -42.92 30.81
N TRP W 86 7.07 -42.44 31.34
CA TRP W 86 6.00 -41.76 30.57
C TRP W 86 5.45 -40.60 31.39
N ASN W 87 5.70 -39.37 30.95
CA ASN W 87 5.29 -38.15 31.69
C ASN W 87 5.44 -36.93 30.78
N TYR W 88 4.99 -35.75 31.22
CA TYR W 88 5.22 -34.47 30.53
C TYR W 88 6.72 -34.17 30.54
N ARG W 89 7.21 -33.38 29.57
CA ARG W 89 8.62 -32.94 29.48
C ARG W 89 8.74 -31.65 30.27
N GLN W 98 3.43 -38.71 38.86
CA GLN W 98 2.60 -39.11 37.69
C GLN W 98 1.63 -37.97 37.39
N TYR W 99 1.30 -37.75 36.10
CA TYR W 99 0.35 -36.72 35.65
C TYR W 99 -1.08 -37.11 36.06
N LYS W 100 -2.02 -36.18 35.86
CA LYS W 100 -3.43 -36.30 36.36
C LYS W 100 -4.43 -36.32 35.20
N ASN W 101 -4.26 -35.48 34.17
CA ASN W 101 -5.13 -35.45 32.96
C ASN W 101 -4.28 -35.29 31.69
N ALA W 102 -4.58 -36.07 30.65
CA ALA W 102 -3.88 -36.04 29.35
C ALA W 102 -4.87 -36.34 28.22
N VAL W 103 -6.15 -36.02 28.41
CA VAL W 103 -7.24 -36.30 27.43
C VAL W 103 -6.98 -35.49 26.15
N GLY W 104 -6.24 -34.38 26.25
CA GLY W 104 -5.86 -33.53 25.10
C GLY W 104 -4.86 -34.23 24.17
N PHE W 105 -4.27 -35.34 24.63
CA PHE W 105 -3.27 -36.13 23.87
C PHE W 105 -3.89 -37.42 23.35
N MET W 106 -5.12 -37.74 23.72
CA MET W 106 -5.76 -39.01 23.36
C MET W 106 -6.31 -38.95 21.94
N PRO W 107 -6.31 -40.08 21.22
CA PRO W 107 -6.88 -40.15 19.90
C PRO W 107 -8.41 -40.02 19.96
N ASN W 108 -8.93 -39.02 19.25
CA ASN W 108 -10.35 -38.61 19.19
C ASN W 108 -11.24 -39.83 18.94
N LEU W 109 -12.24 -40.05 19.80
CA LEU W 109 -13.18 -41.21 19.74
C LEU W 109 -14.16 -41.06 18.58
N ALA W 110 -14.47 -39.84 18.14
CA ALA W 110 -15.38 -39.58 17.00
C ALA W 110 -14.64 -39.92 15.70
N ALA W 111 -13.39 -39.49 15.58
CA ALA W 111 -12.50 -39.73 14.43
C ALA W 111 -12.12 -41.21 14.36
N TYR W 112 -11.85 -41.81 15.52
CA TYR W 112 -11.35 -43.19 15.66
C TYR W 112 -12.24 -43.96 16.64
N PRO W 113 -13.46 -44.36 16.22
CA PRO W 113 -14.36 -45.06 17.10
C PRO W 113 -13.81 -46.42 17.53
N LYS W 114 -14.15 -46.86 18.74
CA LYS W 114 -13.93 -48.25 19.21
C LYS W 114 -14.90 -49.16 18.47
N SER W 115 -14.55 -50.41 18.28
CA SER W 115 -15.35 -51.41 17.53
C SER W 115 -16.64 -51.70 18.29
N THR W 116 -17.80 -51.41 17.67
CA THR W 116 -19.13 -51.74 18.22
C THR W 116 -19.12 -53.25 18.51
N THR W 117 -19.93 -53.68 19.48
CA THR W 117 -20.10 -55.11 19.83
C THR W 117 -20.21 -55.92 18.52
N THR W 118 -21.10 -55.49 17.62
CA THR W 118 -21.46 -56.16 16.34
C THR W 118 -20.20 -56.60 15.59
N GLN W 119 -19.13 -55.78 15.57
CA GLN W 119 -17.92 -56.08 14.75
C GLN W 119 -16.65 -55.65 15.47
N SER W 120 -15.58 -56.44 15.31
CA SER W 120 -14.19 -56.15 15.74
C SER W 120 -13.43 -55.37 14.63
N LYS W 121 -14.12 -55.01 13.53
CA LYS W 121 -13.58 -54.35 12.32
C LYS W 121 -13.77 -52.82 12.43
N LEU W 122 -12.67 -52.10 12.69
CA LEU W 122 -12.60 -50.61 12.76
C LEU W 122 -12.69 -50.02 11.34
N TYR W 123 -12.98 -48.72 11.23
CA TYR W 123 -12.73 -47.93 10.00
C TYR W 123 -11.23 -47.93 9.71
N ALA W 124 -10.87 -47.70 8.46
CA ALA W 124 -9.48 -47.66 7.99
C ALA W 124 -8.77 -46.44 8.58
N ARG W 125 -9.48 -45.34 8.85
CA ARG W 125 -8.85 -44.05 9.26
C ARG W 125 -8.28 -44.17 10.67
N ASN W 126 -8.69 -45.20 11.43
CA ASN W 126 -8.13 -45.56 12.76
C ASN W 126 -6.66 -45.95 12.62
N THR W 127 -6.20 -46.22 11.40
CA THR W 127 -4.87 -46.83 11.13
C THR W 127 -3.98 -45.88 10.31
N ILE W 128 -2.69 -45.83 10.65
CA ILE W 128 -1.60 -45.19 9.86
C ILE W 128 -0.57 -46.25 9.54
N PHE W 129 -0.14 -46.33 8.29
CA PHE W 129 0.99 -47.18 7.86
C PHE W 129 2.19 -46.30 7.57
N GLY W 130 3.36 -46.75 8.00
CA GLY W 130 4.64 -46.13 7.68
C GLY W 130 5.69 -47.17 7.38
N ASN W 131 6.68 -46.78 6.57
CA ASN W 131 7.91 -47.57 6.35
C ASN W 131 9.00 -46.99 7.23
N ILE W 132 9.58 -47.83 8.08
CA ILE W 132 10.80 -47.52 8.86
C ILE W 132 11.88 -48.55 8.50
N TYR W 133 13.09 -48.35 8.99
CA TYR W 133 14.26 -49.09 8.53
C TYR W 133 15.16 -49.46 9.71
N LEU W 134 15.74 -50.65 9.66
CA LEU W 134 16.64 -51.18 10.70
C LEU W 134 18.08 -50.80 10.35
N ASP W 135 18.82 -50.32 11.33
CA ASP W 135 20.30 -50.15 11.28
C ASP W 135 20.65 -49.10 10.23
N SER W 136 19.75 -48.14 10.01
CA SER W 136 19.98 -46.93 9.19
C SER W 136 20.22 -47.30 7.72
N GLN W 137 19.64 -48.42 7.25
CA GLN W 137 19.81 -48.87 5.85
C GLN W 137 18.45 -48.91 5.16
N ALA W 138 18.36 -48.28 4.00
CA ALA W 138 17.15 -48.21 3.16
C ALA W 138 16.70 -49.63 2.77
N TYR W 139 17.59 -50.63 2.82
CA TYR W 139 17.27 -52.00 2.33
C TYR W 139 16.84 -52.92 3.46
N ASN W 140 16.54 -52.38 4.64
CA ASN W 140 15.99 -53.15 5.79
C ASN W 140 14.63 -52.56 6.17
N PRO W 141 13.62 -52.60 5.28
CA PRO W 141 12.31 -52.05 5.59
C PRO W 141 11.56 -52.85 6.65
N VAL W 142 10.81 -52.13 7.47
CA VAL W 142 9.82 -52.66 8.44
C VAL W 142 8.57 -51.81 8.31
N VAL W 143 7.41 -52.44 8.31
CA VAL W 143 6.09 -51.75 8.26
C VAL W 143 5.65 -51.48 9.70
N ILE W 144 5.45 -50.22 10.03
CA ILE W 144 4.81 -49.82 11.32
C ILE W 144 3.35 -49.52 11.05
N LYS W 145 2.47 -50.22 11.75
CA LYS W 145 1.02 -50.07 11.65
C LYS W 145 0.52 -49.52 12.98
N ILE W 146 0.15 -48.24 12.98
CA ILE W 146 -0.37 -47.52 14.17
C ILE W 146 -1.87 -47.53 14.09
N THR W 147 -2.54 -48.08 15.09
CA THR W 147 -4.01 -48.19 15.16
C THR W 147 -4.50 -47.56 16.47
N PHE W 148 -5.52 -46.73 16.39
CA PHE W 148 -6.11 -45.99 17.54
C PHE W 148 -7.41 -46.66 17.99
N ASN W 149 -7.52 -46.90 19.30
CA ASN W 149 -8.78 -47.24 20.02
C ASN W 149 -9.29 -48.60 19.55
N GLN W 150 -8.38 -49.53 19.34
CA GLN W 150 -8.66 -50.91 18.89
C GLN W 150 -8.88 -51.81 20.11
N GLU W 151 -8.25 -51.48 21.25
CA GLU W 151 -8.25 -52.34 22.47
C GLU W 151 -9.52 -52.03 23.28
N ALA W 152 -10.24 -53.09 23.64
CA ALA W 152 -11.64 -53.06 24.10
C ALA W 152 -11.70 -52.68 25.59
N ASP W 153 -10.71 -53.10 26.40
CA ASP W 153 -10.66 -52.88 27.86
C ASP W 153 -9.83 -51.62 28.18
N SER W 154 -10.07 -50.53 27.46
CA SER W 154 -9.39 -49.22 27.63
C SER W 154 -10.21 -48.13 26.93
N ALA W 155 -10.33 -46.95 27.53
CA ALA W 155 -11.09 -45.82 26.97
C ALA W 155 -10.42 -45.37 25.66
N TYR W 156 -9.09 -45.42 25.66
CA TYR W 156 -8.21 -44.98 24.54
C TYR W 156 -7.08 -45.98 24.39
N SER W 157 -6.52 -46.12 23.18
CA SER W 157 -5.32 -46.96 22.93
C SER W 157 -4.56 -46.47 21.69
N ILE W 158 -3.25 -46.57 21.76
CA ILE W 158 -2.32 -46.48 20.59
C ILE W 158 -1.62 -47.83 20.48
N THR W 159 -1.89 -48.57 19.41
CA THR W 159 -1.28 -49.88 19.10
C THR W 159 -0.21 -49.68 18.02
N LEU W 160 1.03 -50.08 18.32
CA LEU W 160 2.16 -50.06 17.37
C LEU W 160 2.47 -51.49 16.95
N ASN W 161 2.01 -51.87 15.77
CA ASN W 161 2.32 -53.19 15.17
C ASN W 161 3.49 -53.05 14.22
N TYR W 162 4.54 -53.82 14.46
CA TYR W 162 5.74 -53.92 13.60
C TYR W 162 5.72 -55.28 12.89
N SER W 163 5.94 -55.28 11.58
CA SER W 163 6.03 -56.50 10.76
C SER W 163 6.98 -56.27 9.59
N TRP W 164 7.50 -57.36 9.02
CA TRP W 164 8.46 -57.31 7.89
C TRP W 164 8.36 -58.60 7.11
N GLY W 165 8.87 -58.60 5.87
CA GLY W 165 8.83 -59.76 4.96
C GLY W 165 10.19 -60.41 4.77
N LYS W 166 11.27 -59.65 4.83
CA LYS W 166 12.63 -60.11 4.43
C LYS W 166 13.14 -61.14 5.43
N ASP W 167 13.87 -62.13 4.93
CA ASP W 167 14.61 -63.12 5.74
C ASP W 167 15.92 -62.46 6.20
N TYR W 168 15.81 -61.47 7.07
CA TYR W 168 16.95 -60.73 7.64
C TYR W 168 17.97 -61.72 8.20
N GLU W 169 19.26 -61.44 7.98
CA GLU W 169 20.40 -62.25 8.49
C GLU W 169 21.29 -61.37 9.36
N ASN W 170 21.15 -61.48 10.69
CA ASN W 170 21.95 -60.73 11.71
C ASN W 170 21.73 -59.24 11.54
N ILE W 171 20.47 -58.81 11.50
CA ILE W 171 20.10 -57.38 11.47
C ILE W 171 19.55 -57.02 12.84
N PRO W 172 20.11 -56.00 13.52
CA PRO W 172 19.61 -55.59 14.82
C PRO W 172 18.29 -54.84 14.64
N PHE W 173 17.28 -55.12 15.47
CA PHE W 173 16.04 -54.32 15.48
C PHE W 173 16.35 -53.00 16.16
N ASP W 174 16.94 -52.10 15.40
CA ASP W 174 17.29 -50.73 15.81
C ASP W 174 16.71 -49.81 14.75
N SER W 175 15.51 -49.26 14.98
CA SER W 175 14.66 -48.62 13.94
C SER W 175 15.03 -47.16 13.75
N THR W 176 14.85 -46.65 12.54
CA THR W 176 14.88 -45.21 12.22
C THR W 176 13.62 -44.55 12.81
N SER W 177 13.59 -43.23 12.78
CA SER W 177 12.51 -42.40 13.36
C SER W 177 11.42 -42.16 12.31
N PHE W 178 10.17 -42.14 12.75
CA PHE W 178 8.97 -41.91 11.91
C PHE W 178 8.09 -40.86 12.60
N THR W 179 7.58 -39.92 11.82
CA THR W 179 6.65 -38.86 12.26
C THR W 179 5.24 -39.15 11.69
N PHE W 180 4.23 -38.94 12.49
CA PHE W 180 2.81 -39.01 12.09
C PHE W 180 2.02 -38.03 12.94
N SER W 181 0.75 -37.82 12.61
CA SER W 181 -0.18 -37.04 13.44
C SER W 181 -1.49 -37.80 13.57
N TYR W 182 -2.28 -37.45 14.57
CA TYR W 182 -3.66 -37.91 14.74
C TYR W 182 -4.50 -36.81 15.37
N ILE W 183 -5.81 -36.90 15.21
CA ILE W 183 -6.81 -35.93 15.70
C ILE W 183 -6.98 -36.14 17.21
N ALA W 184 -6.87 -35.07 17.98
CA ALA W 184 -6.91 -35.09 19.47
C ALA W 184 -8.36 -35.09 19.95
N GLN W 185 -8.61 -35.76 21.07
CA GLN W 185 -9.96 -35.90 21.68
C GLN W 185 -10.50 -34.52 22.07
N GLU W 186 -9.64 -33.62 22.54
CA GLU W 186 -10.01 -32.21 22.82
C GLU W 186 -8.76 -31.32 22.73
N LYS X 1 4.73 -19.56 17.26
CA LYS X 1 5.81 -20.57 16.93
C LYS X 1 6.79 -20.02 15.86
N LEU X 2 7.99 -19.58 16.31
CA LEU X 2 9.02 -18.99 15.42
C LEU X 2 9.52 -20.03 14.39
N THR X 3 9.74 -19.57 13.16
CA THR X 3 10.10 -20.40 12.01
C THR X 3 11.49 -19.98 11.50
N LEU X 4 12.36 -20.94 11.27
CA LEU X 4 13.72 -20.77 10.73
C LEU X 4 13.74 -21.41 9.34
N TRP X 5 14.12 -20.67 8.28
CA TRP X 5 13.96 -21.18 6.89
C TRP X 5 14.95 -20.54 5.91
N THR X 6 15.05 -21.14 4.74
CA THR X 6 15.61 -20.55 3.50
C THR X 6 14.55 -19.63 2.93
N THR X 7 14.86 -18.39 2.59
CA THR X 7 13.84 -17.50 1.98
C THR X 7 13.24 -18.25 0.80
N LEU X 8 12.09 -17.85 0.30
CA LEU X 8 11.40 -18.50 -0.86
C LEU X 8 11.87 -17.83 -2.16
N ASP X 9 12.75 -16.84 -2.05
CA ASP X 9 13.49 -16.20 -3.18
C ASP X 9 13.85 -17.27 -4.21
N PRO X 10 13.54 -17.05 -5.52
CA PRO X 10 13.76 -18.08 -6.55
C PRO X 10 15.23 -18.40 -6.85
N SER X 11 16.17 -17.58 -6.40
CA SER X 11 17.62 -17.67 -6.75
C SER X 11 18.28 -18.86 -6.05
N PRO X 12 19.25 -19.52 -6.71
CA PRO X 12 19.99 -20.62 -6.12
C PRO X 12 20.67 -20.20 -4.81
N ASN X 13 20.86 -21.14 -3.90
CA ASN X 13 21.27 -20.86 -2.50
C ASN X 13 22.16 -21.97 -1.92
N CYS X 14 22.58 -22.94 -2.72
CA CYS X 14 23.17 -24.21 -2.21
C CYS X 14 24.25 -24.75 -3.15
N ARG X 15 25.27 -25.38 -2.58
CA ARG X 15 26.39 -26.04 -3.31
C ARG X 15 26.30 -27.57 -3.10
N ILE X 16 26.15 -28.32 -4.18
CA ILE X 16 26.36 -29.80 -4.18
C ILE X 16 27.81 -30.07 -4.58
N ASP X 17 28.21 -29.65 -5.77
CA ASP X 17 29.61 -29.74 -6.28
C ASP X 17 30.19 -28.32 -6.40
N VAL X 18 29.35 -27.36 -6.76
CA VAL X 18 29.75 -26.03 -7.30
C VAL X 18 28.81 -24.96 -6.73
N ASP X 19 29.34 -23.77 -6.41
CA ASP X 19 28.56 -22.64 -5.84
C ASP X 19 27.29 -22.44 -6.67
N LYS X 20 26.14 -22.46 -5.99
CA LYS X 20 24.82 -22.08 -6.56
C LYS X 20 24.42 -23.02 -7.70
N ASP X 21 24.59 -24.33 -7.52
CA ASP X 21 24.15 -25.36 -8.52
C ASP X 21 22.77 -25.90 -8.11
N SER X 22 22.27 -25.52 -6.94
CA SER X 22 21.04 -26.06 -6.34
C SER X 22 20.30 -24.99 -5.54
N LYS X 23 18.99 -25.16 -5.39
CA LYS X 23 18.10 -24.35 -4.52
C LYS X 23 17.39 -25.27 -3.52
N LEU X 24 17.83 -25.25 -2.28
CA LEU X 24 17.23 -25.97 -1.14
C LEU X 24 16.14 -25.08 -0.55
N THR X 25 14.93 -25.61 -0.39
CA THR X 25 13.84 -24.97 0.37
C THR X 25 13.63 -25.80 1.63
N LEU X 26 14.07 -25.27 2.78
CA LEU X 26 13.97 -25.94 4.09
C LEU X 26 13.27 -25.00 5.05
N VAL X 27 12.19 -25.46 5.66
CA VAL X 27 11.41 -24.70 6.67
C VAL X 27 11.40 -25.53 7.96
N LEU X 28 11.96 -24.97 9.02
CA LEU X 28 11.92 -25.56 10.37
C LEU X 28 10.96 -24.70 11.21
N THR X 29 9.81 -25.26 11.58
CA THR X 29 8.82 -24.60 12.45
C THR X 29 8.87 -25.27 13.82
N LYS X 30 9.10 -24.49 14.88
CA LYS X 30 9.14 -24.99 16.26
C LYS X 30 7.73 -25.10 16.79
N CYS X 31 7.27 -26.32 17.06
N CYS X 31 7.26 -26.32 17.03
CA CYS X 31 6.02 -26.63 17.80
CA CYS X 31 6.02 -26.61 17.80
C CYS X 31 6.38 -27.30 19.12
C CYS X 31 6.43 -27.29 19.11
N GLY X 32 6.67 -26.50 20.15
CA GLY X 32 7.14 -26.98 21.46
C GLY X 32 8.46 -27.71 21.31
N SER X 33 8.49 -28.97 21.75
CA SER X 33 9.71 -29.80 21.89
C SER X 33 10.02 -30.55 20.58
N GLN X 34 9.20 -30.37 19.54
CA GLN X 34 9.46 -30.94 18.20
C GLN X 34 9.61 -29.83 17.17
N ILE X 35 10.49 -30.03 16.19
CA ILE X 35 10.62 -29.19 14.99
C ILE X 35 9.88 -29.88 13.85
N LEU X 36 8.87 -29.21 13.30
CA LEU X 36 8.16 -29.64 12.06
C LEU X 36 8.97 -29.12 10.87
N ALA X 37 9.52 -30.02 10.06
CA ALA X 37 10.43 -29.72 8.94
C ALA X 37 9.74 -30.02 7.61
N ASN X 38 10.01 -29.18 6.61
CA ASN X 38 9.49 -29.33 5.23
C ASN X 38 10.64 -29.01 4.29
N VAL X 39 10.93 -29.90 3.35
CA VAL X 39 12.11 -29.77 2.46
C VAL X 39 11.74 -30.14 1.01
N SER X 40 12.27 -29.36 0.07
CA SER X 40 12.31 -29.66 -1.38
C SER X 40 13.67 -29.21 -1.91
N LEU X 41 14.09 -29.76 -3.03
CA LEU X 41 15.38 -29.45 -3.66
C LEU X 41 15.23 -29.42 -5.17
N LEU X 42 15.72 -28.36 -5.79
CA LEU X 42 15.88 -28.20 -7.25
C LEU X 42 17.37 -28.03 -7.56
N VAL X 43 17.89 -28.79 -8.51
CA VAL X 43 19.26 -28.58 -9.08
C VAL X 43 19.11 -27.73 -10.34
N VAL X 44 19.81 -26.60 -10.42
CA VAL X 44 19.60 -25.58 -11.48
C VAL X 44 20.69 -25.66 -12.55
N LYS X 45 21.85 -26.22 -12.22
CA LYS X 45 22.95 -26.45 -13.19
C LYS X 45 23.88 -27.57 -12.70
N GLY X 46 24.84 -27.95 -13.52
CA GLY X 46 25.82 -29.00 -13.21
C GLY X 46 25.31 -30.37 -13.58
N ARG X 47 26.08 -31.39 -13.21
CA ARG X 47 25.92 -32.79 -13.70
C ARG X 47 24.60 -33.40 -13.20
N PHE X 48 24.02 -32.88 -12.10
CA PHE X 48 22.80 -33.47 -11.48
C PHE X 48 21.53 -32.74 -11.93
N GLN X 49 21.66 -31.68 -12.73
CA GLN X 49 20.49 -30.90 -13.17
C GLN X 49 19.57 -31.80 -13.98
N ASN X 50 20.15 -32.52 -14.93
CA ASN X 50 19.44 -33.42 -15.86
C ASN X 50 20.13 -34.79 -15.78
N LEU X 51 19.48 -35.77 -15.17
CA LEU X 51 20.02 -37.12 -14.95
C LEU X 51 19.84 -37.93 -16.22
N ASN X 52 20.95 -38.43 -16.79
CA ASN X 52 20.90 -39.37 -17.92
C ASN X 52 22.01 -40.41 -17.77
N TYR X 53 21.67 -41.60 -17.30
CA TYR X 53 22.60 -42.70 -17.01
C TYR X 53 22.83 -43.53 -18.27
N LYS X 54 22.10 -43.26 -19.34
CA LYS X 54 22.34 -43.90 -20.67
C LYS X 54 23.50 -43.18 -21.34
N THR X 55 23.61 -41.87 -21.18
CA THR X 55 24.56 -41.02 -21.91
C THR X 55 25.79 -40.70 -21.06
N ASN X 56 25.65 -40.63 -19.72
N ASN X 56 25.65 -40.72 -19.73
CA ASN X 56 26.79 -40.37 -18.80
CA ASN X 56 26.75 -40.35 -18.80
C ASN X 56 26.98 -41.55 -17.86
C ASN X 56 27.00 -41.53 -17.84
N PRO X 57 27.98 -42.41 -18.14
CA PRO X 57 28.19 -43.62 -17.35
C PRO X 57 28.94 -43.35 -16.01
N ASN X 58 29.55 -42.18 -15.89
CA ASN X 58 30.37 -41.79 -14.72
C ASN X 58 29.51 -41.07 -13.68
N LEU X 59 28.22 -40.89 -13.91
CA LEU X 59 27.38 -40.06 -13.02
C LEU X 59 27.04 -40.83 -11.76
N PRO X 60 27.37 -40.31 -10.56
CA PRO X 60 26.91 -40.89 -9.31
C PRO X 60 25.38 -40.90 -9.23
N LYS X 61 24.85 -41.70 -8.32
CA LYS X 61 23.40 -41.73 -7.99
C LYS X 61 23.22 -41.32 -6.53
N THR X 62 24.04 -40.39 -6.06
CA THR X 62 23.93 -39.81 -4.71
C THR X 62 24.64 -38.47 -4.67
N PHE X 63 24.18 -37.59 -3.81
CA PHE X 63 24.92 -36.42 -3.30
C PHE X 63 24.40 -36.11 -1.89
N THR X 64 25.16 -35.35 -1.13
CA THR X 64 24.86 -35.01 0.27
C THR X 64 24.95 -33.49 0.45
N ILE X 65 23.90 -32.91 1.01
CA ILE X 65 23.85 -31.49 1.46
C ILE X 65 23.90 -31.49 2.99
N LYS X 66 24.88 -30.79 3.57
CA LYS X 66 25.09 -30.71 5.05
C LYS X 66 24.77 -29.29 5.53
N LEU X 67 23.95 -29.19 6.58
CA LEU X 67 23.81 -27.98 7.42
C LEU X 67 24.58 -28.22 8.72
N LEU X 68 25.65 -27.46 8.94
CA LEU X 68 26.50 -27.55 10.15
C LEU X 68 26.21 -26.34 11.05
N PHE X 69 26.02 -26.58 12.34
CA PHE X 69 25.66 -25.54 13.34
C PHE X 69 26.67 -25.54 14.50
N ASP X 70 26.98 -24.35 15.03
CA ASP X 70 27.84 -24.16 16.23
C ASP X 70 26.97 -24.27 17.49
N GLU X 71 27.57 -24.12 18.67
CA GLU X 71 26.94 -24.39 20.00
C GLU X 71 25.69 -23.51 20.18
N ASN X 72 25.58 -22.41 19.40
CA ASN X 72 24.45 -21.43 19.46
C ASN X 72 23.43 -21.67 18.35
N GLY X 73 23.60 -22.72 17.54
CA GLY X 73 22.68 -23.04 16.43
C GLY X 73 22.83 -22.09 15.26
N ILE X 74 23.97 -21.40 15.15
CA ILE X 74 24.33 -20.57 13.96
C ILE X 74 24.84 -21.49 12.86
N LEU X 75 24.33 -21.33 11.64
CA LEU X 75 24.77 -22.06 10.45
C LEU X 75 26.20 -21.63 10.11
N LYS X 76 27.09 -22.59 9.85
CA LYS X 76 28.54 -22.35 9.59
C LYS X 76 28.79 -22.28 8.08
N ASP X 77 29.80 -21.50 7.68
CA ASP X 77 30.18 -21.23 6.26
C ASP X 77 30.46 -22.55 5.54
N SER X 78 30.99 -23.55 6.26
CA SER X 78 31.38 -24.88 5.72
C SER X 78 30.14 -25.66 5.29
N SER X 79 28.94 -25.23 5.69
CA SER X 79 27.65 -25.80 5.25
C SER X 79 27.55 -25.71 3.72
N ASN X 80 26.78 -26.61 3.13
CA ASN X 80 26.48 -26.61 1.67
C ASN X 80 25.51 -25.47 1.36
N LEU X 81 24.62 -25.15 2.30
CA LEU X 81 23.64 -24.05 2.20
C LEU X 81 24.35 -22.73 2.45
N ASP X 82 24.18 -21.76 1.57
CA ASP X 82 24.71 -20.39 1.68
C ASP X 82 24.11 -19.72 2.92
N LYS X 83 24.95 -19.19 3.81
CA LYS X 83 24.57 -18.60 5.11
C LYS X 83 23.58 -17.43 4.89
N ASN X 84 23.65 -16.77 3.71
CA ASN X 84 22.89 -15.52 3.41
C ASN X 84 21.40 -15.83 3.12
N TYR X 85 21.04 -17.09 2.95
CA TYR X 85 19.68 -17.51 2.55
C TYR X 85 19.01 -18.27 3.70
N TRP X 86 19.44 -18.01 4.93
CA TRP X 86 19.04 -18.78 6.13
C TRP X 86 18.82 -17.83 7.30
N ASN X 87 17.58 -17.66 7.73
CA ASN X 87 17.21 -16.69 8.80
C ASN X 87 15.79 -16.96 9.26
N TYR X 88 15.33 -16.28 10.32
CA TYR X 88 13.94 -16.33 10.79
C TYR X 88 13.04 -15.72 9.72
N ARG X 89 11.75 -16.11 9.70
CA ARG X 89 10.73 -15.61 8.74
C ARG X 89 10.14 -14.32 9.26
N ASN X 90 9.20 -14.32 10.23
CA ASN X 90 8.73 -13.12 10.99
C ASN X 90 8.41 -11.95 10.01
N GLY X 91 8.03 -12.33 8.77
CA GLY X 91 7.83 -11.42 7.62
C GLY X 91 8.49 -12.00 6.36
N ASN X 92 7.75 -12.79 5.56
CA ASN X 92 8.27 -13.49 4.35
C ASN X 92 9.52 -12.77 3.86
N GLU X 97 19.03 -8.44 7.86
CA GLU X 97 18.45 -8.86 9.17
C GLU X 97 19.59 -8.95 10.20
N GLN X 98 19.76 -10.13 10.84
CA GLN X 98 20.91 -10.51 11.69
C GLN X 98 20.62 -11.89 12.31
N TYR X 99 21.64 -12.72 12.46
CA TYR X 99 21.48 -14.15 12.89
C TYR X 99 21.38 -14.13 14.42
N LYS X 100 20.51 -14.95 15.05
CA LYS X 100 20.32 -14.98 16.51
C LYS X 100 20.55 -16.43 16.98
N ASN X 101 20.76 -16.67 18.30
CA ASN X 101 20.56 -17.98 18.97
C ASN X 101 19.42 -18.75 18.29
N ALA X 102 19.62 -20.05 18.04
CA ALA X 102 18.66 -20.95 17.37
C ALA X 102 18.76 -22.37 17.95
N VAL X 103 19.19 -22.49 19.20
CA VAL X 103 19.40 -23.80 19.89
C VAL X 103 18.05 -24.52 20.02
N GLY X 104 16.94 -23.77 20.03
CA GLY X 104 15.58 -24.33 20.10
C GLY X 104 15.19 -25.06 18.82
N PHE X 105 15.96 -24.89 17.75
CA PHE X 105 15.72 -25.51 16.42
C PHE X 105 16.71 -26.66 16.17
N MET X 106 17.69 -26.85 17.06
CA MET X 106 18.74 -27.86 16.86
C MET X 106 18.23 -29.23 17.25
N PRO X 107 18.72 -30.29 16.57
CA PRO X 107 18.36 -31.65 16.92
C PRO X 107 18.98 -32.05 18.25
N ASN X 108 18.13 -32.44 19.19
CA ASN X 108 18.45 -32.81 20.59
C ASN X 108 19.64 -33.78 20.64
N LEU X 109 20.67 -33.45 21.40
CA LEU X 109 21.93 -34.25 21.53
C LEU X 109 21.70 -35.53 22.35
N ALA X 110 20.72 -35.54 23.24
CA ALA X 110 20.37 -36.73 24.06
C ALA X 110 19.64 -37.74 23.17
N ALA X 111 18.70 -37.27 22.37
CA ALA X 111 17.90 -38.07 21.41
C ALA X 111 18.80 -38.57 20.29
N TYR X 112 19.69 -37.70 19.81
CA TYR X 112 20.55 -37.92 18.62
C TYR X 112 22.02 -37.67 19.00
N PRO X 113 22.65 -38.57 19.77
CA PRO X 113 24.04 -38.38 20.19
C PRO X 113 25.00 -38.34 19.00
N LYS X 114 26.07 -37.57 19.13
CA LYS X 114 27.23 -37.59 18.22
C LYS X 114 27.98 -38.89 18.43
N SER X 115 28.66 -39.38 17.39
CA SER X 115 29.45 -40.63 17.44
C SER X 115 30.66 -40.43 18.34
N THR X 116 30.76 -41.21 19.44
CA THR X 116 31.93 -41.22 20.33
C THR X 116 33.18 -41.47 19.46
N THR X 117 34.32 -40.89 19.89
CA THR X 117 35.55 -40.91 19.08
C THR X 117 35.83 -42.37 18.72
N THR X 118 36.48 -42.54 17.57
CA THR X 118 36.80 -43.83 16.87
C THR X 118 35.65 -44.83 17.01
N GLN X 119 34.39 -44.39 16.92
CA GLN X 119 33.19 -45.25 16.76
C GLN X 119 32.22 -44.35 16.00
N SER X 120 32.17 -44.51 14.67
CA SER X 120 31.46 -43.63 13.71
C SER X 120 30.01 -44.10 13.52
N LYS X 121 29.55 -45.10 14.33
CA LYS X 121 28.23 -45.76 14.24
C LYS X 121 27.23 -45.09 15.19
N LEU X 122 26.32 -44.29 14.63
CA LEU X 122 25.20 -43.62 15.35
C LEU X 122 24.11 -44.65 15.65
N TYR X 123 23.21 -44.37 16.60
CA TYR X 123 21.90 -45.06 16.72
C TYR X 123 21.10 -44.83 15.45
N ALA X 124 20.15 -45.71 15.18
CA ALA X 124 19.28 -45.63 14.00
C ALA X 124 18.33 -44.43 14.13
N ARG X 125 17.96 -44.04 15.35
CA ARG X 125 16.94 -42.99 15.58
C ARG X 125 17.45 -41.61 15.15
N ASN X 126 18.77 -41.47 14.98
CA ASN X 126 19.43 -40.26 14.43
C ASN X 126 19.00 -40.06 12.97
N THR X 127 18.39 -41.06 12.35
CA THR X 127 18.11 -41.08 10.88
C THR X 127 16.60 -41.15 10.60
N ILE X 128 16.15 -40.38 9.60
CA ILE X 128 14.79 -40.49 8.99
C ILE X 128 14.95 -40.80 7.51
N PHE X 129 14.21 -41.78 7.03
CA PHE X 129 14.13 -42.10 5.59
C PHE X 129 12.79 -41.63 5.06
N GLY X 130 12.83 -41.06 3.86
CA GLY X 130 11.62 -40.72 3.10
C GLY X 130 11.79 -41.04 1.63
N ASN X 131 10.67 -41.29 0.97
CA ASN X 131 10.60 -41.38 -0.50
C ASN X 131 10.09 -40.05 -1.05
N ILE X 132 10.87 -39.44 -1.92
CA ILE X 132 10.48 -38.24 -2.69
C ILE X 132 10.61 -38.58 -4.19
N TYR X 133 10.15 -37.68 -5.03
CA TYR X 133 9.94 -37.96 -6.46
C TYR X 133 10.40 -36.78 -7.31
N LEU X 134 11.02 -37.06 -8.44
CA LEU X 134 11.51 -36.06 -9.40
C LEU X 134 10.41 -35.74 -10.41
N ASP X 135 10.21 -34.47 -10.69
CA ASP X 135 9.39 -33.96 -11.81
C ASP X 135 7.93 -34.35 -11.57
N SER X 136 7.52 -34.48 -10.32
CA SER X 136 6.12 -34.68 -9.88
C SER X 136 5.56 -36.00 -10.41
N GLN X 137 6.39 -37.01 -10.61
CA GLN X 137 5.95 -38.34 -11.11
C GLN X 137 6.25 -39.41 -10.07
N ALA X 138 5.25 -40.23 -9.76
CA ALA X 138 5.33 -41.33 -8.79
C ALA X 138 6.41 -42.34 -9.24
N TYR X 139 6.79 -42.36 -10.51
CA TYR X 139 7.69 -43.39 -11.07
C TYR X 139 9.14 -42.89 -11.12
N ASN X 140 9.45 -41.77 -10.48
CA ASN X 140 10.84 -41.25 -10.34
C ASN X 140 11.20 -41.16 -8.87
N PRO X 141 11.25 -42.28 -8.13
CA PRO X 141 11.59 -42.25 -6.71
C PRO X 141 13.04 -41.88 -6.44
N VAL X 142 13.24 -41.16 -5.35
CA VAL X 142 14.56 -40.83 -4.75
C VAL X 142 14.42 -41.04 -3.24
N VAL X 143 15.41 -41.64 -2.61
CA VAL X 143 15.45 -41.84 -1.15
C VAL X 143 16.14 -40.63 -0.53
N ILE X 144 15.47 -39.93 0.37
CA ILE X 144 16.09 -38.88 1.21
C ILE X 144 16.39 -39.48 2.57
N LYS X 145 17.65 -39.40 2.97
CA LYS X 145 18.14 -39.92 4.26
C LYS X 145 18.60 -38.72 5.07
N ILE X 146 17.83 -38.36 6.08
CA ILE X 146 18.11 -37.22 6.99
C ILE X 146 18.76 -37.80 8.24
N THR X 147 19.97 -37.34 8.56
CA THR X 147 20.73 -37.81 9.73
C THR X 147 21.13 -36.60 10.57
N PHE X 148 20.93 -36.70 11.89
CA PHE X 148 21.20 -35.61 12.86
C PHE X 148 22.52 -35.91 13.60
N ASN X 149 23.40 -34.90 13.64
CA ASN X 149 24.56 -34.82 14.57
C ASN X 149 25.58 -35.91 14.21
N GLN X 150 25.77 -36.14 12.92
CA GLN X 150 26.70 -37.15 12.36
C GLN X 150 28.06 -36.50 12.14
N GLU X 151 28.10 -35.18 11.89
CA GLU X 151 29.34 -34.43 11.51
C GLU X 151 30.09 -34.04 12.78
N ALA X 152 31.38 -34.38 12.84
CA ALA X 152 32.21 -34.41 14.06
C ALA X 152 32.69 -33.01 14.44
N ASP X 153 32.97 -32.14 13.47
CA ASP X 153 33.50 -30.75 13.73
C ASP X 153 32.33 -29.76 13.66
N SER X 154 31.27 -30.04 14.40
CA SER X 154 30.08 -29.18 14.56
C SER X 154 29.30 -29.64 15.79
N ALA X 155 28.76 -28.72 16.58
CA ALA X 155 27.98 -29.02 17.80
C ALA X 155 26.70 -29.77 17.39
N TYR X 156 26.13 -29.35 16.27
CA TYR X 156 24.87 -29.86 15.69
C TYR X 156 25.02 -30.00 14.17
N SER X 157 24.29 -30.92 13.55
CA SER X 157 24.25 -31.04 12.08
C SER X 157 22.94 -31.69 11.61
N ILE X 158 22.45 -31.23 10.47
CA ILE X 158 21.40 -31.89 9.67
C ILE X 158 22.02 -32.28 8.33
N THR X 159 22.15 -33.57 8.07
CA THR X 159 22.72 -34.13 6.83
C THR X 159 21.55 -34.64 5.96
N LEU X 160 21.44 -34.12 4.74
CA LEU X 160 20.44 -34.55 3.74
C LEU X 160 21.15 -35.36 2.66
N ASN X 161 21.06 -36.69 2.75
CA ASN X 161 21.62 -37.60 1.73
C ASN X 161 20.52 -37.99 0.74
N TYR X 162 20.73 -37.73 -0.53
CA TYR X 162 19.85 -38.12 -1.65
C TYR X 162 20.52 -39.25 -2.42
N SER X 163 19.78 -40.32 -2.70
CA SER X 163 20.26 -41.46 -3.52
C SER X 163 19.09 -42.08 -4.28
N TRP X 164 19.38 -42.81 -5.36
CA TRP X 164 18.36 -43.44 -6.21
C TRP X 164 18.98 -44.65 -6.92
N GLY X 165 18.14 -45.54 -7.44
CA GLY X 165 18.55 -46.77 -8.11
C GLY X 165 18.33 -46.72 -9.62
N LYS X 166 17.31 -46.04 -10.09
CA LYS X 166 16.86 -46.12 -11.51
C LYS X 166 17.88 -45.47 -12.42
N ASP X 167 18.07 -46.03 -13.61
CA ASP X 167 18.87 -45.44 -14.69
C ASP X 167 18.02 -44.37 -15.39
N TYR X 168 17.75 -43.28 -14.68
CA TYR X 168 16.96 -42.15 -15.18
C TYR X 168 17.51 -41.71 -16.53
N GLU X 169 16.60 -41.37 -17.47
CA GLU X 169 16.96 -40.86 -18.82
C GLU X 169 16.32 -39.46 -19.01
N ASN X 170 17.13 -38.40 -18.86
CA ASN X 170 16.72 -36.98 -19.03
C ASN X 170 15.61 -36.63 -18.02
N ILE X 171 15.84 -36.91 -16.76
CA ILE X 171 14.93 -36.53 -15.65
C ILE X 171 15.59 -35.40 -14.89
N PRO X 172 14.90 -34.25 -14.73
CA PRO X 172 15.46 -33.15 -13.96
C PRO X 172 15.42 -33.49 -12.46
N PHE X 173 16.49 -33.19 -11.73
CA PHE X 173 16.46 -33.28 -10.25
C PHE X 173 15.66 -32.09 -9.72
N ASP X 174 14.36 -32.22 -9.78
CA ASP X 174 13.38 -31.24 -9.29
C ASP X 174 12.43 -32.02 -8.37
N SER X 175 12.68 -32.00 -7.07
CA SER X 175 12.08 -32.95 -6.08
C SER X 175 10.72 -32.45 -5.59
N THR X 176 9.86 -33.38 -5.25
CA THR X 176 8.61 -33.12 -4.51
C THR X 176 8.97 -32.78 -3.05
N SER X 177 7.98 -32.33 -2.30
CA SER X 177 8.11 -31.86 -0.90
C SER X 177 7.94 -33.04 0.06
N PHE X 178 8.71 -33.03 1.14
CA PHE X 178 8.68 -34.05 2.20
C PHE X 178 8.62 -33.36 3.56
N THR X 179 7.76 -33.86 4.44
CA THR X 179 7.60 -33.38 5.83
C THR X 179 8.15 -34.43 6.80
N PHE X 180 8.85 -33.98 7.82
CA PHE X 180 9.32 -34.83 8.94
C PHE X 180 9.35 -33.97 10.19
N SER X 181 9.60 -34.58 11.34
CA SER X 181 9.82 -33.88 12.62
C SER X 181 11.03 -34.49 13.32
N TYR X 182 11.60 -33.76 14.25
CA TYR X 182 12.67 -34.24 15.15
C TYR X 182 12.55 -33.54 16.49
N ILE X 183 13.13 -34.14 17.52
CA ILE X 183 13.11 -33.65 18.92
C ILE X 183 14.09 -32.49 19.04
N ALA X 184 13.64 -31.36 19.59
CA ALA X 184 14.41 -30.11 19.71
C ALA X 184 15.31 -30.17 20.95
N GLN X 185 16.49 -29.54 20.88
CA GLN X 185 17.50 -29.51 21.95
C GLN X 185 16.91 -28.83 23.19
N GLU X 186 16.08 -27.79 23.01
CA GLU X 186 15.33 -27.14 24.12
C GLU X 186 14.07 -26.47 23.54
C1 SLB Y . 52.92 16.04 -15.25
C2 SLB Y . 51.38 15.75 -15.32
C3 SLB Y . 50.63 16.32 -14.11
C4 SLB Y . 49.18 15.89 -14.09
C5 SLB Y . 49.10 14.38 -14.24
C6 SLB Y . 49.78 13.96 -15.56
C7 SLB Y . 49.69 12.45 -15.86
C8 SLB Y . 50.55 12.01 -17.10
C9 SLB Y . 50.25 10.58 -17.54
C10 SLB Y . 47.27 13.22 -13.06
C11 SLB Y . 48.17 13.21 -11.86
N5 SLB Y . 47.73 13.87 -14.14
O1A SLB Y . 53.34 17.20 -15.28
O1B SLB Y . 53.70 15.09 -15.15
O2 SLB Y . 50.82 16.27 -16.48
O4 SLB Y . 48.56 16.32 -12.86
O6 SLB Y . 51.18 14.32 -15.46
O7 SLB Y . 50.06 11.66 -14.72
O8 SLB Y . 50.30 12.89 -18.22
O9 SLB Y . 51.44 9.78 -17.57
O10 SLB Y . 46.18 12.66 -13.07
C1 SLB Z . 56.80 11.67 -8.31
C2 SLB Z . 55.80 11.23 -7.26
C3 SLB Z . 54.36 11.24 -7.78
C4 SLB Z . 53.34 10.94 -6.69
C5 SLB Z . 53.64 11.78 -5.44
C6 SLB Z . 55.10 11.59 -5.01
C7 SLB Z . 55.55 12.28 -3.72
C8 SLB Z . 57.12 12.31 -3.54
C9 SLB Z . 57.57 12.92 -2.22
C10 SLB Z . 51.70 12.29 -4.00
C11 SLB Z . 50.84 11.82 -2.87
N5 SLB Z . 52.70 11.48 -4.37
O1A SLB Z . 57.56 12.54 -8.06
O1B SLB Z . 56.85 11.09 -9.36
O2 SLB Z . 56.19 9.93 -6.92
O4 SLB Z . 52.02 11.17 -7.20
O6 SLB Z . 55.95 12.06 -6.08
O7 SLB Z . 55.05 13.60 -3.64
O8 SLB Z . 57.68 10.93 -3.66
O9 SLB Z . 58.67 13.84 -2.38
O10 SLB Z . 51.52 13.38 -4.56
C1 SLB AA . 55.74 20.83 -7.75
C2 SLB AA . 54.41 21.41 -7.27
C3 SLB AA . 53.51 20.33 -6.67
C4 SLB AA . 52.18 20.91 -6.26
C5 SLB AA . 51.55 21.67 -7.44
C6 SLB AA . 52.52 22.77 -7.95
C7 SLB AA . 52.15 23.68 -9.14
C8 SLB AA . 50.74 23.62 -9.84
C9 SLB AA . 50.73 24.22 -11.25
C10 SLB AA . 49.14 21.37 -7.02
C11 SLB AA . 47.95 21.91 -6.28
N5 SLB AA . 50.24 22.15 -7.02
O1A SLB AA . 56.10 20.98 -8.91
O1B SLB AA . 56.46 20.23 -6.98
O2 SLB AA . 54.67 22.35 -6.29
O4 SLB AA . 51.31 19.87 -5.79
O6 SLB AA . 53.75 22.09 -8.35
O7 SLB AA . 52.33 25.05 -8.72
O8 SLB AA . 50.31 22.26 -9.92
O9 SLB AA . 49.40 24.37 -11.78
O10 SLB AA . 49.08 20.31 -7.63
C1 SLB BA . 10.61 85.34 8.82
C2 SLB BA . 10.76 84.37 10.05
C3 SLB BA . 10.53 82.90 9.67
C4 SLB BA . 10.49 81.99 10.90
C5 SLB BA . 9.48 82.55 11.92
C6 SLB BA . 9.91 83.99 12.31
C7 SLB BA . 9.06 84.70 13.40
C8 SLB BA . 9.37 86.23 13.49
C9 SLB BA . 8.71 86.93 14.66
C10 SLB BA . 8.14 80.82 13.19
C11 SLB BA . 8.07 80.26 14.64
N5 SLB BA . 9.29 81.65 13.06
O1A SLB BA . 9.51 85.68 8.46
O1B SLB BA . 11.60 85.74 8.22
O2 SLB BA . 12.02 84.49 10.59
O4 SLB BA . 10.16 80.65 10.53
O6 SLB BA . 9.87 84.81 11.11
O7 SLB BA . 7.64 84.52 13.23
O8 SLB BA . 10.80 86.40 13.57
O9 SLB BA . 8.79 88.35 14.54
O10 SLB BA . 7.18 80.75 12.34
C1 SLB CA . 1.60 85.36 6.38
C2 SLB CA . 0.82 84.10 6.90
C3 SLB CA . 1.53 83.43 8.08
C4 SLB CA . 0.80 82.18 8.54
C5 SLB CA . 0.51 81.23 7.37
C6 SLB CA . -0.14 81.96 6.18
C7 SLB CA . -0.21 81.09 4.93
C8 SLB CA . -1.62 80.66 4.48
C9 SLB CA . -2.43 81.81 3.86
C10 SLB CA . 0.08 78.80 7.77
C11 SLB CA . -0.93 77.78 8.20
N5 SLB CA . -0.30 80.10 7.82
O1A SLB CA . 1.55 86.42 6.99
O1B SLB CA . 2.26 85.30 5.35
O2 SLB CA . -0.46 84.51 7.30
O4 SLB CA . 1.58 81.51 9.54
O6 SLB CA . 0.63 83.13 5.83
O7 SLB CA . 0.39 81.77 3.81
O8 SLB CA . -1.45 79.58 3.53
O9 SLB CA . -3.15 82.57 4.84
O10 SLB CA . 1.19 78.46 7.39
C1 SLB DA . 8.36 80.70 1.39
C2 SLB DA . 8.49 79.22 1.58
C3 SLB DA . 7.43 78.72 2.58
C4 SLB DA . 7.70 77.30 3.07
C5 SLB DA . 9.15 77.18 3.53
C6 SLB DA . 10.05 77.51 2.32
C7 SLB DA . 11.54 77.24 2.53
C8 SLB DA . 12.43 77.82 1.37
C9 SLB DA . 13.04 79.19 1.65
C10 SLB DA . 9.72 75.76 5.46
C11 SLB DA . 9.34 74.49 6.15
N5 SLB DA . 9.37 75.89 4.17
O1A SLB DA . 7.27 81.20 1.23
O1B SLB DA . 9.36 81.35 1.32
O2 SLB DA . 8.30 78.65 0.33
O4 SLB DA . 6.84 76.94 4.16
O6 SLB DA . 9.85 78.92 2.01
O7 SLB DA . 11.97 77.69 3.82
O8 SLB DA . 13.48 76.88 1.07
O9 SLB DA . 14.44 79.11 1.94
O10 SLB DA . 10.37 76.64 6.05
C1 SLB EA . -29.85 17.99 -19.08
C2 SLB EA . -28.56 18.61 -19.69
C3 SLB EA . -27.75 17.57 -20.45
C4 SLB EA . -26.39 18.12 -20.88
C5 SLB EA . -25.66 18.70 -19.68
C6 SLB EA . -26.51 19.76 -18.95
C7 SLB EA . -25.86 20.24 -17.65
C8 SLB EA . -25.89 21.77 -17.37
C9 SLB EA . -27.22 22.28 -16.82
C10 SLB EA . -23.19 18.68 -19.50
C11 SLB EA . -21.90 19.23 -20.04
N5 SLB EA . -24.33 19.19 -20.03
O1A SLB EA . -30.95 18.11 -19.64
O1B SLB EA . -29.77 17.39 -18.02
O2 SLB EA . -28.91 19.64 -20.56
O4 SLB EA . -25.61 17.09 -21.53
O6 SLB EA . -27.80 19.19 -18.61
O7 SLB EA . -26.47 19.57 -16.54
O8 SLB EA . -24.83 22.08 -16.42
O9 SLB EA . -27.78 23.30 -17.65
O10 SLB EA . -23.22 17.83 -18.62
C1 SLB FA . -27.19 12.82 -12.17
C2 SLB FA . -25.67 12.56 -11.99
C3 SLB FA . -24.85 13.36 -13.00
C4 SLB FA . -23.38 12.93 -13.02
C5 SLB FA . -23.31 11.41 -13.16
C6 SLB FA . -24.03 10.75 -11.98
C7 SLB FA . -23.87 9.22 -11.92
C8 SLB FA . -24.54 8.55 -10.65
C9 SLB FA . -25.67 9.37 -10.03
C10 SLB FA . -21.53 10.43 -14.49
C11 SLB FA . -20.07 10.11 -14.60
N5 SLB FA . -21.94 10.94 -13.33
O1A SLB FA . -27.73 13.78 -11.63
O1B SLB FA . -27.84 12.06 -12.85
O2 SLB FA . -25.34 12.95 -10.69
O4 SLB FA . -22.68 13.56 -14.09
O6 SLB FA . -25.44 11.11 -12.08
O7 SLB FA . -24.33 8.60 -13.14
O8 SLB FA . -25.04 7.25 -11.01
O9 SLB FA . -25.84 9.08 -8.63
O10 SLB FA . -22.32 10.23 -15.40
C1 SLB GA . -30.70 9.06 -19.80
C2 SLB GA . -29.56 8.65 -20.74
C3 SLB GA . -28.21 8.65 -20.00
C4 SLB GA . -27.01 8.46 -20.93
C5 SLB GA . -27.16 9.31 -22.20
C6 SLB GA . -28.52 9.02 -22.83
C7 SLB GA . -28.77 9.62 -24.20
C8 SLB GA . -30.26 9.46 -24.64
C9 SLB GA . -30.43 9.38 -26.15
C10 SLB GA . -25.39 10.07 -23.77
C11 SLB GA . -24.53 9.64 -24.93
N5 SLB GA . -26.08 9.10 -23.16
O1A SLB GA . -31.26 10.15 -19.97
O1B SLB GA . -31.07 8.29 -18.90
O2 SLB GA . -29.85 7.37 -21.19
O4 SLB GA . -25.81 8.79 -20.22
O6 SLB GA . -29.53 9.50 -21.91
O7 SLB GA . -28.38 11.00 -24.24
O8 SLB GA . -30.84 8.26 -24.02
O9 SLB GA . -30.55 8.02 -26.60
O10 SLB GA . -25.43 11.24 -23.39
C1 SLB HA . 17.09 -51.33 -35.35
C2 SLB HA . 17.58 -50.30 -36.40
C3 SLB HA . 17.39 -48.87 -35.89
C4 SLB HA . 17.67 -47.81 -36.96
C5 SLB HA . 16.97 -48.17 -38.26
C6 SLB HA . 17.33 -49.60 -38.71
C7 SLB HA . 16.75 -50.03 -40.06
C8 SLB HA . 17.32 -51.36 -40.68
C9 SLB HA . 18.83 -51.38 -40.83
C10 SLB HA . 16.31 -46.67 -40.10
C11 SLB HA . 16.75 -45.58 -41.03
N5 SLB HA . 17.25 -47.16 -39.29
O1A SLB HA . 16.00 -51.84 -35.46
O1B SLB HA . 17.81 -51.60 -34.40
O2 SLB HA . 18.94 -50.51 -36.66
O4 SLB HA . 17.25 -46.52 -36.48
O6 SLB HA . 16.89 -50.52 -37.67
O7 SLB HA . 15.32 -50.18 -39.96
O8 SLB HA . 16.91 -52.46 -39.86
O9 SLB HA . 19.47 -52.27 -39.91
O10 SLB HA . 15.17 -47.11 -40.12
C1 SLB IA . 7.86 -51.75 -35.68
C2 SLB IA . 7.21 -50.66 -36.51
C3 SLB IA . 8.30 -49.95 -37.31
C4 SLB IA . 7.80 -48.70 -38.01
C5 SLB IA . 6.98 -47.84 -37.06
C6 SLB IA . 5.86 -48.67 -36.41
C7 SLB IA . 4.93 -47.92 -35.45
C8 SLB IA . 3.95 -48.91 -34.69
C9 SLB IA . 3.11 -48.25 -33.61
C10 SLB IA . 6.61 -45.40 -37.38
C11 SLB IA . 6.10 -44.35 -38.31
N5 SLB IA . 6.47 -46.67 -37.79
O1A SLB IA . 7.70 -51.77 -34.50
O1B SLB IA . 8.55 -52.56 -36.22
O2 SLB IA . 6.28 -51.24 -37.36
O4 SLB IA . 8.91 -47.97 -38.52
O6 SLB IA . 6.48 -49.73 -35.66
O7 SLB IA . 5.67 -47.12 -34.52
O8 SLB IA . 3.07 -49.53 -35.65
O9 SLB IA . 3.27 -46.83 -33.59
O10 SLB IA . 7.09 -45.13 -36.29
C1 SLB JA . 11.94 -47.28 -28.25
C2 SLB JA . 12.21 -45.80 -28.50
C3 SLB JA . 11.27 -45.35 -29.61
C4 SLB JA . 11.54 -43.94 -30.12
C5 SLB JA . 13.03 -43.70 -30.30
C6 SLB JA . 13.81 -44.10 -29.03
C7 SLB JA . 15.31 -43.87 -29.13
C8 SLB JA . 16.11 -44.00 -27.80
C9 SLB JA . 17.39 -43.17 -27.79
C10 SLB JA . 13.90 -41.92 -31.84
C11 SLB JA . 14.12 -40.44 -32.00
N5 SLB JA . 13.27 -42.30 -30.71
O1A SLB JA . 10.97 -47.58 -27.60
O1B SLB JA . 12.62 -48.14 -28.79
O2 SLB JA . 12.00 -45.12 -27.30
O4 SLB JA . 10.85 -43.75 -31.36
O6 SLB JA . 13.60 -45.51 -28.81
O7 SLB JA . 15.86 -44.78 -30.10
O8 SLB JA . 15.29 -43.60 -26.69
O9 SLB JA . 18.53 -43.92 -28.27
O10 SLB JA . 14.28 -42.73 -32.68
C1 SLB KA . -37.16 17.45 12.90
C2 SLB KA . -36.61 17.84 14.31
C3 SLB KA . -35.09 17.76 14.39
C4 SLB KA . -34.58 17.99 15.81
C5 SLB KA . -35.36 17.10 16.79
C6 SLB KA . -36.88 17.27 16.64
C7 SLB KA . -37.68 16.31 17.50
C8 SLB KA . -38.77 16.98 18.37
C9 SLB KA . -39.92 17.56 17.56
C10 SLB KA . -34.75 16.21 19.00
C11 SLB KA . -34.66 16.52 20.46
N5 SLB KA . -34.96 17.26 18.18
O1A SLB KA . -38.11 16.70 12.83
O1B SLB KA . -36.67 17.93 11.89
O2 SLB KA . -37.04 19.14 14.61
O4 SLB KA . -33.18 17.73 15.88
O6 SLB KA . -37.24 16.98 15.27
O7 SLB KA . -38.28 15.30 16.66
O8 SLB KA . -39.28 16.00 19.31
O9 SLB KA . -40.00 18.98 17.71
O10 SLB KA . -34.64 15.05 18.57
C1 SLB LA . -37.50 8.28 12.94
C2 SLB LA . -36.52 7.68 13.98
C3 SLB LA . -36.06 8.73 15.00
C4 SLB LA . -35.04 8.16 15.98
C5 SLB LA . -33.91 7.53 15.20
C6 SLB LA . -34.43 6.42 14.26
C7 SLB LA . -33.30 5.71 13.49
C8 SLB LA . -33.74 4.73 12.34
C9 SLB LA . -34.30 3.40 12.85
C10 SLB LA . -31.68 7.67 16.21
C11 SLB LA . -30.75 7.11 17.25
N5 SLB LA . -32.86 7.07 16.11
O1A SLB LA . -38.54 8.76 13.34
O1B SLB LA . -37.27 8.25 11.74
O2 SLB LA . -37.25 6.70 14.64
O4 SLB LA . -34.53 9.18 16.84
O6 SLB LA . -35.38 7.03 13.34
O7 SLB LA . -32.37 6.66 12.93
O8 SLB LA . -34.69 5.37 11.51
O9 SLB LA . -35.73 3.38 12.86
O10 SLB LA . -31.34 8.60 15.48
C1 SLB MA . -31.62 13.66 7.62
C2 SLB MA . -30.28 13.87 8.38
C3 SLB MA . -30.17 13.00 9.63
C4 SLB MA . -28.87 13.24 10.38
C5 SLB MA . -28.64 14.73 10.64
C6 SLB MA . -28.78 15.54 9.33
C7 SLB MA . -28.63 17.05 9.51
C8 SLB MA . -28.39 17.85 8.17
C9 SLB MA . -28.70 17.06 6.91
C10 SLB MA . -27.12 15.50 12.50
C11 SLB MA . -25.71 15.87 12.80
N5 SLB MA . -27.32 14.95 11.27
O1A SLB MA . -32.49 14.49 7.64
O1B SLB MA . -31.76 12.64 6.98
O2 SLB MA . -29.28 13.51 7.48
O4 SLB MA . -28.86 12.51 11.61
O6 SLB MA . -30.09 15.27 8.72
O7 SLB MA . -29.75 17.59 10.22
O8 SLB MA . -29.16 19.08 8.17
O9 SLB MA . -28.34 17.77 5.72
O10 SLB MA . -28.01 15.68 13.30
C1 SLB NA . 38.85 -15.96 64.70
C2 SLB NA . 37.88 -16.60 63.66
C3 SLB NA . 37.42 -15.63 62.57
C4 SLB NA . 36.39 -16.25 61.63
C5 SLB NA . 35.27 -16.92 62.42
C6 SLB NA . 35.84 -17.92 63.44
C7 SLB NA . 34.75 -18.57 64.29
C8 SLB NA . 34.94 -20.10 64.60
C9 SLB NA . 36.26 -20.45 65.29
C10 SLB NA . 32.97 -17.31 61.59
C11 SLB NA . 32.13 -17.91 60.49
N5 SLB NA . 34.29 -17.52 61.51
O1A SLB NA . 38.42 -15.52 65.74
O1B SLB NA . 40.06 -15.90 64.47
O2 SLB NA . 38.52 -17.68 63.06
O4 SLB NA . 35.84 -15.27 60.74
O6 SLB NA . 36.74 -17.20 64.33
O7 SLB NA . 34.63 -17.84 65.52
O8 SLB NA . 33.83 -20.56 65.43
O9 SLB NA . 36.85 -21.63 64.75
O10 SLB NA . 32.46 -16.71 62.52
C1 SLB OA . 32.87 -11.42 70.31
C2 SLB OA . 31.44 -11.42 69.73
C3 SLB OA . 31.29 -12.22 68.44
C4 SLB OA . 29.90 -12.02 67.82
C5 SLB OA . 29.62 -10.53 67.70
C6 SLB OA . 29.71 -9.88 69.09
C7 SLB OA . 29.33 -8.41 69.16
C8 SLB OA . 29.26 -7.91 70.69
C9 SLB OA . 30.29 -8.55 71.59
C10 SLB OA . 28.15 -9.83 65.81
C11 SLB OA . 26.73 -9.74 65.33
N5 SLB OA . 28.32 -10.28 67.06
O1A SLB OA . 33.46 -10.38 70.51
O1B SLB OA . 33.37 -12.46 70.62
O2 SLB OA . 30.61 -11.99 70.69
O4 SLB OA . 29.79 -12.68 66.56
O6 SLB OA . 31.07 -10.04 69.55
O7 SLB OA . 30.22 -7.60 68.37
O8 SLB OA . 29.39 -6.49 70.77
O9 SLB OA . 29.88 -8.50 72.96
O10 SLB OA . 29.10 -9.48 65.11
C1 SLB PA . 38.45 -5.75 64.19
C2 SLB PA . 37.55 -6.41 63.11
C3 SLB PA . 36.36 -5.50 62.81
C4 SLB PA . 35.40 -6.03 61.76
C5 SLB PA . 36.13 -6.90 60.73
C6 SLB PA . 37.63 -6.52 60.63
C7 SLB PA . 38.35 -7.30 59.51
C8 SLB PA . 39.85 -6.96 59.29
C9 SLB PA . 40.49 -7.80 58.18
C10 SLB PA . 34.72 -7.75 58.84
C11 SLB PA . 34.31 -7.47 57.42
N5 SLB PA . 35.47 -6.79 59.42
O1A SLB PA . 38.71 -4.57 64.12
O1B SLB PA . 38.84 -6.40 65.12
O2 SLB PA . 37.08 -7.61 63.63
O4 SLB PA . 34.32 -6.74 62.38
O6 SLB PA . 38.30 -6.76 61.91
O7 SLB PA . 38.22 -8.71 59.73
O8 SLB PA . 39.95 -5.55 58.95
O9 SLB PA . 41.83 -8.19 58.51
O10 SLB PA . 34.38 -8.77 59.42
C1 SLB QA . -51.52 -9.85 -17.55
C2 SLB QA . -51.61 -11.31 -17.97
C3 SLB QA . -50.49 -11.73 -18.91
C4 SLB QA . -50.69 -13.15 -19.45
C5 SLB QA . -52.12 -13.35 -19.98
C6 SLB QA . -53.17 -12.90 -18.94
C7 SLB QA . -54.63 -13.02 -19.48
C8 SLB QA . -55.80 -12.80 -18.41
C9 SLB QA . -55.40 -11.96 -17.20
C10 SLB QA . -52.74 -15.10 -21.66
C11 SLB QA . -53.22 -16.51 -21.83
N5 SLB QA . -52.35 -14.73 -20.40
O1A SLB QA . -52.28 -9.06 -18.07
O1B SLB QA . -50.73 -9.47 -16.70
O2 SLB QA . -51.49 -12.07 -16.80
O4 SLB QA . -49.72 -13.39 -20.47
O6 SLB QA . -52.90 -11.52 -18.57
O7 SLB QA . -54.84 -12.16 -20.60
O8 SLB QA . -56.95 -12.19 -19.07
O9 SLB QA . -56.15 -12.31 -16.03
O10 SLB QA . -52.72 -14.31 -22.62
C1 SLB RA . -53.35 -4.91 -24.97
C2 SLB RA . -53.53 -5.73 -26.26
C3 SLB RA . -53.54 -7.23 -25.98
C4 SLB RA . -53.52 -8.04 -27.26
C5 SLB RA . -52.37 -7.59 -28.14
C6 SLB RA . -52.49 -6.08 -28.44
C7 SLB RA . -51.38 -5.53 -29.37
C8 SLB RA . -51.49 -4.01 -29.90
C9 SLB RA . -52.83 -3.33 -29.63
C10 SLB RA . -51.09 -8.86 -29.84
C11 SLB RA . -51.17 -9.98 -30.82
N5 SLB RA . -52.26 -8.42 -29.32
O1A SLB RA . -54.31 -4.72 -24.23
O1B SLB RA . -52.25 -4.44 -24.68
O2 SLB RA . -54.75 -5.38 -26.85
O4 SLB RA . -53.40 -9.43 -26.94
O6 SLB RA . -52.46 -5.37 -27.17
O7 SLB RA . -50.09 -5.72 -28.77
O8 SLB RA . -50.43 -3.20 -29.36
O9 SLB RA . -53.58 -3.17 -30.84
O10 SLB RA . -50.02 -8.30 -29.56
C1 SLB SA . -44.73 -5.47 -22.29
C2 SLB SA . -43.92 -6.59 -23.04
C3 SLB SA . -44.79 -7.22 -24.14
C4 SLB SA . -44.10 -8.40 -24.79
C5 SLB SA . -43.63 -9.39 -23.71
C6 SLB SA . -42.70 -8.69 -22.69
C7 SLB SA . -42.16 -9.63 -21.58
C8 SLB SA . -41.08 -9.04 -20.59
C9 SLB SA . -41.21 -7.55 -20.31
C10 SLB SA . -43.53 -11.85 -23.96
C11 SLB SA . -42.86 -13.02 -24.64
N5 SLB SA . -43.05 -10.62 -24.25
O1A SLB SA . -44.74 -4.32 -22.73
O1B SLB SA . -45.36 -5.72 -21.30
O2 SLB SA . -42.79 -6.06 -23.65
O4 SLB SA . -45.00 -9.01 -25.72
O6 SLB SA . -43.45 -7.59 -22.08
O7 SLB SA . -43.25 -10.17 -20.81
O8 SLB SA . -41.19 -9.72 -19.34
O9 SLB SA . -40.18 -6.80 -20.96
O10 SLB SA . -44.46 -12.01 -23.17
C1 SLB TA . 3.87 -55.10 -2.83
C2 SLB TA . 3.38 -54.28 -1.64
C3 SLB TA . 3.38 -52.78 -1.88
C4 SLB TA . 2.91 -52.02 -0.64
C5 SLB TA . 3.65 -52.51 0.63
C6 SLB TA . 3.66 -54.06 0.74
C7 SLB TA . 4.57 -54.60 1.84
C8 SLB TA . 4.34 -56.10 2.30
C9 SLB TA . 4.67 -56.35 3.77
C10 SLB TA . 3.72 -50.85 2.55
C11 SLB TA . 2.96 -50.62 3.92
N5 SLB TA . 3.04 -51.85 1.81
O1A SLB TA . 3.08 -55.63 -3.58
O1B SLB TA . 5.05 -55.24 -2.98
O2 SLB TA . 2.08 -54.69 -1.35
O4 SLB TA . 3.08 -50.62 -0.84
O6 SLB TA . 4.16 -54.61 -0.49
O7 SLB TA . 5.93 -54.49 1.41
O8 SLB TA . 2.95 -56.52 2.06
O9 SLB TA . 6.07 -56.56 3.99
O10 SLB TA . 4.84 -50.27 2.16
C1 SLB UA . 13.46 -53.21 -1.93
C2 SLB UA . 13.66 -52.00 -1.02
C3 SLB UA . 12.41 -51.66 -0.22
C4 SLB UA . 12.65 -50.48 0.70
C5 SLB UA . 13.27 -49.32 -0.09
C6 SLB UA . 14.50 -49.74 -0.93
C7 SLB UA . 15.07 -48.61 -1.80
C8 SLB UA . 16.59 -48.67 -2.26
C9 SLB UA . 17.55 -49.31 -1.24
C10 SLB UA . 13.12 -47.02 0.75
C11 SLB UA . 13.63 -46.02 1.74
N5 SLB UA . 13.61 -48.25 0.84
O1A SLB UA . 13.72 -53.12 -3.11
O1B SLB UA . 13.11 -54.28 -1.45
O2 SLB UA . 14.69 -52.37 -0.16
O4 SLB UA . 11.42 -50.08 1.34
O6 SLB UA . 14.12 -50.86 -1.78
O7 SLB UA . 14.28 -48.49 -2.98
O8 SLB UA . 16.69 -49.36 -3.52
O9 SLB UA . 17.62 -50.73 -1.38
O10 SLB UA . 12.28 -46.73 -0.09
C1 SLB VA . 8.23 -49.18 -8.79
C2 SLB VA . 7.66 -47.74 -8.40
C3 SLB VA . 8.30 -47.29 -7.09
C4 SLB VA . 7.78 -45.93 -6.63
C5 SLB VA . 6.25 -45.93 -6.61
C6 SLB VA . 5.67 -46.31 -7.98
C7 SLB VA . 4.11 -46.25 -7.95
C8 SLB VA . 3.31 -46.15 -9.35
C9 SLB VA . 4.15 -45.70 -10.55
C10 SLB VA . 5.09 -44.49 -4.96
C11 SLB VA . 4.67 -43.09 -4.61
N5 SLB VA . 5.75 -44.64 -6.13
O1A SLB VA . 7.65 -50.20 -8.47
O1B SLB VA . 9.33 -49.26 -9.37
O2 SLB VA . 8.12 -46.86 -9.40
O4 SLB VA . 8.30 -45.62 -5.34
O6 SLB VA . 6.19 -47.65 -8.35
O7 SLB VA . 3.57 -47.32 -7.18
O8 SLB VA . 2.61 -47.39 -9.66
O9 SLB VA . 4.97 -46.74 -11.09
O10 SLB VA . 4.81 -45.44 -4.25
#